data_7FFQ
#
_entry.id   7FFQ
#
loop_
_entity.id
_entity.type
_entity.pdbx_description
1 polymer 'Capsid protein'
2 polymer 'Spike glycoprotein E1'
3 polymer 'assembly protein E3'
4 polymer 'Spike glycoprotein E2'
#
loop_
_entity_poly.entity_id
_entity_poly.type
_entity_poly.pdbx_seq_one_letter_code
_entity_poly.pdbx_strand_id
1 'polypeptide(L)'
;MFPFQPMYPMQPMPYRNPFAAPRRPWFPRTDPFLAMQVQELTRSMANLTFKQRRDAPPEGPSANKPKKEASQKQKGGGQG
KKKKNQGKKKAKTGPPNPKAQNGNKKKTNKKPGKRQRMVMKLESDKTFPIMLEGKINGYACVVGGKLFRPMHVEGKIDND
VLAALKTKKASKYDLEYADVPQNMRADTFKYTHEKPQGYYSWHHGAVQYENGRFTVPKGVGAKGDSGRPILDNQGRVVAI
VLGGVNEGSRTALSVVMWNEKGVTVKYTPENCEQW
;
A,F,S
2 'polypeptide(L)'
;YEHATTMPSQAGISYNTIVNRAGYAPLPISITPTKIKLIPTVNLEYVTCHYKTGMDSPAIKCCGSQECTPTYRPDEQCKV
FTGVYPFMWGGAYCFCDTENTQVSKAYVMKSDDCLADHAEAYKAHTASVQAFLNITVGEHSIVTTVYVNGETPVNFNGVK
ITAGPLSTAWTPFDRKIVQYAGEIYNYDFPEYGAGQPGAFGDIQSRTVSSSDLYANTNLVLQRPKAGAIHVPYTQAPSGF
EQWKKDKAPSLKFTAPFGCEIYTNPIRAENCAVGSIPLAFDIPDALFTRVSETPTLSAAECTLNECVYSSDFGGIATVKY
SASKSGKCAVHVPSGTATLKEAAVELTEQGSATIHFSTANIHPEFRLQICTSYVTCKGDCHPPKDHIVTHPQYHAQTFTA
AVSKTAWTWLTSLLGGSAVIIIIGLVLATIVAMYVLTNQKHN
;
B,C,G
3 'polypeptide(L)' SLVTTMCLLANVTFPCAQPPICYDRKPAETLAMLSVNVDNPGYDELLEAAVKCPGRKRR I,P,T
4 'polypeptide(L)'
;STEELFNEYKLTRPYMARCIRCAVGSCHSPIAIEAVKSDGHDGYVRLQTSSQYGLDSSGNLKGRTMRYDMHGTIKEIPLH
QVSLYTSRPCHIVDGHGYFLLARCPAGDSITMEFKKDSVRHSCSVPYEVKFNPVGRELYTHPPEHGVEQACQVYAHDAQN
RGAYVEMHLPGSEVDSSLVSLSGSSVTVTPPDGTSALVECECGGTKISETINKTKQFSQCTKKEQCRAYRLQNDKWVYNS
DKLPKAAGATLKGKLHVPFLLADGKCTVPLAPEPMITFGFRSVSLKLHPKNPTYLITRQLADEPHYTHELISEPAVRNFT
VTEKGWEFVWGNHPPKRFWAQETAPGNPHGLPHEVITHYYHRYPMSTILGLSICAAIATVSVAASTWLFCRSRVACLTPY
RLTPNARIPFCLAVLCCARTARA
;
J,Q,R
#
# COMPACT_ATOMS: atom_id res chain seq x y z
N GLY A 113 45.61 -41.03 86.00
CA GLY A 113 46.26 -42.33 85.91
C GLY A 113 47.36 -42.39 84.88
N LYS A 114 47.17 -43.24 83.86
CA LYS A 114 48.14 -43.43 82.80
C LYS A 114 47.55 -43.25 81.41
N ARG A 115 46.29 -43.64 81.23
CA ARG A 115 45.66 -43.68 79.91
C ARG A 115 45.51 -42.30 79.30
N GLN A 116 45.20 -41.30 80.12
CA GLN A 116 44.93 -39.95 79.66
C GLN A 116 46.17 -39.23 79.14
N ARG A 117 47.37 -39.65 79.56
CA ARG A 117 48.59 -38.90 79.26
C ARG A 117 49.03 -39.09 77.82
N MET A 118 48.96 -40.32 77.29
CA MET A 118 49.25 -40.54 75.87
C MET A 118 48.19 -39.92 74.99
N VAL A 119 46.96 -39.81 75.48
CA VAL A 119 45.91 -39.11 74.76
C VAL A 119 46.19 -37.62 74.71
N MET A 120 46.74 -37.06 75.80
CA MET A 120 47.16 -35.67 75.77
C MET A 120 48.32 -35.46 74.81
N LYS A 121 49.24 -36.44 74.76
CA LYS A 121 50.35 -36.38 73.81
C LYS A 121 49.86 -36.42 72.36
N LEU A 122 48.79 -37.17 72.09
CA LEU A 122 48.22 -37.18 70.75
C LEU A 122 47.45 -35.90 70.45
N GLU A 123 46.63 -35.43 71.39
CA GLU A 123 45.80 -34.24 71.18
C GLU A 123 46.60 -32.96 71.12
N SER A 124 47.82 -32.94 71.66
CA SER A 124 48.66 -31.75 71.56
C SER A 124 49.15 -31.49 70.13
N ASP A 125 49.08 -32.50 69.26
CA ASP A 125 49.64 -32.38 67.92
C ASP A 125 48.57 -32.20 66.85
N LYS A 126 47.42 -32.87 67.00
CA LYS A 126 46.45 -33.00 65.91
C LYS A 126 45.04 -32.57 66.27
N THR A 127 44.65 -32.55 67.53
CA THR A 127 43.35 -32.02 67.94
C THR A 127 43.49 -30.54 68.20
N PHE A 128 42.70 -29.73 67.51
CA PHE A 128 42.86 -28.29 67.59
C PHE A 128 41.60 -27.63 68.15
N PRO A 129 41.70 -26.87 69.24
CA PRO A 129 40.51 -26.22 69.78
C PRO A 129 40.11 -25.03 68.94
N ILE A 130 38.84 -24.67 69.06
CA ILE A 130 38.33 -23.54 68.33
C ILE A 130 38.45 -22.31 69.23
N MET A 131 38.41 -21.13 68.63
CA MET A 131 38.66 -19.89 69.36
C MET A 131 37.41 -19.02 69.32
N LEU A 132 36.51 -19.24 70.27
CA LEU A 132 35.53 -18.22 70.60
C LEU A 132 36.24 -17.11 71.37
N GLU A 133 35.61 -15.93 71.41
CA GLU A 133 36.17 -14.65 71.83
C GLU A 133 36.99 -14.65 73.11
N GLY A 134 36.62 -15.49 74.08
CA GLY A 134 37.46 -15.67 75.25
C GLY A 134 37.71 -17.11 75.64
N LYS A 135 36.92 -18.05 75.12
CA LYS A 135 36.94 -19.42 75.59
C LYS A 135 37.03 -20.39 74.43
N ILE A 136 36.97 -21.67 74.76
CA ILE A 136 37.02 -22.77 73.79
C ILE A 136 35.62 -23.37 73.68
N ASN A 137 35.10 -23.43 72.46
CA ASN A 137 33.76 -23.95 72.23
C ASN A 137 33.78 -25.37 71.67
N GLY A 138 34.84 -25.76 70.98
CA GLY A 138 34.88 -27.08 70.37
C GLY A 138 36.26 -27.36 69.80
N TYR A 139 36.39 -28.58 69.27
CA TYR A 139 37.69 -29.14 68.91
C TYR A 139 37.63 -29.72 67.52
N ALA A 140 38.46 -29.21 66.62
CA ALA A 140 38.55 -29.76 65.28
C ALA A 140 39.50 -30.93 65.25
N CYS A 141 39.06 -32.04 64.65
CA CYS A 141 39.85 -33.24 64.51
C CYS A 141 40.36 -33.35 63.08
N VAL A 142 41.59 -33.85 62.93
CA VAL A 142 42.20 -34.08 61.64
C VAL A 142 42.47 -35.57 61.54
N VAL A 143 41.62 -36.29 60.83
CA VAL A 143 41.70 -37.75 60.77
C VAL A 143 41.63 -38.22 59.32
N GLY A 144 42.65 -38.98 58.92
CA GLY A 144 42.68 -39.59 57.60
C GLY A 144 42.87 -38.62 56.45
N GLY A 145 43.27 -37.39 56.74
CA GLY A 145 43.31 -36.38 55.70
C GLY A 145 41.98 -35.74 55.40
N LYS A 146 41.15 -35.52 56.43
CA LYS A 146 39.90 -34.80 56.25
C LYS A 146 39.52 -34.12 57.57
N LEU A 147 39.63 -32.80 57.58
CA LEU A 147 39.36 -31.98 58.76
C LEU A 147 37.88 -32.02 59.09
N PHE A 148 37.56 -32.22 60.37
CA PHE A 148 36.18 -32.32 60.84
C PHE A 148 35.91 -31.22 61.85
N ARG A 149 34.72 -30.63 61.77
CA ARG A 149 34.30 -29.56 62.66
C ARG A 149 32.80 -29.65 62.89
N PRO A 150 32.35 -29.60 64.13
CA PRO A 150 30.91 -29.62 64.41
C PRO A 150 30.24 -28.29 64.07
N MET A 151 28.92 -28.35 63.85
CA MET A 151 28.20 -27.21 63.31
C MET A 151 27.84 -26.20 64.38
N HIS A 152 27.25 -26.66 65.49
CA HIS A 152 26.79 -25.75 66.53
C HIS A 152 27.94 -25.03 67.22
N VAL A 153 29.14 -25.58 67.17
CA VAL A 153 30.35 -24.88 67.57
C VAL A 153 30.68 -23.83 66.52
N GLU A 154 30.87 -22.59 66.96
CA GLU A 154 31.18 -21.49 66.06
C GLU A 154 32.39 -20.74 66.59
N GLY A 155 33.35 -20.47 65.72
CA GLY A 155 34.59 -19.80 66.08
C GLY A 155 35.60 -19.92 64.96
N LYS A 156 36.87 -19.92 65.34
CA LYS A 156 37.97 -20.00 64.38
C LYS A 156 38.98 -21.05 64.82
N ILE A 157 39.39 -21.89 63.88
CA ILE A 157 40.42 -22.90 64.14
C ILE A 157 41.75 -22.19 64.35
N ASP A 158 42.55 -22.71 65.30
CA ASP A 158 43.75 -22.02 65.77
C ASP A 158 44.81 -21.88 64.69
N ASN A 159 44.93 -22.87 63.81
CA ASN A 159 45.91 -22.81 62.74
C ASN A 159 45.44 -21.87 61.63
N ASP A 160 46.35 -21.03 61.14
CA ASP A 160 46.05 -20.21 59.98
C ASP A 160 46.01 -21.01 58.70
N VAL A 161 46.58 -22.22 58.70
CA VAL A 161 46.44 -23.12 57.56
C VAL A 161 45.07 -23.77 57.55
N LEU A 162 44.58 -24.19 58.72
CA LEU A 162 43.26 -24.82 58.79
C LEU A 162 42.13 -23.81 58.88
N ALA A 163 42.43 -22.52 59.01
CA ALA A 163 41.35 -21.53 59.06
C ALA A 163 40.87 -21.16 57.67
N ALA A 164 41.78 -21.07 56.69
CA ALA A 164 41.42 -20.56 55.37
C ALA A 164 40.64 -21.56 54.54
N LEU A 165 40.61 -22.83 54.93
CA LEU A 165 39.98 -23.86 54.12
C LEU A 165 38.47 -23.82 54.26
N LYS A 166 37.77 -23.68 53.15
CA LYS A 166 36.32 -23.66 53.15
C LYS A 166 35.76 -25.06 53.32
N THR A 167 34.78 -25.20 54.20
CA THR A 167 34.27 -26.51 54.59
C THR A 167 32.95 -26.81 53.89
N LYS A 168 32.77 -28.06 53.50
CA LYS A 168 31.48 -28.55 53.06
C LYS A 168 30.70 -29.06 54.27
N LYS A 169 29.37 -28.98 54.17
CA LYS A 169 28.49 -29.22 55.30
C LYS A 169 27.63 -30.46 55.07
N ALA A 170 27.38 -31.18 56.15
CA ALA A 170 26.50 -32.37 56.13
C ALA A 170 25.57 -32.28 57.33
N SER A 171 24.39 -31.70 57.11
CA SER A 171 23.47 -31.36 58.20
C SER A 171 22.84 -32.58 58.85
N LYS A 172 22.82 -33.73 58.17
CA LYS A 172 22.28 -34.93 58.78
C LYS A 172 23.22 -35.47 59.84
N TYR A 173 24.52 -35.22 59.70
CA TYR A 173 25.53 -35.75 60.59
C TYR A 173 26.24 -34.67 61.39
N ASP A 174 25.79 -33.42 61.26
CA ASP A 174 26.12 -32.32 62.17
C ASP A 174 27.61 -31.98 62.13
N LEU A 175 28.21 -32.05 60.95
CA LEU A 175 29.65 -31.87 60.82
C LEU A 175 30.01 -31.14 59.53
N GLU A 176 30.65 -29.99 59.66
CA GLU A 176 31.42 -29.45 58.55
C GLU A 176 32.63 -30.34 58.31
N TYR A 177 33.04 -30.42 57.05
CA TYR A 177 34.24 -31.16 56.72
C TYR A 177 34.89 -30.54 55.50
N ALA A 178 36.22 -30.52 55.50
CA ALA A 178 37.01 -29.95 54.41
C ALA A 178 38.16 -30.89 54.08
N ASP A 179 38.88 -30.55 53.03
CA ASP A 179 40.03 -31.34 52.61
C ASP A 179 41.30 -30.83 53.25
N VAL A 180 42.13 -31.76 53.70
CA VAL A 180 43.40 -31.50 54.39
C VAL A 180 44.48 -31.27 53.33
N PRO A 181 45.37 -30.29 53.50
CA PRO A 181 46.48 -30.09 52.57
C PRO A 181 47.43 -31.27 52.56
N GLN A 182 48.26 -31.33 51.52
CA GLN A 182 49.01 -32.55 51.24
C GLN A 182 50.14 -32.78 52.25
N ASN A 183 50.73 -31.71 52.77
CA ASN A 183 51.79 -31.87 53.77
C ASN A 183 51.25 -32.43 55.08
N MET A 184 50.01 -32.10 55.42
CA MET A 184 49.43 -32.50 56.70
C MET A 184 48.89 -33.93 56.66
N ARG A 185 48.89 -34.58 55.49
CA ARG A 185 48.18 -35.86 55.32
C ARG A 185 48.81 -37.01 56.10
N ALA A 186 50.13 -36.99 56.28
CA ALA A 186 50.77 -38.05 57.06
C ALA A 186 50.57 -37.85 58.55
N ASP A 187 50.41 -36.61 59.00
CA ASP A 187 50.24 -36.29 60.41
C ASP A 187 48.76 -36.16 60.76
N THR A 188 48.02 -37.23 60.50
CA THR A 188 46.60 -37.30 60.83
C THR A 188 46.35 -38.47 61.77
N PHE A 189 45.15 -38.51 62.33
CA PHE A 189 44.74 -39.67 63.10
C PHE A 189 44.45 -40.85 62.18
N LYS A 190 44.13 -41.98 62.80
CA LYS A 190 43.69 -43.16 62.09
C LYS A 190 42.33 -43.57 62.63
N TYR A 191 41.57 -44.25 61.78
CA TYR A 191 40.18 -44.57 62.06
C TYR A 191 39.97 -46.07 61.92
N THR A 192 39.04 -46.60 62.70
CA THR A 192 38.83 -48.03 62.77
C THR A 192 37.34 -48.33 62.72
N HIS A 193 36.96 -49.28 61.87
CA HIS A 193 35.58 -49.70 61.79
C HIS A 193 35.21 -50.69 62.87
N GLU A 194 36.14 -51.54 63.28
CA GLU A 194 35.86 -52.63 64.20
C GLU A 194 36.05 -52.16 65.63
N LYS A 195 34.99 -52.25 66.43
CA LYS A 195 35.06 -51.92 67.84
C LYS A 195 34.38 -53.01 68.67
N PRO A 196 35.12 -53.76 69.46
CA PRO A 196 34.50 -54.70 70.40
C PRO A 196 34.10 -53.99 71.69
N GLN A 197 33.26 -54.66 72.47
CA GLN A 197 32.77 -54.13 73.73
C GLN A 197 33.91 -53.99 74.74
N GLY A 198 33.70 -53.10 75.69
CA GLY A 198 34.68 -52.91 76.74
C GLY A 198 34.97 -51.46 77.04
N TYR A 199 36.25 -51.12 77.14
CA TYR A 199 36.68 -49.80 77.57
C TYR A 199 37.51 -49.15 76.49
N TYR A 200 37.20 -47.88 76.21
CA TYR A 200 37.96 -47.05 75.30
C TYR A 200 38.38 -45.79 76.03
N SER A 201 39.24 -45.01 75.40
CA SER A 201 39.83 -43.85 76.03
C SER A 201 39.21 -42.57 75.53
N TRP A 202 39.43 -41.50 76.30
CA TRP A 202 38.85 -40.18 76.05
C TRP A 202 39.66 -39.19 76.87
N HIS A 203 39.55 -37.91 76.51
CA HIS A 203 40.33 -36.89 77.20
C HIS A 203 39.96 -36.77 78.66
N HIS A 204 38.69 -36.94 78.99
CA HIS A 204 38.23 -36.92 80.38
C HIS A 204 38.11 -38.31 80.97
N GLY A 205 39.19 -39.09 80.91
CA GLY A 205 39.19 -40.39 81.56
C GLY A 205 38.85 -41.51 80.59
N ALA A 206 37.91 -42.37 80.98
CA ALA A 206 37.56 -43.54 80.21
C ALA A 206 36.10 -43.48 79.76
N VAL A 207 35.79 -44.27 78.75
CA VAL A 207 34.44 -44.34 78.19
C VAL A 207 34.09 -45.81 77.96
N GLN A 208 32.89 -46.21 78.38
CA GLN A 208 32.41 -47.57 78.21
C GLN A 208 31.70 -47.71 76.89
N TYR A 209 31.93 -48.83 76.21
CA TYR A 209 31.21 -49.18 74.99
C TYR A 209 30.42 -50.45 75.24
N GLU A 210 29.10 -50.34 75.22
CA GLU A 210 28.22 -51.45 75.55
C GLU A 210 26.95 -51.36 74.72
N ASN A 211 26.66 -52.43 73.97
CA ASN A 211 25.50 -52.56 73.08
C ASN A 211 25.44 -51.44 72.03
N GLY A 212 26.59 -50.97 71.59
CA GLY A 212 26.64 -49.84 70.68
C GLY A 212 26.18 -48.56 71.33
N ARG A 213 26.80 -48.19 72.44
CA ARG A 213 26.48 -46.95 73.13
C ARG A 213 27.68 -46.52 73.95
N PHE A 214 28.30 -45.40 73.55
CA PHE A 214 29.43 -44.84 74.29
C PHE A 214 28.90 -44.08 75.49
N THR A 215 29.11 -44.63 76.68
CA THR A 215 28.62 -44.02 77.90
C THR A 215 29.78 -43.69 78.83
N VAL A 216 29.57 -42.64 79.64
CA VAL A 216 30.59 -42.02 80.47
C VAL A 216 30.03 -41.84 81.88
N PRO A 217 30.77 -42.16 82.95
CA PRO A 217 30.30 -41.85 84.30
C PRO A 217 30.15 -40.35 84.50
N LYS A 218 29.12 -39.97 85.26
CA LYS A 218 28.62 -38.61 85.19
C LYS A 218 29.51 -37.66 85.98
N GLY A 219 29.14 -36.38 85.95
CA GLY A 219 29.95 -35.32 86.49
C GLY A 219 30.85 -34.64 85.49
N VAL A 220 31.06 -35.24 84.33
CA VAL A 220 31.94 -34.66 83.31
C VAL A 220 31.17 -34.64 81.99
N GLY A 221 31.51 -33.66 81.14
CA GLY A 221 30.79 -33.46 79.90
C GLY A 221 29.87 -32.28 79.99
N ALA A 222 30.26 -31.15 79.42
CA ALA A 222 29.50 -29.91 79.53
C ALA A 222 29.74 -29.11 78.25
N LYS A 223 29.45 -27.81 78.31
CA LYS A 223 29.68 -26.94 77.16
C LYS A 223 31.17 -26.79 76.90
N GLY A 224 31.53 -26.72 75.62
CA GLY A 224 32.92 -26.72 75.24
C GLY A 224 33.53 -28.10 75.13
N ASP A 225 32.71 -29.14 75.04
CA ASP A 225 33.15 -30.53 74.93
C ASP A 225 32.52 -31.08 73.65
N SER A 226 33.17 -30.82 72.52
CA SER A 226 32.62 -31.18 71.22
C SER A 226 33.76 -31.41 70.25
N GLY A 227 33.69 -32.51 69.52
CA GLY A 227 34.72 -32.86 68.57
C GLY A 227 35.91 -33.59 69.17
N ARG A 228 35.84 -33.97 70.44
CA ARG A 228 36.94 -34.72 71.04
C ARG A 228 36.92 -36.15 70.52
N PRO A 229 38.00 -36.61 69.88
CA PRO A 229 37.98 -37.96 69.31
C PRO A 229 38.16 -39.03 70.38
N ILE A 230 37.22 -39.96 70.43
CA ILE A 230 37.35 -41.14 71.28
C ILE A 230 38.38 -42.06 70.66
N LEU A 231 39.46 -42.33 71.39
CA LEU A 231 40.53 -43.18 70.91
C LEU A 231 40.27 -44.62 71.34
N ASP A 232 41.23 -45.50 71.06
CA ASP A 232 41.11 -46.91 71.40
C ASP A 232 42.33 -47.39 72.17
N ASN A 233 42.47 -48.71 72.32
CA ASN A 233 43.64 -49.30 72.96
C ASN A 233 44.88 -49.35 72.07
N GLN A 234 44.88 -48.65 70.95
CA GLN A 234 46.04 -48.57 70.07
C GLN A 234 46.39 -47.13 69.69
N GLY A 235 45.42 -46.24 69.60
CA GLY A 235 45.68 -44.85 69.29
C GLY A 235 44.90 -44.37 68.09
N ARG A 236 43.88 -45.12 67.71
CA ARG A 236 43.07 -44.84 66.54
C ARG A 236 41.70 -44.33 66.97
N VAL A 237 41.13 -43.45 66.16
CA VAL A 237 39.87 -42.81 66.50
C VAL A 237 38.72 -43.74 66.09
N VAL A 238 37.81 -44.00 67.03
CA VAL A 238 36.63 -44.79 66.73
C VAL A 238 35.35 -43.98 66.72
N ALA A 239 35.34 -42.79 67.32
CA ALA A 239 34.13 -41.97 67.40
C ALA A 239 34.52 -40.52 67.62
N ILE A 240 33.56 -39.64 67.43
CA ILE A 240 33.72 -38.20 67.65
C ILE A 240 32.53 -37.72 68.46
N VAL A 241 32.79 -37.15 69.63
CA VAL A 241 31.73 -36.75 70.55
C VAL A 241 31.09 -35.46 70.07
N LEU A 242 29.75 -35.45 70.02
CA LEU A 242 28.98 -34.26 69.70
C LEU A 242 28.05 -33.83 70.81
N GLY A 243 27.90 -34.62 71.86
CA GLY A 243 27.02 -34.26 72.95
C GLY A 243 26.46 -35.50 73.61
N GLY A 244 25.60 -35.27 74.59
CA GLY A 244 25.02 -36.39 75.30
C GLY A 244 23.96 -35.96 76.29
N VAL A 245 23.38 -36.96 76.94
CA VAL A 245 22.30 -36.76 77.90
C VAL A 245 22.66 -37.54 79.16
N ASN A 246 22.13 -37.09 80.30
CA ASN A 246 22.41 -37.70 81.59
C ASN A 246 21.40 -38.82 81.82
N GLU A 247 21.83 -40.06 81.55
CA GLU A 247 20.96 -41.22 81.74
C GLU A 247 21.08 -41.73 83.17
N GLY A 248 20.50 -40.96 84.09
CA GLY A 248 20.51 -41.33 85.50
C GLY A 248 21.84 -41.06 86.16
N SER A 249 22.52 -42.11 86.62
CA SER A 249 23.80 -41.98 87.30
C SER A 249 24.98 -42.16 86.36
N ARG A 250 24.76 -42.11 85.04
CA ARG A 250 25.81 -42.34 84.06
C ARG A 250 25.34 -41.78 82.73
N THR A 251 26.15 -40.91 82.12
CA THR A 251 25.73 -40.22 80.92
C THR A 251 26.16 -40.97 79.67
N ALA A 252 25.27 -40.97 78.68
CA ALA A 252 25.57 -41.54 77.37
C ALA A 252 25.91 -40.42 76.41
N LEU A 253 26.48 -40.78 75.27
CA LEU A 253 26.98 -39.79 74.32
C LEU A 253 26.26 -39.93 72.98
N SER A 254 26.43 -38.91 72.14
CA SER A 254 25.83 -38.82 70.82
C SER A 254 26.94 -38.65 69.79
N VAL A 255 27.49 -39.75 69.31
CA VAL A 255 28.69 -39.70 68.50
C VAL A 255 28.38 -40.07 67.07
N VAL A 256 29.28 -39.68 66.18
CA VAL A 256 29.34 -40.24 64.84
C VAL A 256 30.48 -41.25 64.84
N MET A 257 30.39 -42.21 63.93
CA MET A 257 31.36 -43.30 63.89
C MET A 257 31.32 -43.91 62.49
N TRP A 258 31.99 -45.04 62.32
CA TRP A 258 32.14 -45.67 61.03
C TRP A 258 31.86 -47.15 61.15
N ASN A 259 31.52 -47.77 60.02
CA ASN A 259 31.27 -49.20 60.03
C ASN A 259 32.11 -49.92 58.98
N GLU A 260 31.83 -51.21 58.77
CA GLU A 260 32.66 -52.05 57.92
C GLU A 260 32.58 -51.64 56.45
N LYS A 261 31.42 -51.14 56.02
CA LYS A 261 31.23 -50.79 54.62
C LYS A 261 31.90 -49.47 54.24
N GLY A 262 32.19 -48.61 55.21
CA GLY A 262 32.59 -47.25 54.93
C GLY A 262 31.46 -46.26 54.94
N VAL A 263 30.56 -46.35 55.90
CA VAL A 263 29.38 -45.51 55.99
C VAL A 263 29.39 -44.82 57.35
N THR A 264 29.42 -43.49 57.34
CA THR A 264 29.42 -42.71 58.56
C THR A 264 28.07 -42.85 59.27
N VAL A 265 28.09 -43.39 60.48
CA VAL A 265 26.89 -43.69 61.24
C VAL A 265 26.84 -42.77 62.45
N LYS A 266 25.73 -42.05 62.61
CA LYS A 266 25.51 -41.23 63.78
C LYS A 266 24.48 -41.90 64.68
N TYR A 267 24.81 -42.03 65.95
CA TYR A 267 23.89 -42.48 66.98
C TYR A 267 23.57 -41.33 67.91
N THR A 268 22.30 -41.20 68.26
CA THR A 268 21.92 -40.15 69.20
C THR A 268 20.80 -40.62 70.12
N PRO A 269 21.03 -40.65 71.44
CA PRO A 269 19.95 -40.95 72.38
C PRO A 269 18.86 -39.90 72.47
N GLU A 270 17.89 -40.15 73.34
CA GLU A 270 16.74 -39.28 73.48
C GLU A 270 17.10 -37.98 74.18
N ASN A 271 16.78 -36.86 73.52
CA ASN A 271 16.85 -35.50 74.08
C ASN A 271 18.26 -35.13 74.49
N CYS A 272 19.21 -35.34 73.58
CA CYS A 272 20.60 -35.01 73.88
C CYS A 272 20.81 -33.51 73.82
N GLU A 273 21.90 -33.09 74.45
CA GLU A 273 22.28 -31.68 74.50
C GLU A 273 23.48 -31.46 73.58
N GLN A 274 23.36 -30.47 72.70
CA GLN A 274 24.48 -30.06 71.86
C GLN A 274 25.50 -29.35 72.73
N TRP A 275 26.54 -30.07 73.13
CA TRP A 275 27.60 -29.52 73.99
C TRP A 275 28.47 -28.52 73.26
N TYR B 1 -49.84 -41.04 30.89
CA TYR B 1 -48.39 -41.10 31.07
C TYR B 1 -47.82 -39.70 31.03
N GLU B 2 -47.38 -39.22 32.19
CA GLU B 2 -46.92 -37.84 32.32
C GLU B 2 -45.53 -37.69 31.71
N HIS B 3 -45.33 -36.60 30.97
CA HIS B 3 -44.08 -36.36 30.25
C HIS B 3 -43.86 -34.85 30.14
N ALA B 4 -43.04 -34.31 31.04
CA ALA B 4 -42.71 -32.89 31.02
C ALA B 4 -41.46 -32.66 30.18
N THR B 5 -41.47 -31.58 29.40
CA THR B 5 -40.33 -31.26 28.55
C THR B 5 -40.07 -29.76 28.64
N THR B 6 -38.96 -29.35 28.03
CA THR B 6 -38.52 -27.96 28.05
C THR B 6 -38.22 -27.53 26.62
N MET B 7 -38.90 -26.49 26.15
CA MET B 7 -38.74 -25.96 24.81
C MET B 7 -38.04 -24.62 24.85
N PRO B 8 -37.01 -24.41 24.03
CA PRO B 8 -36.35 -23.09 24.00
C PRO B 8 -37.24 -22.04 23.34
N SER B 9 -37.38 -20.90 24.01
CA SER B 9 -38.29 -19.83 23.57
C SER B 9 -37.67 -19.06 22.41
N GLN B 10 -37.70 -19.69 21.24
CA GLN B 10 -37.19 -19.04 20.03
C GLN B 10 -37.94 -19.59 18.83
N ALA B 11 -38.64 -18.71 18.11
CA ALA B 11 -39.50 -19.12 17.02
C ALA B 11 -38.68 -19.53 15.80
N GLY B 12 -39.32 -20.30 14.93
CA GLY B 12 -38.75 -20.68 13.67
C GLY B 12 -37.90 -21.94 13.70
N ILE B 13 -37.44 -22.37 14.87
CA ILE B 13 -36.59 -23.54 15.00
C ILE B 13 -37.48 -24.72 15.38
N SER B 14 -37.21 -25.89 14.80
CA SER B 14 -37.91 -27.09 15.22
C SER B 14 -37.41 -27.58 16.57
N TYR B 15 -38.06 -28.61 17.09
CA TYR B 15 -37.68 -29.21 18.37
C TYR B 15 -38.16 -30.65 18.39
N ASN B 16 -37.24 -31.60 18.33
CA ASN B 16 -37.56 -33.02 18.36
C ASN B 16 -37.24 -33.61 19.71
N THR B 17 -38.10 -34.52 20.17
CA THR B 17 -37.87 -35.27 21.41
C THR B 17 -38.56 -36.61 21.28
N ILE B 18 -38.30 -37.49 22.25
CA ILE B 18 -38.89 -38.82 22.28
C ILE B 18 -39.46 -39.10 23.66
N VAL B 19 -40.47 -39.98 23.69
CA VAL B 19 -41.10 -40.43 24.93
C VAL B 19 -40.80 -41.91 25.08
N ASN B 20 -39.98 -42.25 26.08
CA ASN B 20 -39.47 -43.61 26.25
C ASN B 20 -40.34 -44.35 27.26
N ARG B 21 -41.07 -45.35 26.79
CA ARG B 21 -41.66 -46.33 27.68
C ARG B 21 -40.75 -47.57 27.74
N ALA B 22 -40.62 -48.14 28.93
CA ALA B 22 -39.78 -49.31 29.11
C ALA B 22 -40.35 -50.56 28.43
N GLY B 23 -41.68 -50.62 28.29
CA GLY B 23 -42.29 -51.81 27.72
C GLY B 23 -42.97 -51.57 26.38
N TYR B 24 -43.08 -50.31 25.98
CA TYR B 24 -43.66 -49.94 24.69
C TYR B 24 -42.56 -49.33 23.83
N ALA B 25 -42.96 -48.87 22.65
CA ALA B 25 -42.02 -48.24 21.73
C ALA B 25 -41.81 -46.77 22.09
N PRO B 26 -40.66 -46.20 21.72
CA PRO B 26 -40.49 -44.75 21.85
C PRO B 26 -41.40 -43.98 20.92
N LEU B 27 -41.64 -42.72 21.27
CA LEU B 27 -42.70 -41.91 20.66
C LEU B 27 -42.18 -40.54 20.27
N PRO B 28 -42.13 -40.20 18.99
CA PRO B 28 -41.58 -38.91 18.56
C PRO B 28 -42.56 -37.76 18.76
N ILE B 29 -41.99 -36.59 19.05
CA ILE B 29 -42.74 -35.34 19.17
C ILE B 29 -41.96 -34.24 18.46
N SER B 30 -42.62 -33.53 17.55
CA SER B 30 -42.04 -32.40 16.83
C SER B 30 -42.82 -31.14 17.18
N ILE B 31 -42.12 -30.12 17.67
CA ILE B 31 -42.73 -28.86 18.07
C ILE B 31 -41.96 -27.73 17.38
N THR B 32 -42.65 -26.96 16.55
CA THR B 32 -42.06 -25.75 15.98
C THR B 32 -42.90 -24.56 16.42
N PRO B 33 -42.44 -23.75 17.37
CA PRO B 33 -43.17 -22.51 17.69
C PRO B 33 -43.06 -21.52 16.54
N THR B 34 -44.18 -20.92 16.19
CA THR B 34 -44.25 -20.03 15.03
C THR B 34 -44.19 -18.57 15.42
N LYS B 35 -44.89 -18.17 16.48
CA LYS B 35 -45.01 -16.75 16.81
C LYS B 35 -45.36 -16.63 18.29
N ILE B 36 -44.38 -16.20 19.08
CA ILE B 36 -44.54 -16.06 20.52
C ILE B 36 -44.84 -14.59 20.81
N LYS B 37 -45.93 -14.33 21.51
CA LYS B 37 -46.37 -12.97 21.79
C LYS B 37 -46.19 -12.64 23.25
N LEU B 38 -46.32 -11.36 23.58
CA LEU B 38 -46.16 -10.88 24.94
C LEU B 38 -46.96 -9.60 25.05
N ILE B 39 -48.17 -9.69 25.61
CA ILE B 39 -49.13 -8.60 25.54
C ILE B 39 -49.32 -8.00 26.91
N PRO B 40 -48.76 -6.84 27.19
CA PRO B 40 -48.96 -6.21 28.50
C PRO B 40 -50.35 -5.63 28.62
N THR B 41 -50.84 -5.55 29.86
CA THR B 41 -52.12 -4.92 30.12
C THR B 41 -51.94 -3.41 30.10
N VAL B 42 -52.79 -2.72 29.34
CA VAL B 42 -52.55 -1.35 28.92
C VAL B 42 -53.62 -0.45 29.53
N ASN B 43 -53.17 0.59 30.24
CA ASN B 43 -54.05 1.54 30.92
C ASN B 43 -53.88 2.91 30.27
N LEU B 44 -54.88 3.35 29.52
CA LEU B 44 -54.87 4.70 28.96
C LEU B 44 -54.97 5.73 30.07
N GLU B 45 -54.01 6.65 30.10
CA GLU B 45 -54.13 7.79 31.01
C GLU B 45 -54.63 9.03 30.31
N TYR B 46 -53.94 9.50 29.27
CA TYR B 46 -54.39 10.68 28.57
C TYR B 46 -53.83 10.69 27.17
N VAL B 47 -54.33 11.62 26.37
CA VAL B 47 -53.80 11.88 25.03
C VAL B 47 -53.33 13.31 24.97
N THR B 48 -52.43 13.58 24.04
CA THR B 48 -51.95 14.93 23.83
C THR B 48 -51.72 15.16 22.34
N CYS B 49 -51.66 16.44 21.98
CA CYS B 49 -51.54 16.85 20.59
C CYS B 49 -51.01 18.29 20.57
N HIS B 50 -51.01 18.90 19.40
CA HIS B 50 -50.72 20.32 19.30
C HIS B 50 -51.86 21.11 19.90
N TYR B 51 -51.55 22.30 20.41
CA TYR B 51 -52.61 23.13 20.94
C TYR B 51 -52.96 24.19 19.92
N LYS B 52 -53.83 25.11 20.31
CA LYS B 52 -54.34 26.14 19.42
C LYS B 52 -54.81 27.28 20.30
N THR B 53 -54.08 28.38 20.32
CA THR B 53 -54.45 29.49 21.20
C THR B 53 -55.68 30.17 20.63
N GLY B 54 -56.82 29.87 21.23
CA GLY B 54 -58.04 30.56 20.86
C GLY B 54 -58.09 31.92 21.50
N MET B 55 -58.60 32.89 20.76
CA MET B 55 -58.60 34.28 21.17
C MET B 55 -59.97 34.87 20.91
N ASP B 56 -60.60 35.36 21.96
CA ASP B 56 -61.88 36.03 21.80
C ASP B 56 -61.64 37.42 21.22
N SER B 57 -62.64 37.93 20.51
CA SER B 57 -62.52 39.23 19.87
C SER B 57 -62.48 40.34 20.92
N PRO B 58 -61.78 41.44 20.64
CA PRO B 58 -61.64 42.51 21.63
C PRO B 58 -62.95 43.26 21.86
N ALA B 59 -63.14 43.69 23.11
CA ALA B 59 -64.34 44.40 23.54
C ALA B 59 -63.97 45.85 23.80
N ILE B 60 -64.34 46.74 22.89
CA ILE B 60 -63.94 48.14 22.93
C ILE B 60 -65.11 48.97 23.42
N LYS B 61 -64.86 49.87 24.38
CA LYS B 61 -65.84 50.83 24.84
C LYS B 61 -65.25 52.23 24.77
N CYS B 62 -65.99 53.16 24.16
CA CYS B 62 -65.51 54.52 23.94
C CYS B 62 -65.99 55.41 25.08
N CYS B 63 -65.05 56.02 25.80
CA CYS B 63 -65.28 56.82 27.01
C CYS B 63 -66.11 56.06 28.05
N GLY B 64 -65.53 54.99 28.54
CA GLY B 64 -66.15 54.21 29.58
C GLY B 64 -65.12 53.33 30.23
N SER B 65 -65.55 52.16 30.67
CA SER B 65 -64.65 51.19 31.27
C SER B 65 -65.22 49.80 31.10
N GLN B 66 -64.40 48.81 31.40
CA GLN B 66 -64.75 47.41 31.23
C GLN B 66 -64.43 46.66 32.51
N GLU B 67 -64.87 45.41 32.57
CA GLU B 67 -64.48 44.49 33.62
C GLU B 67 -64.17 43.14 33.00
N CYS B 68 -63.64 42.24 33.83
CA CYS B 68 -63.22 40.91 33.39
C CYS B 68 -64.25 39.89 33.84
N THR B 69 -64.82 39.15 32.90
CA THR B 69 -65.75 38.08 33.21
C THR B 69 -65.06 36.75 32.94
N PRO B 70 -64.85 35.91 33.95
CA PRO B 70 -64.22 34.61 33.71
C PRO B 70 -65.17 33.65 32.99
N THR B 71 -64.55 32.67 32.33
CA THR B 71 -65.28 31.67 31.56
C THR B 71 -64.84 30.27 31.93
N TYR B 72 -63.80 30.13 32.77
CA TYR B 72 -63.23 28.86 33.24
C TYR B 72 -62.78 27.97 32.09
N ARG B 73 -62.30 28.61 31.02
CA ARG B 73 -61.67 27.98 29.88
C ARG B 73 -60.25 27.56 30.27
N PRO B 74 -59.67 26.58 29.55
CA PRO B 74 -58.33 26.08 29.92
C PRO B 74 -57.25 27.13 29.73
N ASP B 75 -56.55 27.44 30.83
CA ASP B 75 -55.42 28.37 30.89
C ASP B 75 -55.82 29.75 30.39
N GLU B 76 -57.01 30.19 30.77
CA GLU B 76 -57.56 31.42 30.22
C GLU B 76 -56.91 32.63 30.87
N GLN B 77 -56.33 33.49 30.05
CA GLN B 77 -55.77 34.75 30.48
C GLN B 77 -56.72 35.86 30.06
N CYS B 78 -57.02 36.76 30.99
CA CYS B 78 -57.87 37.89 30.71
C CYS B 78 -57.30 39.12 31.37
N LYS B 79 -57.26 40.21 30.62
CA LYS B 79 -56.65 41.45 31.09
C LYS B 79 -57.21 42.58 30.25
N VAL B 80 -57.44 43.72 30.88
CA VAL B 80 -58.06 44.86 30.24
C VAL B 80 -57.00 45.92 30.01
N PHE B 81 -57.13 46.67 28.92
CA PHE B 81 -56.13 47.66 28.53
C PHE B 81 -56.80 49.00 28.28
N THR B 82 -56.19 50.05 28.80
CA THR B 82 -56.76 51.39 28.73
C THR B 82 -55.83 52.31 27.97
N GLY B 83 -56.34 53.51 27.66
CA GLY B 83 -55.58 54.47 26.90
C GLY B 83 -55.42 54.06 25.45
N VAL B 84 -56.52 53.60 24.85
CA VAL B 84 -56.52 53.01 23.53
C VAL B 84 -57.15 54.00 22.57
N TYR B 85 -56.72 53.96 21.30
CA TYR B 85 -57.39 54.72 20.24
C TYR B 85 -57.35 53.90 18.96
N PRO B 86 -58.28 52.95 18.82
CA PRO B 86 -58.19 51.98 17.73
C PRO B 86 -58.63 52.55 16.38
N PHE B 87 -58.35 51.76 15.34
CA PHE B 87 -58.53 52.16 13.94
C PHE B 87 -59.10 50.97 13.17
N MET B 88 -60.31 51.11 12.65
CA MET B 88 -60.86 50.13 11.72
C MET B 88 -60.40 50.48 10.32
N TRP B 89 -60.94 49.79 9.30
CA TRP B 89 -60.64 50.19 7.94
C TRP B 89 -61.35 51.48 7.55
N GLY B 90 -62.37 51.89 8.28
CA GLY B 90 -63.10 53.10 7.95
C GLY B 90 -62.51 54.33 8.60
N GLY B 91 -62.04 54.21 9.82
CA GLY B 91 -61.48 55.34 10.53
C GLY B 91 -61.37 55.04 12.01
N ALA B 92 -61.31 56.11 12.79
CA ALA B 92 -61.17 55.98 14.24
C ALA B 92 -62.43 55.35 14.85
N TYR B 93 -62.23 54.29 15.63
CA TYR B 93 -63.38 53.60 16.19
C TYR B 93 -64.01 54.37 17.34
N CYS B 94 -63.23 55.19 18.03
CA CYS B 94 -63.76 56.05 19.08
C CYS B 94 -63.57 57.51 18.70
N PHE B 95 -64.12 58.38 19.55
CA PHE B 95 -63.94 59.82 19.40
C PHE B 95 -63.19 60.43 20.57
N CYS B 96 -62.89 59.64 21.61
CA CYS B 96 -62.24 60.13 22.81
C CYS B 96 -60.73 60.00 22.67
N ASP B 97 -60.01 60.91 23.33
CA ASP B 97 -58.55 60.87 23.28
C ASP B 97 -58.02 59.78 24.20
N THR B 98 -58.38 59.83 25.47
CA THR B 98 -58.06 58.80 26.44
C THR B 98 -59.34 58.17 26.96
N GLU B 99 -59.20 57.34 27.99
CA GLU B 99 -60.29 56.67 28.70
C GLU B 99 -61.12 55.77 27.79
N ASN B 100 -60.51 55.25 26.74
CA ASN B 100 -61.07 54.15 25.97
C ASN B 100 -60.51 52.86 26.53
N THR B 101 -61.28 51.78 26.39
CA THR B 101 -60.97 50.57 27.14
C THR B 101 -61.16 49.37 26.25
N GLN B 102 -60.21 48.44 26.28
CA GLN B 102 -60.19 47.26 25.44
C GLN B 102 -59.89 46.03 26.27
N VAL B 103 -60.61 44.93 26.00
CA VAL B 103 -60.43 43.67 26.71
C VAL B 103 -59.80 42.67 25.76
N SER B 104 -58.61 42.21 26.11
CA SER B 104 -57.95 41.12 25.41
C SER B 104 -58.08 39.85 26.24
N LYS B 105 -58.55 38.78 25.61
CA LYS B 105 -58.89 37.56 26.34
C LYS B 105 -58.48 36.37 25.47
N ALA B 106 -57.60 35.53 26.01
CA ALA B 106 -57.14 34.36 25.30
C ALA B 106 -57.16 33.17 26.22
N TYR B 107 -57.05 31.99 25.62
CA TYR B 107 -57.18 30.70 26.30
C TYR B 107 -56.69 29.64 25.32
N VAL B 108 -56.71 28.40 25.76
CA VAL B 108 -56.12 27.29 25.01
C VAL B 108 -57.21 26.28 24.69
N MET B 109 -57.23 25.82 23.44
CA MET B 109 -58.04 24.71 23.02
C MET B 109 -57.19 23.81 22.12
N LYS B 110 -57.46 22.52 22.13
CA LYS B 110 -56.62 21.59 21.40
C LYS B 110 -56.89 21.73 19.91
N SER B 111 -55.93 21.27 19.10
CA SER B 111 -55.95 21.46 17.65
C SER B 111 -57.06 20.61 17.04
N ASP B 112 -57.62 21.10 15.95
CA ASP B 112 -58.68 20.38 15.26
C ASP B 112 -58.13 19.22 14.45
N ASP B 113 -56.81 19.20 14.22
CA ASP B 113 -56.21 18.12 13.46
C ASP B 113 -55.91 16.90 14.31
N CYS B 114 -56.04 17.02 15.64
CA CYS B 114 -55.44 15.99 16.47
C CYS B 114 -56.41 14.88 16.85
N LEU B 115 -57.35 14.56 15.97
CA LEU B 115 -58.02 13.27 16.05
C LEU B 115 -57.11 12.17 15.52
N ALA B 116 -56.31 12.49 14.50
CA ALA B 116 -55.44 11.49 13.89
C ALA B 116 -53.97 11.69 14.22
N ASP B 117 -53.58 12.89 14.63
CA ASP B 117 -52.21 13.20 15.03
C ASP B 117 -52.22 13.46 16.53
N HIS B 118 -52.10 12.39 17.31
CA HIS B 118 -52.03 12.54 18.75
C HIS B 118 -51.15 11.43 19.31
N ALA B 119 -50.68 11.64 20.53
CA ALA B 119 -49.88 10.66 21.24
C ALA B 119 -50.71 10.07 22.36
N GLU B 120 -50.66 8.76 22.49
CA GLU B 120 -51.43 8.04 23.49
C GLU B 120 -50.48 7.63 24.61
N ALA B 121 -50.68 8.19 25.79
CA ALA B 121 -49.81 7.95 26.93
C ALA B 121 -50.44 6.91 27.83
N TYR B 122 -49.73 5.80 28.05
CA TYR B 122 -50.28 4.65 28.74
C TYR B 122 -49.45 4.28 29.96
N LYS B 123 -49.98 3.37 30.75
CA LYS B 123 -49.21 2.63 31.75
C LYS B 123 -49.43 1.15 31.54
N ALA B 124 -48.35 0.39 31.54
CA ALA B 124 -48.43 -1.02 31.23
C ALA B 124 -47.79 -1.84 32.33
N HIS B 125 -48.38 -3.01 32.59
CA HIS B 125 -47.94 -3.92 33.62
C HIS B 125 -48.55 -5.28 33.36
N THR B 126 -47.92 -6.32 33.93
CA THR B 126 -48.46 -7.68 34.04
C THR B 126 -48.77 -8.28 32.66
N ALA B 127 -47.69 -8.56 31.95
CA ALA B 127 -47.78 -9.11 30.60
C ALA B 127 -48.39 -10.50 30.59
N SER B 128 -48.77 -10.94 29.39
CA SER B 128 -49.46 -12.22 29.20
C SER B 128 -48.92 -12.87 27.92
N VAL B 129 -47.97 -13.77 28.09
CA VAL B 129 -47.31 -14.44 26.97
C VAL B 129 -48.30 -15.41 26.32
N GLN B 130 -48.21 -15.55 25.00
CA GLN B 130 -49.23 -16.22 24.20
C GLN B 130 -48.57 -16.77 22.95
N ALA B 131 -48.47 -18.09 22.84
CA ALA B 131 -47.62 -18.70 21.83
C ALA B 131 -48.44 -19.41 20.77
N PHE B 132 -47.89 -19.48 19.56
CA PHE B 132 -48.49 -20.22 18.45
C PHE B 132 -47.61 -21.45 18.22
N LEU B 133 -48.14 -22.62 18.51
CA LEU B 133 -47.39 -23.86 18.33
C LEU B 133 -47.90 -24.64 17.13
N ASN B 134 -47.03 -25.53 16.64
CA ASN B 134 -47.30 -26.37 15.47
C ASN B 134 -46.81 -27.77 15.87
N ILE B 135 -47.71 -28.54 16.49
CA ILE B 135 -47.36 -29.75 17.23
C ILE B 135 -47.66 -30.98 16.39
N THR B 136 -46.77 -31.96 16.41
CA THR B 136 -46.97 -33.24 15.73
C THR B 136 -46.57 -34.36 16.68
N VAL B 137 -47.56 -35.02 17.28
CA VAL B 137 -47.34 -36.09 18.25
C VAL B 137 -47.98 -37.36 17.71
N GLY B 138 -47.14 -38.33 17.33
CA GLY B 138 -47.61 -39.56 16.76
C GLY B 138 -48.29 -39.36 15.42
N GLU B 139 -47.58 -38.66 14.52
CA GLU B 139 -48.00 -38.18 13.20
C GLU B 139 -49.42 -37.62 13.14
N HIS B 140 -49.82 -36.89 14.18
CA HIS B 140 -51.04 -36.10 14.17
C HIS B 140 -50.65 -34.63 14.28
N SER B 141 -50.89 -33.88 13.22
CA SER B 141 -50.45 -32.49 13.11
C SER B 141 -51.60 -31.55 13.47
N ILE B 142 -51.31 -30.56 14.31
CA ILE B 142 -52.26 -29.51 14.66
C ILE B 142 -51.53 -28.17 14.64
N VAL B 143 -52.32 -27.10 14.65
CA VAL B 143 -51.82 -25.73 14.80
C VAL B 143 -52.68 -25.08 15.88
N THR B 144 -52.05 -24.66 16.97
CA THR B 144 -52.79 -24.31 18.18
C THR B 144 -52.20 -23.08 18.84
N THR B 145 -53.04 -22.07 19.06
CA THR B 145 -52.69 -20.94 19.92
C THR B 145 -52.84 -21.36 21.38
N VAL B 146 -51.73 -21.41 22.10
CA VAL B 146 -51.75 -21.84 23.49
C VAL B 146 -51.50 -20.64 24.38
N TYR B 147 -52.03 -20.70 25.60
CA TYR B 147 -51.65 -19.77 26.65
C TYR B 147 -50.66 -20.49 27.55
N VAL B 148 -49.66 -19.75 28.04
CA VAL B 148 -48.50 -20.39 28.65
C VAL B 148 -48.39 -20.04 30.13
N ASN B 149 -49.52 -19.85 30.80
CA ASN B 149 -49.49 -19.64 32.23
C ASN B 149 -49.62 -20.98 32.95
N GLY B 150 -49.83 -20.94 34.27
CA GLY B 150 -49.90 -22.15 35.07
C GLY B 150 -51.18 -22.96 34.94
N GLU B 151 -52.10 -22.56 34.06
CA GLU B 151 -53.35 -23.26 33.85
C GLU B 151 -53.74 -23.08 32.38
N THR B 152 -55.02 -23.31 32.07
CA THR B 152 -55.67 -23.20 30.76
C THR B 152 -55.01 -24.14 29.75
N PRO B 153 -55.26 -25.45 29.83
CA PRO B 153 -54.66 -26.39 28.88
C PRO B 153 -55.45 -26.52 27.58
N VAL B 154 -54.75 -27.03 26.57
CA VAL B 154 -55.37 -27.33 25.30
C VAL B 154 -55.70 -28.83 25.27
N ASN B 155 -56.67 -29.19 24.42
CA ASN B 155 -57.12 -30.56 24.32
C ASN B 155 -57.33 -30.93 22.87
N PHE B 156 -56.74 -32.04 22.45
CA PHE B 156 -56.88 -32.55 21.09
C PHE B 156 -56.57 -34.04 21.13
N ASN B 157 -57.49 -34.85 20.57
CA ASN B 157 -57.33 -36.30 20.38
C ASN B 157 -57.05 -37.04 21.68
N GLY B 158 -57.49 -36.48 22.81
CA GLY B 158 -57.10 -36.96 24.12
C GLY B 158 -55.76 -36.43 24.62
N VAL B 159 -54.89 -35.97 23.73
CA VAL B 159 -53.55 -35.51 24.12
C VAL B 159 -53.71 -34.15 24.78
N LYS B 160 -53.54 -34.11 26.10
CA LYS B 160 -53.69 -32.89 26.88
C LYS B 160 -52.31 -32.28 27.13
N ILE B 161 -52.11 -31.06 26.63
CA ILE B 161 -50.85 -30.34 26.75
C ILE B 161 -51.08 -29.08 27.57
N THR B 162 -50.28 -28.91 28.62
CA THR B 162 -50.29 -27.69 29.42
C THR B 162 -48.93 -27.02 29.29
N ALA B 163 -48.93 -25.76 28.86
CA ALA B 163 -47.70 -25.01 28.62
C ALA B 163 -47.35 -24.22 29.87
N GLY B 164 -46.24 -24.57 30.51
CA GLY B 164 -45.90 -24.06 31.81
C GLY B 164 -45.50 -22.60 31.80
N PRO B 165 -45.45 -21.98 32.99
CA PRO B 165 -45.13 -20.55 33.06
C PRO B 165 -43.67 -20.27 32.71
N LEU B 166 -43.43 -19.06 32.22
CA LEU B 166 -42.13 -18.68 31.68
C LEU B 166 -41.06 -18.64 32.76
N SER B 167 -39.82 -18.87 32.33
CA SER B 167 -38.70 -18.86 33.26
C SER B 167 -38.26 -17.46 33.65
N THR B 168 -38.75 -16.43 32.96
CA THR B 168 -38.32 -15.07 33.23
C THR B 168 -39.50 -14.13 33.01
N ALA B 169 -39.71 -13.21 33.96
CA ALA B 169 -40.74 -12.18 33.87
C ALA B 169 -40.24 -10.91 33.21
N TRP B 170 -39.27 -11.02 32.30
CA TRP B 170 -38.73 -9.87 31.60
C TRP B 170 -39.75 -9.30 30.61
N THR B 171 -39.88 -7.97 30.59
CA THR B 171 -40.65 -7.29 29.57
C THR B 171 -39.82 -6.17 28.97
N PRO B 172 -39.91 -5.94 27.66
CA PRO B 172 -39.26 -4.76 27.08
C PRO B 172 -39.94 -3.47 27.46
N PHE B 173 -41.21 -3.52 27.86
CA PHE B 173 -41.98 -2.34 28.18
C PHE B 173 -41.70 -1.90 29.61
N ASP B 174 -41.79 -0.61 29.85
CA ASP B 174 -41.58 -0.08 31.18
C ASP B 174 -42.93 0.18 31.86
N ARG B 175 -42.87 0.87 32.99
CA ARG B 175 -44.08 1.24 33.73
C ARG B 175 -44.90 2.27 32.96
N LYS B 176 -44.22 3.15 32.22
CA LYS B 176 -44.87 4.19 31.44
C LYS B 176 -44.46 4.07 29.97
N ILE B 177 -45.37 4.43 29.09
CA ILE B 177 -45.28 4.16 27.65
C ILE B 177 -46.00 5.27 26.90
N VAL B 178 -45.39 5.79 25.83
CA VAL B 178 -46.06 6.64 24.87
C VAL B 178 -46.16 5.90 23.55
N GLN B 179 -47.38 5.80 23.02
CA GLN B 179 -47.57 5.36 21.64
C GLN B 179 -47.74 6.57 20.75
N TYR B 180 -47.00 6.59 19.63
CA TYR B 180 -47.20 7.59 18.60
C TYR B 180 -46.83 7.01 17.25
N ALA B 181 -47.72 7.21 16.27
CA ALA B 181 -47.50 6.87 14.86
C ALA B 181 -47.18 5.40 14.66
N GLY B 182 -47.86 4.53 15.40
CA GLY B 182 -47.59 3.12 15.30
C GLY B 182 -46.28 2.69 15.92
N GLU B 183 -45.72 3.52 16.79
CA GLU B 183 -44.44 3.26 17.43
C GLU B 183 -44.56 3.59 18.91
N ILE B 184 -43.74 2.94 19.72
CA ILE B 184 -43.92 2.90 21.17
C ILE B 184 -42.63 3.32 21.84
N TYR B 185 -42.71 4.26 22.77
CA TYR B 185 -41.55 4.91 23.36
C TYR B 185 -41.63 4.76 24.87
N ASN B 186 -40.59 4.22 25.49
CA ASN B 186 -40.53 4.19 26.94
C ASN B 186 -40.25 5.61 27.42
N TYR B 187 -41.29 6.35 27.75
CA TYR B 187 -41.17 7.75 28.11
C TYR B 187 -41.80 8.00 29.46
N ASP B 188 -41.04 8.60 30.38
CA ASP B 188 -41.52 8.97 31.70
C ASP B 188 -42.23 10.30 31.58
N PHE B 189 -43.52 10.24 31.24
CA PHE B 189 -44.32 11.41 30.95
C PHE B 189 -44.94 11.95 32.23
N PRO B 190 -45.30 13.25 32.26
CA PRO B 190 -45.95 13.78 33.45
C PRO B 190 -47.36 13.25 33.63
N GLU B 191 -47.77 13.19 34.89
CA GLU B 191 -49.10 12.74 35.25
C GLU B 191 -50.15 13.76 34.83
N TYR B 192 -51.42 13.33 34.86
CA TYR B 192 -52.51 14.20 34.50
C TYR B 192 -52.65 15.31 35.53
N GLY B 193 -52.80 16.54 35.06
CA GLY B 193 -52.81 17.69 35.94
C GLY B 193 -51.43 18.13 36.40
N ALA B 194 -50.36 17.50 35.93
CA ALA B 194 -49.00 17.83 36.32
C ALA B 194 -48.13 18.15 35.12
N GLY B 195 -48.72 18.72 34.07
CA GLY B 195 -47.98 19.02 32.87
C GLY B 195 -47.39 20.42 32.88
N GLN B 196 -46.14 20.53 32.40
CA GLN B 196 -45.28 21.70 32.34
C GLN B 196 -45.25 22.26 30.93
N PRO B 197 -45.09 23.57 30.77
CA PRO B 197 -45.04 24.15 29.42
C PRO B 197 -43.74 23.85 28.71
N GLY B 198 -43.82 23.73 27.39
CA GLY B 198 -42.67 23.43 26.57
C GLY B 198 -42.30 21.98 26.47
N ALA B 199 -42.65 21.16 27.45
CA ALA B 199 -42.33 19.74 27.43
C ALA B 199 -43.56 18.92 27.00
N PHE B 200 -43.33 17.62 26.80
CA PHE B 200 -44.37 16.69 26.37
C PHE B 200 -45.46 16.56 27.40
N GLY B 201 -46.63 17.12 27.10
CA GLY B 201 -47.72 17.03 28.02
C GLY B 201 -48.09 18.38 28.59
N ASP B 202 -47.84 19.44 27.83
CA ASP B 202 -48.37 20.74 28.23
C ASP B 202 -49.87 20.81 28.01
N ILE B 203 -50.39 20.00 27.10
CA ILE B 203 -51.81 19.81 26.90
C ILE B 203 -52.13 18.38 27.31
N GLN B 204 -53.17 18.20 28.12
CA GLN B 204 -53.51 16.89 28.66
C GLN B 204 -55.02 16.74 28.59
N SER B 205 -55.52 16.09 27.55
CA SER B 205 -56.93 15.72 27.46
C SER B 205 -57.08 14.26 27.83
N ARG B 206 -58.15 13.95 28.56
CA ARG B 206 -58.28 12.63 29.16
C ARG B 206 -58.60 11.55 28.13
N THR B 207 -59.52 11.83 27.21
CA THR B 207 -59.74 11.01 26.03
C THR B 207 -59.65 11.90 24.81
N VAL B 208 -59.85 11.32 23.64
CA VAL B 208 -59.76 12.11 22.41
C VAL B 208 -61.00 12.99 22.27
N SER B 209 -62.08 12.61 22.93
CA SER B 209 -63.34 13.36 22.87
C SER B 209 -63.87 13.67 24.27
N SER B 210 -63.01 14.21 25.13
CA SER B 210 -63.38 14.42 26.53
C SER B 210 -64.01 15.77 26.79
N SER B 211 -63.58 16.80 26.05
CA SER B 211 -63.94 18.21 26.27
C SER B 211 -63.63 18.66 27.70
N ASP B 212 -62.51 18.16 28.23
CA ASP B 212 -62.00 18.61 29.52
C ASP B 212 -60.49 18.38 29.48
N LEU B 213 -59.74 19.41 29.11
CA LEU B 213 -58.30 19.29 28.98
C LEU B 213 -57.59 20.14 30.02
N TYR B 214 -56.38 19.72 30.38
CA TYR B 214 -55.49 20.47 31.25
C TYR B 214 -54.48 21.21 30.39
N ALA B 215 -54.46 22.53 30.50
CA ALA B 215 -53.61 23.37 29.68
C ALA B 215 -52.67 24.16 30.55
N ASN B 216 -51.36 23.95 30.37
CA ASN B 216 -50.33 24.78 31.00
C ASN B 216 -49.31 25.08 29.91
N THR B 217 -49.52 26.16 29.17
CA THR B 217 -48.58 26.56 28.13
C THR B 217 -47.93 27.90 28.42
N ASN B 218 -48.06 28.40 29.65
CA ASN B 218 -47.38 29.63 30.13
C ASN B 218 -47.79 30.85 29.30
N LEU B 219 -49.09 31.01 29.12
CA LEU B 219 -49.61 32.08 28.28
C LEU B 219 -49.67 33.38 29.06
N VAL B 220 -49.27 34.47 28.41
CA VAL B 220 -49.19 35.81 29.00
C VAL B 220 -49.64 36.80 27.95
N LEU B 221 -50.62 37.63 28.28
CA LEU B 221 -51.16 38.60 27.34
C LEU B 221 -50.34 39.89 27.38
N GLN B 222 -49.93 40.35 26.21
CA GLN B 222 -49.16 41.58 26.06
C GLN B 222 -50.08 42.72 25.63
N ARG B 223 -49.51 43.91 25.55
CA ARG B 223 -50.30 45.09 25.27
C ARG B 223 -50.48 45.25 23.75
N PRO B 224 -51.67 45.61 23.29
CA PRO B 224 -51.85 45.89 21.86
C PRO B 224 -51.10 47.14 21.41
N LYS B 225 -50.63 47.09 20.16
CA LYS B 225 -49.94 48.20 19.54
C LYS B 225 -50.87 49.40 19.39
N ALA B 226 -50.30 50.60 19.50
CA ALA B 226 -51.09 51.82 19.42
C ALA B 226 -51.70 51.99 18.04
N GLY B 227 -53.02 52.05 17.99
CA GLY B 227 -53.72 52.20 16.73
C GLY B 227 -54.04 50.91 16.04
N ALA B 228 -54.27 49.84 16.79
CA ALA B 228 -54.49 48.54 16.16
C ALA B 228 -55.41 47.71 17.03
N ILE B 229 -56.09 46.77 16.38
CA ILE B 229 -57.05 45.90 17.05
C ILE B 229 -56.57 44.48 16.82
N HIS B 230 -55.83 43.95 17.78
CA HIS B 230 -55.43 42.56 17.79
C HIS B 230 -55.21 42.13 19.22
N VAL B 231 -55.06 40.83 19.41
CA VAL B 231 -54.75 40.30 20.74
C VAL B 231 -53.33 39.76 20.71
N PRO B 232 -52.36 40.52 21.22
CA PRO B 232 -51.01 39.98 21.33
C PRO B 232 -50.88 39.06 22.52
N TYR B 233 -50.17 37.96 22.34
CA TYR B 233 -49.90 37.03 23.41
C TYR B 233 -48.47 36.52 23.27
N THR B 234 -48.03 35.78 24.27
CA THR B 234 -46.67 35.27 24.30
C THR B 234 -46.65 34.01 25.16
N GLN B 235 -46.33 32.87 24.56
CA GLN B 235 -46.39 31.63 25.31
C GLN B 235 -45.32 30.67 24.81
N ALA B 236 -45.12 29.62 25.58
CA ALA B 236 -44.11 28.63 25.25
C ALA B 236 -44.55 27.83 24.04
N PRO B 237 -43.63 27.45 23.16
CA PRO B 237 -44.01 26.63 21.99
C PRO B 237 -44.43 25.23 22.40
N SER B 238 -44.95 24.49 21.42
CA SER B 238 -45.62 23.24 21.68
C SER B 238 -44.67 22.17 22.19
N GLY B 239 -45.11 21.45 23.22
CA GLY B 239 -44.27 20.42 23.80
C GLY B 239 -44.37 19.11 23.09
N PHE B 240 -45.53 18.80 22.52
CA PHE B 240 -45.67 17.67 21.61
C PHE B 240 -44.75 17.83 20.40
N GLU B 241 -44.65 19.05 19.89
CA GLU B 241 -43.80 19.34 18.75
C GLU B 241 -42.33 19.24 19.09
N GLN B 242 -41.92 19.82 20.23
CA GLN B 242 -40.52 19.77 20.64
C GLN B 242 -40.10 18.35 20.99
N TRP B 243 -41.01 17.56 21.56
CA TRP B 243 -40.75 16.14 21.77
C TRP B 243 -40.58 15.41 20.45
N LYS B 244 -41.40 15.72 19.45
CA LYS B 244 -41.25 15.08 18.15
C LYS B 244 -39.94 15.45 17.47
N LYS B 245 -39.47 16.67 17.67
CA LYS B 245 -38.13 17.02 17.20
C LYS B 245 -37.06 16.25 17.96
N ASP B 246 -37.26 16.02 19.26
CA ASP B 246 -36.21 15.35 20.00
C ASP B 246 -36.19 13.84 19.75
N LYS B 247 -37.17 13.10 20.29
CA LYS B 247 -37.46 11.70 19.95
C LYS B 247 -36.29 10.73 19.81
N ALA B 248 -35.66 10.35 20.91
CA ALA B 248 -34.84 9.14 20.90
C ALA B 248 -35.64 7.97 20.34
N PRO B 249 -35.03 7.08 19.54
CA PRO B 249 -35.80 6.19 18.65
C PRO B 249 -36.67 5.20 19.40
N SER B 250 -37.53 4.53 18.63
CA SER B 250 -38.61 3.74 19.18
C SER B 250 -38.08 2.50 19.90
N LEU B 251 -39.00 1.78 20.54
CA LEU B 251 -38.65 0.52 21.14
C LEU B 251 -38.48 -0.58 20.10
N LYS B 252 -38.88 -0.31 18.85
CA LYS B 252 -38.72 -1.28 17.78
C LYS B 252 -37.26 -1.48 17.42
N PHE B 253 -36.43 -0.46 17.64
CA PHE B 253 -35.03 -0.51 17.26
C PHE B 253 -34.09 -0.62 18.44
N THR B 254 -34.58 -0.43 19.66
CA THR B 254 -33.73 -0.34 20.85
C THR B 254 -34.06 -1.40 21.88
N ALA B 255 -34.86 -2.40 21.53
CA ALA B 255 -35.21 -3.33 22.60
C ALA B 255 -34.28 -4.54 22.58
N PRO B 256 -33.88 -5.04 23.74
CA PRO B 256 -32.98 -6.19 23.77
C PRO B 256 -33.71 -7.47 23.43
N PHE B 257 -32.91 -8.52 23.26
CA PHE B 257 -33.26 -9.89 22.90
C PHE B 257 -33.88 -10.00 21.51
N GLY B 258 -33.81 -8.95 20.70
CA GLY B 258 -34.35 -8.98 19.37
C GLY B 258 -35.87 -8.95 19.33
N CYS B 259 -36.48 -8.13 20.17
CA CYS B 259 -37.93 -8.03 20.18
C CYS B 259 -38.41 -7.31 18.92
N GLU B 260 -39.62 -7.66 18.51
CA GLU B 260 -40.29 -7.02 17.39
C GLU B 260 -41.53 -6.36 17.97
N ILE B 261 -41.56 -5.03 17.96
CA ILE B 261 -42.59 -4.28 18.63
C ILE B 261 -43.67 -3.91 17.63
N TYR B 262 -44.87 -4.44 17.82
CA TYR B 262 -46.03 -4.08 17.02
C TYR B 262 -47.03 -3.38 17.91
N THR B 263 -48.11 -2.88 17.30
CA THR B 263 -48.92 -1.88 17.97
C THR B 263 -50.44 -2.02 17.80
N ASN B 264 -50.93 -3.07 17.14
CA ASN B 264 -52.37 -3.13 16.90
C ASN B 264 -53.14 -3.49 18.17
N PRO B 265 -52.85 -4.59 18.89
CA PRO B 265 -52.70 -4.44 20.34
C PRO B 265 -51.23 -4.22 20.66
N ILE B 266 -50.92 -3.51 21.76
CA ILE B 266 -49.52 -3.28 22.11
C ILE B 266 -48.91 -4.58 22.60
N ARG B 267 -47.91 -5.07 21.87
CA ARG B 267 -47.42 -6.41 22.09
C ARG B 267 -45.97 -6.48 21.62
N ALA B 268 -45.27 -7.53 22.06
CA ALA B 268 -43.85 -7.68 21.79
C ALA B 268 -43.61 -9.07 21.22
N GLU B 269 -43.35 -9.15 19.92
CA GLU B 269 -43.20 -10.41 19.23
C GLU B 269 -41.78 -10.93 19.35
N ASN B 270 -41.66 -12.25 19.58
CA ASN B 270 -40.46 -13.03 19.32
C ASN B 270 -39.27 -12.60 20.16
N CYS B 271 -39.52 -12.12 21.37
CA CYS B 271 -38.45 -11.75 22.29
C CYS B 271 -37.72 -13.00 22.73
N ALA B 272 -36.51 -13.20 22.22
CA ALA B 272 -35.76 -14.45 22.44
C ALA B 272 -35.11 -14.44 23.82
N VAL B 273 -35.94 -14.64 24.83
CA VAL B 273 -35.49 -14.76 26.22
C VAL B 273 -36.27 -15.89 26.86
N GLY B 274 -35.62 -16.60 27.78
CA GLY B 274 -36.29 -17.62 28.56
C GLY B 274 -36.54 -18.91 27.79
N SER B 275 -37.41 -19.73 28.37
CA SER B 275 -37.79 -21.02 27.80
C SER B 275 -39.09 -21.46 28.44
N ILE B 276 -39.96 -22.09 27.65
CA ILE B 276 -41.28 -22.50 28.11
C ILE B 276 -41.21 -23.98 28.50
N PRO B 277 -41.55 -24.33 29.73
CA PRO B 277 -41.76 -25.75 30.05
C PRO B 277 -43.15 -26.20 29.62
N LEU B 278 -43.29 -27.50 29.42
CA LEU B 278 -44.53 -28.07 28.93
C LEU B 278 -44.93 -29.24 29.81
N ALA B 279 -46.00 -29.92 29.38
CA ALA B 279 -46.47 -31.14 30.01
C ALA B 279 -47.27 -31.93 28.99
N PHE B 280 -47.06 -33.24 28.95
CA PHE B 280 -47.78 -34.12 28.03
C PHE B 280 -48.61 -35.12 28.82
N ASP B 281 -49.93 -35.04 28.65
CA ASP B 281 -50.83 -36.12 29.07
C ASP B 281 -51.16 -36.96 27.83
N ILE B 282 -50.20 -37.79 27.44
CA ILE B 282 -50.35 -38.65 26.28
C ILE B 282 -51.25 -39.81 26.68
N PRO B 283 -52.33 -40.07 25.94
CA PRO B 283 -53.19 -41.22 26.26
C PRO B 283 -52.47 -42.54 26.00
N ASP B 284 -52.97 -43.59 26.65
CA ASP B 284 -52.33 -44.89 26.56
C ASP B 284 -52.58 -45.56 25.22
N ALA B 285 -53.53 -45.05 24.45
CA ALA B 285 -53.82 -45.62 23.13
C ALA B 285 -52.72 -45.31 22.13
N LEU B 286 -52.01 -44.20 22.34
CA LEU B 286 -51.00 -43.78 21.37
C LEU B 286 -49.70 -44.58 21.53
N PHE B 287 -49.49 -45.14 22.71
CA PHE B 287 -48.29 -45.92 22.96
C PHE B 287 -48.34 -47.26 22.24
N THR B 288 -47.36 -47.46 21.36
CA THR B 288 -47.36 -48.58 20.42
C THR B 288 -46.48 -49.69 20.97
N ARG B 289 -46.96 -50.93 20.82
CA ARG B 289 -46.29 -52.10 21.38
C ARG B 289 -44.98 -52.39 20.65
N VAL B 290 -44.22 -53.34 21.21
CA VAL B 290 -42.90 -53.67 20.67
C VAL B 290 -43.04 -54.38 19.33
N SER B 291 -43.88 -55.42 19.28
CA SER B 291 -44.03 -56.22 18.06
C SER B 291 -44.75 -55.47 16.95
N GLU B 292 -45.47 -54.39 17.26
CA GLU B 292 -46.08 -53.55 16.23
C GLU B 292 -45.09 -52.63 15.56
N THR B 293 -43.85 -52.55 16.05
CA THR B 293 -42.81 -51.69 15.52
C THR B 293 -41.64 -52.50 15.02
N PRO B 294 -40.99 -52.06 13.94
CA PRO B 294 -39.82 -52.78 13.43
C PRO B 294 -38.64 -52.68 14.38
N THR B 295 -37.67 -53.57 14.16
CA THR B 295 -36.47 -53.66 14.99
C THR B 295 -35.30 -54.02 14.09
N LEU B 296 -34.21 -53.27 14.23
CA LEU B 296 -33.07 -53.48 13.36
C LEU B 296 -32.19 -54.60 13.90
N SER B 297 -31.22 -54.99 13.08
CA SER B 297 -30.14 -55.88 13.49
C SER B 297 -28.97 -55.63 12.55
N ALA B 298 -27.78 -55.47 13.13
CA ALA B 298 -26.52 -55.21 12.43
C ALA B 298 -26.61 -53.93 11.58
N ALA B 299 -26.74 -52.80 12.29
CA ALA B 299 -26.74 -51.48 11.67
C ALA B 299 -25.40 -50.79 11.91
N GLU B 300 -24.90 -50.13 10.86
CA GLU B 300 -23.62 -49.45 10.89
C GLU B 300 -23.80 -48.02 10.40
N CYS B 301 -23.15 -47.08 11.10
CA CYS B 301 -23.26 -45.66 10.80
C CYS B 301 -21.92 -45.11 10.32
N THR B 302 -21.92 -44.47 9.16
CA THR B 302 -20.76 -43.77 8.63
C THR B 302 -21.14 -42.32 8.34
N LEU B 303 -20.18 -41.42 8.51
CA LEU B 303 -20.40 -39.99 8.29
C LEU B 303 -19.87 -39.62 6.91
N ASN B 304 -20.78 -39.20 6.03
CA ASN B 304 -20.38 -38.81 4.68
C ASN B 304 -19.81 -37.40 4.67
N GLU B 305 -20.63 -36.42 5.02
CA GLU B 305 -20.19 -35.04 5.17
C GLU B 305 -20.20 -34.68 6.64
N CYS B 306 -19.22 -33.89 7.04
CA CYS B 306 -19.13 -33.46 8.42
C CYS B 306 -18.52 -32.07 8.38
N VAL B 307 -19.36 -31.05 8.59
CA VAL B 307 -18.94 -29.66 8.71
C VAL B 307 -19.72 -29.07 9.87
N TYR B 308 -19.02 -28.52 10.85
CA TYR B 308 -19.69 -27.97 12.03
C TYR B 308 -20.20 -26.55 11.74
N SER B 309 -21.14 -26.47 10.82
CA SER B 309 -21.74 -25.20 10.46
C SER B 309 -22.94 -24.93 11.34
N SER B 310 -23.59 -23.80 11.10
CA SER B 310 -24.69 -23.39 11.96
C SER B 310 -26.00 -24.07 11.59
N ASP B 311 -26.13 -24.51 10.34
CA ASP B 311 -27.29 -25.25 9.89
C ASP B 311 -27.04 -26.74 10.00
N PHE B 312 -27.89 -27.54 9.35
CA PHE B 312 -27.74 -28.99 9.33
C PHE B 312 -26.68 -29.33 8.29
N GLY B 313 -25.42 -29.29 8.72
CA GLY B 313 -24.31 -29.47 7.82
C GLY B 313 -23.54 -30.76 8.00
N GLY B 314 -24.25 -31.85 8.25
CA GLY B 314 -23.62 -33.16 8.36
C GLY B 314 -24.52 -34.28 7.86
N ILE B 315 -23.96 -35.21 7.10
CA ILE B 315 -24.72 -36.29 6.48
C ILE B 315 -24.19 -37.62 7.02
N ALA B 316 -25.07 -38.39 7.67
CA ALA B 316 -24.74 -39.71 8.18
C ALA B 316 -25.65 -40.74 7.53
N THR B 317 -25.05 -41.71 6.85
CA THR B 317 -25.80 -42.76 6.16
C THR B 317 -25.71 -44.04 6.98
N VAL B 318 -26.82 -44.42 7.60
CA VAL B 318 -26.88 -45.60 8.44
C VAL B 318 -27.23 -46.79 7.57
N LYS B 319 -26.33 -47.76 7.51
CA LYS B 319 -26.53 -48.98 6.73
C LYS B 319 -27.08 -50.06 7.66
N TYR B 320 -28.36 -50.36 7.53
CA TYR B 320 -29.06 -51.19 8.48
C TYR B 320 -29.51 -52.50 7.83
N SER B 321 -30.23 -53.30 8.61
CA SER B 321 -30.86 -54.53 8.12
C SER B 321 -32.06 -54.78 9.02
N ALA B 322 -33.26 -54.48 8.52
CA ALA B 322 -34.46 -54.44 9.35
C ALA B 322 -35.30 -55.69 9.12
N SER B 323 -35.89 -56.18 10.21
CA SER B 323 -36.82 -57.30 10.13
C SER B 323 -38.14 -56.90 9.48
N LYS B 324 -38.71 -55.77 9.88
CA LYS B 324 -39.93 -55.25 9.27
C LYS B 324 -39.62 -53.93 8.59
N SER B 325 -40.34 -53.66 7.50
CA SER B 325 -40.18 -52.42 6.75
C SER B 325 -41.29 -51.47 7.19
N GLY B 326 -40.92 -50.48 8.00
CA GLY B 326 -41.87 -49.52 8.50
C GLY B 326 -41.15 -48.37 9.17
N LYS B 327 -41.79 -47.21 9.15
CA LYS B 327 -41.18 -46.00 9.69
C LYS B 327 -41.16 -46.01 11.22
N CYS B 328 -40.10 -45.44 11.78
CA CYS B 328 -39.97 -45.23 13.21
C CYS B 328 -38.94 -44.12 13.44
N ALA B 329 -38.72 -43.78 14.71
CA ALA B 329 -38.10 -42.51 15.06
C ALA B 329 -36.63 -42.63 15.44
N VAL B 330 -35.82 -41.70 14.94
CA VAL B 330 -34.41 -41.59 15.28
C VAL B 330 -34.24 -40.44 16.26
N HIS B 331 -33.21 -40.54 17.11
CA HIS B 331 -32.98 -39.56 18.16
C HIS B 331 -31.55 -39.69 18.68
N VAL B 332 -30.98 -38.57 19.08
CA VAL B 332 -29.69 -38.53 19.77
C VAL B 332 -29.96 -38.09 21.20
N PRO B 333 -29.54 -38.86 22.21
CA PRO B 333 -29.83 -38.47 23.59
C PRO B 333 -29.00 -37.28 24.07
N SER B 334 -27.77 -37.14 23.60
CA SER B 334 -26.88 -36.10 24.08
C SER B 334 -27.15 -34.78 23.38
N GLY B 335 -26.37 -33.77 23.72
CA GLY B 335 -26.37 -32.52 22.99
C GLY B 335 -25.23 -32.49 21.99
N THR B 336 -24.80 -33.68 21.58
CA THR B 336 -23.70 -33.80 20.62
C THR B 336 -24.15 -33.44 19.22
N ALA B 337 -25.35 -33.88 18.82
CA ALA B 337 -25.88 -33.57 17.51
C ALA B 337 -27.36 -33.28 17.61
N THR B 338 -27.86 -32.48 16.67
CA THR B 338 -29.27 -32.14 16.59
C THR B 338 -29.78 -32.61 15.23
N LEU B 339 -30.68 -33.59 15.24
CA LEU B 339 -31.13 -34.22 14.01
C LEU B 339 -32.16 -33.36 13.29
N LYS B 340 -32.19 -33.49 11.96
CA LYS B 340 -33.12 -32.71 11.17
C LYS B 340 -34.53 -33.26 11.29
N GLU B 341 -34.73 -34.49 10.85
CA GLU B 341 -36.05 -35.11 10.84
C GLU B 341 -36.27 -35.94 12.09
N ALA B 342 -37.55 -36.17 12.40
CA ALA B 342 -37.92 -36.92 13.59
C ALA B 342 -38.06 -38.41 13.32
N ALA B 343 -38.29 -38.81 12.08
CA ALA B 343 -38.44 -40.21 11.75
C ALA B 343 -38.05 -40.44 10.29
N VAL B 344 -37.51 -41.63 10.01
CA VAL B 344 -37.14 -42.03 8.66
C VAL B 344 -37.82 -43.37 8.38
N GLU B 345 -38.47 -43.48 7.22
CA GLU B 345 -39.05 -44.74 6.79
C GLU B 345 -37.98 -45.79 6.52
N LEU B 346 -38.19 -46.98 7.05
CA LEU B 346 -37.26 -48.08 6.92
C LEU B 346 -37.76 -49.07 5.88
N THR B 347 -36.85 -49.52 5.02
CA THR B 347 -37.09 -50.67 4.17
C THR B 347 -36.54 -51.91 4.86
N GLU B 348 -36.43 -53.03 4.13
CA GLU B 348 -35.96 -54.25 4.75
C GLU B 348 -34.44 -54.27 4.88
N GLN B 349 -33.71 -54.02 3.79
CA GLN B 349 -32.25 -54.09 3.81
C GLN B 349 -31.60 -52.82 3.27
N GLY B 350 -32.31 -51.72 3.20
CA GLY B 350 -31.77 -50.49 2.64
C GLY B 350 -30.85 -49.76 3.59
N SER B 351 -30.58 -48.50 3.26
CA SER B 351 -29.71 -47.63 4.04
C SER B 351 -30.35 -46.26 4.18
N ALA B 352 -30.55 -45.82 5.42
CA ALA B 352 -31.26 -44.59 5.73
C ALA B 352 -30.28 -43.46 5.95
N THR B 353 -30.54 -42.31 5.32
CA THR B 353 -29.66 -41.16 5.35
C THR B 353 -30.31 -40.05 6.18
N ILE B 354 -29.61 -39.59 7.21
CA ILE B 354 -30.09 -38.54 8.08
C ILE B 354 -29.18 -37.32 7.95
N HIS B 355 -29.70 -36.19 8.40
CA HIS B 355 -28.94 -34.95 8.47
C HIS B 355 -28.91 -34.48 9.91
N PHE B 356 -27.76 -33.96 10.33
CA PHE B 356 -27.59 -33.51 11.70
C PHE B 356 -26.76 -32.23 11.71
N SER B 357 -26.66 -31.62 12.89
CA SER B 357 -25.95 -30.37 13.07
C SER B 357 -25.12 -30.45 14.34
N THR B 358 -23.95 -29.82 14.34
CA THR B 358 -23.03 -30.01 15.45
C THR B 358 -22.14 -28.80 15.62
N ALA B 359 -21.46 -28.78 16.76
CA ALA B 359 -20.38 -27.84 17.05
C ALA B 359 -19.06 -28.56 17.26
N ASN B 360 -19.06 -29.89 17.16
CA ASN B 360 -17.93 -30.69 17.58
C ASN B 360 -16.96 -30.88 16.43
N ILE B 361 -15.67 -30.70 16.72
CA ILE B 361 -14.64 -30.88 15.70
C ILE B 361 -14.30 -32.35 15.55
N HIS B 362 -14.66 -33.18 16.53
CA HIS B 362 -14.57 -34.63 16.43
C HIS B 362 -15.84 -35.18 17.06
N PRO B 363 -16.95 -35.19 16.32
CA PRO B 363 -18.22 -35.61 16.90
C PRO B 363 -18.30 -37.11 17.04
N GLU B 364 -18.93 -37.54 18.14
CA GLU B 364 -19.13 -38.97 18.41
C GLU B 364 -20.34 -39.09 19.32
N PHE B 365 -21.40 -39.73 18.82
CA PHE B 365 -22.63 -39.85 19.58
C PHE B 365 -23.29 -41.19 19.28
N ARG B 366 -24.08 -41.65 20.24
CA ARG B 366 -24.86 -42.87 20.08
C ARG B 366 -26.19 -42.50 19.44
N LEU B 367 -26.44 -43.01 18.24
CA LEU B 367 -27.67 -42.72 17.53
C LEU B 367 -28.71 -43.78 17.87
N GLN B 368 -29.73 -43.38 18.61
CA GLN B 368 -30.85 -44.26 18.90
C GLN B 368 -31.74 -44.35 17.68
N ILE B 369 -32.00 -45.57 17.21
CA ILE B 369 -32.97 -45.80 16.18
C ILE B 369 -33.91 -46.91 16.64
N CYS B 370 -34.97 -46.50 17.34
CA CYS B 370 -36.24 -47.17 17.61
C CYS B 370 -36.20 -48.35 18.56
N THR B 371 -35.05 -49.03 18.67
CA THR B 371 -34.72 -49.94 19.77
C THR B 371 -33.28 -49.75 20.19
N SER B 372 -32.43 -49.55 19.20
CA SER B 372 -31.01 -49.82 19.34
C SER B 372 -30.17 -48.57 19.14
N TYR B 373 -28.92 -48.64 19.59
CA TYR B 373 -28.01 -47.51 19.58
C TYR B 373 -26.83 -47.84 18.66
N VAL B 374 -26.60 -47.01 17.67
CA VAL B 374 -25.44 -47.15 16.80
C VAL B 374 -24.54 -45.94 17.00
N THR B 375 -23.24 -46.17 16.87
CA THR B 375 -22.23 -45.16 17.15
C THR B 375 -21.83 -44.50 15.84
N CYS B 376 -21.89 -43.17 15.81
CA CYS B 376 -21.53 -42.39 14.63
C CYS B 376 -20.29 -41.58 14.98
N LYS B 377 -19.21 -41.80 14.23
CA LYS B 377 -17.90 -41.23 14.53
C LYS B 377 -17.30 -40.61 13.28
N GLY B 378 -16.78 -39.39 13.41
CA GLY B 378 -16.20 -38.72 12.26
C GLY B 378 -15.41 -37.50 12.67
N ASP B 379 -15.02 -36.72 11.66
CA ASP B 379 -14.23 -35.50 11.84
C ASP B 379 -14.87 -34.38 11.03
N CYS B 380 -15.41 -33.39 11.72
CA CYS B 380 -16.00 -32.23 11.05
C CYS B 380 -14.95 -31.16 10.75
N HIS B 381 -15.33 -30.26 9.84
CA HIS B 381 -14.43 -29.28 9.26
C HIS B 381 -15.08 -27.90 9.34
N PRO B 382 -14.30 -26.82 9.29
CA PRO B 382 -14.89 -25.48 9.37
C PRO B 382 -15.66 -25.14 8.11
N PRO B 383 -16.77 -24.41 8.23
CA PRO B 383 -17.56 -24.04 7.06
C PRO B 383 -16.91 -22.89 6.30
N LYS B 384 -17.58 -22.46 5.24
CA LYS B 384 -17.01 -21.49 4.32
C LYS B 384 -17.42 -20.06 4.60
N ASP B 385 -18.49 -19.82 5.34
CA ASP B 385 -18.99 -18.48 5.58
C ASP B 385 -18.61 -18.00 6.97
N HIS B 386 -18.31 -16.71 7.09
CA HIS B 386 -18.07 -16.10 8.38
C HIS B 386 -19.37 -15.67 9.05
N ILE B 387 -20.20 -14.92 8.35
CA ILE B 387 -21.45 -14.38 8.87
C ILE B 387 -22.58 -14.94 8.03
N VAL B 388 -23.56 -15.56 8.68
CA VAL B 388 -24.71 -16.13 8.00
C VAL B 388 -25.97 -15.39 8.42
N THR B 389 -27.09 -15.75 7.79
CA THR B 389 -28.33 -14.99 7.94
C THR B 389 -29.44 -15.81 8.58
N HIS B 390 -29.09 -16.81 9.39
CA HIS B 390 -30.07 -17.58 10.14
C HIS B 390 -29.48 -17.89 11.50
N PRO B 391 -30.30 -18.04 12.55
CA PRO B 391 -29.74 -18.34 13.87
C PRO B 391 -29.24 -19.78 14.01
N GLN B 392 -28.71 -20.09 15.18
CA GLN B 392 -27.94 -21.31 15.41
C GLN B 392 -28.84 -22.49 15.73
N TYR B 393 -28.54 -23.65 15.13
CA TYR B 393 -29.36 -24.85 15.26
C TYR B 393 -28.79 -25.89 16.21
N HIS B 394 -27.82 -25.54 17.04
CA HIS B 394 -27.17 -26.53 17.90
C HIS B 394 -26.56 -25.82 19.10
N ALA B 395 -26.42 -26.56 20.20
CA ALA B 395 -25.98 -26.01 21.47
C ALA B 395 -24.48 -26.22 21.65
N GLN B 396 -23.75 -25.13 21.86
CA GLN B 396 -22.30 -25.18 22.07
C GLN B 396 -22.01 -25.76 23.45
N THR B 397 -21.55 -27.01 23.46
CA THR B 397 -21.14 -27.67 24.69
C THR B 397 -19.76 -27.16 25.10
N PHE B 398 -19.51 -27.09 26.40
CA PHE B 398 -18.16 -26.85 26.89
C PHE B 398 -17.27 -28.03 26.51
N THR B 399 -16.04 -27.71 26.07
CA THR B 399 -15.11 -28.63 25.41
C THR B 399 -15.77 -29.38 24.25
N ALA B 400 -16.20 -28.59 23.26
CA ALA B 400 -16.78 -29.16 22.06
C ALA B 400 -15.78 -29.26 20.92
N ALA B 401 -14.86 -28.30 20.82
CA ALA B 401 -14.02 -28.15 19.66
C ALA B 401 -12.56 -28.31 20.01
N VAL B 402 -12.23 -29.40 20.72
CA VAL B 402 -10.94 -29.48 21.40
C VAL B 402 -9.83 -29.99 20.50
N SER B 403 -10.15 -30.69 19.39
CA SER B 403 -9.21 -30.97 18.31
C SER B 403 -7.97 -31.77 18.70
N LYS B 404 -8.10 -33.10 18.75
CA LYS B 404 -7.23 -34.09 19.41
C LYS B 404 -5.72 -33.86 19.40
N THR B 405 -5.21 -33.12 18.41
CA THR B 405 -3.87 -32.54 18.52
C THR B 405 -3.72 -31.75 19.81
N ALA B 406 -4.68 -30.88 20.10
CA ALA B 406 -4.61 -30.11 21.35
C ALA B 406 -4.92 -30.98 22.56
N TRP B 407 -5.71 -32.06 22.39
CA TRP B 407 -5.81 -33.05 23.46
C TRP B 407 -4.46 -33.68 23.76
N THR B 408 -3.68 -33.97 22.71
CA THR B 408 -2.38 -34.59 22.91
C THR B 408 -1.41 -33.63 23.59
N TRP B 409 -1.44 -32.35 23.21
CA TRP B 409 -0.58 -31.35 23.85
C TRP B 409 -0.96 -31.14 25.31
N LEU B 410 -2.26 -31.01 25.60
CA LEU B 410 -2.70 -30.80 26.97
C LEU B 410 -2.44 -32.03 27.83
N THR B 411 -2.61 -33.22 27.25
CA THR B 411 -2.35 -34.45 27.99
C THR B 411 -0.86 -34.61 28.30
N SER B 412 0.01 -34.26 27.36
CA SER B 412 1.45 -34.34 27.61
C SER B 412 1.88 -33.32 28.67
N LEU B 413 1.54 -32.04 28.46
CA LEU B 413 1.93 -31.00 29.41
C LEU B 413 1.23 -31.10 30.76
N LEU B 414 0.16 -31.87 30.89
CA LEU B 414 -0.52 -32.03 32.15
C LEU B 414 -0.21 -33.36 32.83
N GLY B 415 0.28 -34.35 32.08
CA GLY B 415 0.51 -35.66 32.64
C GLY B 415 1.97 -36.02 32.82
N GLY B 416 2.85 -35.56 31.93
CA GLY B 416 4.26 -35.83 32.09
C GLY B 416 4.84 -35.17 33.33
N SER B 417 4.33 -33.98 33.67
CA SER B 417 4.73 -33.31 34.91
C SER B 417 4.31 -34.12 36.14
N ALA B 418 3.10 -34.69 36.10
CA ALA B 418 2.64 -35.52 37.21
C ALA B 418 3.44 -36.81 37.32
N VAL B 419 3.79 -37.41 36.18
CA VAL B 419 4.58 -38.65 36.21
C VAL B 419 5.98 -38.39 36.74
N ILE B 420 6.59 -37.28 36.32
CA ILE B 420 7.93 -36.92 36.82
C ILE B 420 7.90 -36.61 38.31
N ILE B 421 6.86 -35.91 38.79
CA ILE B 421 6.85 -35.59 40.21
C ILE B 421 6.52 -36.81 41.06
N ILE B 422 5.72 -37.76 40.56
CA ILE B 422 5.46 -38.92 41.40
C ILE B 422 6.61 -39.92 41.35
N ILE B 423 7.37 -39.99 40.25
CA ILE B 423 8.56 -40.85 40.31
C ILE B 423 9.68 -40.19 41.10
N GLY B 424 9.70 -38.85 41.19
CA GLY B 424 10.62 -38.20 42.11
C GLY B 424 10.27 -38.48 43.56
N LEU B 425 8.98 -38.50 43.88
CA LEU B 425 8.53 -38.87 45.22
C LEU B 425 8.89 -40.32 45.54
N VAL B 426 8.70 -41.23 44.58
CA VAL B 426 9.03 -42.64 44.77
C VAL B 426 10.55 -42.81 44.95
N LEU B 427 11.35 -42.08 44.16
CA LEU B 427 12.81 -42.20 44.27
C LEU B 427 13.32 -41.63 45.59
N ALA B 428 12.70 -40.55 46.07
CA ALA B 428 13.07 -40.02 47.39
C ALA B 428 12.69 -40.99 48.50
N THR B 429 11.55 -41.67 48.36
CA THR B 429 11.16 -42.68 49.34
C THR B 429 12.13 -43.87 49.34
N ILE B 430 12.59 -44.27 48.15
CA ILE B 430 13.57 -45.34 48.02
C ILE B 430 14.89 -44.96 48.70
N VAL B 431 15.36 -43.73 48.47
CA VAL B 431 16.61 -43.27 49.07
C VAL B 431 16.48 -43.16 50.59
N ALA B 432 15.34 -42.67 51.08
CA ALA B 432 15.16 -42.53 52.53
C ALA B 432 15.07 -43.88 53.23
N MET B 433 14.36 -44.84 52.63
CA MET B 433 14.31 -46.17 53.24
C MET B 433 15.63 -46.91 53.09
N TYR B 434 16.41 -46.60 52.05
CA TYR B 434 17.74 -47.18 51.90
C TYR B 434 18.69 -46.67 52.97
N VAL B 435 18.61 -45.37 53.29
CA VAL B 435 19.45 -44.79 54.33
C VAL B 435 19.04 -45.32 55.71
N LEU B 436 17.73 -45.39 55.98
CA LEU B 436 17.27 -45.94 57.25
C LEU B 436 17.53 -47.45 57.36
N THR B 437 17.67 -48.14 56.22
CA THR B 437 18.06 -49.54 56.26
C THR B 437 19.55 -49.69 56.54
N ASN B 438 20.40 -48.89 55.87
CA ASN B 438 21.83 -49.01 56.07
C ASN B 438 22.37 -48.16 57.22
N GLN B 439 21.50 -47.63 58.07
CA GLN B 439 21.93 -47.20 59.40
C GLN B 439 21.60 -48.22 60.49
N LYS B 440 21.09 -49.40 60.11
CA LYS B 440 20.78 -50.46 61.05
C LYS B 440 22.01 -51.31 61.39
N HIS B 441 23.15 -51.04 60.74
CA HIS B 441 24.38 -51.79 61.04
C HIS B 441 24.89 -51.49 62.44
N ASN B 442 24.81 -50.23 62.87
CA ASN B 442 25.19 -49.73 64.20
C ASN B 442 26.66 -50.04 64.53
N TYR C 1 -11.72 -17.27 -1.37
CA TYR C 1 -10.69 -18.13 -0.81
C TYR C 1 -9.36 -17.82 -1.46
N GLU C 2 -8.47 -17.21 -0.70
CA GLU C 2 -7.18 -16.81 -1.25
C GLU C 2 -6.29 -18.03 -1.46
N HIS C 3 -5.97 -18.31 -2.72
CA HIS C 3 -5.10 -19.42 -3.08
C HIS C 3 -3.93 -18.88 -3.90
N ALA C 4 -2.72 -19.12 -3.43
CA ALA C 4 -1.52 -18.69 -4.13
C ALA C 4 -0.74 -19.90 -4.59
N THR C 5 -0.21 -19.81 -5.81
CA THR C 5 0.60 -20.87 -6.38
C THR C 5 1.69 -20.23 -7.22
N THR C 6 2.41 -21.06 -7.97
CA THR C 6 3.55 -20.60 -8.77
C THR C 6 3.59 -21.40 -10.06
N MET C 7 3.77 -20.71 -11.19
CA MET C 7 3.83 -21.35 -12.49
C MET C 7 5.17 -21.07 -13.16
N PRO C 8 5.79 -22.09 -13.76
CA PRO C 8 7.02 -21.84 -14.52
C PRO C 8 6.75 -21.10 -15.82
N SER C 9 7.71 -20.26 -16.21
CA SER C 9 7.54 -19.34 -17.33
C SER C 9 7.91 -20.01 -18.65
N GLN C 10 7.03 -20.90 -19.10
CA GLN C 10 7.34 -21.70 -20.27
C GLN C 10 6.07 -21.96 -21.05
N ALA C 11 6.07 -21.57 -22.31
CA ALA C 11 4.87 -21.63 -23.14
C ALA C 11 4.59 -23.05 -23.59
N GLY C 12 3.37 -23.25 -24.09
CA GLY C 12 2.95 -24.53 -24.60
C GLY C 12 2.49 -25.55 -23.58
N ILE C 13 3.18 -25.67 -22.45
CA ILE C 13 2.97 -26.74 -21.49
C ILE C 13 1.83 -26.37 -20.56
N SER C 14 0.85 -27.25 -20.45
CA SER C 14 -0.26 -27.05 -19.52
C SER C 14 0.22 -27.18 -18.08
N TYR C 15 -0.29 -26.32 -17.21
CA TYR C 15 0.01 -26.36 -15.79
C TYR C 15 -1.28 -26.61 -15.02
N ASN C 16 -1.30 -27.68 -14.24
CA ASN C 16 -2.49 -28.13 -13.55
C ASN C 16 -2.29 -28.09 -12.05
N THR C 17 -3.39 -27.89 -11.32
CA THR C 17 -3.42 -27.92 -9.86
C THR C 17 -4.87 -28.07 -9.43
N ILE C 18 -5.06 -28.22 -8.11
CA ILE C 18 -6.38 -28.25 -7.50
C ILE C 18 -6.36 -27.40 -6.24
N VAL C 19 -7.55 -27.09 -5.73
CA VAL C 19 -7.72 -26.39 -4.47
C VAL C 19 -8.54 -27.28 -3.54
N ASN C 20 -7.95 -27.66 -2.41
CA ASN C 20 -8.58 -28.54 -1.44
C ASN C 20 -9.07 -27.70 -0.27
N ARG C 21 -10.34 -27.30 -0.32
CA ARG C 21 -10.96 -26.77 0.89
C ARG C 21 -11.27 -27.95 1.80
N ALA C 22 -11.03 -27.75 3.11
CA ALA C 22 -10.88 -28.85 4.07
C ALA C 22 -12.12 -29.70 4.26
N GLY C 23 -13.30 -29.25 3.85
CA GLY C 23 -14.47 -30.08 4.05
C GLY C 23 -15.40 -30.16 2.85
N TYR C 24 -14.87 -29.81 1.68
CA TYR C 24 -15.67 -29.65 0.47
C TYR C 24 -15.05 -30.43 -0.69
N ALA C 25 -15.55 -30.24 -1.89
CA ALA C 25 -15.02 -30.98 -3.01
C ALA C 25 -13.82 -30.27 -3.62
N PRO C 26 -12.83 -31.00 -4.14
CA PRO C 26 -11.64 -30.34 -4.69
C PRO C 26 -11.93 -29.65 -6.02
N LEU C 27 -11.42 -28.43 -6.13
CA LEU C 27 -11.71 -27.59 -7.28
C LEU C 27 -10.50 -27.53 -8.19
N PRO C 28 -10.55 -28.12 -9.39
CA PRO C 28 -9.36 -28.16 -10.24
C PRO C 28 -9.16 -26.88 -11.03
N ILE C 29 -7.90 -26.46 -11.14
CA ILE C 29 -7.51 -25.24 -11.84
C ILE C 29 -6.44 -25.58 -12.86
N SER C 30 -6.65 -25.16 -14.10
CA SER C 30 -5.72 -25.42 -15.20
C SER C 30 -5.37 -24.12 -15.92
N ILE C 31 -4.06 -23.90 -16.11
CA ILE C 31 -3.55 -22.72 -16.81
C ILE C 31 -2.53 -23.19 -17.84
N THR C 32 -2.79 -22.91 -19.11
CA THR C 32 -1.87 -23.28 -20.18
C THR C 32 -1.36 -22.02 -20.85
N PRO C 33 -0.13 -21.58 -20.60
CA PRO C 33 0.35 -20.35 -21.24
C PRO C 33 0.69 -20.53 -22.72
N THR C 34 0.25 -19.60 -23.56
CA THR C 34 0.42 -19.72 -25.00
C THR C 34 1.54 -18.85 -25.54
N LYS C 35 1.53 -17.56 -25.24
CA LYS C 35 2.46 -16.63 -25.84
C LYS C 35 2.81 -15.58 -24.81
N ILE C 36 4.09 -15.49 -24.44
CA ILE C 36 4.54 -14.67 -23.33
C ILE C 36 5.49 -13.62 -23.91
N LYS C 37 5.04 -12.38 -24.03
CA LYS C 37 5.84 -11.34 -24.65
C LYS C 37 6.68 -10.60 -23.62
N LEU C 38 7.51 -9.67 -24.11
CA LEU C 38 8.37 -8.85 -23.26
C LEU C 38 8.66 -7.57 -24.05
N ILE C 39 7.96 -6.49 -23.74
CA ILE C 39 7.94 -5.32 -24.60
C ILE C 39 8.64 -4.19 -23.86
N PRO C 40 9.84 -3.78 -24.27
CA PRO C 40 10.55 -2.71 -23.58
C PRO C 40 9.96 -1.35 -23.90
N THR C 41 10.35 -0.36 -23.10
CA THR C 41 9.97 1.02 -23.35
C THR C 41 10.99 1.60 -24.31
N VAL C 42 10.56 1.83 -25.55
CA VAL C 42 11.45 2.05 -26.67
C VAL C 42 11.37 3.51 -27.06
N ASN C 43 12.52 4.15 -27.26
CA ASN C 43 12.63 5.60 -27.41
C ASN C 43 13.50 5.90 -28.63
N LEU C 44 12.87 6.34 -29.72
CA LEU C 44 13.58 6.65 -30.96
C LEU C 44 14.48 7.86 -30.81
N GLU C 45 15.73 7.74 -31.23
CA GLU C 45 16.60 8.90 -31.32
C GLU C 45 16.81 9.36 -32.76
N TYR C 46 17.32 8.52 -33.64
CA TYR C 46 17.53 8.98 -35.00
C TYR C 46 17.48 7.81 -35.96
N VAL C 47 17.35 8.11 -37.24
CA VAL C 47 17.49 7.13 -38.29
C VAL C 47 18.69 7.51 -39.14
N THR C 48 19.17 6.55 -39.92
CA THR C 48 20.27 6.80 -40.86
C THR C 48 20.10 5.90 -42.06
N CYS C 49 20.87 6.20 -43.10
CA CYS C 49 20.72 5.61 -44.42
C CYS C 49 22.01 5.87 -45.20
N HIS C 50 21.96 5.67 -46.50
CA HIS C 50 23.06 6.07 -47.37
C HIS C 50 22.98 7.56 -47.63
N TYR C 51 24.13 8.20 -47.73
CA TYR C 51 24.11 9.60 -48.08
C TYR C 51 24.16 9.75 -49.59
N LYS C 52 24.20 11.00 -50.05
CA LYS C 52 24.16 11.31 -51.47
C LYS C 52 24.80 12.67 -51.62
N THR C 53 26.06 12.71 -52.03
CA THR C 53 26.79 13.97 -52.14
C THR C 53 26.22 14.77 -53.30
N GLY C 54 25.49 15.82 -52.97
CA GLY C 54 24.97 16.70 -54.00
C GLY C 54 26.00 17.76 -54.34
N MET C 55 26.01 18.15 -55.60
CA MET C 55 27.02 19.05 -56.13
C MET C 55 26.32 20.10 -56.98
N ASP C 56 26.60 21.37 -56.72
CA ASP C 56 26.12 22.44 -57.56
C ASP C 56 27.01 22.56 -58.78
N SER C 57 26.45 23.12 -59.86
CA SER C 57 27.20 23.33 -61.08
C SER C 57 28.29 24.38 -60.85
N PRO C 58 29.45 24.24 -61.52
CA PRO C 58 30.57 25.16 -61.28
C PRO C 58 30.27 26.55 -61.81
N ALA C 59 30.36 27.54 -60.93
CA ALA C 59 30.22 28.93 -61.34
C ALA C 59 31.52 29.39 -61.99
N ILE C 60 31.45 29.77 -63.27
CA ILE C 60 32.61 30.17 -64.04
C ILE C 60 32.45 31.61 -64.46
N LYS C 61 33.45 32.45 -64.15
CA LYS C 61 33.51 33.81 -64.64
C LYS C 61 34.80 34.00 -65.40
N CYS C 62 34.73 34.63 -66.57
CA CYS C 62 35.87 34.84 -67.44
C CYS C 62 36.50 36.20 -67.15
N CYS C 63 37.81 36.19 -66.84
CA CYS C 63 38.55 37.38 -66.37
C CYS C 63 37.85 38.09 -65.22
N GLY C 64 37.54 37.34 -64.19
CA GLY C 64 36.87 37.87 -63.01
C GLY C 64 37.36 37.21 -61.76
N SER C 65 36.54 37.27 -60.73
CA SER C 65 36.82 36.63 -59.45
C SER C 65 35.51 36.43 -58.72
N GLN C 66 35.22 35.18 -58.39
CA GLN C 66 34.02 34.80 -57.67
C GLN C 66 34.27 34.92 -56.17
N GLU C 67 33.24 34.59 -55.39
CA GLU C 67 33.33 34.56 -53.94
C GLU C 67 32.53 33.37 -53.44
N CYS C 68 32.73 33.04 -52.17
CA CYS C 68 32.08 31.90 -51.53
C CYS C 68 30.87 32.40 -50.74
N THR C 69 29.67 32.09 -51.21
CA THR C 69 28.45 32.42 -50.50
C THR C 69 27.85 31.17 -49.91
N PRO C 70 27.92 30.97 -48.59
CA PRO C 70 27.46 29.71 -48.01
C PRO C 70 25.94 29.62 -47.91
N THR C 71 25.48 28.39 -47.68
CA THR C 71 24.07 28.05 -47.66
C THR C 71 23.69 27.29 -46.39
N TYR C 72 24.69 26.86 -45.60
CA TYR C 72 24.51 26.09 -44.35
C TYR C 72 23.76 24.78 -44.61
N ARG C 73 24.05 24.17 -45.75
CA ARG C 73 23.68 22.81 -46.03
C ARG C 73 24.57 21.87 -45.19
N PRO C 74 24.17 20.60 -45.00
CA PRO C 74 24.97 19.71 -44.16
C PRO C 74 26.31 19.37 -44.79
N ASP C 75 27.38 19.64 -44.05
CA ASP C 75 28.78 19.40 -44.45
C ASP C 75 29.11 20.14 -45.74
N GLU C 76 28.61 21.37 -45.86
CA GLU C 76 28.64 22.12 -47.11
C GLU C 76 30.03 22.71 -47.31
N GLN C 77 30.84 22.04 -48.11
CA GLN C 77 32.17 22.53 -48.47
C GLN C 77 32.06 23.47 -49.67
N CYS C 78 32.92 24.48 -49.70
CA CYS C 78 32.99 25.40 -50.82
C CYS C 78 34.42 25.87 -50.98
N LYS C 79 34.86 26.02 -52.23
CA LYS C 79 36.22 26.46 -52.50
C LYS C 79 36.26 27.12 -53.87
N VAL C 80 37.11 28.13 -54.00
CA VAL C 80 37.22 28.92 -55.21
C VAL C 80 38.58 28.65 -55.87
N PHE C 81 38.55 28.24 -57.12
CA PHE C 81 39.74 27.80 -57.84
C PHE C 81 40.10 28.80 -58.92
N THR C 82 41.36 29.21 -58.96
CA THR C 82 41.82 30.18 -59.93
C THR C 82 42.88 29.57 -60.84
N GLY C 83 42.90 30.04 -62.08
CA GLY C 83 43.79 29.50 -63.09
C GLY C 83 43.17 28.35 -63.87
N VAL C 84 41.98 28.59 -64.40
CA VAL C 84 41.13 27.55 -64.98
C VAL C 84 40.81 27.92 -66.42
N TYR C 85 41.01 26.99 -67.34
CA TYR C 85 40.68 27.20 -68.75
C TYR C 85 39.72 26.09 -69.18
N PRO C 86 38.44 26.23 -68.91
CA PRO C 86 37.49 25.13 -69.15
C PRO C 86 37.10 25.00 -70.61
N PHE C 87 36.63 23.80 -70.94
CA PHE C 87 36.14 23.46 -72.27
C PHE C 87 34.69 23.01 -72.19
N MET C 88 33.91 23.39 -73.19
CA MET C 88 32.60 22.82 -73.43
C MET C 88 32.71 21.90 -74.63
N TRP C 89 31.58 21.36 -75.07
CA TRP C 89 31.60 20.57 -76.29
C TRP C 89 31.81 21.44 -77.53
N GLY C 90 31.36 22.68 -77.47
CA GLY C 90 31.48 23.57 -78.60
C GLY C 90 32.66 24.51 -78.50
N GLY C 91 33.79 24.02 -78.03
CA GLY C 91 35.00 24.82 -77.97
C GLY C 91 35.30 25.26 -76.56
N ALA C 92 36.30 26.14 -76.46
CA ALA C 92 36.70 26.68 -75.18
C ALA C 92 35.63 27.62 -74.63
N TYR C 93 35.68 27.87 -73.33
CA TYR C 93 34.63 28.62 -72.67
C TYR C 93 35.00 30.08 -72.46
N CYS C 94 36.23 30.36 -72.05
CA CYS C 94 36.71 31.73 -71.94
C CYS C 94 37.67 32.03 -73.08
N PHE C 95 38.03 33.31 -73.20
CA PHE C 95 39.15 33.70 -74.04
C PHE C 95 40.38 34.06 -73.23
N CYS C 96 40.21 34.38 -71.95
CA CYS C 96 41.31 34.73 -71.07
C CYS C 96 42.14 33.49 -70.75
N ASP C 97 43.46 33.63 -70.77
CA ASP C 97 44.32 32.52 -70.39
C ASP C 97 44.29 32.30 -68.89
N THR C 98 44.64 33.31 -68.12
CA THR C 98 44.63 33.25 -66.67
C THR C 98 43.53 34.16 -66.15
N GLU C 99 43.49 34.32 -64.82
CA GLU C 99 42.53 35.13 -64.09
C GLU C 99 41.09 34.69 -64.29
N ASN C 100 40.87 33.43 -64.63
CA ASN C 100 39.53 32.88 -64.64
C ASN C 100 39.29 32.14 -63.33
N THR C 101 38.02 31.84 -63.07
CA THR C 101 37.64 31.43 -61.73
C THR C 101 36.49 30.44 -61.77
N GLN C 102 36.66 29.30 -61.12
CA GLN C 102 35.65 28.25 -61.02
C GLN C 102 35.41 27.92 -59.55
N VAL C 103 34.15 27.85 -59.15
CA VAL C 103 33.75 27.62 -57.77
C VAL C 103 33.10 26.25 -57.65
N SER C 104 33.68 25.40 -56.82
CA SER C 104 33.12 24.10 -56.50
C SER C 104 32.34 24.21 -55.21
N LYS C 105 31.18 23.55 -55.17
CA LYS C 105 30.31 23.61 -54.00
C LYS C 105 29.63 22.25 -53.86
N ALA C 106 29.87 21.58 -52.74
CA ALA C 106 29.31 20.26 -52.51
C ALA C 106 28.69 20.21 -51.13
N TYR C 107 27.71 19.34 -50.97
CA TYR C 107 26.98 19.20 -49.73
C TYR C 107 26.46 17.79 -49.65
N VAL C 108 26.09 17.36 -48.45
CA VAL C 108 25.62 16.01 -48.22
C VAL C 108 24.13 16.05 -47.94
N MET C 109 23.35 15.32 -48.73
CA MET C 109 21.94 15.10 -48.48
C MET C 109 21.69 13.60 -48.48
N LYS C 110 20.59 13.19 -47.87
CA LYS C 110 20.35 11.77 -47.73
C LYS C 110 19.69 11.20 -48.99
N SER C 111 19.80 9.89 -49.15
CA SER C 111 19.53 9.25 -50.42
C SER C 111 18.03 9.19 -50.69
N ASP C 112 17.71 8.90 -51.95
CA ASP C 112 16.32 8.89 -52.39
C ASP C 112 15.56 7.69 -51.85
N ASP C 113 16.28 6.64 -51.48
CA ASP C 113 15.67 5.41 -50.99
C ASP C 113 15.71 5.35 -49.47
N CYS C 114 15.76 6.52 -48.83
CA CYS C 114 15.84 6.62 -47.38
C CYS C 114 14.57 6.12 -46.69
N LEU C 115 13.43 6.18 -47.38
CA LEU C 115 12.17 5.85 -46.75
C LEU C 115 12.06 4.35 -46.49
N ALA C 116 12.31 3.53 -47.52
CA ALA C 116 12.15 2.09 -47.36
C ALA C 116 13.42 1.39 -46.89
N ASP C 117 14.56 2.08 -46.85
CA ASP C 117 15.83 1.47 -46.49
C ASP C 117 16.53 2.36 -45.47
N HIS C 118 16.18 2.20 -44.19
CA HIS C 118 16.81 3.00 -43.15
C HIS C 118 16.86 2.18 -41.88
N ALA C 119 17.69 2.60 -40.94
CA ALA C 119 17.88 1.88 -39.70
C ALA C 119 17.57 2.79 -38.52
N GLU C 120 16.74 2.30 -37.62
CA GLU C 120 16.23 3.06 -36.50
C GLU C 120 17.08 2.79 -35.27
N ALA C 121 17.65 3.85 -34.71
CA ALA C 121 18.44 3.75 -33.49
C ALA C 121 17.55 4.11 -32.31
N TYR C 122 17.44 3.19 -31.35
CA TYR C 122 16.52 3.33 -30.25
C TYR C 122 17.26 3.29 -28.91
N LYS C 123 16.51 3.53 -27.85
CA LYS C 123 16.95 3.24 -26.50
C LYS C 123 15.83 2.52 -25.75
N ALA C 124 16.19 1.45 -25.05
CA ALA C 124 15.22 0.61 -24.37
C ALA C 124 15.59 0.46 -22.91
N HIS C 125 14.57 0.39 -22.07
CA HIS C 125 14.71 0.26 -20.63
C HIS C 125 13.36 -0.14 -20.08
N THR C 126 13.36 -0.88 -18.96
CA THR C 126 12.19 -1.13 -18.10
C THR C 126 11.07 -1.80 -18.89
N ALA C 127 11.31 -3.07 -19.22
CA ALA C 127 10.39 -3.80 -20.07
C ALA C 127 9.10 -4.15 -19.33
N SER C 128 8.19 -4.76 -20.08
CA SER C 128 6.82 -5.01 -19.62
C SER C 128 6.37 -6.35 -20.14
N VAL C 129 6.06 -7.27 -19.23
CA VAL C 129 5.78 -8.64 -19.59
C VAL C 129 4.27 -8.81 -19.67
N GLN C 130 3.83 -9.65 -20.61
CA GLN C 130 2.43 -9.71 -21.01
C GLN C 130 2.17 -11.04 -21.66
N ALA C 131 1.30 -11.85 -21.08
CA ALA C 131 1.12 -13.21 -21.53
C ALA C 131 -0.29 -13.44 -22.06
N PHE C 132 -0.45 -14.48 -22.87
CA PHE C 132 -1.75 -14.89 -23.39
C PHE C 132 -2.10 -16.20 -22.70
N LEU C 133 -2.68 -16.10 -21.51
CA LEU C 133 -3.04 -17.29 -20.76
C LEU C 133 -4.34 -17.90 -21.26
N ASN C 134 -4.56 -19.14 -20.84
CA ASN C 134 -5.76 -19.90 -21.16
C ASN C 134 -6.15 -20.64 -19.89
N ILE C 135 -6.97 -20.00 -19.06
CA ILE C 135 -7.24 -20.42 -17.69
C ILE C 135 -8.53 -21.21 -17.67
N THR C 136 -8.57 -22.28 -16.87
CA THR C 136 -9.79 -23.05 -16.63
C THR C 136 -9.91 -23.29 -15.14
N VAL C 137 -10.93 -22.71 -14.52
CA VAL C 137 -11.19 -22.87 -13.09
C VAL C 137 -12.59 -23.42 -12.93
N GLY C 138 -12.69 -24.71 -12.61
CA GLY C 138 -13.96 -25.38 -12.43
C GLY C 138 -14.79 -25.48 -13.69
N GLU C 139 -14.23 -26.11 -14.72
CA GLU C 139 -14.71 -26.22 -16.11
C GLU C 139 -15.35 -24.95 -16.66
N HIS C 140 -14.73 -23.80 -16.38
CA HIS C 140 -15.14 -22.52 -16.94
C HIS C 140 -13.89 -21.84 -17.49
N SER C 141 -13.72 -21.90 -18.80
CA SER C 141 -12.47 -21.54 -19.45
C SER C 141 -12.57 -20.15 -20.07
N ILE C 142 -11.51 -19.37 -19.94
CA ILE C 142 -11.35 -18.13 -20.67
C ILE C 142 -10.01 -18.13 -21.38
N VAL C 143 -9.90 -17.26 -22.38
CA VAL C 143 -8.66 -16.98 -23.08
C VAL C 143 -8.49 -15.47 -23.04
N THR C 144 -7.58 -14.99 -22.21
CA THR C 144 -7.46 -13.56 -21.98
C THR C 144 -5.98 -13.19 -21.94
N THR C 145 -5.65 -12.07 -22.56
CA THR C 145 -4.34 -11.45 -22.38
C THR C 145 -4.23 -10.92 -20.96
N VAL C 146 -3.46 -11.60 -20.13
CA VAL C 146 -3.21 -11.11 -18.78
C VAL C 146 -1.92 -10.30 -18.83
N TYR C 147 -1.83 -9.29 -17.97
CA TYR C 147 -0.59 -8.55 -17.77
C TYR C 147 0.01 -9.06 -16.47
N VAL C 148 1.33 -9.23 -16.45
CA VAL C 148 1.93 -9.91 -15.32
C VAL C 148 2.80 -8.98 -14.51
N ASN C 149 2.33 -7.74 -14.35
CA ASN C 149 2.68 -6.94 -13.17
C ASN C 149 1.96 -7.51 -11.94
N GLY C 150 2.24 -6.95 -10.76
CA GLY C 150 1.63 -7.51 -9.55
C GLY C 150 0.17 -7.16 -9.33
N GLU C 151 -0.51 -6.63 -10.33
CA GLU C 151 -1.88 -6.13 -10.26
C GLU C 151 -2.50 -6.37 -11.63
N THR C 152 -3.52 -5.58 -11.99
CA THR C 152 -4.26 -5.62 -13.25
C THR C 152 -4.92 -6.99 -13.39
N PRO C 153 -6.02 -7.23 -12.68
CA PRO C 153 -6.57 -8.57 -12.60
C PRO C 153 -7.37 -8.95 -13.83
N VAL C 154 -7.46 -10.25 -14.05
CA VAL C 154 -8.42 -10.81 -14.99
C VAL C 154 -9.61 -11.33 -14.20
N ASN C 155 -10.80 -10.93 -14.62
CA ASN C 155 -12.03 -11.26 -13.92
C ASN C 155 -12.87 -12.17 -14.81
N PHE C 156 -13.28 -13.31 -14.27
CA PHE C 156 -14.25 -14.14 -14.97
C PHE C 156 -15.06 -14.92 -13.95
N ASN C 157 -16.40 -14.84 -14.08
CA ASN C 157 -17.36 -15.57 -13.25
C ASN C 157 -17.16 -15.32 -11.75
N GLY C 158 -16.79 -14.09 -11.41
CA GLY C 158 -16.54 -13.72 -10.04
C GLY C 158 -15.18 -14.08 -9.50
N VAL C 159 -14.36 -14.76 -10.27
CA VAL C 159 -13.03 -15.20 -9.84
C VAL C 159 -12.02 -14.14 -10.26
N LYS C 160 -11.18 -13.72 -9.32
CA LYS C 160 -10.20 -12.67 -9.56
C LYS C 160 -8.81 -13.29 -9.54
N ILE C 161 -8.09 -13.18 -10.66
CA ILE C 161 -6.75 -13.75 -10.81
C ILE C 161 -5.76 -12.63 -11.09
N THR C 162 -4.73 -12.53 -10.24
CA THR C 162 -3.67 -11.55 -10.38
C THR C 162 -2.35 -12.30 -10.52
N ALA C 163 -1.81 -12.34 -11.74
CA ALA C 163 -0.56 -13.04 -11.99
C ALA C 163 0.59 -12.08 -11.74
N GLY C 164 1.35 -12.32 -10.66
CA GLY C 164 2.29 -11.36 -10.15
C GLY C 164 3.54 -11.26 -11.02
N PRO C 165 4.49 -10.46 -10.55
CA PRO C 165 5.64 -10.11 -11.41
C PRO C 165 6.62 -11.25 -11.54
N LEU C 166 7.42 -11.17 -12.60
CA LEU C 166 8.42 -12.20 -12.86
C LEU C 166 9.51 -12.18 -11.80
N SER C 167 10.06 -13.35 -11.53
CA SER C 167 11.10 -13.50 -10.53
C SER C 167 12.45 -12.98 -10.99
N THR C 168 12.56 -12.51 -12.22
CA THR C 168 13.82 -12.09 -12.82
C THR C 168 13.57 -10.83 -13.62
N ALA C 169 14.49 -9.87 -13.52
CA ALA C 169 14.42 -8.64 -14.31
C ALA C 169 15.26 -8.72 -15.57
N TRP C 170 15.57 -9.92 -16.04
CA TRP C 170 16.38 -10.10 -17.24
C TRP C 170 15.59 -9.68 -18.48
N THR C 171 16.27 -8.99 -19.40
CA THR C 171 15.79 -8.70 -20.73
C THR C 171 16.88 -9.00 -21.73
N PRO C 172 16.53 -9.45 -22.95
CA PRO C 172 17.55 -9.64 -23.97
C PRO C 172 18.07 -8.35 -24.56
N PHE C 173 17.31 -7.27 -24.48
CA PHE C 173 17.65 -6.03 -25.15
C PHE C 173 18.61 -5.22 -24.30
N ASP C 174 19.54 -4.54 -24.94
CA ASP C 174 20.48 -3.71 -24.20
C ASP C 174 19.93 -2.30 -24.03
N ARG C 175 20.79 -1.39 -23.55
CA ARG C 175 20.39 -0.01 -23.38
C ARG C 175 20.24 0.68 -24.73
N LYS C 176 20.92 0.20 -25.76
CA LYS C 176 20.84 0.77 -27.10
C LYS C 176 20.53 -0.33 -28.11
N ILE C 177 19.73 0.01 -29.10
CA ILE C 177 19.16 -0.93 -30.06
C ILE C 177 19.16 -0.28 -31.43
N VAL C 178 19.59 -1.01 -32.44
CA VAL C 178 19.39 -0.60 -33.82
C VAL C 178 18.42 -1.58 -34.45
N GLN C 179 17.41 -1.06 -35.13
CA GLN C 179 16.49 -1.89 -35.91
C GLN C 179 16.74 -1.66 -37.39
N TYR C 180 17.04 -2.73 -38.11
CA TYR C 180 17.15 -2.65 -39.56
C TYR C 180 16.51 -3.87 -40.17
N ALA C 181 15.53 -3.63 -41.05
CA ALA C 181 14.92 -4.64 -41.93
C ALA C 181 14.28 -5.78 -41.14
N GLY C 182 13.48 -5.42 -40.14
CA GLY C 182 12.79 -6.43 -39.36
C GLY C 182 13.62 -7.16 -38.35
N GLU C 183 14.91 -6.85 -38.23
CA GLU C 183 15.80 -7.50 -37.29
C GLU C 183 16.41 -6.45 -36.39
N ILE C 184 16.83 -6.88 -35.21
CA ILE C 184 17.14 -6.00 -34.09
C ILE C 184 18.52 -6.36 -33.56
N TYR C 185 19.38 -5.36 -33.37
CA TYR C 185 20.78 -5.56 -33.05
C TYR C 185 21.13 -4.80 -31.80
N ASN C 186 21.99 -5.37 -30.96
CA ASN C 186 22.55 -4.65 -29.82
C ASN C 186 23.80 -3.92 -30.27
N TYR C 187 23.64 -2.73 -30.82
CA TYR C 187 24.76 -1.94 -31.30
C TYR C 187 24.87 -0.64 -30.51
N ASP C 188 26.10 -0.28 -30.17
CA ASP C 188 26.40 0.93 -29.41
C ASP C 188 26.58 2.08 -30.40
N PHE C 189 25.47 2.62 -30.84
CA PHE C 189 25.56 3.70 -31.82
C PHE C 189 25.96 5.01 -31.14
N PRO C 190 26.63 5.90 -31.84
CA PRO C 190 26.96 7.20 -31.24
C PRO C 190 25.73 8.09 -31.14
N GLU C 191 25.80 9.05 -30.22
CA GLU C 191 24.70 9.95 -29.94
C GLU C 191 24.48 10.91 -31.11
N TYR C 192 23.39 11.68 -31.01
CA TYR C 192 23.08 12.64 -32.05
C TYR C 192 24.09 13.78 -32.00
N GLY C 193 24.70 14.08 -33.13
CA GLY C 193 25.79 15.02 -33.16
C GLY C 193 27.15 14.42 -32.86
N ALA C 194 27.23 13.14 -32.55
CA ALA C 194 28.51 12.48 -32.32
C ALA C 194 28.85 11.49 -33.42
N GLY C 195 28.24 11.62 -34.59
CA GLY C 195 28.42 10.63 -35.63
C GLY C 195 29.75 10.79 -36.32
N GLN C 196 30.43 9.69 -36.52
CA GLN C 196 31.79 9.70 -37.03
C GLN C 196 31.83 9.31 -38.50
N PRO C 197 32.79 9.84 -39.27
CA PRO C 197 32.89 9.48 -40.68
C PRO C 197 33.34 8.04 -40.88
N GLY C 198 32.67 7.36 -41.80
CA GLY C 198 33.02 6.01 -42.16
C GLY C 198 32.36 4.92 -41.35
N ALA C 199 31.53 5.26 -40.37
CA ALA C 199 30.90 4.26 -39.52
C ALA C 199 29.44 4.60 -39.36
N PHE C 200 28.76 3.84 -38.50
CA PHE C 200 27.32 3.89 -38.40
C PHE C 200 26.86 5.19 -37.76
N GLY C 201 26.06 5.94 -38.49
CA GLY C 201 25.57 7.21 -38.02
C GLY C 201 26.35 8.41 -38.49
N ASP C 202 27.05 8.32 -39.63
CA ASP C 202 27.67 9.51 -40.17
C ASP C 202 26.63 10.47 -40.71
N ILE C 203 25.51 9.95 -41.17
CA ILE C 203 24.26 10.70 -41.34
C ILE C 203 23.44 10.47 -40.09
N GLN C 204 22.89 11.53 -39.51
CA GLN C 204 21.96 11.41 -38.40
C GLN C 204 20.79 12.34 -38.67
N SER C 205 19.73 11.79 -39.24
CA SER C 205 18.46 12.48 -39.35
C SER C 205 17.62 12.13 -38.14
N ARG C 206 17.00 13.14 -37.54
CA ARG C 206 16.27 12.96 -36.29
C ARG C 206 15.05 12.08 -36.48
N THR C 207 14.26 12.33 -37.51
CA THR C 207 13.24 11.39 -37.94
C THR C 207 13.37 11.16 -39.44
N VAL C 208 12.42 10.44 -40.01
CA VAL C 208 12.51 10.10 -41.43
C VAL C 208 12.21 11.34 -42.28
N SER C 209 11.34 12.21 -41.79
CA SER C 209 10.97 13.45 -42.45
C SER C 209 11.33 14.65 -41.60
N SER C 210 12.54 14.64 -41.03
CA SER C 210 12.96 15.71 -40.13
C SER C 210 13.35 16.97 -40.87
N SER C 211 13.92 16.84 -42.08
CA SER C 211 14.45 17.93 -42.90
C SER C 211 15.51 18.76 -42.17
N ASP C 212 16.25 18.12 -41.25
CA ASP C 212 17.42 18.73 -40.65
C ASP C 212 18.31 17.58 -40.17
N LEU C 213 19.33 17.25 -40.95
CA LEU C 213 20.18 16.09 -40.69
C LEU C 213 21.58 16.54 -40.33
N TYR C 214 22.16 15.87 -39.34
CA TYR C 214 23.58 16.02 -39.04
C TYR C 214 24.39 15.10 -39.94
N ALA C 215 25.47 15.63 -40.48
CA ALA C 215 26.31 14.88 -41.41
C ALA C 215 27.76 15.20 -41.16
N ASN C 216 28.57 14.17 -40.93
CA ASN C 216 30.03 14.30 -40.78
C ASN C 216 30.61 13.19 -41.63
N THR C 217 30.88 13.48 -42.92
CA THR C 217 31.26 12.45 -43.87
C THR C 217 32.64 12.66 -44.46
N ASN C 218 33.46 13.52 -43.84
CA ASN C 218 34.87 13.75 -44.22
C ASN C 218 34.99 14.24 -45.66
N LEU C 219 34.08 15.12 -46.07
CA LEU C 219 34.08 15.61 -47.44
C LEU C 219 35.14 16.67 -47.63
N VAL C 220 35.93 16.55 -48.69
CA VAL C 220 37.01 17.48 -49.02
C VAL C 220 36.96 17.74 -50.52
N LEU C 221 36.83 19.01 -50.92
CA LEU C 221 36.82 19.34 -52.33
C LEU C 221 38.22 19.34 -52.91
N GLN C 222 38.33 18.96 -54.17
CA GLN C 222 39.60 18.82 -54.86
C GLN C 222 39.64 19.70 -56.08
N ARG C 223 40.85 19.93 -56.58
CA ARG C 223 41.03 20.84 -57.69
C ARG C 223 40.63 20.16 -58.99
N PRO C 224 39.89 20.83 -59.87
CA PRO C 224 39.45 20.18 -61.11
C PRO C 224 40.60 20.00 -62.08
N LYS C 225 40.42 19.03 -62.98
CA LYS C 225 41.41 18.72 -63.99
C LYS C 225 41.45 19.84 -65.02
N ALA C 226 42.65 20.15 -65.51
CA ALA C 226 42.87 21.30 -66.38
C ALA C 226 42.15 21.11 -67.71
N GLY C 227 41.07 21.85 -67.91
CA GLY C 227 40.29 21.76 -69.12
C GLY C 227 39.00 20.99 -68.99
N ALA C 228 38.37 20.98 -67.82
CA ALA C 228 37.19 20.17 -67.64
C ALA C 228 36.27 20.82 -66.62
N ILE C 229 34.97 20.69 -66.83
CA ILE C 229 33.96 21.27 -65.97
C ILE C 229 33.39 20.12 -65.13
N HIS C 230 33.92 19.96 -63.92
CA HIS C 230 33.39 18.99 -62.97
C HIS C 230 33.73 19.45 -61.57
N VAL C 231 33.12 18.80 -60.59
CA VAL C 231 33.35 19.09 -59.17
C VAL C 231 33.95 17.85 -58.53
N PRO C 232 35.25 17.79 -58.35
CA PRO C 232 35.87 16.61 -57.77
C PRO C 232 36.00 16.66 -56.25
N TYR C 233 35.52 15.61 -55.59
CA TYR C 233 35.52 15.53 -54.14
C TYR C 233 36.14 14.21 -53.70
N THR C 234 36.37 14.10 -52.40
CA THR C 234 36.97 12.89 -51.82
C THR C 234 36.43 12.75 -50.40
N GLN C 235 35.64 11.71 -50.15
CA GLN C 235 35.04 11.54 -48.84
C GLN C 235 35.08 10.08 -48.44
N ALA C 236 34.94 9.86 -47.14
CA ALA C 236 34.90 8.51 -46.61
C ALA C 236 33.63 7.82 -47.06
N PRO C 237 33.69 6.50 -47.30
CA PRO C 237 32.51 5.79 -47.82
C PRO C 237 31.34 5.72 -46.86
N SER C 238 30.22 5.16 -47.32
CA SER C 238 29.00 5.12 -46.53
C SER C 238 29.19 4.24 -45.31
N GLY C 239 29.14 4.85 -44.13
CA GLY C 239 29.21 4.09 -42.90
C GLY C 239 28.04 3.17 -42.69
N PHE C 240 26.90 3.46 -43.32
CA PHE C 240 25.76 2.56 -43.24
C PHE C 240 26.01 1.31 -44.05
N GLU C 241 26.64 1.45 -45.21
CA GLU C 241 27.03 0.29 -45.99
C GLU C 241 28.12 -0.52 -45.30
N GLN C 242 29.06 0.17 -44.66
CA GLN C 242 30.12 -0.54 -43.95
C GLN C 242 29.57 -1.23 -42.71
N TRP C 243 28.57 -0.64 -42.06
CA TRP C 243 27.85 -1.33 -40.99
C TRP C 243 27.13 -2.57 -41.54
N LYS C 244 26.60 -2.48 -42.76
CA LYS C 244 25.89 -3.62 -43.30
C LYS C 244 26.83 -4.74 -43.74
N LYS C 245 28.06 -4.39 -44.12
CA LYS C 245 29.03 -5.42 -44.49
C LYS C 245 29.49 -6.19 -43.26
N ASP C 246 29.62 -5.53 -42.12
CA ASP C 246 30.13 -6.24 -40.96
C ASP C 246 29.01 -7.02 -40.27
N LYS C 247 28.11 -6.33 -39.56
CA LYS C 247 26.85 -6.84 -39.02
C LYS C 247 26.95 -8.22 -38.35
N ALA C 248 27.55 -8.23 -37.16
CA ALA C 248 27.44 -9.36 -36.25
C ALA C 248 25.98 -9.75 -36.11
N PRO C 249 25.65 -11.05 -36.14
CA PRO C 249 24.28 -11.49 -36.44
C PRO C 249 23.23 -11.01 -35.46
N SER C 250 21.97 -11.10 -35.89
CA SER C 250 20.85 -10.46 -35.24
C SER C 250 20.62 -11.01 -33.85
N LEU C 251 19.74 -10.36 -33.11
CA LEU C 251 19.38 -10.88 -31.80
C LEU C 251 18.40 -12.04 -31.93
N LYS C 252 17.87 -12.26 -33.13
CA LYS C 252 17.00 -13.39 -33.42
C LYS C 252 17.75 -14.71 -33.33
N PHE C 253 19.06 -14.69 -33.58
CA PHE C 253 19.88 -15.90 -33.60
C PHE C 253 20.83 -16.01 -32.41
N THR C 254 21.02 -14.94 -31.64
CA THR C 254 22.04 -14.91 -30.61
C THR C 254 21.48 -14.75 -29.20
N ALA C 255 20.16 -14.73 -29.04
CA ALA C 255 19.61 -14.33 -27.74
C ALA C 255 19.67 -15.50 -26.77
N PRO C 256 20.03 -15.24 -25.51
CA PRO C 256 19.99 -16.30 -24.51
C PRO C 256 18.56 -16.70 -24.16
N PHE C 257 18.44 -17.91 -23.60
CA PHE C 257 17.22 -18.59 -23.19
C PHE C 257 16.28 -18.92 -24.35
N GLY C 258 16.73 -18.77 -25.58
CA GLY C 258 15.88 -19.10 -26.71
C GLY C 258 14.75 -18.14 -26.94
N CYS C 259 15.05 -16.84 -27.04
CA CYS C 259 14.01 -15.87 -27.27
C CYS C 259 13.74 -15.75 -28.76
N GLU C 260 12.62 -15.11 -29.09
CA GLU C 260 12.18 -14.98 -30.47
C GLU C 260 11.85 -13.52 -30.73
N ILE C 261 12.86 -12.77 -31.17
CA ILE C 261 12.77 -11.34 -31.34
C ILE C 261 11.88 -11.02 -32.54
N TYR C 262 10.95 -10.10 -32.36
CA TYR C 262 10.09 -9.64 -33.45
C TYR C 262 10.13 -8.13 -33.57
N THR C 263 9.40 -7.62 -34.56
CA THR C 263 9.69 -6.29 -35.08
C THR C 263 8.70 -5.16 -34.78
N ASN C 264 7.40 -5.31 -35.11
CA ASN C 264 6.57 -4.12 -35.28
C ASN C 264 6.18 -3.48 -33.96
N PRO C 265 5.80 -4.23 -32.92
CA PRO C 265 6.32 -3.87 -31.59
C PRO C 265 7.62 -4.61 -31.34
N ILE C 266 8.67 -3.89 -30.95
CA ILE C 266 9.91 -4.54 -30.54
C ILE C 266 9.64 -5.33 -29.29
N ARG C 267 9.76 -6.66 -29.39
CA ARG C 267 9.36 -7.55 -28.33
C ARG C 267 10.15 -8.85 -28.46
N ALA C 268 10.28 -9.56 -27.35
CA ALA C 268 10.82 -10.90 -27.34
C ALA C 268 9.72 -11.87 -26.98
N GLU C 269 9.88 -13.12 -27.39
CA GLU C 269 8.86 -14.13 -27.19
C GLU C 269 9.47 -15.33 -26.49
N ASN C 270 8.75 -15.87 -25.52
CA ASN C 270 8.87 -17.25 -25.08
C ASN C 270 10.23 -17.52 -24.45
N CYS C 271 10.81 -16.49 -23.86
CA CYS C 271 12.07 -16.62 -23.14
C CYS C 271 11.86 -17.46 -21.90
N ALA C 272 12.40 -18.67 -21.90
CA ALA C 272 12.16 -19.62 -20.83
C ALA C 272 13.04 -19.27 -19.65
N VAL C 273 12.61 -18.29 -18.86
CA VAL C 273 13.38 -17.83 -17.72
C VAL C 273 12.40 -17.24 -16.71
N GLY C 274 12.68 -17.46 -15.43
CA GLY C 274 11.84 -16.94 -14.38
C GLY C 274 10.64 -17.82 -14.14
N SER C 275 9.74 -17.31 -13.28
CA SER C 275 8.51 -18.02 -12.99
C SER C 275 7.45 -16.99 -12.61
N ILE C 276 6.21 -17.27 -12.99
CA ILE C 276 5.08 -16.38 -12.73
C ILE C 276 4.38 -16.86 -11.47
N PRO C 277 4.29 -16.03 -10.43
CA PRO C 277 3.39 -16.34 -9.31
C PRO C 277 1.96 -15.91 -9.63
N LEU C 278 1.03 -16.49 -8.88
CA LEU C 278 -0.38 -16.35 -9.17
C LEU C 278 -1.13 -16.11 -7.87
N ALA C 279 -2.19 -15.30 -7.93
CA ALA C 279 -3.09 -15.10 -6.81
C ALA C 279 -4.51 -15.40 -7.28
N PHE C 280 -5.20 -16.27 -6.57
CA PHE C 280 -6.57 -16.63 -6.88
C PHE C 280 -7.46 -16.15 -5.74
N ASP C 281 -8.31 -15.18 -6.02
CA ASP C 281 -9.35 -14.76 -5.09
C ASP C 281 -10.63 -15.43 -5.57
N ILE C 282 -10.94 -16.57 -4.97
CA ILE C 282 -12.04 -17.43 -5.40
C ILE C 282 -13.23 -17.15 -4.51
N PRO C 283 -14.42 -16.89 -5.05
CA PRO C 283 -15.60 -16.73 -4.22
C PRO C 283 -16.03 -18.07 -3.64
N ASP C 284 -16.83 -17.99 -2.57
CA ASP C 284 -17.23 -19.20 -1.85
C ASP C 284 -18.31 -20.00 -2.56
N ALA C 285 -18.87 -19.48 -3.65
CA ALA C 285 -19.96 -20.17 -4.32
C ALA C 285 -19.48 -21.37 -5.12
N LEU C 286 -18.22 -21.34 -5.59
CA LEU C 286 -17.71 -22.41 -6.42
C LEU C 286 -17.38 -23.67 -5.65
N PHE C 287 -17.25 -23.59 -4.32
CA PHE C 287 -16.88 -24.76 -3.54
C PHE C 287 -18.10 -25.65 -3.34
N THR C 288 -18.23 -26.62 -4.24
CA THR C 288 -19.26 -27.65 -4.14
C THR C 288 -19.00 -28.53 -2.91
N ARG C 289 -20.07 -29.04 -2.31
CA ARG C 289 -19.95 -29.91 -1.15
C ARG C 289 -19.41 -31.28 -1.55
N VAL C 290 -19.12 -32.11 -0.54
CA VAL C 290 -18.50 -33.41 -0.78
C VAL C 290 -19.48 -34.37 -1.43
N SER C 291 -20.68 -34.50 -0.87
CA SER C 291 -21.61 -35.54 -1.31
C SER C 291 -22.28 -35.23 -2.64
N GLU C 292 -22.00 -34.09 -3.25
CA GLU C 292 -22.45 -33.82 -4.62
C GLU C 292 -21.42 -34.21 -5.66
N THR C 293 -20.35 -34.90 -5.26
CA THR C 293 -19.32 -35.44 -6.13
C THR C 293 -19.09 -36.90 -5.75
N PRO C 294 -18.60 -37.72 -6.68
CA PRO C 294 -18.29 -39.11 -6.34
C PRO C 294 -17.12 -39.21 -5.37
N THR C 295 -17.07 -40.34 -4.68
CA THR C 295 -16.07 -40.57 -3.63
C THR C 295 -15.77 -42.06 -3.57
N LEU C 296 -14.50 -42.42 -3.76
CA LEU C 296 -14.16 -43.82 -3.94
C LEU C 296 -14.13 -44.55 -2.60
N SER C 297 -14.24 -45.87 -2.69
CA SER C 297 -13.96 -46.78 -1.60
C SER C 297 -13.30 -48.02 -2.17
N ALA C 298 -12.22 -48.46 -1.53
CA ALA C 298 -11.41 -49.62 -1.92
C ALA C 298 -10.86 -49.45 -3.34
N ALA C 299 -9.96 -48.48 -3.47
CA ALA C 299 -9.23 -48.23 -4.71
C ALA C 299 -7.82 -48.79 -4.63
N GLU C 300 -7.22 -49.04 -5.80
CA GLU C 300 -5.87 -49.61 -5.85
C GLU C 300 -5.22 -49.23 -7.18
N CYS C 301 -3.93 -48.87 -7.13
CA CYS C 301 -3.20 -48.35 -8.28
C CYS C 301 -2.09 -49.30 -8.70
N THR C 302 -2.02 -49.59 -10.00
CA THR C 302 -0.94 -50.38 -10.60
C THR C 302 -0.36 -49.64 -11.79
N LEU C 303 0.91 -49.93 -12.09
CA LEU C 303 1.63 -49.27 -13.19
C LEU C 303 1.75 -50.24 -14.36
N ASN C 304 1.17 -49.86 -15.50
CA ASN C 304 1.31 -50.66 -16.70
C ASN C 304 2.63 -50.37 -17.40
N GLU C 305 2.79 -49.15 -17.89
CA GLU C 305 3.99 -48.72 -18.57
C GLU C 305 4.71 -47.70 -17.70
N CYS C 306 6.03 -47.69 -17.79
CA CYS C 306 6.82 -46.78 -16.98
C CYS C 306 8.13 -46.58 -17.74
N VAL C 307 8.23 -45.47 -18.44
CA VAL C 307 9.45 -45.05 -19.13
C VAL C 307 9.72 -43.62 -18.70
N TYR C 308 10.92 -43.34 -18.20
CA TYR C 308 11.23 -41.98 -17.78
C TYR C 308 11.73 -41.13 -18.95
N SER C 309 10.87 -41.05 -19.97
CA SER C 309 11.13 -40.26 -21.16
C SER C 309 10.80 -38.80 -20.86
N SER C 310 10.74 -37.97 -21.91
CA SER C 310 10.51 -36.56 -21.68
C SER C 310 9.02 -36.23 -21.59
N ASP C 311 8.20 -36.87 -22.41
CA ASP C 311 6.77 -36.68 -22.38
C ASP C 311 6.09 -37.75 -21.53
N PHE C 312 4.78 -37.90 -21.69
CA PHE C 312 3.95 -38.75 -20.83
C PHE C 312 4.18 -40.21 -21.18
N GLY C 313 5.26 -40.76 -20.62
CA GLY C 313 5.66 -42.12 -20.93
C GLY C 313 5.39 -43.10 -19.81
N GLY C 314 4.44 -42.78 -18.96
CA GLY C 314 4.02 -43.68 -17.89
C GLY C 314 2.51 -43.80 -17.88
N ILE C 315 2.02 -45.00 -17.61
CA ILE C 315 0.58 -45.26 -17.49
C ILE C 315 0.32 -45.94 -16.17
N ALA C 316 -0.43 -45.28 -15.30
CA ALA C 316 -0.92 -45.91 -14.08
C ALA C 316 -2.39 -46.28 -14.26
N THR C 317 -2.78 -47.36 -13.60
CA THR C 317 -4.13 -47.89 -13.73
C THR C 317 -4.75 -48.05 -12.35
N VAL C 318 -5.92 -47.46 -12.17
CA VAL C 318 -6.61 -47.43 -10.89
C VAL C 318 -7.91 -48.18 -11.00
N LYS C 319 -8.02 -49.29 -10.27
CA LYS C 319 -9.28 -49.98 -10.13
C LYS C 319 -9.98 -49.45 -8.88
N TYR C 320 -11.23 -49.05 -9.02
CA TYR C 320 -11.91 -48.28 -7.99
C TYR C 320 -13.32 -48.81 -7.79
N SER C 321 -13.99 -48.26 -6.77
CA SER C 321 -15.40 -48.52 -6.51
C SER C 321 -16.00 -47.30 -5.83
N ALA C 322 -17.06 -46.75 -6.41
CA ALA C 322 -17.70 -45.57 -5.86
C ALA C 322 -19.16 -45.55 -6.27
N SER C 323 -20.02 -45.06 -5.39
CA SER C 323 -21.46 -45.10 -5.64
C SER C 323 -21.98 -43.82 -6.28
N LYS C 324 -21.31 -43.36 -7.34
CA LYS C 324 -21.80 -42.40 -8.31
C LYS C 324 -20.98 -42.54 -9.58
N SER C 325 -21.46 -41.89 -10.64
CA SER C 325 -20.82 -41.94 -11.95
C SER C 325 -20.64 -40.50 -12.42
N GLY C 326 -19.51 -39.91 -12.05
CA GLY C 326 -19.21 -38.54 -12.42
C GLY C 326 -17.72 -38.33 -12.54
N LYS C 327 -17.35 -37.11 -12.92
CA LYS C 327 -15.95 -36.78 -13.05
C LYS C 327 -15.40 -36.24 -11.74
N CYS C 328 -14.11 -36.49 -11.50
CA CYS C 328 -13.45 -35.93 -10.34
C CYS C 328 -11.98 -35.69 -10.70
N ALA C 329 -11.36 -34.81 -9.93
CA ALA C 329 -10.01 -34.36 -10.23
C ALA C 329 -8.99 -35.42 -9.83
N VAL C 330 -7.86 -35.43 -10.54
CA VAL C 330 -6.69 -36.20 -10.15
C VAL C 330 -5.50 -35.25 -10.10
N HIS C 331 -4.57 -35.53 -9.19
CA HIS C 331 -3.45 -34.63 -8.94
C HIS C 331 -2.37 -35.40 -8.19
N VAL C 332 -1.12 -35.06 -8.45
CA VAL C 332 0.01 -35.59 -7.70
C VAL C 332 0.59 -34.44 -6.87
N PRO C 333 0.55 -34.52 -5.54
CA PRO C 333 0.94 -33.36 -4.73
C PRO C 333 2.42 -33.03 -4.79
N SER C 334 3.27 -34.04 -4.89
CA SER C 334 4.68 -33.79 -5.09
C SER C 334 4.94 -33.49 -6.57
N GLY C 335 6.19 -33.18 -6.90
CA GLY C 335 6.56 -32.99 -8.29
C GLY C 335 7.14 -34.26 -8.87
N THR C 336 6.82 -35.38 -8.22
CA THR C 336 7.35 -36.68 -8.63
C THR C 336 6.81 -37.10 -9.99
N ALA C 337 5.49 -37.05 -10.18
CA ALA C 337 4.89 -37.32 -11.46
C ALA C 337 4.06 -36.13 -11.90
N THR C 338 4.15 -35.80 -13.19
CA THR C 338 3.32 -34.77 -13.79
C THR C 338 2.23 -35.47 -14.59
N LEU C 339 1.00 -35.34 -14.15
CA LEU C 339 -0.11 -35.99 -14.83
C LEU C 339 -0.45 -35.26 -16.11
N LYS C 340 -1.20 -35.95 -16.98
CA LYS C 340 -1.54 -35.40 -18.28
C LYS C 340 -2.87 -34.67 -18.22
N GLU C 341 -3.92 -35.37 -17.83
CA GLU C 341 -5.25 -34.79 -17.71
C GLU C 341 -5.50 -34.36 -16.27
N ALA C 342 -6.49 -33.48 -16.10
CA ALA C 342 -6.83 -32.97 -14.78
C ALA C 342 -8.04 -33.64 -14.16
N ALA C 343 -8.84 -34.38 -14.95
CA ALA C 343 -10.03 -35.02 -14.43
C ALA C 343 -10.20 -36.39 -15.05
N VAL C 344 -10.87 -37.28 -14.33
CA VAL C 344 -11.20 -38.61 -14.80
C VAL C 344 -12.70 -38.81 -14.65
N GLU C 345 -13.37 -39.16 -15.73
CA GLU C 345 -14.80 -39.45 -15.68
C GLU C 345 -15.01 -40.91 -15.31
N LEU C 346 -15.88 -41.15 -14.33
CA LEU C 346 -15.95 -42.44 -13.65
C LEU C 346 -17.27 -43.15 -13.92
N THR C 347 -17.21 -44.48 -13.96
CA THR C 347 -18.37 -45.34 -13.77
C THR C 347 -18.45 -45.68 -12.28
N GLU C 348 -19.23 -46.69 -11.91
CA GLU C 348 -19.30 -47.09 -10.51
C GLU C 348 -18.36 -48.23 -10.14
N GLN C 349 -17.95 -49.06 -11.10
CA GLN C 349 -17.09 -50.20 -10.82
C GLN C 349 -15.93 -50.35 -11.80
N GLY C 350 -15.72 -49.41 -12.71
CA GLY C 350 -14.75 -49.55 -13.77
C GLY C 350 -13.32 -49.33 -13.32
N SER C 351 -12.47 -48.99 -14.28
CA SER C 351 -11.07 -48.70 -14.03
C SER C 351 -10.68 -47.39 -14.72
N ALA C 352 -9.66 -46.74 -14.17
CA ALA C 352 -9.16 -45.48 -14.67
C ALA C 352 -7.74 -45.66 -15.20
N THR C 353 -7.44 -45.00 -16.31
CA THR C 353 -6.16 -45.16 -17.01
C THR C 353 -5.57 -43.77 -17.22
N ILE C 354 -4.61 -43.39 -16.38
CA ILE C 354 -4.04 -42.07 -16.42
C ILE C 354 -2.64 -42.14 -17.01
N HIS C 355 -2.15 -40.99 -17.46
CA HIS C 355 -0.87 -40.88 -18.14
C HIS C 355 -0.01 -39.87 -17.39
N PHE C 356 1.14 -40.31 -16.90
CA PHE C 356 2.00 -39.42 -16.14
C PHE C 356 3.38 -39.38 -16.77
N SER C 357 4.19 -38.45 -16.27
CA SER C 357 5.54 -38.23 -16.76
C SER C 357 6.46 -38.06 -15.55
N THR C 358 7.64 -38.66 -15.62
CA THR C 358 8.48 -38.70 -14.43
C THR C 358 9.94 -38.87 -14.83
N ALA C 359 10.82 -38.43 -13.94
CA ALA C 359 12.26 -38.58 -14.09
C ALA C 359 12.83 -39.69 -13.23
N ASN C 360 12.01 -40.35 -12.43
CA ASN C 360 12.50 -41.30 -11.45
C ASN C 360 12.76 -42.66 -12.07
N ILE C 361 13.68 -43.40 -11.46
CA ILE C 361 13.91 -44.78 -11.84
C ILE C 361 13.04 -45.73 -11.03
N HIS C 362 12.72 -45.38 -9.78
CA HIS C 362 11.81 -46.15 -8.93
C HIS C 362 10.74 -45.20 -8.44
N PRO C 363 9.70 -44.95 -9.24
CA PRO C 363 8.69 -43.96 -8.87
C PRO C 363 7.79 -44.45 -7.74
N GLU C 364 7.72 -43.66 -6.68
CA GLU C 364 6.79 -43.93 -5.59
C GLU C 364 6.14 -42.59 -5.22
N PHE C 365 4.98 -42.32 -5.79
CA PHE C 365 4.23 -41.13 -5.46
C PHE C 365 2.86 -41.53 -4.94
N ARG C 366 2.20 -40.57 -4.30
CA ARG C 366 0.88 -40.79 -3.71
C ARG C 366 -0.11 -40.02 -4.58
N LEU C 367 -0.84 -40.75 -5.43
CA LEU C 367 -1.83 -40.14 -6.28
C LEU C 367 -3.02 -39.68 -5.48
N GLN C 368 -3.42 -38.43 -5.67
CA GLN C 368 -4.70 -37.95 -5.16
C GLN C 368 -5.76 -38.10 -6.25
N ILE C 369 -6.76 -38.92 -5.97
CA ILE C 369 -7.95 -39.07 -6.79
C ILE C 369 -9.04 -38.59 -5.87
N CYS C 370 -10.31 -38.64 -6.30
CA CYS C 370 -11.39 -37.67 -6.07
C CYS C 370 -11.33 -36.94 -4.74
N THR C 371 -11.28 -37.67 -3.62
CA THR C 371 -10.92 -37.10 -2.34
C THR C 371 -9.95 -37.98 -1.56
N SER C 372 -9.39 -39.02 -2.16
CA SER C 372 -8.61 -40.01 -1.42
C SER C 372 -7.16 -40.03 -1.93
N TYR C 373 -6.39 -40.99 -1.42
CA TYR C 373 -4.98 -41.11 -1.76
C TYR C 373 -4.66 -42.58 -1.95
N VAL C 374 -4.28 -42.96 -3.16
CA VAL C 374 -3.70 -44.27 -3.42
C VAL C 374 -2.20 -44.06 -3.63
N THR C 375 -1.45 -45.16 -3.57
CA THR C 375 -0.01 -45.12 -3.76
C THR C 375 0.34 -45.88 -5.03
N CYS C 376 0.86 -45.17 -6.01
CA CYS C 376 1.27 -45.76 -7.28
C CYS C 376 2.77 -45.99 -7.26
N LYS C 377 3.18 -47.25 -7.35
CA LYS C 377 4.56 -47.64 -7.19
C LYS C 377 4.97 -48.58 -8.32
N GLY C 378 6.17 -48.37 -8.86
CA GLY C 378 6.67 -49.25 -9.89
C GLY C 378 8.14 -48.99 -10.18
N ASP C 379 8.55 -49.35 -11.39
CA ASP C 379 9.93 -49.22 -11.83
C ASP C 379 9.93 -48.71 -13.27
N CYS C 380 10.54 -47.54 -13.49
CA CYS C 380 10.66 -47.02 -14.85
C CYS C 380 11.98 -47.41 -15.49
N HIS C 381 11.99 -47.36 -16.82
CA HIS C 381 13.06 -47.86 -17.67
C HIS C 381 13.50 -46.75 -18.63
N PRO C 382 14.74 -46.79 -19.12
CA PRO C 382 15.22 -45.67 -19.93
C PRO C 382 14.54 -45.62 -21.27
N PRO C 383 14.43 -44.44 -21.89
CA PRO C 383 13.73 -44.31 -23.16
C PRO C 383 14.66 -44.58 -24.35
N LYS C 384 14.05 -44.71 -25.51
CA LYS C 384 14.78 -45.21 -26.66
C LYS C 384 15.46 -44.13 -27.50
N ASP C 385 15.02 -42.88 -27.40
CA ASP C 385 15.61 -41.79 -28.16
C ASP C 385 16.62 -41.04 -27.31
N HIS C 386 17.73 -40.65 -27.93
CA HIS C 386 18.68 -39.80 -27.25
C HIS C 386 18.26 -38.35 -27.26
N ILE C 387 17.61 -37.91 -28.34
CA ILE C 387 17.36 -36.50 -28.62
C ILE C 387 15.94 -36.38 -29.14
N VAL C 388 15.14 -35.52 -28.52
CA VAL C 388 13.75 -35.31 -28.93
C VAL C 388 13.58 -33.87 -29.36
N THR C 389 12.46 -33.60 -30.03
CA THR C 389 12.15 -32.28 -30.57
C THR C 389 11.06 -31.57 -29.79
N HIS C 390 10.99 -31.81 -28.49
CA HIS C 390 10.04 -31.14 -27.61
C HIS C 390 10.68 -31.02 -26.24
N PRO C 391 10.35 -29.99 -25.47
CA PRO C 391 10.96 -29.86 -24.14
C PRO C 391 10.43 -30.83 -23.12
N GLN C 392 10.89 -30.65 -21.89
CA GLN C 392 10.66 -31.59 -20.81
C GLN C 392 9.32 -31.31 -20.13
N TYR C 393 8.60 -32.36 -19.76
CA TYR C 393 7.29 -32.22 -19.14
C TYR C 393 7.30 -32.59 -17.66
N HIS C 394 8.46 -32.59 -17.02
CA HIS C 394 8.56 -32.92 -15.61
C HIS C 394 9.76 -32.19 -15.01
N ALA C 395 9.90 -32.33 -13.70
CA ALA C 395 10.94 -31.62 -12.95
C ALA C 395 11.95 -32.60 -12.39
N GLN C 396 13.23 -32.36 -12.68
CA GLN C 396 14.30 -33.21 -12.18
C GLN C 396 14.52 -32.91 -10.70
N THR C 397 13.94 -33.76 -9.85
CA THR C 397 14.22 -33.69 -8.42
C THR C 397 15.67 -34.10 -8.19
N PHE C 398 16.32 -33.47 -7.22
CA PHE C 398 17.59 -33.99 -6.75
C PHE C 398 17.36 -35.33 -6.08
N THR C 399 18.29 -36.26 -6.30
CA THR C 399 18.14 -37.70 -6.00
C THR C 399 16.86 -38.27 -6.62
N ALA C 400 16.80 -38.22 -7.94
CA ALA C 400 15.68 -38.83 -8.67
C ALA C 400 16.03 -40.15 -9.31
N ALA C 401 17.27 -40.35 -9.73
CA ALA C 401 17.64 -41.52 -10.50
C ALA C 401 18.69 -42.35 -9.78
N VAL C 402 18.48 -42.67 -8.50
CA VAL C 402 19.57 -43.18 -7.67
C VAL C 402 19.60 -44.71 -7.62
N SER C 403 18.59 -45.39 -8.16
CA SER C 403 18.73 -46.80 -8.57
C SER C 403 19.10 -47.80 -7.47
N LYS C 404 18.14 -48.27 -6.68
CA LYS C 404 18.25 -48.96 -5.38
C LYS C 404 19.50 -49.82 -5.12
N THR C 405 20.02 -50.45 -6.17
CA THR C 405 21.37 -51.00 -6.14
C THR C 405 22.39 -49.99 -5.61
N ALA C 406 22.39 -48.78 -6.16
CA ALA C 406 23.35 -47.78 -5.68
C ALA C 406 22.97 -47.23 -4.31
N TRP C 407 21.68 -47.27 -3.93
CA TRP C 407 21.34 -47.02 -2.53
C TRP C 407 21.95 -48.08 -1.62
N THR C 408 21.98 -49.33 -2.07
CA THR C 408 22.59 -50.39 -1.27
C THR C 408 24.11 -50.19 -1.17
N TRP C 409 24.75 -49.77 -2.25
CA TRP C 409 26.19 -49.53 -2.19
C TRP C 409 26.54 -48.31 -1.35
N LEU C 410 25.65 -47.32 -1.29
CA LEU C 410 25.91 -46.19 -0.40
C LEU C 410 25.49 -46.49 1.04
N THR C 411 24.60 -47.44 1.27
CA THR C 411 24.24 -47.80 2.64
C THR C 411 25.29 -48.71 3.26
N SER C 412 25.86 -49.62 2.48
CA SER C 412 26.83 -50.56 3.04
C SER C 412 28.20 -49.93 3.23
N LEU C 413 28.73 -49.26 2.21
CA LEU C 413 30.09 -48.74 2.26
C LEU C 413 30.21 -47.44 3.06
N LEU C 414 29.10 -46.90 3.55
CA LEU C 414 29.13 -45.70 4.37
C LEU C 414 28.47 -45.89 5.72
N GLY C 415 27.42 -46.70 5.81
CA GLY C 415 26.80 -46.99 7.09
C GLY C 415 27.49 -48.13 7.80
N GLY C 416 28.09 -49.04 7.03
CA GLY C 416 28.82 -50.15 7.64
C GLY C 416 30.12 -49.71 8.30
N SER C 417 30.76 -48.68 7.76
CA SER C 417 31.95 -48.12 8.40
C SER C 417 31.62 -47.47 9.74
N ALA C 418 30.42 -46.90 9.86
CA ALA C 418 29.96 -46.42 11.16
C ALA C 418 29.75 -47.58 12.14
N VAL C 419 29.30 -48.72 11.64
CA VAL C 419 29.15 -49.90 12.49
C VAL C 419 30.51 -50.40 12.97
N ILE C 420 31.52 -50.32 12.08
CA ILE C 420 32.88 -50.69 12.45
C ILE C 420 33.42 -49.76 13.52
N ILE C 421 33.18 -48.45 13.38
CA ILE C 421 33.76 -47.52 14.35
C ILE C 421 33.00 -47.57 15.68
N ILE C 422 31.72 -47.91 15.68
CA ILE C 422 31.04 -48.00 16.97
C ILE C 422 31.39 -49.31 17.68
N ILE C 423 31.62 -50.40 16.95
CA ILE C 423 32.04 -51.60 17.68
C ILE C 423 33.49 -51.48 18.15
N GLY C 424 34.31 -50.72 17.42
CA GLY C 424 35.64 -50.41 17.93
C GLY C 424 35.61 -49.55 19.18
N LEU C 425 34.70 -48.58 19.23
CA LEU C 425 34.59 -47.73 20.41
C LEU C 425 34.03 -48.50 21.60
N VAL C 426 33.07 -49.40 21.36
CA VAL C 426 32.54 -50.25 22.44
C VAL C 426 33.61 -51.20 22.96
N LEU C 427 34.40 -51.78 22.06
CA LEU C 427 35.50 -52.67 22.47
C LEU C 427 36.54 -51.91 23.29
N ALA C 428 36.85 -50.68 22.90
CA ALA C 428 37.80 -49.86 23.65
C ALA C 428 37.27 -49.52 25.04
N THR C 429 35.97 -49.24 25.15
CA THR C 429 35.37 -48.93 26.45
C THR C 429 35.38 -50.15 27.38
N ILE C 430 35.05 -51.32 26.83
CA ILE C 430 35.06 -52.56 27.63
C ILE C 430 36.49 -52.89 28.08
N VAL C 431 37.48 -52.66 27.21
CA VAL C 431 38.88 -52.89 27.58
C VAL C 431 39.32 -51.94 28.69
N ALA C 432 38.93 -50.67 28.62
CA ALA C 432 39.30 -49.72 29.66
C ALA C 432 38.66 -50.07 31.01
N MET C 433 37.39 -50.49 30.99
CA MET C 433 36.74 -50.90 32.23
C MET C 433 37.33 -52.19 32.79
N TYR C 434 37.76 -53.12 31.93
CA TYR C 434 38.35 -54.35 32.42
C TYR C 434 39.76 -54.13 32.98
N VAL C 435 40.51 -53.17 32.41
CA VAL C 435 41.81 -52.82 32.98
C VAL C 435 41.65 -52.14 34.33
N LEU C 436 40.64 -51.28 34.48
CA LEU C 436 40.38 -50.67 35.78
C LEU C 436 39.89 -51.69 36.81
N THR C 437 39.12 -52.69 36.36
CA THR C 437 38.69 -53.76 37.26
C THR C 437 39.87 -54.62 37.70
N ASN C 438 40.80 -54.90 36.78
CA ASN C 438 42.00 -55.65 37.15
C ASN C 438 42.91 -54.87 38.08
N GLN C 439 42.95 -53.55 37.95
CA GLN C 439 43.73 -52.75 38.89
C GLN C 439 42.93 -52.28 40.10
N LYS C 440 41.71 -52.78 40.26
CA LYS C 440 41.02 -52.63 41.55
C LYS C 440 41.59 -53.59 42.60
N HIS C 441 42.36 -54.60 42.16
CA HIS C 441 42.81 -55.66 43.08
C HIS C 441 43.82 -55.17 44.10
N ASN C 442 44.72 -54.25 43.72
CA ASN C 442 45.88 -53.80 44.51
C ASN C 442 46.76 -54.98 44.93
N GLY D 113 70.33 -51.34 61.08
CA GLY D 113 71.39 -51.37 60.09
C GLY D 113 71.64 -52.74 59.51
N LYS D 114 71.06 -53.76 60.16
CA LYS D 114 71.26 -55.14 59.70
C LYS D 114 70.47 -55.43 58.42
N ARG D 115 69.28 -54.84 58.28
CA ARG D 115 68.50 -55.05 57.06
C ARG D 115 69.12 -54.32 55.87
N GLN D 116 69.80 -53.20 56.12
CA GLN D 116 70.42 -52.45 55.04
C GLN D 116 71.65 -53.17 54.51
N ARG D 117 72.33 -53.95 55.36
CA ARG D 117 73.40 -54.82 54.89
C ARG D 117 72.87 -55.89 53.96
N MET D 118 71.70 -56.46 54.28
CA MET D 118 71.08 -57.44 53.39
C MET D 118 70.68 -56.83 52.06
N VAL D 119 70.15 -55.61 52.09
CA VAL D 119 69.76 -54.94 50.85
C VAL D 119 70.98 -54.62 50.00
N MET D 120 72.06 -54.14 50.62
CA MET D 120 73.27 -53.83 49.85
C MET D 120 73.93 -55.10 49.30
N LYS D 121 73.91 -56.19 50.06
CA LYS D 121 74.50 -57.43 49.57
C LYS D 121 73.64 -58.11 48.53
N LEU D 122 72.35 -57.80 48.45
CA LEU D 122 71.55 -58.30 47.34
C LEU D 122 71.60 -57.37 46.14
N GLU D 123 71.85 -56.08 46.34
CA GLU D 123 71.98 -55.14 45.25
C GLU D 123 73.37 -55.12 44.63
N SER D 124 74.36 -55.71 45.31
CA SER D 124 75.72 -55.71 44.78
C SER D 124 75.87 -56.54 43.52
N ASP D 125 74.98 -57.50 43.30
CA ASP D 125 75.06 -58.40 42.16
C ASP D 125 73.99 -58.14 41.11
N LYS D 126 72.82 -57.65 41.53
CA LYS D 126 71.63 -57.65 40.70
C LYS D 126 71.08 -56.26 40.39
N THR D 127 71.78 -55.19 40.76
CA THR D 127 71.34 -53.83 40.53
C THR D 127 72.43 -53.09 39.76
N PHE D 128 72.04 -52.35 38.73
CA PHE D 128 72.98 -51.70 37.83
C PHE D 128 72.62 -50.23 37.69
N PRO D 129 73.54 -49.31 37.97
CA PRO D 129 73.23 -47.88 37.86
C PRO D 129 73.21 -47.41 36.42
N ILE D 130 72.32 -46.45 36.15
CA ILE D 130 72.14 -45.87 34.83
C ILE D 130 72.88 -44.54 34.83
N MET D 131 74.08 -44.52 34.27
CA MET D 131 74.97 -43.37 34.39
C MET D 131 74.90 -42.50 33.15
N LEU D 132 74.66 -41.21 33.36
CA LEU D 132 74.76 -40.20 32.31
C LEU D 132 75.80 -39.17 32.75
N GLU D 133 76.89 -39.10 31.96
CA GLU D 133 78.08 -38.30 32.27
C GLU D 133 78.65 -38.64 33.64
N GLY D 134 78.61 -39.94 33.99
CA GLY D 134 79.05 -40.42 35.28
C GLY D 134 78.04 -40.26 36.40
N LYS D 135 77.07 -39.35 36.28
CA LYS D 135 76.12 -39.11 37.35
C LYS D 135 75.02 -40.16 37.35
N ILE D 136 74.68 -40.63 38.54
CA ILE D 136 73.65 -41.65 38.71
C ILE D 136 72.28 -41.02 38.52
N ASN D 137 71.49 -41.61 37.63
CA ASN D 137 70.11 -41.18 37.42
C ASN D 137 69.08 -42.25 37.75
N GLY D 138 69.46 -43.52 37.74
CA GLY D 138 68.50 -44.55 38.04
C GLY D 138 69.17 -45.90 38.09
N TYR D 139 68.36 -46.93 38.31
CA TYR D 139 68.87 -48.27 38.54
C TYR D 139 68.03 -49.27 37.75
N ALA D 140 68.68 -50.03 36.89
CA ALA D 140 68.04 -51.18 36.27
C ALA D 140 67.99 -52.32 37.26
N CYS D 141 66.87 -53.04 37.26
CA CYS D 141 66.62 -54.12 38.20
C CYS D 141 66.33 -55.39 37.42
N VAL D 142 67.01 -56.48 37.79
CA VAL D 142 66.86 -57.76 37.13
C VAL D 142 66.07 -58.65 38.08
N VAL D 143 64.76 -58.67 37.94
CA VAL D 143 63.90 -59.42 38.84
C VAL D 143 63.08 -60.43 38.03
N GLY D 144 63.12 -61.69 38.47
CA GLY D 144 62.28 -62.74 37.92
C GLY D 144 62.61 -63.19 36.52
N GLY D 145 63.76 -62.80 35.99
CA GLY D 145 64.15 -63.20 34.65
C GLY D 145 63.87 -62.19 33.56
N LYS D 146 63.57 -60.95 33.90
CA LYS D 146 63.34 -59.90 32.94
C LYS D 146 63.96 -58.61 33.43
N LEU D 147 64.63 -57.89 32.53
CA LEU D 147 65.22 -56.61 32.85
C LEU D 147 64.14 -55.54 32.97
N PHE D 148 64.29 -54.65 33.94
CA PHE D 148 63.37 -53.53 34.14
C PHE D 148 64.18 -52.25 34.21
N ARG D 149 63.62 -51.18 33.64
CA ARG D 149 64.27 -49.90 33.54
C ARG D 149 63.17 -48.85 33.37
N PRO D 150 63.21 -47.75 34.10
CA PRO D 150 62.18 -46.73 33.94
C PRO D 150 62.39 -45.89 32.69
N MET D 151 61.33 -45.18 32.30
CA MET D 151 61.37 -44.35 31.09
C MET D 151 62.24 -43.12 31.27
N HIS D 152 61.90 -42.27 32.25
CA HIS D 152 62.43 -40.92 32.32
C HIS D 152 63.91 -40.87 32.71
N VAL D 153 64.46 -41.96 33.20
CA VAL D 153 65.88 -42.01 33.54
C VAL D 153 66.68 -42.08 32.25
N GLU D 154 67.63 -41.16 32.09
CA GLU D 154 68.46 -41.06 30.90
C GLU D 154 69.87 -41.53 31.22
N GLY D 155 70.45 -42.29 30.29
CA GLY D 155 71.79 -42.82 30.45
C GLY D 155 71.86 -44.21 29.85
N LYS D 156 72.93 -44.93 30.20
CA LYS D 156 73.11 -46.30 29.76
C LYS D 156 73.36 -47.21 30.95
N ILE D 157 73.12 -48.50 30.73
CA ILE D 157 73.28 -49.50 31.77
C ILE D 157 74.77 -49.74 32.00
N ASP D 158 75.15 -49.90 33.27
CA ASP D 158 76.55 -50.12 33.62
C ASP D 158 77.06 -51.45 33.09
N ASN D 159 76.20 -52.48 33.08
CA ASN D 159 76.61 -53.78 32.57
C ASN D 159 76.61 -53.77 31.06
N ASP D 160 77.66 -54.34 30.47
CA ASP D 160 77.85 -54.28 29.02
C ASP D 160 76.91 -55.20 28.27
N VAL D 161 76.54 -56.34 28.87
CA VAL D 161 75.62 -57.26 28.21
C VAL D 161 74.21 -56.69 28.20
N LEU D 162 73.81 -56.05 29.30
CA LEU D 162 72.47 -55.51 29.40
C LEU D 162 72.31 -54.24 28.59
N ALA D 163 73.39 -53.51 28.33
CA ALA D 163 73.29 -52.28 27.56
C ALA D 163 73.07 -52.53 26.08
N ALA D 164 73.46 -53.71 25.59
CA ALA D 164 73.30 -54.04 24.17
C ALA D 164 72.04 -54.87 23.94
N LEU D 165 70.90 -54.31 24.32
CA LEU D 165 69.62 -55.00 24.20
C LEU D 165 68.63 -54.11 23.50
N LYS D 166 67.46 -54.68 23.20
CA LYS D 166 66.35 -53.97 22.57
C LYS D 166 65.20 -53.98 23.56
N THR D 167 65.16 -52.97 24.43
CA THR D 167 64.16 -52.90 25.48
C THR D 167 62.83 -52.44 24.89
N LYS D 168 61.83 -53.31 24.95
CA LYS D 168 60.50 -52.95 24.49
C LYS D 168 59.86 -51.94 25.44
N LYS D 169 59.32 -50.87 24.88
CA LYS D 169 58.78 -49.80 25.69
C LYS D 169 57.38 -50.15 26.20
N ALA D 170 57.04 -49.56 27.34
CA ALA D 170 55.68 -49.62 27.88
C ALA D 170 55.45 -48.30 28.59
N SER D 171 54.88 -47.33 27.87
CA SER D 171 54.89 -45.94 28.30
C SER D 171 53.90 -45.64 29.43
N LYS D 172 52.91 -46.50 29.63
CA LYS D 172 51.92 -46.24 30.67
C LYS D 172 52.50 -46.46 32.06
N TYR D 173 53.15 -47.60 32.26
CA TYR D 173 53.63 -48.00 33.57
C TYR D 173 55.01 -47.48 33.91
N ASP D 174 55.56 -46.58 33.08
CA ASP D 174 56.87 -45.95 33.31
C ASP D 174 57.98 -46.99 33.39
N LEU D 175 57.93 -47.99 32.52
CA LEU D 175 58.89 -49.08 32.53
C LEU D 175 59.32 -49.42 31.11
N GLU D 176 60.51 -50.01 30.99
CA GLU D 176 61.04 -50.48 29.73
C GLU D 176 61.52 -51.91 29.91
N TYR D 177 60.61 -52.86 29.76
CA TYR D 177 60.91 -54.25 30.05
C TYR D 177 61.78 -54.86 28.95
N ALA D 178 62.58 -55.85 29.33
CA ALA D 178 63.39 -56.59 28.39
C ALA D 178 63.35 -58.05 28.78
N ASP D 179 64.21 -58.84 28.14
CA ASP D 179 64.37 -60.25 28.51
C ASP D 179 65.81 -60.58 28.81
N VAL D 180 66.00 -61.56 29.69
CA VAL D 180 67.30 -61.93 30.24
C VAL D 180 67.79 -63.18 29.50
N PRO D 181 69.07 -63.26 29.13
CA PRO D 181 69.60 -64.50 28.55
C PRO D 181 69.58 -65.65 29.53
N GLN D 182 69.66 -66.86 28.98
CA GLN D 182 69.40 -68.08 29.76
C GLN D 182 70.51 -68.38 30.76
N ASN D 183 71.73 -67.92 30.47
CA ASN D 183 72.83 -68.09 31.43
C ASN D 183 72.72 -67.15 32.63
N MET D 184 71.81 -66.17 32.59
CA MET D 184 71.67 -65.18 33.64
C MET D 184 70.33 -65.29 34.35
N ARG D 185 69.48 -66.24 33.96
CA ARG D 185 68.14 -66.36 34.54
C ARG D 185 68.15 -66.86 35.98
N ALA D 186 69.24 -67.45 36.44
CA ALA D 186 69.34 -67.85 37.84
C ALA D 186 69.89 -66.73 38.72
N ASP D 187 70.60 -65.77 38.16
CA ASP D 187 71.14 -64.64 38.93
C ASP D 187 70.19 -63.45 38.91
N THR D 188 68.93 -63.69 39.26
CA THR D 188 67.90 -62.66 39.26
C THR D 188 67.32 -62.54 40.66
N PHE D 189 66.66 -61.42 40.92
CA PHE D 189 65.84 -61.32 42.11
C PHE D 189 64.70 -62.33 42.04
N LYS D 190 64.37 -62.91 43.18
CA LYS D 190 63.08 -63.54 43.31
C LYS D 190 62.08 -62.49 43.78
N TYR D 191 60.80 -62.77 43.57
CA TYR D 191 59.77 -61.80 43.87
C TYR D 191 58.53 -62.53 44.38
N THR D 192 57.59 -61.75 44.87
CA THR D 192 56.30 -62.28 45.30
C THR D 192 55.24 -61.20 45.17
N HIS D 193 54.00 -61.61 45.40
CA HIS D 193 52.88 -60.69 45.49
C HIS D 193 52.40 -60.51 46.92
N GLU D 194 52.76 -61.42 47.81
CA GLU D 194 52.22 -61.44 49.16
C GLU D 194 52.78 -60.28 49.98
N LYS D 195 51.88 -59.45 50.51
CA LYS D 195 52.29 -58.23 51.20
C LYS D 195 51.33 -57.89 52.35
N PRO D 196 51.56 -58.45 53.53
CA PRO D 196 50.83 -58.00 54.71
C PRO D 196 51.37 -56.64 55.17
N GLN D 197 50.61 -56.01 56.06
CA GLN D 197 51.01 -54.70 56.55
C GLN D 197 52.21 -54.82 57.48
N GLY D 198 52.92 -53.70 57.65
CA GLY D 198 54.10 -53.68 58.46
C GLY D 198 55.27 -52.97 57.80
N TYR D 199 56.46 -53.53 57.94
CA TYR D 199 57.69 -52.88 57.49
C TYR D 199 58.33 -53.70 56.39
N TYR D 200 58.99 -52.99 55.47
CA TYR D 200 59.79 -53.62 54.43
C TYR D 200 61.13 -52.92 54.37
N SER D 201 62.05 -53.51 53.64
CA SER D 201 63.47 -53.15 53.73
C SER D 201 63.91 -52.50 52.42
N TRP D 202 64.05 -51.19 52.43
CA TRP D 202 64.43 -50.38 51.29
C TRP D 202 65.95 -50.26 51.27
N HIS D 203 66.49 -49.54 50.29
CA HIS D 203 67.93 -49.32 50.25
C HIS D 203 68.39 -48.42 51.40
N HIS D 204 67.66 -47.35 51.67
CA HIS D 204 67.97 -46.52 52.83
C HIS D 204 67.10 -46.91 54.02
N GLY D 205 67.32 -48.11 54.54
CA GLY D 205 66.66 -48.51 55.78
C GLY D 205 65.32 -49.18 55.58
N ALA D 206 64.30 -48.68 56.26
CA ALA D 206 62.99 -49.32 56.29
C ALA D 206 61.96 -48.47 55.57
N VAL D 207 60.84 -49.10 55.23
CA VAL D 207 59.74 -48.44 54.53
C VAL D 207 58.42 -49.04 55.03
N GLN D 208 57.51 -48.18 55.47
CA GLN D 208 56.22 -48.61 55.99
C GLN D 208 55.27 -48.90 54.85
N TYR D 209 54.52 -50.00 54.97
CA TYR D 209 53.47 -50.34 54.03
C TYR D 209 52.15 -50.38 54.77
N GLU D 210 51.36 -49.32 54.65
CA GLU D 210 50.06 -49.25 55.31
C GLU D 210 49.02 -48.79 54.30
N ASN D 211 47.86 -49.47 54.31
CA ASN D 211 46.71 -49.17 53.46
C ASN D 211 47.06 -49.23 51.97
N GLY D 212 47.98 -50.11 51.61
CA GLY D 212 48.37 -50.23 50.21
C GLY D 212 49.21 -49.08 49.71
N ARG D 213 50.15 -48.59 50.51
CA ARG D 213 50.99 -47.48 50.12
C ARG D 213 52.31 -47.56 50.85
N PHE D 214 53.41 -47.47 50.10
CA PHE D 214 54.74 -47.50 50.67
C PHE D 214 55.16 -46.08 51.06
N THR D 215 55.50 -45.91 52.33
CA THR D 215 55.90 -44.61 52.87
C THR D 215 57.27 -44.70 53.52
N VAL D 216 58.12 -43.73 53.23
CA VAL D 216 59.47 -43.62 53.79
C VAL D 216 59.47 -42.38 54.67
N PRO D 217 60.12 -42.39 55.84
CA PRO D 217 60.36 -41.13 56.56
C PRO D 217 61.21 -40.16 55.74
N LYS D 218 60.99 -38.88 56.00
CA LYS D 218 61.29 -37.83 55.02
C LYS D 218 62.79 -37.57 54.92
N GLY D 219 63.13 -36.60 54.09
CA GLY D 219 64.52 -36.23 53.84
C GLY D 219 65.16 -36.96 52.68
N VAL D 220 65.03 -38.27 52.64
CA VAL D 220 65.65 -39.09 51.61
C VAL D 220 64.68 -39.20 50.44
N GLY D 221 65.24 -39.30 49.23
CA GLY D 221 64.44 -39.30 48.02
C GLY D 221 64.70 -38.07 47.19
N ALA D 222 65.54 -38.19 46.17
CA ALA D 222 65.94 -37.06 45.34
C ALA D 222 66.01 -37.54 43.90
N LYS D 223 66.65 -36.76 43.03
CA LYS D 223 66.84 -37.17 41.65
C LYS D 223 67.94 -38.22 41.59
N GLY D 224 67.58 -39.45 41.23
CA GLY D 224 68.58 -40.48 41.02
C GLY D 224 68.26 -41.83 41.62
N ASP D 225 67.60 -41.86 42.77
CA ASP D 225 67.32 -43.13 43.44
C ASP D 225 65.99 -43.73 43.02
N SER D 226 65.81 -43.88 41.70
CA SER D 226 64.62 -44.48 41.14
C SER D 226 64.98 -45.78 40.44
N GLY D 227 64.06 -46.74 40.48
CA GLY D 227 64.34 -48.08 40.01
C GLY D 227 64.87 -49.01 41.09
N ARG D 228 65.04 -48.52 42.31
CA ARG D 228 65.52 -49.35 43.39
C ARG D 228 64.41 -50.28 43.85
N PRO D 229 64.69 -51.57 44.06
CA PRO D 229 63.66 -52.48 44.54
C PRO D 229 63.44 -52.36 46.04
N ILE D 230 62.24 -52.73 46.46
CA ILE D 230 61.88 -52.86 47.87
C ILE D 230 61.79 -54.34 48.19
N LEU D 231 62.55 -54.76 49.20
CA LEU D 231 62.65 -56.15 49.61
C LEU D 231 61.76 -56.42 50.81
N ASP D 232 61.57 -57.71 51.11
CA ASP D 232 60.86 -58.15 52.29
C ASP D 232 61.83 -58.81 53.27
N ASN D 233 61.29 -59.39 54.33
CA ASN D 233 62.14 -60.06 55.34
C ASN D 233 62.67 -61.41 54.85
N GLN D 234 62.24 -61.90 53.70
CA GLN D 234 62.77 -63.14 53.13
C GLN D 234 63.81 -62.87 52.05
N GLY D 235 63.69 -61.78 51.32
CA GLY D 235 64.65 -61.49 50.27
C GLY D 235 64.04 -61.48 48.89
N ARG D 236 62.78 -61.06 48.80
CA ARG D 236 62.04 -61.04 47.55
C ARG D 236 61.56 -59.61 47.27
N VAL D 237 61.53 -59.24 46.00
CA VAL D 237 61.13 -57.90 45.61
C VAL D 237 59.61 -57.83 45.59
N VAL D 238 59.06 -56.82 46.25
CA VAL D 238 57.63 -56.59 46.25
C VAL D 238 57.23 -55.31 45.52
N ALA D 239 58.17 -54.43 45.20
CA ALA D 239 57.86 -53.18 44.52
C ALA D 239 59.12 -52.65 43.86
N ILE D 240 58.92 -51.76 42.90
CA ILE D 240 60.04 -51.06 42.25
C ILE D 240 59.74 -49.56 42.32
N VAL D 241 60.61 -48.82 42.99
CA VAL D 241 60.38 -47.40 43.26
C VAL D 241 60.59 -46.60 41.97
N LEU D 242 59.57 -45.82 41.60
CA LEU D 242 59.67 -44.91 40.47
C LEU D 242 59.79 -43.46 40.93
N GLY D 243 58.86 -43.00 41.76
CA GLY D 243 58.92 -41.65 42.28
C GLY D 243 58.10 -41.49 43.54
N GLY D 244 57.96 -40.27 44.03
CA GLY D 244 57.19 -40.05 45.22
C GLY D 244 57.03 -38.58 45.52
N VAL D 245 56.12 -38.29 46.45
CA VAL D 245 55.82 -36.93 46.87
C VAL D 245 55.98 -36.84 48.38
N ASN D 246 56.40 -35.67 48.87
CA ASN D 246 56.66 -35.46 50.29
C ASN D 246 55.37 -34.95 50.94
N GLU D 247 54.73 -35.81 51.72
CA GLU D 247 53.54 -35.43 52.47
C GLU D 247 53.91 -34.98 53.88
N GLY D 248 54.75 -33.95 53.93
CA GLY D 248 55.14 -33.36 55.20
C GLY D 248 56.22 -34.15 55.90
N SER D 249 55.84 -34.87 56.95
CA SER D 249 56.78 -35.61 57.77
C SER D 249 57.04 -37.02 57.25
N ARG D 250 56.50 -37.37 56.07
CA ARG D 250 56.62 -38.72 55.55
C ARG D 250 56.31 -38.69 54.05
N THR D 251 57.07 -39.44 53.27
CA THR D 251 57.00 -39.38 51.81
C THR D 251 56.33 -40.64 51.28
N ALA D 252 55.18 -40.49 50.64
CA ALA D 252 54.54 -41.58 49.92
C ALA D 252 55.30 -41.86 48.64
N LEU D 253 55.18 -43.08 48.15
CA LEU D 253 55.96 -43.54 47.01
C LEU D 253 55.05 -43.99 45.87
N SER D 254 55.53 -43.80 44.65
CA SER D 254 54.84 -44.26 43.45
C SER D 254 55.64 -45.44 42.89
N VAL D 255 55.09 -46.64 43.03
CA VAL D 255 55.79 -47.87 42.66
C VAL D 255 54.92 -48.66 41.69
N VAL D 256 55.54 -49.64 41.05
CA VAL D 256 54.82 -50.71 40.39
C VAL D 256 54.97 -51.95 41.26
N MET D 257 54.02 -52.85 41.15
CA MET D 257 54.05 -54.10 41.90
C MET D 257 53.13 -55.11 41.22
N TRP D 258 52.91 -56.23 41.89
CA TRP D 258 52.13 -57.33 41.37
C TRP D 258 51.03 -57.67 42.36
N ASN D 259 50.19 -58.63 41.99
CA ASN D 259 49.10 -59.06 42.87
C ASN D 259 48.89 -60.56 42.69
N GLU D 260 47.86 -61.07 43.37
CA GLU D 260 47.62 -62.50 43.41
C GLU D 260 47.15 -63.03 42.06
N LYS D 261 46.45 -62.20 41.28
CA LYS D 261 45.99 -62.60 39.96
C LYS D 261 47.14 -62.76 38.96
N GLY D 262 48.26 -62.08 39.19
CA GLY D 262 49.35 -62.11 38.23
C GLY D 262 49.30 -60.93 37.29
N VAL D 263 48.92 -59.76 37.81
CA VAL D 263 48.73 -58.55 37.02
C VAL D 263 49.64 -57.48 37.58
N THR D 264 50.41 -56.83 36.71
CA THR D 264 51.24 -55.71 37.13
C THR D 264 50.37 -54.51 37.45
N VAL D 265 50.49 -53.99 38.66
CA VAL D 265 49.71 -52.85 39.12
C VAL D 265 50.67 -51.72 39.46
N LYS D 266 50.38 -50.52 38.99
CA LYS D 266 51.11 -49.32 39.38
C LYS D 266 50.25 -48.48 40.31
N TYR D 267 50.81 -48.08 41.45
CA TYR D 267 50.16 -47.14 42.35
C TYR D 267 50.82 -45.78 42.20
N THR D 268 50.02 -44.74 42.18
CA THR D 268 50.55 -43.40 42.01
C THR D 268 49.80 -42.42 42.89
N PRO D 269 50.44 -41.88 43.92
CA PRO D 269 49.82 -40.79 44.68
C PRO D 269 49.72 -39.49 43.89
N GLU D 270 49.12 -38.48 44.51
CA GLU D 270 48.91 -37.20 43.86
C GLU D 270 50.22 -36.41 43.79
N ASN D 271 50.48 -35.80 42.63
CA ASN D 271 51.54 -34.82 42.42
C ASN D 271 52.93 -35.41 42.63
N CYS D 272 53.11 -36.66 42.22
CA CYS D 272 54.40 -37.31 42.39
C CYS D 272 55.44 -36.77 41.42
N GLU D 273 56.64 -36.57 41.93
CA GLU D 273 57.78 -36.13 41.13
C GLU D 273 58.57 -37.34 40.69
N GLN D 274 58.92 -37.38 39.41
CA GLN D 274 59.74 -38.46 38.89
C GLN D 274 61.16 -38.32 39.40
N TRP D 275 61.66 -39.36 40.06
CA TRP D 275 63.01 -39.34 40.61
C TRP D 275 64.04 -39.83 39.60
N TYR E 1 40.89 18.80 -24.41
CA TYR E 1 41.27 19.10 -23.04
C TYR E 1 40.10 18.96 -22.09
N GLU E 2 40.18 17.98 -21.19
CA GLU E 2 39.08 17.67 -20.30
C GLU E 2 39.10 18.63 -19.11
N HIS E 3 38.01 19.38 -18.95
CA HIS E 3 37.81 20.25 -17.80
C HIS E 3 36.49 19.90 -17.14
N ALA E 4 36.57 19.29 -15.96
CA ALA E 4 35.39 18.81 -15.25
C ALA E 4 34.99 19.82 -14.19
N THR E 5 33.70 20.14 -14.13
CA THR E 5 33.17 21.06 -13.12
C THR E 5 31.75 20.66 -12.78
N THR E 6 31.21 21.29 -11.75
CA THR E 6 29.90 20.91 -11.20
C THR E 6 29.09 22.17 -10.92
N MET E 7 27.89 22.23 -11.47
CA MET E 7 26.99 23.37 -11.37
C MET E 7 25.79 23.04 -10.50
N PRO E 8 25.39 23.92 -9.58
CA PRO E 8 24.19 23.65 -8.78
C PRO E 8 22.93 23.80 -9.60
N SER E 9 22.01 22.85 -9.43
CA SER E 9 20.78 22.78 -10.22
C SER E 9 19.80 23.83 -9.69
N GLN E 10 19.86 25.03 -10.28
CA GLN E 10 18.98 26.12 -9.86
C GLN E 10 18.92 27.13 -10.99
N ALA E 11 17.72 27.42 -11.47
CA ALA E 11 17.55 28.27 -12.65
C ALA E 11 17.82 29.73 -12.33
N GLY E 12 18.20 30.48 -13.36
CA GLY E 12 18.34 31.90 -13.29
C GLY E 12 19.69 32.41 -12.81
N ILE E 13 20.29 31.74 -11.83
CA ILE E 13 21.54 32.21 -11.24
C ILE E 13 22.69 31.78 -12.15
N SER E 14 23.48 32.77 -12.59
CA SER E 14 24.58 32.50 -13.50
C SER E 14 25.69 31.73 -12.80
N TYR E 15 26.42 30.94 -13.57
CA TYR E 15 27.59 30.22 -13.07
C TYR E 15 28.80 30.60 -13.90
N ASN E 16 29.86 31.03 -13.24
CA ASN E 16 31.06 31.52 -13.89
C ASN E 16 32.26 30.73 -13.43
N THR E 17 33.13 30.38 -14.37
CA THR E 17 34.41 29.75 -14.04
C THR E 17 35.39 30.06 -15.15
N ILE E 18 36.67 29.80 -14.88
CA ILE E 18 37.72 29.97 -15.87
C ILE E 18 38.59 28.72 -15.90
N VAL E 19 39.19 28.47 -17.06
CA VAL E 19 40.13 27.39 -17.24
C VAL E 19 41.53 27.98 -17.16
N ASN E 20 42.30 27.55 -16.17
CA ASN E 20 43.66 28.04 -15.95
C ASN E 20 44.66 27.07 -16.58
N ARG E 21 44.91 27.28 -17.87
CA ARG E 21 46.03 26.61 -18.50
C ARG E 21 47.32 27.26 -18.07
N ALA E 22 48.35 26.44 -17.80
CA ALA E 22 49.51 26.85 -17.02
C ALA E 22 50.39 27.89 -17.72
N GLY E 23 50.33 27.99 -19.04
CA GLY E 23 51.20 28.92 -19.71
C GLY E 23 50.51 29.71 -20.80
N TYR E 24 49.19 29.60 -20.87
CA TYR E 24 48.37 30.27 -21.86
C TYR E 24 47.41 31.21 -21.15
N ALA E 25 46.58 31.90 -21.92
CA ALA E 25 45.66 32.86 -21.31
C ALA E 25 44.52 32.14 -20.59
N PRO E 26 44.02 32.72 -19.49
CA PRO E 26 42.85 32.14 -18.84
C PRO E 26 41.61 32.28 -19.71
N LEU E 27 40.82 31.20 -19.75
CA LEU E 27 39.71 31.09 -20.67
C LEU E 27 38.39 31.15 -19.91
N PRO E 28 37.57 32.18 -20.11
CA PRO E 28 36.35 32.31 -19.32
C PRO E 28 35.22 31.40 -19.79
N ILE E 29 34.41 30.97 -18.83
CA ILE E 29 33.26 30.10 -19.07
C ILE E 29 32.09 30.60 -18.22
N SER E 30 30.94 30.81 -18.86
CA SER E 30 29.76 31.39 -18.20
C SER E 30 28.52 30.62 -18.61
N ILE E 31 27.86 29.98 -17.66
CA ILE E 31 26.72 29.10 -17.93
C ILE E 31 25.55 29.49 -17.05
N THR E 32 24.46 29.92 -17.67
CA THR E 32 23.26 30.36 -16.94
C THR E 32 22.11 29.44 -17.27
N PRO E 33 21.67 28.56 -16.38
CA PRO E 33 20.51 27.71 -16.68
C PRO E 33 19.22 28.53 -16.64
N THR E 34 18.40 28.37 -17.67
CA THR E 34 17.13 29.08 -17.75
C THR E 34 15.97 28.23 -17.23
N LYS E 35 15.84 27.01 -17.72
CA LYS E 35 14.67 26.20 -17.40
C LYS E 35 15.08 24.74 -17.31
N ILE E 36 14.93 24.15 -16.13
CA ILE E 36 15.30 22.76 -15.88
C ILE E 36 14.03 21.94 -15.78
N LYS E 37 13.78 21.12 -16.79
CA LYS E 37 12.60 20.27 -16.84
C LYS E 37 12.89 18.94 -16.18
N LEU E 38 11.83 18.16 -15.95
CA LEU E 38 11.98 16.83 -15.36
C LEU E 38 10.79 16.02 -15.84
N ILE E 39 11.02 15.10 -16.78
CA ILE E 39 9.92 14.48 -17.50
C ILE E 39 9.88 12.98 -17.22
N PRO E 40 8.85 12.46 -16.58
CA PRO E 40 8.76 11.03 -16.33
C PRO E 40 8.18 10.31 -17.54
N THR E 41 8.48 9.00 -17.63
CA THR E 41 7.85 8.19 -18.66
C THR E 41 6.45 7.84 -18.18
N VAL E 42 5.47 8.14 -19.03
CA VAL E 42 4.08 8.26 -18.62
C VAL E 42 3.25 7.37 -19.51
N ASN E 43 2.42 6.51 -18.89
CA ASN E 43 1.74 5.44 -19.59
C ASN E 43 0.26 5.46 -19.20
N LEU E 44 -0.61 5.64 -20.20
CA LEU E 44 -2.04 5.76 -19.94
C LEU E 44 -2.65 4.39 -19.71
N GLU E 45 -3.34 4.23 -18.58
CA GLU E 45 -4.02 2.98 -18.32
C GLU E 45 -5.51 3.02 -18.59
N TYR E 46 -6.21 4.06 -18.19
CA TYR E 46 -7.61 4.27 -18.59
C TYR E 46 -7.96 5.73 -18.41
N VAL E 47 -9.21 6.06 -18.72
CA VAL E 47 -9.79 7.34 -18.38
C VAL E 47 -11.03 7.07 -17.55
N THR E 48 -11.51 8.10 -16.86
CA THR E 48 -12.78 8.02 -16.17
C THR E 48 -13.51 9.34 -16.31
N CYS E 49 -14.81 9.30 -16.06
CA CYS E 49 -15.67 10.48 -16.22
C CYS E 49 -16.94 10.25 -15.42
N HIS E 50 -17.86 11.20 -15.51
CA HIS E 50 -19.20 10.97 -14.98
C HIS E 50 -19.90 9.93 -15.84
N TYR E 51 -20.83 9.19 -15.24
CA TYR E 51 -21.54 8.24 -16.07
C TYR E 51 -22.95 8.72 -16.37
N LYS E 52 -23.69 7.85 -17.02
CA LYS E 52 -25.03 8.14 -17.48
C LYS E 52 -25.74 6.80 -17.52
N THR E 53 -26.70 6.59 -16.64
CA THR E 53 -27.43 5.33 -16.63
C THR E 53 -28.40 5.34 -17.79
N GLY E 54 -28.15 4.48 -18.77
CA GLY E 54 -29.06 4.37 -19.89
C GLY E 54 -30.22 3.46 -19.53
N MET E 55 -31.40 3.84 -19.98
CA MET E 55 -32.61 3.07 -19.69
C MET E 55 -33.31 2.71 -20.99
N ASP E 56 -33.92 1.55 -20.99
CA ASP E 56 -34.68 1.06 -22.12
C ASP E 56 -36.16 1.34 -21.89
N SER E 57 -36.93 1.37 -22.96
CA SER E 57 -38.34 1.60 -22.79
C SER E 57 -39.04 0.31 -22.35
N PRO E 58 -40.06 0.40 -21.49
CA PRO E 58 -40.65 -0.81 -20.91
C PRO E 58 -41.47 -1.61 -21.91
N ALA E 59 -41.19 -2.91 -21.98
CA ALA E 59 -41.87 -3.80 -22.90
C ALA E 59 -43.03 -4.46 -22.19
N ILE E 60 -44.25 -4.03 -22.53
CA ILE E 60 -45.45 -4.49 -21.85
C ILE E 60 -46.21 -5.44 -22.77
N LYS E 61 -46.50 -6.64 -22.29
CA LYS E 61 -47.36 -7.58 -22.99
C LYS E 61 -48.67 -7.74 -22.23
N CYS E 62 -49.78 -7.42 -22.88
CA CYS E 62 -51.09 -7.46 -22.24
C CYS E 62 -51.56 -8.91 -22.15
N CYS E 63 -51.66 -9.41 -20.91
CA CYS E 63 -52.02 -10.80 -20.59
C CYS E 63 -51.15 -11.81 -21.35
N GLY E 64 -49.88 -11.80 -21.00
CA GLY E 64 -48.94 -12.78 -21.49
C GLY E 64 -47.82 -12.98 -20.51
N SER E 65 -46.62 -13.21 -21.05
CA SER E 65 -45.42 -13.31 -20.24
C SER E 65 -44.23 -12.92 -21.10
N GLN E 66 -43.20 -12.41 -20.45
CA GLN E 66 -42.01 -11.90 -21.10
C GLN E 66 -40.78 -12.66 -20.63
N GLU E 67 -39.68 -12.48 -21.36
CA GLU E 67 -38.41 -13.10 -21.03
C GLU E 67 -37.31 -12.04 -21.12
N CYS E 68 -36.13 -12.42 -20.64
CA CYS E 68 -34.99 -11.51 -20.54
C CYS E 68 -34.04 -11.76 -21.71
N THR E 69 -33.83 -10.74 -22.53
CA THR E 69 -32.91 -10.83 -23.66
C THR E 69 -31.69 -9.99 -23.37
N PRO E 70 -30.53 -10.59 -23.08
CA PRO E 70 -29.35 -9.79 -22.73
C PRO E 70 -28.72 -9.13 -23.96
N THR E 71 -28.46 -7.83 -23.82
CA THR E 71 -27.80 -7.03 -24.85
C THR E 71 -26.31 -6.89 -24.58
N TYR E 72 -25.85 -7.39 -23.41
CA TYR E 72 -24.45 -7.41 -22.98
C TYR E 72 -23.87 -6.00 -22.85
N ARG E 73 -24.71 -5.04 -22.49
CA ARG E 73 -24.32 -3.67 -22.22
C ARG E 73 -23.62 -3.60 -20.86
N PRO E 74 -22.86 -2.53 -20.58
CA PRO E 74 -22.09 -2.50 -19.33
C PRO E 74 -22.97 -2.30 -18.10
N ASP E 75 -22.72 -3.13 -17.08
CA ASP E 75 -23.46 -3.16 -15.82
C ASP E 75 -24.96 -3.28 -16.06
N GLU E 76 -25.34 -4.17 -16.96
CA GLU E 76 -26.71 -4.22 -17.43
C GLU E 76 -27.56 -5.08 -16.52
N GLN E 77 -28.69 -4.55 -16.11
CA GLN E 77 -29.66 -5.26 -15.28
C GLN E 77 -30.93 -5.45 -16.09
N CYS E 78 -31.60 -6.59 -15.87
CA CYS E 78 -32.84 -6.89 -16.59
C CYS E 78 -33.72 -7.73 -15.68
N LYS E 79 -34.61 -7.08 -14.95
CA LYS E 79 -35.58 -7.75 -14.13
C LYS E 79 -36.95 -7.58 -14.77
N VAL E 80 -37.82 -8.57 -14.60
CA VAL E 80 -39.11 -8.61 -15.26
C VAL E 80 -40.21 -8.69 -14.20
N PHE E 81 -41.15 -7.75 -14.27
CA PHE E 81 -42.14 -7.54 -13.21
C PHE E 81 -43.52 -7.94 -13.68
N THR E 82 -44.19 -8.78 -12.90
CA THR E 82 -45.53 -9.25 -13.22
C THR E 82 -46.56 -8.56 -12.34
N GLY E 83 -47.82 -8.65 -12.75
CA GLY E 83 -48.91 -8.04 -12.00
C GLY E 83 -48.94 -6.53 -12.12
N VAL E 84 -48.95 -6.04 -13.36
CA VAL E 84 -48.85 -4.62 -13.66
C VAL E 84 -50.20 -4.17 -14.20
N TYR E 85 -50.53 -2.90 -13.98
CA TYR E 85 -51.68 -2.29 -14.64
C TYR E 85 -51.28 -0.89 -15.10
N PRO E 86 -50.59 -0.78 -16.24
CA PRO E 86 -49.99 0.49 -16.63
C PRO E 86 -51.01 1.46 -17.20
N PHE E 87 -50.54 2.69 -17.43
CA PHE E 87 -51.37 3.82 -17.85
C PHE E 87 -50.64 4.67 -18.88
N MET E 88 -51.39 5.19 -19.83
CA MET E 88 -50.93 6.24 -20.72
C MET E 88 -51.76 7.48 -20.44
N TRP E 89 -51.58 8.52 -21.25
CA TRP E 89 -52.47 9.67 -21.14
C TRP E 89 -53.87 9.35 -21.64
N GLY E 90 -53.98 8.42 -22.58
CA GLY E 90 -55.27 8.00 -23.07
C GLY E 90 -55.81 6.78 -22.35
N GLY E 91 -55.95 6.87 -21.03
CA GLY E 91 -56.56 5.79 -20.28
C GLY E 91 -55.62 4.65 -20.01
N ALA E 92 -56.21 3.52 -19.62
CA ALA E 92 -55.47 2.32 -19.33
C ALA E 92 -54.86 1.74 -20.60
N TYR E 93 -53.74 1.04 -20.44
CA TYR E 93 -53.04 0.46 -21.58
C TYR E 93 -53.54 -0.95 -21.86
N CYS E 94 -53.38 -1.85 -20.91
CA CYS E 94 -53.95 -3.18 -21.03
C CYS E 94 -55.38 -3.16 -20.50
N PHE E 95 -56.05 -4.30 -20.59
CA PHE E 95 -57.42 -4.41 -20.12
C PHE E 95 -57.65 -5.53 -19.12
N CYS E 96 -56.61 -6.26 -18.74
CA CYS E 96 -56.70 -7.31 -17.73
C CYS E 96 -56.52 -6.71 -16.34
N ASP E 97 -56.77 -7.52 -15.32
CA ASP E 97 -56.54 -7.06 -13.96
C ASP E 97 -55.19 -7.53 -13.41
N THR E 98 -54.87 -8.80 -13.63
CA THR E 98 -53.57 -9.35 -13.30
C THR E 98 -52.91 -9.82 -14.59
N GLU E 99 -51.79 -10.52 -14.44
CA GLU E 99 -51.09 -11.24 -15.50
C GLU E 99 -50.57 -10.34 -16.62
N ASN E 100 -50.43 -9.05 -16.37
CA ASN E 100 -49.67 -8.21 -17.28
C ASN E 100 -48.22 -8.18 -16.83
N THR E 101 -47.33 -7.89 -17.77
CA THR E 101 -45.90 -8.10 -17.53
C THR E 101 -45.10 -6.97 -18.16
N GLN E 102 -44.21 -6.37 -17.37
CA GLN E 102 -43.39 -5.25 -17.79
C GLN E 102 -41.92 -5.59 -17.60
N VAL E 103 -41.09 -5.30 -18.60
CA VAL E 103 -39.66 -5.56 -18.57
C VAL E 103 -38.93 -4.25 -18.43
N SER E 104 -38.09 -4.15 -17.39
CA SER E 104 -37.22 -3.02 -17.19
C SER E 104 -35.79 -3.42 -17.53
N LYS E 105 -35.08 -2.54 -18.25
CA LYS E 105 -33.69 -2.78 -18.59
C LYS E 105 -32.93 -1.48 -18.40
N ALA E 106 -31.89 -1.51 -17.58
CA ALA E 106 -31.02 -0.37 -17.38
C ALA E 106 -29.58 -0.81 -17.59
N TYR E 107 -28.76 0.14 -17.99
CA TYR E 107 -27.34 -0.10 -18.24
C TYR E 107 -26.62 1.23 -18.08
N VAL E 108 -25.30 1.16 -17.96
CA VAL E 108 -24.48 2.34 -17.74
C VAL E 108 -23.70 2.61 -19.01
N MET E 109 -23.61 3.89 -19.38
CA MET E 109 -22.80 4.33 -20.51
C MET E 109 -22.10 5.61 -20.09
N LYS E 110 -20.92 5.85 -20.65
CA LYS E 110 -20.19 7.04 -20.26
C LYS E 110 -20.86 8.28 -20.83
N SER E 111 -20.57 9.43 -20.21
CA SER E 111 -21.39 10.60 -20.38
C SER E 111 -21.17 11.25 -21.73
N ASP E 112 -22.05 12.20 -22.06
CA ASP E 112 -21.95 12.91 -23.33
C ASP E 112 -20.83 13.94 -23.29
N ASP E 113 -20.45 14.40 -22.11
CA ASP E 113 -19.38 15.37 -21.92
C ASP E 113 -18.07 14.70 -21.55
N CYS E 114 -17.86 13.46 -22.00
CA CYS E 114 -16.66 12.70 -21.67
C CYS E 114 -15.42 13.29 -22.32
N LEU E 115 -15.58 13.90 -23.51
CA LEU E 115 -14.41 14.32 -24.28
C LEU E 115 -13.73 15.52 -23.64
N ALA E 116 -14.50 16.45 -23.11
CA ALA E 116 -13.94 17.67 -22.55
C ALA E 116 -13.94 17.69 -21.03
N ASP E 117 -14.34 16.61 -20.37
CA ASP E 117 -14.37 16.57 -18.91
C ASP E 117 -14.14 15.12 -18.48
N HIS E 118 -12.88 14.76 -18.25
CA HIS E 118 -12.52 13.40 -17.87
C HIS E 118 -11.14 13.44 -17.23
N ALA E 119 -10.87 12.43 -16.40
CA ALA E 119 -9.58 12.29 -15.75
C ALA E 119 -8.78 11.18 -16.41
N GLU E 120 -7.49 11.44 -16.64
CA GLU E 120 -6.60 10.51 -17.31
C GLU E 120 -5.67 9.90 -16.29
N ALA E 121 -5.70 8.58 -16.16
CA ALA E 121 -4.97 7.87 -15.11
C ALA E 121 -3.70 7.29 -15.69
N TYR E 122 -2.56 7.85 -15.31
CA TYR E 122 -1.28 7.46 -15.89
C TYR E 122 -0.45 6.66 -14.90
N LYS E 123 0.68 6.15 -15.38
CA LYS E 123 1.71 5.54 -14.56
C LYS E 123 3.06 6.15 -14.89
N ALA E 124 3.77 6.58 -13.88
CA ALA E 124 5.02 7.29 -14.06
C ALA E 124 6.19 6.49 -13.52
N HIS E 125 7.32 6.60 -14.19
CA HIS E 125 8.58 5.95 -13.87
C HIS E 125 9.66 6.60 -14.70
N THR E 126 10.90 6.59 -14.19
CA THR E 126 12.13 6.78 -14.95
C THR E 126 12.16 8.15 -15.64
N ALA E 127 12.35 9.19 -14.83
CA ALA E 127 12.40 10.56 -15.33
C ALA E 127 13.58 10.79 -16.26
N SER E 128 13.53 11.92 -16.97
CA SER E 128 14.51 12.24 -18.01
C SER E 128 14.71 13.76 -18.00
N VAL E 129 15.71 14.21 -17.24
CA VAL E 129 15.90 15.63 -17.03
C VAL E 129 16.49 16.26 -18.29
N GLN E 130 16.06 17.48 -18.58
CA GLN E 130 16.38 18.23 -19.79
C GLN E 130 16.43 19.69 -19.41
N ALA E 131 17.34 20.45 -20.01
CA ALA E 131 17.64 21.77 -19.48
C ALA E 131 17.90 22.78 -20.60
N PHE E 132 17.38 23.99 -20.44
CA PHE E 132 17.62 25.07 -21.39
C PHE E 132 18.80 25.87 -20.87
N LEU E 133 19.98 25.63 -21.41
CA LEU E 133 21.16 26.37 -21.01
C LEU E 133 21.40 27.58 -21.89
N ASN E 134 22.43 28.34 -21.51
CA ASN E 134 22.86 29.55 -22.19
C ASN E 134 24.36 29.66 -21.90
N ILE E 135 25.17 29.18 -22.84
CA ILE E 135 26.57 28.85 -22.58
C ILE E 135 27.46 29.84 -23.30
N THR E 136 28.38 30.45 -22.55
CA THR E 136 29.38 31.37 -23.10
C THR E 136 30.75 30.83 -22.76
N VAL E 137 31.52 30.43 -23.77
CA VAL E 137 32.87 29.92 -23.59
C VAL E 137 33.78 30.79 -24.44
N GLY E 138 34.44 31.76 -23.80
CA GLY E 138 35.40 32.63 -24.48
C GLY E 138 34.81 33.47 -25.59
N GLU E 139 33.82 34.31 -25.24
CA GLU E 139 32.95 35.10 -26.11
C GLU E 139 32.44 34.36 -27.35
N HIS E 140 32.18 33.06 -27.21
CA HIS E 140 31.32 32.29 -28.10
C HIS E 140 30.08 31.94 -27.30
N SER E 141 28.94 32.52 -27.66
CA SER E 141 27.72 32.39 -26.88
C SER E 141 26.64 31.71 -27.70
N ILE E 142 26.06 30.64 -27.15
CA ILE E 142 24.90 29.98 -27.75
C ILE E 142 23.79 29.88 -26.70
N VAL E 143 22.60 29.54 -27.19
CA VAL E 143 21.44 29.18 -26.36
C VAL E 143 20.89 27.89 -26.92
N THR E 144 20.99 26.79 -26.18
CA THR E 144 20.67 25.50 -26.73
C THR E 144 20.10 24.57 -25.66
N THR E 145 19.00 23.91 -25.98
CA THR E 145 18.46 22.82 -25.17
C THR E 145 19.48 21.72 -25.00
N VAL E 146 19.73 21.31 -23.76
CA VAL E 146 20.62 20.19 -23.51
C VAL E 146 19.81 19.05 -22.89
N TYR E 147 20.28 17.83 -23.10
CA TYR E 147 19.79 16.65 -22.43
C TYR E 147 20.84 16.24 -21.42
N VAL E 148 20.47 16.17 -20.14
CA VAL E 148 21.51 16.05 -19.13
C VAL E 148 21.77 14.61 -18.72
N ASN E 149 21.46 13.62 -19.54
CA ASN E 149 22.12 12.33 -19.42
C ASN E 149 23.60 12.48 -19.71
N GLY E 150 24.41 11.50 -19.29
CA GLY E 150 25.85 11.62 -19.36
C GLY E 150 26.52 11.62 -20.74
N GLU E 151 25.73 11.81 -21.77
CA GLU E 151 26.09 11.83 -23.18
C GLU E 151 25.16 12.84 -23.85
N THR E 152 24.97 12.72 -25.16
CA THR E 152 24.21 13.62 -26.04
C THR E 152 24.82 15.01 -25.96
N PRO E 153 25.96 15.22 -26.60
CA PRO E 153 26.71 16.47 -26.40
C PRO E 153 26.06 17.63 -27.13
N VAL E 154 26.47 18.83 -26.73
CA VAL E 154 26.17 20.04 -27.47
C VAL E 154 27.46 20.54 -28.10
N ASN E 155 27.39 20.90 -29.38
CA ASN E 155 28.57 21.24 -30.17
C ASN E 155 28.44 22.67 -30.66
N PHE E 156 29.42 23.50 -30.33
CA PHE E 156 29.54 24.81 -30.96
C PHE E 156 31.01 25.19 -30.97
N ASN E 157 31.48 25.61 -32.16
CA ASN E 157 32.84 26.11 -32.39
C ASN E 157 33.92 25.09 -31.98
N GLY E 158 33.63 23.81 -32.18
CA GLY E 158 34.57 22.76 -31.84
C GLY E 158 34.59 22.36 -30.39
N VAL E 159 33.89 23.07 -29.51
CA VAL E 159 33.82 22.71 -28.11
C VAL E 159 32.71 21.69 -27.94
N LYS E 160 32.98 20.63 -27.20
CA LYS E 160 32.04 19.54 -26.98
C LYS E 160 31.72 19.48 -25.48
N ILE E 161 30.52 19.92 -25.13
CA ILE E 161 30.07 20.02 -23.74
C ILE E 161 29.03 18.95 -23.50
N THR E 162 29.17 18.20 -22.41
CA THR E 162 28.24 17.15 -22.04
C THR E 162 27.84 17.34 -20.60
N ALA E 163 26.55 17.55 -20.36
CA ALA E 163 26.03 17.75 -19.01
C ALA E 163 25.73 16.40 -18.39
N GLY E 164 26.43 16.08 -17.31
CA GLY E 164 26.31 14.78 -16.69
C GLY E 164 25.00 14.60 -15.98
N PRO E 165 24.73 13.37 -15.54
CA PRO E 165 23.43 13.07 -14.92
C PRO E 165 23.32 13.68 -13.53
N LEU E 166 22.07 13.85 -13.11
CA LEU E 166 21.77 14.42 -11.80
C LEU E 166 22.31 13.55 -10.68
N SER E 167 22.73 14.20 -9.60
CA SER E 167 23.22 13.50 -8.43
C SER E 167 22.10 12.92 -7.58
N THR E 168 20.84 13.10 -7.97
CA THR E 168 19.70 12.61 -7.20
C THR E 168 18.64 12.12 -8.17
N ALA E 169 18.07 10.96 -7.90
CA ALA E 169 16.98 10.40 -8.70
C ALA E 169 15.61 10.81 -8.16
N TRP E 170 15.51 11.97 -7.52
CA TRP E 170 14.25 12.41 -6.95
C TRP E 170 13.28 12.85 -8.04
N THR E 171 12.02 12.43 -7.90
CA THR E 171 10.90 12.86 -8.72
C THR E 171 9.77 13.32 -7.83
N PRO E 172 9.06 14.39 -8.20
CA PRO E 172 7.89 14.81 -7.42
C PRO E 172 6.69 13.91 -7.61
N PHE E 173 6.72 13.03 -8.60
CA PHE E 173 5.59 12.20 -8.98
C PHE E 173 5.70 10.85 -8.30
N ASP E 174 4.56 10.26 -7.98
CA ASP E 174 4.57 8.91 -7.43
C ASP E 174 4.52 7.91 -8.58
N ARG E 175 4.31 6.65 -8.24
CA ARG E 175 4.17 5.61 -9.25
C ARG E 175 2.88 5.77 -10.04
N LYS E 176 1.88 6.44 -9.48
CA LYS E 176 0.57 6.58 -10.10
C LYS E 176 0.14 8.04 -10.10
N ILE E 177 -0.39 8.50 -11.24
CA ILE E 177 -0.71 9.90 -11.49
C ILE E 177 -2.10 10.01 -12.10
N VAL E 178 -2.88 10.98 -11.63
CA VAL E 178 -4.12 11.39 -12.27
C VAL E 178 -3.96 12.80 -12.78
N GLN E 179 -4.32 13.02 -14.04
CA GLN E 179 -4.43 14.36 -14.60
C GLN E 179 -5.90 14.76 -14.69
N TYR E 180 -6.26 15.90 -14.13
CA TYR E 180 -7.59 16.48 -14.32
C TYR E 180 -7.46 17.98 -14.50
N ALA E 181 -7.70 18.46 -15.72
CA ALA E 181 -7.85 19.88 -16.07
C ALA E 181 -6.59 20.68 -15.75
N GLY E 182 -5.49 20.29 -16.38
CA GLY E 182 -4.25 20.99 -16.24
C GLY E 182 -3.53 20.75 -14.93
N GLU E 183 -4.02 19.85 -14.09
CA GLU E 183 -3.48 19.66 -12.75
C GLU E 183 -3.31 18.18 -12.47
N ILE E 184 -2.24 17.87 -11.77
CA ILE E 184 -1.72 16.51 -11.67
C ILE E 184 -1.72 16.09 -10.21
N TYR E 185 -2.12 14.86 -9.94
CA TYR E 185 -2.34 14.37 -8.58
C TYR E 185 -1.61 13.05 -8.40
N ASN E 186 -0.82 12.95 -7.34
CA ASN E 186 -0.34 11.65 -6.89
C ASN E 186 -1.51 10.95 -6.24
N TYR E 187 -2.16 10.05 -6.97
CA TYR E 187 -3.37 9.39 -6.48
C TYR E 187 -3.33 7.92 -6.83
N ASP E 188 -3.59 7.07 -5.83
CA ASP E 188 -3.49 5.61 -5.97
C ASP E 188 -4.82 5.09 -6.49
N PHE E 189 -4.99 5.18 -7.81
CA PHE E 189 -6.24 4.77 -8.44
C PHE E 189 -6.32 3.25 -8.49
N PRO E 190 -7.53 2.68 -8.51
CA PRO E 190 -7.65 1.23 -8.69
C PRO E 190 -7.31 0.82 -10.10
N GLU E 191 -6.88 -0.42 -10.24
CA GLU E 191 -6.50 -0.94 -11.55
C GLU E 191 -7.72 -1.14 -12.43
N TYR E 192 -7.46 -1.36 -13.71
CA TYR E 192 -8.54 -1.54 -14.67
C TYR E 192 -9.21 -2.87 -14.42
N GLY E 193 -10.53 -2.85 -14.28
CA GLY E 193 -11.25 -4.01 -13.83
C GLY E 193 -11.37 -4.14 -12.34
N ALA E 194 -10.78 -3.22 -11.58
CA ALA E 194 -10.83 -3.26 -10.12
C ALA E 194 -11.59 -2.09 -9.54
N GLY E 195 -12.43 -1.45 -10.35
CA GLY E 195 -13.15 -0.30 -9.88
C GLY E 195 -14.29 -0.66 -8.95
N GLN E 196 -14.50 0.19 -7.96
CA GLN E 196 -15.54 0.03 -6.97
C GLN E 196 -16.56 1.14 -7.15
N PRO E 197 -17.84 0.91 -6.84
CA PRO E 197 -18.82 1.97 -7.03
C PRO E 197 -18.71 3.03 -5.94
N GLY E 198 -19.13 4.24 -6.30
CA GLY E 198 -19.06 5.37 -5.40
C GLY E 198 -17.70 5.95 -5.18
N ALA E 199 -16.67 5.43 -5.85
CA ALA E 199 -15.31 5.91 -5.72
C ALA E 199 -14.76 6.16 -7.11
N PHE E 200 -13.49 6.56 -7.16
CA PHE E 200 -12.83 6.88 -8.41
C PHE E 200 -12.71 5.63 -9.26
N GLY E 201 -13.00 5.75 -10.55
CA GLY E 201 -12.84 4.62 -11.42
C GLY E 201 -13.92 3.58 -11.34
N ASP E 202 -15.14 3.93 -10.96
CA ASP E 202 -16.28 3.06 -11.18
C ASP E 202 -16.63 2.96 -12.65
N ILE E 203 -16.23 3.92 -13.45
CA ILE E 203 -16.28 3.88 -14.90
C ILE E 203 -14.86 3.88 -15.42
N GLN E 204 -14.50 2.88 -16.21
CA GLN E 204 -13.14 2.75 -16.72
C GLN E 204 -13.21 2.43 -18.21
N SER E 205 -12.94 3.44 -19.03
CA SER E 205 -12.76 3.26 -20.45
C SER E 205 -11.27 3.35 -20.76
N ARG E 206 -10.79 2.42 -21.59
CA ARG E 206 -9.35 2.24 -21.80
C ARG E 206 -8.73 3.45 -22.51
N THR E 207 -9.37 3.95 -23.55
CA THR E 207 -9.02 5.26 -24.09
C THR E 207 -10.27 6.12 -24.11
N VAL E 208 -10.17 7.32 -24.68
CA VAL E 208 -11.29 8.24 -24.65
C VAL E 208 -12.39 7.80 -25.61
N SER E 209 -12.00 7.15 -26.72
CA SER E 209 -12.96 6.66 -27.70
C SER E 209 -12.83 5.16 -27.87
N SER E 210 -12.78 4.44 -26.75
CA SER E 210 -12.41 3.03 -26.77
C SER E 210 -13.54 2.11 -27.18
N SER E 211 -14.79 2.55 -26.99
CA SER E 211 -16.02 1.75 -27.25
C SER E 211 -16.02 0.42 -26.49
N ASP E 212 -15.42 0.41 -25.29
CA ASP E 212 -15.51 -0.73 -24.39
C ASP E 212 -15.20 -0.18 -23.00
N LEU E 213 -16.20 -0.07 -22.13
CA LEU E 213 -15.99 0.50 -20.82
C LEU E 213 -16.33 -0.50 -19.74
N TYR E 214 -15.60 -0.40 -18.64
CA TYR E 214 -15.85 -1.19 -17.44
C TYR E 214 -16.72 -0.38 -16.49
N ALA E 215 -17.89 -0.92 -16.16
CA ALA E 215 -18.83 -0.23 -15.27
C ALA E 215 -19.13 -1.13 -14.08
N ASN E 216 -18.83 -0.64 -12.88
CA ASN E 216 -19.21 -1.28 -11.63
C ASN E 216 -19.84 -0.18 -10.78
N THR E 217 -21.14 0.06 -10.95
CA THR E 217 -21.79 1.22 -10.34
C THR E 217 -22.87 0.85 -9.34
N ASN E 218 -23.03 -0.44 -9.01
CA ASN E 218 -24.01 -0.96 -8.05
C ASN E 218 -25.45 -0.61 -8.48
N LEU E 219 -25.72 -0.82 -9.76
CA LEU E 219 -27.04 -0.56 -10.31
C LEU E 219 -28.01 -1.68 -9.95
N VAL E 220 -29.15 -1.31 -9.36
CA VAL E 220 -30.19 -2.25 -8.97
C VAL E 220 -31.52 -1.72 -9.49
N LEU E 221 -32.31 -2.59 -10.11
CA LEU E 221 -33.63 -2.23 -10.61
C LEU E 221 -34.70 -2.41 -9.54
N GLN E 222 -35.64 -1.48 -9.49
CA GLN E 222 -36.73 -1.51 -8.52
C GLN E 222 -38.05 -1.77 -9.22
N ARG E 223 -39.09 -1.96 -8.42
CA ARG E 223 -40.41 -2.26 -8.98
C ARG E 223 -41.19 -0.97 -9.22
N PRO E 224 -41.79 -0.78 -10.39
CA PRO E 224 -42.48 0.48 -10.68
C PRO E 224 -43.76 0.65 -9.88
N LYS E 225 -44.21 1.89 -9.82
CA LYS E 225 -45.42 2.25 -9.09
C LYS E 225 -46.64 1.74 -9.83
N ALA E 226 -47.69 1.44 -9.08
CA ALA E 226 -48.93 0.95 -9.67
C ALA E 226 -49.53 2.02 -10.57
N GLY E 227 -49.69 1.67 -11.84
CA GLY E 227 -50.27 2.61 -12.79
C GLY E 227 -49.31 3.64 -13.30
N ALA E 228 -48.10 3.25 -13.66
CA ALA E 228 -47.10 4.18 -14.15
C ALA E 228 -46.11 3.42 -15.02
N ILE E 229 -45.81 3.97 -16.20
CA ILE E 229 -44.83 3.39 -17.10
C ILE E 229 -43.54 4.17 -16.90
N HIS E 230 -42.61 3.59 -16.14
CA HIS E 230 -41.27 4.11 -15.97
C HIS E 230 -40.38 2.98 -15.50
N VAL E 231 -39.07 3.20 -15.60
CA VAL E 231 -38.06 2.26 -15.12
C VAL E 231 -37.45 2.86 -13.86
N PRO E 232 -37.79 2.36 -12.67
CA PRO E 232 -37.12 2.81 -11.46
C PRO E 232 -35.85 2.03 -11.21
N TYR E 233 -34.86 2.70 -10.64
CA TYR E 233 -33.58 2.08 -10.36
C TYR E 233 -32.91 2.78 -9.20
N THR E 234 -32.02 2.06 -8.54
CA THR E 234 -31.21 2.59 -7.46
C THR E 234 -29.76 2.25 -7.73
N GLN E 235 -28.86 3.22 -7.56
CA GLN E 235 -27.45 2.95 -7.73
C GLN E 235 -26.63 3.91 -6.89
N ALA E 236 -25.39 3.51 -6.62
CA ALA E 236 -24.48 4.36 -5.88
C ALA E 236 -24.09 5.56 -6.73
N PRO E 237 -23.96 6.74 -6.13
CA PRO E 237 -23.72 7.94 -6.92
C PRO E 237 -22.33 7.95 -7.55
N SER E 238 -22.11 8.96 -8.38
CA SER E 238 -20.95 9.01 -9.25
C SER E 238 -19.69 9.28 -8.46
N GLY E 239 -18.67 8.46 -8.68
CA GLY E 239 -17.44 8.59 -7.93
C GLY E 239 -16.46 9.58 -8.50
N PHE E 240 -16.66 10.00 -9.74
CA PHE E 240 -15.83 11.06 -10.29
C PHE E 240 -16.24 12.41 -9.70
N GLU E 241 -17.53 12.59 -9.43
CA GLU E 241 -17.98 13.78 -8.72
C GLU E 241 -17.56 13.76 -7.26
N GLN E 242 -17.62 12.59 -6.62
CA GLN E 242 -17.17 12.50 -5.24
C GLN E 242 -15.66 12.66 -5.12
N TRP E 243 -14.92 12.22 -6.14
CA TRP E 243 -13.48 12.48 -6.17
C TRP E 243 -13.17 13.95 -6.42
N LYS E 244 -13.98 14.63 -7.23
CA LYS E 244 -13.84 16.09 -7.35
C LYS E 244 -14.20 16.80 -6.06
N LYS E 245 -15.12 16.24 -5.26
CA LYS E 245 -15.43 16.85 -3.99
C LYS E 245 -14.33 16.62 -2.97
N ASP E 246 -13.63 15.49 -3.05
CA ASP E 246 -12.56 15.27 -2.08
C ASP E 246 -11.32 16.08 -2.45
N LYS E 247 -10.61 15.67 -3.53
CA LYS E 247 -9.51 16.39 -4.19
C LYS E 247 -8.54 17.17 -3.31
N ALA E 248 -7.74 16.47 -2.52
CA ALA E 248 -6.58 17.09 -1.90
C ALA E 248 -5.74 17.78 -2.98
N PRO E 249 -5.18 18.97 -2.70
CA PRO E 249 -4.73 19.89 -3.75
C PRO E 249 -3.64 19.33 -4.66
N SER E 250 -3.44 20.03 -5.77
CA SER E 250 -2.67 19.57 -6.91
C SER E 250 -1.20 19.42 -6.55
N LEU E 251 -0.44 18.93 -7.52
CA LEU E 251 0.96 18.73 -7.22
C LEU E 251 1.76 20.01 -7.42
N LYS E 252 1.16 21.05 -7.99
CA LYS E 252 1.86 22.32 -8.05
C LYS E 252 1.73 23.13 -6.77
N PHE E 253 1.04 22.59 -5.76
CA PHE E 253 0.90 23.26 -4.48
C PHE E 253 1.53 22.48 -3.34
N THR E 254 1.75 21.18 -3.50
CA THR E 254 2.25 20.33 -2.44
C THR E 254 3.62 19.75 -2.72
N ALA E 255 4.22 20.05 -3.87
CA ALA E 255 5.48 19.37 -4.17
C ALA E 255 6.63 20.07 -3.46
N PRO E 256 7.58 19.31 -2.91
CA PRO E 256 8.75 19.94 -2.30
C PRO E 256 9.75 20.47 -3.33
N PHE E 257 10.81 21.12 -2.83
CA PHE E 257 11.91 21.67 -3.61
C PHE E 257 11.47 22.74 -4.61
N GLY E 258 10.31 23.36 -4.39
CA GLY E 258 9.90 24.48 -5.22
C GLY E 258 9.52 24.13 -6.64
N CYS E 259 8.97 22.94 -6.87
CA CYS E 259 8.76 22.49 -8.22
C CYS E 259 7.48 23.09 -8.79
N GLU E 260 7.43 23.18 -10.12
CA GLU E 260 6.34 23.83 -10.83
C GLU E 260 5.75 22.85 -11.84
N ILE E 261 4.64 22.21 -11.48
CA ILE E 261 4.10 21.12 -12.29
C ILE E 261 3.34 21.72 -13.47
N TYR E 262 3.77 21.40 -14.69
CA TYR E 262 3.10 21.80 -15.91
C TYR E 262 2.68 20.56 -16.68
N THR E 263 1.69 20.71 -17.55
CA THR E 263 1.29 19.63 -18.45
C THR E 263 0.88 20.14 -19.83
N ASN E 264 1.86 20.37 -20.70
CA ASN E 264 1.55 20.12 -22.10
C ASN E 264 1.94 18.65 -22.34
N PRO E 265 3.24 18.20 -22.10
CA PRO E 265 3.42 16.88 -21.50
C PRO E 265 3.62 17.02 -20.00
N ILE E 266 3.46 15.92 -19.26
CA ILE E 266 3.57 15.98 -17.80
C ILE E 266 5.03 16.16 -17.41
N ARG E 267 5.30 17.24 -16.69
CA ARG E 267 6.66 17.58 -16.32
C ARG E 267 6.66 18.48 -15.10
N ALA E 268 7.76 18.45 -14.36
CA ALA E 268 8.09 19.42 -13.34
C ALA E 268 9.17 20.35 -13.86
N GLU E 269 9.13 21.60 -13.42
CA GLU E 269 10.15 22.55 -13.83
C GLU E 269 10.74 23.24 -12.61
N ASN E 270 12.03 23.55 -12.70
CA ASN E 270 12.78 24.40 -11.78
C ASN E 270 12.78 23.87 -10.35
N CYS E 271 12.94 22.56 -10.18
CA CYS E 271 13.15 22.01 -8.85
C CYS E 271 14.57 22.34 -8.39
N ALA E 272 14.70 22.81 -7.16
CA ALA E 272 16.01 23.17 -6.62
C ALA E 272 16.56 22.00 -5.81
N VAL E 273 16.86 20.92 -6.51
CA VAL E 273 17.45 19.73 -5.92
C VAL E 273 18.57 19.26 -6.83
N GLY E 274 19.60 18.68 -6.23
CA GLY E 274 20.68 18.08 -6.99
C GLY E 274 21.61 19.11 -7.62
N SER E 275 22.44 18.61 -8.53
CA SER E 275 23.47 19.43 -9.16
C SER E 275 23.94 18.75 -10.42
N ILE E 276 24.19 19.54 -11.46
CA ILE E 276 24.58 19.01 -12.76
C ILE E 276 26.11 19.03 -12.85
N PRO E 277 26.76 17.88 -13.01
CA PRO E 277 28.17 17.89 -13.40
C PRO E 277 28.31 18.22 -14.88
N LEU E 278 29.43 18.84 -15.22
CA LEU E 278 29.71 19.25 -16.58
C LEU E 278 30.99 18.62 -17.05
N ALA E 279 31.12 18.49 -18.37
CA ALA E 279 32.31 17.95 -19.00
C ALA E 279 32.64 18.83 -20.18
N PHE E 280 33.81 19.45 -20.14
CA PHE E 280 34.28 20.30 -21.23
C PHE E 280 35.37 19.58 -21.99
N ASP E 281 35.24 19.54 -23.31
CA ASP E 281 36.28 19.03 -24.19
C ASP E 281 36.72 20.21 -25.04
N ILE E 282 37.64 21.00 -24.51
CA ILE E 282 38.08 22.23 -25.15
C ILE E 282 39.21 21.88 -26.11
N PRO E 283 39.13 22.29 -27.37
CA PRO E 283 40.24 22.04 -28.30
C PRO E 283 41.42 22.97 -28.02
N ASP E 284 42.54 22.67 -28.68
CA ASP E 284 43.79 23.34 -28.42
C ASP E 284 43.99 24.60 -29.27
N ALA E 285 42.96 25.05 -29.97
CA ALA E 285 43.10 26.28 -30.74
C ALA E 285 42.56 27.51 -30.02
N LEU E 286 41.70 27.33 -29.02
CA LEU E 286 41.13 28.46 -28.29
C LEU E 286 42.12 29.10 -27.33
N PHE E 287 43.19 28.41 -26.97
CA PHE E 287 44.13 28.91 -25.98
C PHE E 287 45.09 29.91 -26.63
N THR E 288 44.81 31.20 -26.41
CA THR E 288 45.70 32.26 -26.84
C THR E 288 46.93 32.28 -25.94
N ARG E 289 48.06 32.73 -26.49
CA ARG E 289 49.26 32.94 -25.70
C ARG E 289 49.03 34.08 -24.71
N VAL E 290 49.87 34.12 -23.67
CA VAL E 290 49.74 35.14 -22.63
C VAL E 290 50.06 36.52 -23.19
N SER E 291 51.08 36.60 -24.04
CA SER E 291 51.61 37.88 -24.53
C SER E 291 50.68 38.61 -25.49
N GLU E 292 49.58 37.99 -25.92
CA GLU E 292 48.61 38.67 -26.76
C GLU E 292 47.43 39.21 -25.96
N THR E 293 47.45 39.04 -24.65
CA THR E 293 46.44 39.51 -23.72
C THR E 293 47.06 40.55 -22.80
N PRO E 294 46.25 41.37 -22.11
CA PRO E 294 46.83 42.25 -21.08
C PRO E 294 47.33 41.47 -19.89
N THR E 295 48.32 42.04 -19.22
CA THR E 295 48.88 41.48 -17.99
C THR E 295 49.26 42.64 -17.09
N LEU E 296 48.90 42.53 -15.81
CA LEU E 296 49.04 43.65 -14.90
C LEU E 296 50.38 43.61 -14.19
N SER E 297 50.70 44.74 -13.55
CA SER E 297 51.78 44.83 -12.58
C SER E 297 51.39 45.86 -11.55
N ALA E 298 51.66 45.55 -10.28
CA ALA E 298 51.32 46.38 -9.12
C ALA E 298 49.83 46.66 -9.04
N ALA E 299 49.07 45.60 -8.81
CA ALA E 299 47.64 45.68 -8.59
C ALA E 299 47.31 45.51 -7.11
N GLU E 300 46.27 46.23 -6.66
CA GLU E 300 45.92 46.28 -5.24
C GLU E 300 44.40 46.40 -5.09
N CYS E 301 43.85 45.64 -4.14
CA CYS E 301 42.41 45.54 -3.94
C CYS E 301 42.01 46.13 -2.59
N THR E 302 41.07 47.07 -2.61
CA THR E 302 40.47 47.63 -1.41
C THR E 302 38.96 47.52 -1.49
N LEU E 303 38.34 47.20 -0.36
CA LEU E 303 36.89 47.03 -0.27
C LEU E 303 36.24 48.37 0.04
N ASN E 304 35.39 48.86 -0.87
CA ASN E 304 34.68 50.10 -0.59
C ASN E 304 33.52 49.86 0.38
N GLU E 305 32.55 49.06 -0.05
CA GLU E 305 31.42 48.69 0.79
C GLU E 305 31.34 47.17 0.87
N CYS E 306 30.66 46.69 1.91
CA CYS E 306 30.69 45.28 2.25
C CYS E 306 29.44 45.03 3.11
N VAL E 307 28.46 44.36 2.52
CA VAL E 307 27.26 43.93 3.22
C VAL E 307 27.11 42.44 2.96
N TYR E 308 26.96 41.65 4.02
CA TYR E 308 26.82 40.21 3.83
C TYR E 308 25.36 39.82 3.63
N SER E 309 24.79 40.44 2.60
CA SER E 309 23.40 40.27 2.20
C SER E 309 23.27 39.04 1.32
N SER E 310 22.12 38.91 0.66
CA SER E 310 21.90 37.78 -0.23
C SER E 310 22.18 38.13 -1.68
N ASP E 311 22.07 39.39 -2.07
CA ASP E 311 22.40 39.84 -3.41
C ASP E 311 23.86 40.29 -3.45
N PHE E 312 24.23 41.00 -4.52
CA PHE E 312 25.58 41.54 -4.64
C PHE E 312 25.63 42.84 -3.85
N GLY E 313 26.25 42.80 -2.68
CA GLY E 313 26.25 43.95 -1.79
C GLY E 313 27.64 44.41 -1.40
N GLY E 314 28.64 44.03 -2.18
CA GLY E 314 30.00 44.41 -1.89
C GLY E 314 30.69 45.03 -3.09
N ILE E 315 31.35 46.16 -2.90
CA ILE E 315 32.07 46.86 -3.95
C ILE E 315 33.54 46.89 -3.59
N ALA E 316 34.38 46.32 -4.46
CA ALA E 316 35.82 46.35 -4.28
C ALA E 316 36.45 47.15 -5.42
N THR E 317 37.43 47.97 -5.08
CA THR E 317 38.13 48.79 -6.06
C THR E 317 39.54 48.24 -6.26
N VAL E 318 39.87 47.91 -7.50
CA VAL E 318 41.18 47.36 -7.84
C VAL E 318 41.92 48.38 -8.68
N LYS E 319 43.02 48.90 -8.14
CA LYS E 319 43.87 49.86 -8.85
C LYS E 319 45.06 49.11 -9.44
N TYR E 320 45.28 49.28 -10.74
CA TYR E 320 46.23 48.48 -11.48
C TYR E 320 47.13 49.38 -12.32
N SER E 321 48.13 48.75 -12.95
CA SER E 321 48.95 49.38 -13.98
C SER E 321 49.10 48.36 -15.10
N ALA E 322 48.39 48.57 -16.19
CA ALA E 322 48.27 47.57 -17.24
C ALA E 322 49.29 47.79 -18.34
N SER E 323 49.85 46.69 -18.82
CA SER E 323 50.73 46.68 -19.98
C SER E 323 50.00 46.95 -21.28
N LYS E 324 48.69 46.72 -21.33
CA LYS E 324 47.90 46.86 -22.53
C LYS E 324 46.44 46.96 -22.12
N SER E 325 45.65 47.68 -22.92
CA SER E 325 44.24 47.91 -22.63
C SER E 325 43.42 46.84 -23.36
N GLY E 326 42.76 45.98 -22.59
CA GLY E 326 41.85 45.00 -23.14
C GLY E 326 41.07 44.31 -22.04
N LYS E 327 39.99 43.65 -22.43
CA LYS E 327 39.17 42.93 -21.47
C LYS E 327 39.85 41.63 -21.04
N CYS E 328 39.72 41.29 -19.76
CA CYS E 328 40.26 40.03 -19.27
C CYS E 328 39.35 39.48 -18.19
N ALA E 329 39.63 38.25 -17.78
CA ALA E 329 38.79 37.55 -16.82
C ALA E 329 39.05 38.03 -15.41
N VAL E 330 37.99 38.07 -14.61
CA VAL E 330 38.08 38.11 -13.16
C VAL E 330 37.37 36.88 -12.63
N HIS E 331 37.91 36.31 -11.56
CA HIS E 331 37.36 35.10 -10.97
C HIS E 331 37.84 34.99 -9.53
N VAL E 332 37.03 34.40 -8.69
CA VAL E 332 37.40 34.02 -7.33
C VAL E 332 37.47 32.50 -7.28
N PRO E 333 38.58 31.91 -6.84
CA PRO E 333 38.69 30.45 -6.81
C PRO E 333 37.77 29.78 -5.81
N SER E 334 37.78 30.25 -4.56
CA SER E 334 36.96 29.63 -3.54
C SER E 334 35.50 30.07 -3.67
N GLY E 335 34.65 29.43 -2.88
CA GLY E 335 33.27 29.88 -2.75
C GLY E 335 33.10 30.87 -1.64
N THR E 336 34.20 31.46 -1.19
CA THR E 336 34.25 32.51 -0.17
C THR E 336 33.39 33.71 -0.57
N ALA E 337 33.49 34.14 -1.83
CA ALA E 337 32.68 35.24 -2.32
C ALA E 337 32.46 35.05 -3.81
N THR E 338 31.26 35.36 -4.28
CA THR E 338 30.86 35.16 -5.66
C THR E 338 30.74 36.51 -6.36
N LEU E 339 31.50 36.69 -7.44
CA LEU E 339 31.50 37.94 -8.17
C LEU E 339 30.24 38.05 -9.02
N LYS E 340 29.99 39.26 -9.52
CA LYS E 340 28.84 39.51 -10.38
C LYS E 340 29.16 39.26 -11.86
N GLU E 341 30.23 39.84 -12.36
CA GLU E 341 30.59 39.75 -13.77
C GLU E 341 31.76 38.79 -13.98
N ALA E 342 31.86 38.29 -15.20
CA ALA E 342 32.90 37.34 -15.56
C ALA E 342 34.07 37.98 -16.28
N ALA E 343 33.93 39.22 -16.74
CA ALA E 343 35.00 39.90 -17.44
C ALA E 343 34.98 41.38 -17.07
N VAL E 344 36.17 41.99 -17.11
CA VAL E 344 36.35 43.41 -16.84
C VAL E 344 37.19 44.00 -17.96
N GLU E 345 36.68 45.05 -18.60
CA GLU E 345 37.46 45.75 -19.60
C GLU E 345 38.40 46.74 -18.92
N LEU E 346 39.67 46.71 -19.32
CA LEU E 346 40.69 47.52 -18.68
C LEU E 346 41.13 48.66 -19.58
N THR E 347 41.49 49.78 -18.95
CA THR E 347 42.36 50.79 -19.54
C THR E 347 43.79 50.40 -19.19
N GLU E 348 44.74 51.33 -19.33
CA GLU E 348 46.11 51.01 -18.96
C GLU E 348 46.48 51.45 -17.56
N GLN E 349 45.90 52.53 -17.03
CA GLN E 349 46.22 53.00 -15.69
C GLN E 349 45.01 53.23 -14.80
N GLY E 350 43.84 52.71 -15.17
CA GLY E 350 42.63 53.01 -14.44
C GLY E 350 42.49 52.23 -13.15
N SER E 351 41.29 52.31 -12.58
CA SER E 351 40.91 51.55 -11.39
C SER E 351 39.57 50.90 -11.64
N ALA E 352 39.51 49.59 -11.43
CA ALA E 352 38.34 48.79 -11.77
C ALA E 352 37.43 48.63 -10.56
N THR E 353 36.14 48.43 -10.85
CA THR E 353 35.11 48.22 -9.84
C THR E 353 34.45 46.87 -10.09
N ILE E 354 34.51 45.99 -9.11
CA ILE E 354 33.87 44.68 -9.20
C ILE E 354 32.77 44.60 -8.14
N HIS E 355 31.74 43.83 -8.46
CA HIS E 355 30.66 43.57 -7.51
C HIS E 355 30.70 42.11 -7.10
N PHE E 356 30.74 41.87 -5.79
CA PHE E 356 30.81 40.51 -5.28
C PHE E 356 29.68 40.29 -4.28
N SER E 357 29.69 39.12 -3.66
CA SER E 357 28.60 38.72 -2.77
C SER E 357 29.13 37.66 -1.81
N THR E 358 28.99 37.92 -0.51
CA THR E 358 29.60 37.06 0.49
C THR E 358 28.67 36.89 1.67
N ALA E 359 28.91 35.82 2.42
CA ALA E 359 28.27 35.60 3.70
C ALA E 359 29.20 35.90 4.87
N ASN E 360 30.43 36.28 4.58
CA ASN E 360 31.45 36.44 5.59
C ASN E 360 31.35 37.80 6.26
N ILE E 361 31.46 37.82 7.59
CA ILE E 361 31.57 39.08 8.30
C ILE E 361 32.94 39.68 8.07
N HIS E 362 33.98 38.85 8.09
CA HIS E 362 35.35 39.28 7.85
C HIS E 362 35.86 38.51 6.64
N PRO E 363 35.63 39.01 5.42
CA PRO E 363 36.10 38.29 4.24
C PRO E 363 37.57 38.56 3.96
N GLU E 364 38.30 37.50 3.65
CA GLU E 364 39.68 37.58 3.17
C GLU E 364 39.76 36.60 2.00
N PHE E 365 39.45 37.08 0.80
CA PHE E 365 39.43 36.26 -0.39
C PHE E 365 40.43 36.79 -1.40
N ARG E 366 41.06 35.87 -2.13
CA ARG E 366 42.10 36.19 -3.10
C ARG E 366 41.48 36.24 -4.48
N LEU E 367 41.39 37.44 -5.04
CA LEU E 367 40.86 37.63 -6.39
C LEU E 367 41.85 37.10 -7.40
N GLN E 368 41.35 36.76 -8.58
CA GLN E 368 42.19 36.45 -9.74
C GLN E 368 41.82 37.39 -10.88
N ILE E 369 42.61 38.44 -11.05
CA ILE E 369 42.52 39.31 -12.22
C ILE E 369 43.73 38.93 -13.07
N CYS E 370 43.81 39.46 -14.30
CA CYS E 370 44.06 38.75 -15.59
C CYS E 370 44.91 37.51 -15.36
N THR E 371 46.13 37.63 -14.80
CA THR E 371 46.93 36.49 -14.41
C THR E 371 47.52 36.63 -13.01
N SER E 372 47.34 37.77 -12.36
CA SER E 372 47.88 37.98 -11.03
C SER E 372 46.88 37.50 -9.97
N TYR E 373 47.21 37.80 -8.71
CA TYR E 373 46.39 37.40 -7.56
C TYR E 373 46.53 38.46 -6.49
N VAL E 374 45.51 39.26 -6.30
CA VAL E 374 45.49 40.25 -5.24
C VAL E 374 44.65 39.70 -4.10
N THR E 375 44.84 40.26 -2.91
CA THR E 375 44.18 39.77 -1.70
C THR E 375 43.23 40.85 -1.19
N CYS E 376 41.93 40.62 -1.39
CA CYS E 376 40.91 41.55 -0.93
C CYS E 376 40.55 41.21 0.51
N LYS E 377 40.56 42.22 1.38
CA LYS E 377 40.38 42.02 2.81
C LYS E 377 39.59 43.18 3.40
N GLY E 378 38.61 42.85 4.24
CA GLY E 378 37.80 43.89 4.84
C GLY E 378 36.81 43.33 5.84
N ASP E 379 35.78 44.12 6.13
CA ASP E 379 34.74 43.77 7.10
C ASP E 379 33.38 44.12 6.54
N CYS E 380 32.44 43.19 6.64
CA CYS E 380 31.07 43.42 6.17
C CYS E 380 30.14 43.82 7.31
N HIS E 381 28.98 44.33 6.92
CA HIS E 381 27.96 44.87 7.80
C HIS E 381 26.61 44.17 7.55
N PRO E 382 25.73 44.12 8.56
CA PRO E 382 24.45 43.45 8.35
C PRO E 382 23.55 44.24 7.44
N PRO E 383 22.69 43.59 6.66
CA PRO E 383 21.76 44.30 5.78
C PRO E 383 20.58 44.86 6.57
N LYS E 384 19.62 45.42 5.84
CA LYS E 384 18.49 46.07 6.50
C LYS E 384 17.17 45.36 6.31
N ASP E 385 16.96 44.66 5.21
CA ASP E 385 15.72 43.92 5.01
C ASP E 385 15.81 42.55 5.66
N HIS E 386 14.74 42.16 6.35
CA HIS E 386 14.70 40.84 6.94
C HIS E 386 14.41 39.78 5.89
N ILE E 387 13.46 40.04 4.99
CA ILE E 387 12.95 39.07 4.05
C ILE E 387 13.09 39.65 2.65
N VAL E 388 13.77 38.92 1.77
CA VAL E 388 13.93 39.34 0.39
C VAL E 388 13.13 38.40 -0.50
N THR E 389 12.93 38.82 -1.75
CA THR E 389 12.17 38.07 -2.73
C THR E 389 13.04 37.55 -3.85
N HIS E 390 14.26 37.10 -3.54
CA HIS E 390 15.17 36.51 -4.50
C HIS E 390 16.08 35.58 -3.75
N PRO E 391 16.43 34.42 -4.31
CA PRO E 391 17.22 33.44 -3.54
C PRO E 391 18.68 33.83 -3.38
N GLN E 392 19.46 32.93 -2.80
CA GLN E 392 20.77 33.25 -2.28
C GLN E 392 21.85 33.07 -3.36
N TYR E 393 22.65 34.10 -3.56
CA TYR E 393 23.63 34.12 -4.64
C TYR E 393 25.00 33.60 -4.24
N HIS E 394 25.17 33.17 -3.00
CA HIS E 394 26.47 32.71 -2.51
C HIS E 394 26.29 31.43 -1.73
N ALA E 395 27.40 30.92 -1.19
CA ALA E 395 27.43 29.63 -0.52
C ALA E 395 27.57 29.80 0.98
N GLN E 396 27.02 28.85 1.73
CA GLN E 396 27.04 28.89 3.19
C GLN E 396 28.22 28.05 3.66
N THR E 397 29.37 28.71 3.84
CA THR E 397 30.53 28.04 4.37
C THR E 397 30.37 27.82 5.87
N PHE E 398 30.78 26.66 6.35
CA PHE E 398 30.83 26.44 7.78
C PHE E 398 31.91 27.32 8.40
N THR E 399 31.58 27.94 9.53
CA THR E 399 32.35 28.99 10.19
C THR E 399 32.69 30.13 9.21
N ALA E 400 31.64 30.74 8.67
CA ALA E 400 31.78 31.89 7.80
C ALA E 400 31.47 33.21 8.50
N ALA E 401 30.73 33.18 9.60
CA ALA E 401 30.23 34.38 10.23
C ALA E 401 30.63 34.41 11.70
N VAL E 402 31.91 34.17 11.97
CA VAL E 402 32.35 33.95 13.34
C VAL E 402 32.73 35.26 14.04
N SER E 403 32.96 36.35 13.28
CA SER E 403 33.02 37.71 13.82
C SER E 403 34.11 37.92 14.86
N LYS E 404 35.37 38.12 14.42
CA LYS E 404 36.65 37.89 15.09
C LYS E 404 36.72 37.99 16.62
N THR E 405 35.90 38.85 17.22
CA THR E 405 35.74 38.89 18.66
C THR E 405 35.40 37.52 19.24
N ALA E 406 34.50 36.78 18.59
CA ALA E 406 34.17 35.45 19.08
C ALA E 406 35.28 34.44 18.79
N TRP E 407 36.10 34.68 17.76
CA TRP E 407 37.34 33.89 17.63
C TRP E 407 38.24 34.10 18.84
N THR E 408 38.31 35.34 19.34
CA THR E 408 39.15 35.63 20.50
C THR E 408 38.59 34.97 21.76
N TRP E 409 37.27 34.98 21.91
CA TRP E 409 36.66 34.33 23.07
C TRP E 409 36.82 32.81 23.04
N LEU E 410 36.62 32.20 21.86
CA LEU E 410 36.85 30.76 21.72
C LEU E 410 38.31 30.41 21.92
N THR E 411 39.23 31.23 21.41
CA THR E 411 40.64 30.93 21.51
C THR E 411 41.14 31.08 22.94
N SER E 412 40.61 32.05 23.68
CA SER E 412 40.93 32.19 25.10
C SER E 412 40.41 30.99 25.89
N LEU E 413 39.10 30.71 25.79
CA LEU E 413 38.49 29.63 26.56
C LEU E 413 38.95 28.25 26.13
N LEU E 414 39.56 28.11 24.95
CA LEU E 414 40.04 26.82 24.50
C LEU E 414 41.55 26.67 24.61
N GLY E 415 42.29 27.77 24.72
CA GLY E 415 43.74 27.69 24.77
C GLY E 415 44.30 27.91 26.16
N GLY E 416 43.66 28.75 26.97
CA GLY E 416 44.14 28.96 28.32
C GLY E 416 44.05 27.72 29.18
N SER E 417 43.02 26.90 28.95
CA SER E 417 42.89 25.63 29.66
C SER E 417 44.02 24.67 29.28
N ALA E 418 44.39 24.64 28.00
CA ALA E 418 45.50 23.79 27.57
C ALA E 418 46.83 24.29 28.10
N VAL E 419 47.01 25.62 28.18
CA VAL E 419 48.21 26.21 28.76
C VAL E 419 48.33 25.82 30.24
N ILE E 420 47.23 25.92 30.97
CA ILE E 420 47.23 25.60 32.40
C ILE E 420 47.49 24.12 32.62
N ILE E 421 46.93 23.25 31.77
CA ILE E 421 47.16 21.83 32.01
C ILE E 421 48.57 21.40 31.58
N ILE E 422 49.18 22.04 30.59
CA ILE E 422 50.55 21.64 30.26
C ILE E 422 51.55 22.23 31.27
N ILE E 423 51.27 23.39 31.86
CA ILE E 423 52.20 23.86 32.88
C ILE E 423 52.00 23.06 34.17
N GLY E 424 50.80 22.52 34.40
CA GLY E 424 50.63 21.59 35.50
C GLY E 424 51.39 20.29 35.30
N LEU E 425 51.41 19.78 34.07
CA LEU E 425 52.15 18.54 33.81
C LEU E 425 53.66 18.75 33.90
N VAL E 426 54.15 19.90 33.41
CA VAL E 426 55.57 20.23 33.53
C VAL E 426 55.95 20.42 35.01
N LEU E 427 55.08 21.05 35.79
CA LEU E 427 55.34 21.22 37.22
C LEU E 427 55.36 19.88 37.94
N ALA E 428 54.49 18.94 37.53
CA ALA E 428 54.50 17.60 38.11
C ALA E 428 55.79 16.85 37.80
N THR E 429 56.30 17.01 36.56
CA THR E 429 57.54 16.35 36.18
C THR E 429 58.74 16.93 36.94
N ILE E 430 58.77 18.26 37.11
CA ILE E 430 59.85 18.92 37.85
C ILE E 430 59.81 18.52 39.33
N VAL E 431 58.61 18.40 39.91
CA VAL E 431 58.48 17.97 41.30
C VAL E 431 58.94 16.53 41.48
N ALA E 432 58.63 15.65 40.51
CA ALA E 432 59.10 14.28 40.58
C ALA E 432 60.63 14.18 40.49
N MET E 433 61.24 14.99 39.60
CA MET E 433 62.69 15.00 39.51
C MET E 433 63.33 15.58 40.77
N TYR E 434 62.68 16.57 41.40
CA TYR E 434 63.20 17.16 42.62
C TYR E 434 63.11 16.19 43.81
N VAL E 435 62.07 15.37 43.84
CA VAL E 435 61.98 14.31 44.84
C VAL E 435 63.07 13.27 44.64
N LEU E 436 63.30 12.85 43.39
CA LEU E 436 64.35 11.87 43.12
C LEU E 436 65.74 12.44 43.38
N THR E 437 65.90 13.76 43.24
CA THR E 437 67.17 14.40 43.59
C THR E 437 67.36 14.46 45.10
N ASN E 438 66.31 14.82 45.84
CA ASN E 438 66.45 14.95 47.30
C ASN E 438 66.54 13.61 48.02
N GLN E 439 66.12 12.51 47.38
CA GLN E 439 66.26 11.20 48.01
C GLN E 439 67.63 10.55 47.75
N LYS E 440 68.65 11.37 47.50
CA LYS E 440 70.02 10.90 47.36
C LYS E 440 70.86 11.20 48.60
N THR F 4 -13.92 3.24 -49.80
CA THR F 4 -14.86 4.14 -49.12
C THR F 4 -15.75 3.37 -48.15
N THR F 5 -16.95 3.92 -47.91
CA THR F 5 -17.93 3.30 -47.04
C THR F 5 -19.27 3.26 -47.77
N MET F 6 -19.84 2.08 -47.89
CA MET F 6 -21.09 1.87 -48.62
C MET F 6 -22.20 1.57 -47.63
N CYS F 7 -23.25 2.40 -47.63
CA CYS F 7 -24.40 2.19 -46.76
C CYS F 7 -25.36 1.18 -47.39
N LEU F 8 -26.49 0.96 -46.72
CA LEU F 8 -27.40 -0.10 -47.08
C LEU F 8 -28.85 0.37 -46.99
N LEU F 9 -29.64 0.04 -48.01
CA LEU F 9 -31.09 0.11 -47.97
C LEU F 9 -31.74 -1.20 -48.36
N ALA F 10 -31.05 -2.01 -49.16
CA ALA F 10 -31.47 -3.30 -49.70
C ALA F 10 -30.16 -4.07 -49.86
N ASN F 11 -30.13 -5.05 -50.76
CA ASN F 11 -28.81 -5.55 -51.18
C ASN F 11 -28.18 -4.65 -52.26
N VAL F 12 -28.08 -3.35 -51.97
CA VAL F 12 -27.55 -2.33 -52.86
C VAL F 12 -26.53 -1.54 -52.06
N THR F 13 -25.25 -1.74 -52.34
CA THR F 13 -24.20 -0.96 -51.69
C THR F 13 -24.05 0.36 -52.43
N PHE F 14 -24.73 1.38 -51.96
CA PHE F 14 -24.69 2.71 -52.55
C PHE F 14 -23.73 3.60 -51.77
N PRO F 15 -23.18 4.63 -52.41
CA PRO F 15 -22.38 5.62 -51.67
C PRO F 15 -23.24 6.41 -50.69
N CYS F 16 -22.73 6.56 -49.47
CA CYS F 16 -23.52 7.11 -48.36
C CYS F 16 -23.83 8.59 -48.55
N ALA F 17 -22.98 9.32 -49.28
CA ALA F 17 -23.24 10.71 -49.58
C ALA F 17 -24.19 10.91 -50.76
N GLN F 18 -24.60 9.83 -51.41
CA GLN F 18 -25.50 9.88 -52.58
C GLN F 18 -26.77 9.10 -52.25
N PRO F 19 -27.76 9.74 -51.63
CA PRO F 19 -29.01 9.05 -51.33
C PRO F 19 -29.90 8.98 -52.56
N PRO F 20 -30.73 7.95 -52.67
CA PRO F 20 -31.70 7.92 -53.76
C PRO F 20 -32.95 8.76 -53.50
N ILE F 21 -33.29 9.00 -52.24
CA ILE F 21 -34.56 9.58 -51.84
C ILE F 21 -34.31 10.79 -50.94
N CYS F 22 -35.40 11.40 -50.50
CA CYS F 22 -35.36 12.51 -49.55
C CYS F 22 -36.47 12.32 -48.52
N TYR F 23 -36.45 13.14 -47.48
CA TYR F 23 -37.44 13.02 -46.42
C TYR F 23 -38.77 13.66 -46.78
N ASP F 24 -38.77 14.72 -47.60
CA ASP F 24 -40.04 15.30 -48.01
C ASP F 24 -40.78 14.45 -49.03
N ARG F 25 -40.10 13.48 -49.65
CA ARG F 25 -40.74 12.53 -50.55
C ARG F 25 -41.36 11.36 -49.78
N LYS F 26 -40.52 10.62 -49.05
CA LYS F 26 -40.96 9.42 -48.36
C LYS F 26 -41.06 9.68 -46.87
N PRO F 27 -42.16 9.29 -46.22
CA PRO F 27 -42.26 9.54 -44.77
C PRO F 27 -41.42 8.59 -43.94
N ALA F 28 -41.34 7.31 -44.34
CA ALA F 28 -40.69 6.30 -43.52
C ALA F 28 -39.67 5.44 -44.26
N GLU F 29 -39.23 5.83 -45.46
CA GLU F 29 -38.17 5.09 -46.11
C GLU F 29 -36.79 5.65 -45.85
N THR F 30 -36.66 6.96 -45.62
CA THR F 30 -35.42 7.49 -45.06
C THR F 30 -35.20 6.94 -43.66
N LEU F 31 -36.29 6.73 -42.93
CA LEU F 31 -36.22 6.15 -41.60
C LEU F 31 -35.77 4.70 -41.66
N ALA F 32 -36.29 3.96 -42.65
CA ALA F 32 -35.84 2.58 -42.85
C ALA F 32 -34.41 2.51 -43.36
N MET F 33 -33.94 3.57 -44.03
CA MET F 33 -32.54 3.61 -44.43
C MET F 33 -31.63 3.89 -43.24
N LEU F 34 -32.08 4.73 -42.32
CA LEU F 34 -31.31 4.98 -41.10
C LEU F 34 -31.46 3.85 -40.08
N SER F 35 -32.39 2.92 -40.32
CA SER F 35 -32.54 1.74 -39.46
C SER F 35 -31.29 0.87 -39.45
N VAL F 36 -30.95 0.30 -40.60
CA VAL F 36 -29.85 -0.66 -40.70
C VAL F 36 -28.49 0.01 -40.67
N ASN F 37 -28.45 1.34 -40.81
CA ASN F 37 -27.20 2.08 -40.93
C ASN F 37 -26.81 2.78 -39.64
N VAL F 38 -27.25 2.27 -38.48
CA VAL F 38 -26.85 2.86 -37.21
C VAL F 38 -25.38 2.55 -36.93
N ASP F 39 -25.00 1.28 -37.09
CA ASP F 39 -23.60 0.87 -36.96
C ASP F 39 -22.89 1.19 -38.27
N ASN F 40 -22.47 2.45 -38.39
CA ASN F 40 -21.88 2.93 -39.63
C ASN F 40 -20.97 4.11 -39.31
N PRO F 41 -19.70 4.08 -39.75
CA PRO F 41 -18.83 5.25 -39.58
C PRO F 41 -19.19 6.43 -40.48
N GLY F 42 -20.11 6.26 -41.42
CA GLY F 42 -20.57 7.37 -42.23
C GLY F 42 -22.04 7.70 -42.02
N TYR F 43 -22.52 7.52 -40.79
CA TYR F 43 -23.91 7.86 -40.48
C TYR F 43 -24.15 9.36 -40.58
N ASP F 44 -23.17 10.16 -40.14
CA ASP F 44 -23.30 11.61 -40.21
C ASP F 44 -23.32 12.09 -41.67
N GLU F 45 -22.45 11.52 -42.51
CA GLU F 45 -22.44 11.83 -43.93
C GLU F 45 -23.76 11.42 -44.59
N LEU F 46 -24.24 10.21 -44.26
CA LEU F 46 -25.50 9.70 -44.80
C LEU F 46 -26.67 10.58 -44.45
N LEU F 47 -26.78 10.99 -43.18
CA LEU F 47 -27.89 11.82 -42.73
C LEU F 47 -27.83 13.22 -43.32
N GLU F 48 -26.65 13.87 -43.27
CA GLU F 48 -26.52 15.23 -43.76
C GLU F 48 -26.69 15.33 -45.27
N ALA F 49 -26.33 14.27 -46.01
CA ALA F 49 -26.60 14.26 -47.43
C ALA F 49 -28.02 13.79 -47.73
N ALA F 50 -28.65 13.05 -46.81
CA ALA F 50 -29.91 12.37 -47.10
C ALA F 50 -31.13 13.18 -46.71
N VAL F 51 -31.00 14.19 -45.86
CA VAL F 51 -32.16 15.06 -45.62
C VAL F 51 -32.43 15.93 -46.84
N LYS F 52 -31.45 16.75 -47.21
CA LYS F 52 -31.64 17.75 -48.26
C LYS F 52 -31.61 17.10 -49.64
N CYS F 53 -31.95 17.89 -50.65
CA CYS F 53 -32.02 17.43 -52.03
C CYS F 53 -30.62 17.20 -52.61
N SER G 1 -25.16 27.78 -42.49
CA SER G 1 -26.43 27.08 -42.56
C SER G 1 -26.75 26.38 -41.24
N THR G 2 -27.89 26.74 -40.65
CA THR G 2 -28.35 26.08 -39.44
C THR G 2 -29.36 24.97 -39.70
N GLU G 3 -30.01 24.99 -40.86
CA GLU G 3 -31.04 24.00 -41.18
C GLU G 3 -30.43 22.62 -41.42
N GLU G 4 -29.17 22.56 -41.83
CA GLU G 4 -28.46 21.30 -41.97
C GLU G 4 -28.16 20.68 -40.60
N LEU G 5 -28.28 21.46 -39.53
CA LEU G 5 -28.07 20.98 -38.17
C LEU G 5 -29.40 20.73 -37.45
N PHE G 6 -30.45 21.48 -37.82
CA PHE G 6 -31.81 21.21 -37.37
C PHE G 6 -32.47 20.06 -38.12
N ASN G 7 -31.81 19.48 -39.13
CA ASN G 7 -32.50 18.55 -40.02
C ASN G 7 -32.78 17.23 -39.33
N GLU G 8 -32.06 16.95 -38.25
CA GLU G 8 -32.26 15.73 -37.49
C GLU G 8 -33.58 15.75 -36.75
N TYR G 9 -33.95 16.91 -36.20
CA TYR G 9 -35.15 17.00 -35.38
C TYR G 9 -36.40 17.28 -36.20
N LYS G 10 -36.26 17.43 -37.52
CA LYS G 10 -37.41 17.38 -38.40
C LYS G 10 -37.98 15.97 -38.46
N LEU G 11 -37.14 14.97 -38.24
CA LEU G 11 -37.51 13.57 -38.26
C LEU G 11 -38.34 13.13 -37.06
N THR G 12 -38.37 13.92 -35.99
CA THR G 12 -38.95 13.51 -34.72
C THR G 12 -40.12 14.40 -34.33
N ARG G 13 -40.82 13.98 -33.29
CA ARG G 13 -41.98 14.65 -32.74
C ARG G 13 -41.82 14.85 -31.25
N PRO G 14 -42.49 15.83 -30.67
CA PRO G 14 -42.61 15.88 -29.21
C PRO G 14 -43.54 14.80 -28.69
N TYR G 15 -43.47 14.56 -27.37
CA TYR G 15 -44.30 13.54 -26.76
C TYR G 15 -44.66 13.96 -25.35
N MET G 16 -45.68 13.30 -24.81
CA MET G 16 -46.10 13.45 -23.43
C MET G 16 -45.54 12.33 -22.57
N ALA G 17 -45.28 12.64 -21.31
CA ALA G 17 -44.68 11.67 -20.40
C ALA G 17 -45.12 12.00 -18.98
N ARG G 18 -44.58 11.25 -18.03
CA ARG G 18 -45.06 11.29 -16.66
C ARG G 18 -44.24 12.23 -15.80
N CYS G 19 -44.92 13.16 -15.14
CA CYS G 19 -44.31 14.10 -14.23
C CYS G 19 -44.97 13.91 -12.88
N ILE G 20 -44.16 13.61 -11.86
CA ILE G 20 -44.75 13.18 -10.60
C ILE G 20 -45.22 14.39 -9.77
N ARG G 21 -44.89 15.60 -10.18
CA ARG G 21 -45.23 16.79 -9.44
C ARG G 21 -45.65 17.86 -10.44
N CYS G 22 -46.94 17.88 -10.80
CA CYS G 22 -47.53 18.79 -11.77
C CYS G 22 -48.15 19.97 -11.05
N ALA G 23 -48.99 20.72 -11.77
CA ALA G 23 -49.60 21.93 -11.20
C ALA G 23 -50.61 21.62 -10.11
N VAL G 24 -51.19 20.42 -10.11
CA VAL G 24 -52.13 20.02 -9.05
C VAL G 24 -51.66 18.72 -8.41
N GLY G 25 -51.48 17.68 -9.20
CA GLY G 25 -51.07 16.39 -8.68
C GLY G 25 -49.94 15.82 -9.52
N SER G 26 -50.08 14.54 -9.85
CA SER G 26 -49.15 13.83 -10.72
C SER G 26 -49.86 13.55 -12.03
N CYS G 27 -49.44 14.19 -13.10
CA CYS G 27 -50.17 14.18 -14.36
C CYS G 27 -49.35 13.50 -15.44
N HIS G 28 -49.86 13.57 -16.67
CA HIS G 28 -49.11 13.24 -17.87
C HIS G 28 -48.80 14.55 -18.57
N SER G 29 -47.53 14.84 -18.77
CA SER G 29 -47.23 16.23 -18.99
C SER G 29 -46.58 16.45 -20.35
N PRO G 30 -46.83 17.61 -20.98
CA PRO G 30 -46.10 17.93 -22.21
C PRO G 30 -44.67 18.35 -21.99
N ILE G 31 -44.29 18.73 -20.77
CA ILE G 31 -42.98 19.30 -20.48
C ILE G 31 -42.26 18.48 -19.43
N ALA G 32 -42.42 17.15 -19.49
CA ALA G 32 -41.67 16.24 -18.65
C ALA G 32 -40.17 16.42 -18.84
N ILE G 33 -39.43 16.39 -17.74
CA ILE G 33 -38.02 16.73 -17.73
C ILE G 33 -37.26 15.43 -17.58
N GLU G 34 -36.58 15.02 -18.65
CA GLU G 34 -35.86 13.75 -18.62
C GLU G 34 -34.60 13.83 -17.79
N ALA G 35 -33.86 14.93 -17.92
CA ALA G 35 -32.59 15.06 -17.24
C ALA G 35 -32.27 16.53 -17.02
N VAL G 36 -31.38 16.79 -16.07
CA VAL G 36 -30.73 18.08 -15.90
C VAL G 36 -29.24 17.82 -15.72
N LYS G 37 -28.42 18.37 -16.60
CA LYS G 37 -26.97 18.24 -16.49
C LYS G 37 -26.41 19.62 -16.21
N SER G 38 -25.68 19.75 -15.11
CA SER G 38 -25.09 21.01 -14.72
C SER G 38 -23.66 20.75 -14.28
N ASP G 39 -22.75 20.72 -15.26
CA ASP G 39 -21.35 20.46 -14.99
C ASP G 39 -20.46 21.60 -15.45
N GLY G 40 -20.99 22.58 -16.15
CA GLY G 40 -20.27 23.78 -16.45
C GLY G 40 -20.12 24.64 -15.23
N HIS G 41 -19.38 25.71 -15.38
CA HIS G 41 -19.04 26.53 -14.21
C HIS G 41 -20.09 27.57 -13.85
N ASP G 42 -20.27 28.58 -14.68
CA ASP G 42 -20.86 29.83 -14.20
C ASP G 42 -22.37 29.86 -14.25
N GLY G 43 -23.02 28.72 -14.06
CA GLY G 43 -24.44 28.68 -13.82
C GLY G 43 -25.25 28.10 -14.95
N TYR G 44 -24.62 27.43 -15.90
CA TYR G 44 -25.30 26.96 -17.10
C TYR G 44 -25.70 25.51 -16.92
N VAL G 45 -27.00 25.24 -17.00
CA VAL G 45 -27.51 23.90 -16.96
C VAL G 45 -27.94 23.52 -18.37
N ARG G 46 -28.27 22.25 -18.56
CA ARG G 46 -28.74 21.76 -19.85
C ARG G 46 -29.87 20.77 -19.60
N LEU G 47 -31.10 21.22 -19.76
CA LEU G 47 -32.25 20.35 -19.57
C LEU G 47 -32.47 19.52 -20.81
N GLN G 48 -32.86 18.26 -20.60
CA GLN G 48 -33.45 17.45 -21.65
C GLN G 48 -34.93 17.28 -21.31
N THR G 49 -35.79 17.89 -22.10
CA THR G 49 -37.21 17.91 -21.82
C THR G 49 -37.95 17.02 -22.78
N SER G 50 -39.25 16.89 -22.57
CA SER G 50 -40.09 16.10 -23.45
C SER G 50 -40.59 16.89 -24.65
N SER G 51 -40.48 18.21 -24.62
CA SER G 51 -40.88 19.07 -25.71
C SER G 51 -39.75 19.18 -26.71
N GLN G 52 -39.92 20.05 -27.71
CA GLN G 52 -38.87 20.37 -28.65
C GLN G 52 -38.86 21.86 -28.92
N TYR G 53 -37.70 22.36 -29.33
CA TYR G 53 -37.45 23.79 -29.39
C TYR G 53 -36.93 24.17 -30.77
N GLY G 54 -37.20 25.40 -31.18
CA GLY G 54 -36.71 25.89 -32.44
C GLY G 54 -37.43 25.39 -33.67
N LEU G 55 -38.51 24.63 -33.50
CA LEU G 55 -39.30 24.14 -34.61
C LEU G 55 -40.76 24.51 -34.39
N ASP G 56 -41.46 24.80 -35.48
CA ASP G 56 -42.89 25.06 -35.41
C ASP G 56 -43.66 23.76 -35.63
N SER G 57 -44.98 23.84 -35.53
CA SER G 57 -45.84 22.66 -35.47
C SER G 57 -45.90 21.85 -36.76
N LEU G 61 -38.54 25.86 -39.49
CA LEU G 61 -37.75 26.54 -38.48
C LEU G 61 -38.46 27.81 -38.04
N LYS G 62 -38.58 28.00 -36.74
CA LYS G 62 -38.90 29.29 -36.17
C LYS G 62 -37.95 29.52 -35.01
N GLY G 63 -37.65 30.78 -34.74
CA GLY G 63 -36.55 31.15 -33.86
C GLY G 63 -36.68 30.75 -32.41
N ARG G 64 -37.62 31.33 -31.68
CA ARG G 64 -37.73 31.10 -30.25
C ARG G 64 -39.11 30.51 -30.00
N THR G 65 -39.25 29.21 -30.20
CA THR G 65 -40.51 28.55 -29.90
C THR G 65 -40.27 27.23 -29.19
N MET G 66 -41.33 26.75 -28.54
CA MET G 66 -41.37 25.43 -27.97
C MET G 66 -42.47 24.65 -28.66
N ARG G 67 -42.14 23.46 -29.13
CA ARG G 67 -43.09 22.60 -29.84
C ARG G 67 -43.37 21.40 -28.95
N TYR G 68 -44.51 21.40 -28.29
CA TYR G 68 -44.87 20.29 -27.41
C TYR G 68 -46.01 19.48 -28.01
N ASP G 69 -46.28 18.34 -27.40
CA ASP G 69 -47.38 17.46 -27.76
C ASP G 69 -48.52 17.70 -26.80
N MET G 70 -49.75 17.57 -27.28
CA MET G 70 -50.94 17.76 -26.44
C MET G 70 -51.98 16.74 -26.89
N HIS G 71 -51.95 15.57 -26.24
CA HIS G 71 -52.90 14.47 -26.46
C HIS G 71 -52.94 14.01 -27.92
N GLY G 72 -51.78 14.05 -28.57
CA GLY G 72 -51.70 13.74 -29.98
C GLY G 72 -51.45 14.97 -30.83
N THR G 73 -52.17 16.04 -30.52
CA THR G 73 -52.13 17.24 -31.35
C THR G 73 -50.95 18.11 -30.95
N ILE G 74 -50.04 18.34 -31.90
CA ILE G 74 -48.78 19.00 -31.63
C ILE G 74 -48.97 20.51 -31.77
N LYS G 75 -48.79 21.23 -30.66
CA LYS G 75 -49.03 22.67 -30.59
C LYS G 75 -47.73 23.40 -30.27
N GLU G 76 -47.81 24.73 -30.18
CA GLU G 76 -46.61 25.53 -29.99
C GLU G 76 -46.93 26.80 -29.23
N ILE G 77 -45.91 27.33 -28.55
CA ILE G 77 -45.91 28.68 -27.97
C ILE G 77 -44.54 29.30 -28.21
N PRO G 78 -44.43 30.62 -28.09
CA PRO G 78 -43.10 31.24 -28.07
C PRO G 78 -42.33 30.88 -26.81
N LEU G 79 -41.02 30.99 -26.89
CA LEU G 79 -40.16 30.55 -25.79
C LEU G 79 -40.18 31.53 -24.62
N HIS G 80 -40.57 32.78 -24.84
CA HIS G 80 -40.62 33.70 -23.71
C HIS G 80 -41.88 33.54 -22.86
N GLN G 81 -42.77 32.63 -23.21
CA GLN G 81 -43.86 32.27 -22.31
C GLN G 81 -43.43 31.22 -21.30
N VAL G 82 -42.46 30.38 -21.65
CA VAL G 82 -41.91 29.38 -20.75
C VAL G 82 -40.96 30.06 -19.78
N SER G 83 -41.15 29.82 -18.49
CA SER G 83 -40.19 30.19 -17.46
C SER G 83 -39.80 28.96 -16.67
N LEU G 84 -38.65 29.03 -16.00
CA LEU G 84 -38.33 28.00 -15.03
C LEU G 84 -37.54 28.62 -13.90
N TYR G 85 -37.39 27.85 -12.82
CA TYR G 85 -36.75 28.32 -11.61
C TYR G 85 -36.22 27.13 -10.82
N THR G 86 -35.23 27.39 -9.97
CA THR G 86 -34.72 26.39 -9.02
C THR G 86 -35.00 26.79 -7.59
N SER G 87 -34.48 27.91 -7.16
CA SER G 87 -34.85 28.63 -5.95
C SER G 87 -35.12 30.09 -6.26
N ARG G 88 -34.33 30.67 -7.15
CA ARG G 88 -34.54 31.94 -7.82
C ARG G 88 -35.05 31.66 -9.22
N PRO G 89 -35.58 32.67 -9.92
CA PRO G 89 -35.88 32.48 -11.34
C PRO G 89 -34.62 32.32 -12.18
N CYS G 90 -34.68 31.39 -13.12
CA CYS G 90 -33.62 31.19 -14.09
C CYS G 90 -33.85 32.07 -15.32
N HIS G 91 -32.99 31.94 -16.32
CA HIS G 91 -33.11 32.71 -17.55
C HIS G 91 -32.76 31.81 -18.73
N ILE G 92 -33.75 31.55 -19.59
CA ILE G 92 -33.54 30.65 -20.72
C ILE G 92 -32.68 31.34 -21.77
N VAL G 93 -31.72 30.62 -22.32
CA VAL G 93 -30.91 31.16 -23.41
C VAL G 93 -31.53 30.79 -24.75
N ASP G 94 -31.56 29.50 -25.07
CA ASP G 94 -32.02 29.04 -26.37
C ASP G 94 -32.29 27.54 -26.27
N GLY G 95 -32.82 26.96 -27.35
CA GLY G 95 -33.11 25.55 -27.36
C GLY G 95 -32.86 24.96 -28.75
N HIS G 96 -32.71 23.64 -28.78
CA HIS G 96 -32.46 22.94 -30.05
C HIS G 96 -32.89 21.49 -29.89
N GLY G 97 -34.07 21.16 -30.40
CA GLY G 97 -34.53 19.79 -30.31
C GLY G 97 -34.99 19.49 -28.91
N TYR G 98 -34.61 18.34 -28.35
CA TYR G 98 -35.08 17.96 -27.03
C TYR G 98 -34.38 18.69 -25.88
N PHE G 99 -33.61 19.75 -26.13
CA PHE G 99 -32.71 20.27 -25.14
C PHE G 99 -32.90 21.76 -24.97
N LEU G 100 -32.37 22.29 -23.88
CA LEU G 100 -32.53 23.69 -23.53
C LEU G 100 -31.31 24.10 -22.71
N LEU G 101 -30.97 25.37 -22.75
CA LEU G 101 -29.80 25.89 -22.06
C LEU G 101 -30.29 27.05 -21.22
N ALA G 102 -30.28 26.90 -19.91
CA ALA G 102 -30.70 27.97 -19.03
C ALA G 102 -29.49 28.54 -18.32
N ARG G 103 -29.73 29.55 -17.50
CA ARG G 103 -28.69 30.12 -16.66
C ARG G 103 -29.24 30.12 -15.25
N CYS G 104 -29.09 29.03 -14.58
CA CYS G 104 -29.77 28.79 -13.33
C CYS G 104 -28.85 28.95 -12.14
N PRO G 105 -29.38 29.40 -11.00
CA PRO G 105 -28.65 29.34 -9.75
C PRO G 105 -28.80 27.96 -9.14
N ALA G 106 -28.14 27.76 -8.01
CA ALA G 106 -28.16 26.45 -7.37
C ALA G 106 -29.49 26.20 -6.69
N GLY G 107 -29.86 24.93 -6.63
CA GLY G 107 -31.04 24.53 -5.89
C GLY G 107 -31.15 23.03 -5.89
N ASP G 108 -32.32 22.55 -5.50
CA ASP G 108 -32.54 21.12 -5.40
C ASP G 108 -33.63 20.59 -6.32
N SER G 109 -34.19 21.43 -7.20
CA SER G 109 -35.19 20.97 -8.16
C SER G 109 -35.25 21.95 -9.32
N ILE G 110 -35.90 21.51 -10.39
CA ILE G 110 -36.23 22.30 -11.57
C ILE G 110 -37.74 22.32 -11.71
N THR G 111 -38.31 23.50 -11.94
CA THR G 111 -39.74 23.64 -12.22
C THR G 111 -39.93 24.45 -13.49
N MET G 112 -40.13 23.77 -14.63
CA MET G 112 -40.52 24.44 -15.86
C MET G 112 -42.02 24.61 -15.90
N GLU G 113 -42.48 25.77 -16.34
CA GLU G 113 -43.92 26.01 -16.41
C GLU G 113 -44.25 27.03 -17.49
N PHE G 114 -45.43 26.84 -18.10
CA PHE G 114 -45.99 27.80 -19.04
C PHE G 114 -47.49 27.82 -18.87
N LYS G 115 -48.13 28.82 -19.46
CA LYS G 115 -49.54 29.08 -19.22
C LYS G 115 -50.27 29.27 -20.55
N LYS G 116 -51.38 28.56 -20.70
CA LYS G 116 -52.27 28.66 -21.84
C LYS G 116 -53.32 29.72 -21.48
N ASP G 117 -54.47 29.76 -22.18
CA ASP G 117 -55.54 30.71 -21.90
C ASP G 117 -55.99 30.66 -20.44
N SER G 118 -56.23 29.46 -19.92
CA SER G 118 -56.47 29.33 -18.49
C SER G 118 -55.77 28.15 -17.84
N VAL G 119 -55.31 27.17 -18.60
CA VAL G 119 -54.69 25.98 -18.03
C VAL G 119 -53.21 26.27 -17.83
N ARG G 120 -52.74 26.09 -16.60
CA ARG G 120 -51.34 26.28 -16.25
C ARG G 120 -50.65 24.93 -16.18
N HIS G 121 -49.61 24.76 -16.98
CA HIS G 121 -48.85 23.51 -17.03
C HIS G 121 -47.56 23.67 -16.25
N SER G 122 -47.15 22.60 -15.56
CA SER G 122 -45.90 22.62 -14.81
C SER G 122 -45.32 21.22 -14.74
N CYS G 123 -44.06 21.15 -14.33
CA CYS G 123 -43.39 19.89 -14.04
C CYS G 123 -42.24 20.17 -13.10
N SER G 124 -42.25 19.54 -11.93
CA SER G 124 -41.14 19.63 -10.99
C SER G 124 -40.53 18.26 -10.79
N VAL G 125 -39.21 18.18 -10.85
CA VAL G 125 -38.50 16.93 -10.63
C VAL G 125 -37.40 17.16 -9.60
N PRO G 126 -37.18 16.22 -8.68
CA PRO G 126 -36.18 16.41 -7.63
C PRO G 126 -34.76 16.11 -8.11
N TYR G 127 -34.25 16.95 -9.00
CA TYR G 127 -32.90 16.82 -9.54
C TYR G 127 -32.10 18.02 -9.05
N GLU G 128 -30.98 17.74 -8.39
CA GLU G 128 -30.13 18.79 -7.84
C GLU G 128 -29.49 19.59 -8.95
N VAL G 129 -29.62 20.92 -8.87
CA VAL G 129 -28.94 21.84 -9.77
C VAL G 129 -27.84 22.53 -8.98
N LYS G 130 -26.59 22.36 -9.42
CA LYS G 130 -25.45 22.83 -8.66
C LYS G 130 -24.70 23.94 -9.40
N PHE G 131 -24.07 24.81 -8.63
CA PHE G 131 -23.37 25.97 -9.15
C PHE G 131 -21.89 25.83 -8.80
N ASN G 132 -21.02 25.96 -9.81
CA ASN G 132 -19.61 25.63 -9.67
C ASN G 132 -18.73 26.85 -9.92
N PRO G 133 -18.01 27.37 -8.95
CA PRO G 133 -17.12 28.50 -9.21
C PRO G 133 -15.80 28.04 -9.80
N VAL G 134 -15.07 28.99 -10.36
CA VAL G 134 -13.78 28.75 -10.96
C VAL G 134 -12.70 29.24 -10.02
N GLY G 135 -11.62 28.47 -9.87
CA GLY G 135 -10.48 28.95 -9.14
C GLY G 135 -10.56 28.78 -7.64
N ARG G 136 -10.08 29.77 -6.91
CA ARG G 136 -9.92 29.64 -5.47
C ARG G 136 -10.55 30.79 -4.70
N GLU G 137 -11.57 31.45 -5.26
CA GLU G 137 -12.38 32.40 -4.51
C GLU G 137 -13.82 32.04 -4.73
N LEU G 138 -14.46 31.48 -3.70
CA LEU G 138 -15.79 30.91 -3.84
C LEU G 138 -16.82 32.02 -3.85
N TYR G 139 -17.36 32.32 -5.03
CA TYR G 139 -18.47 33.23 -5.17
C TYR G 139 -19.76 32.45 -5.39
N THR G 140 -20.85 33.18 -5.58
CA THR G 140 -22.14 32.59 -5.93
C THR G 140 -22.79 33.30 -7.10
N HIS G 141 -22.49 34.58 -7.30
CA HIS G 141 -22.76 35.29 -8.52
C HIS G 141 -21.43 35.75 -9.08
N PRO G 142 -21.17 35.56 -10.37
CA PRO G 142 -19.84 35.86 -10.91
C PRO G 142 -19.58 37.36 -10.90
N PRO G 143 -18.34 37.79 -10.72
CA PRO G 143 -18.07 39.16 -10.34
C PRO G 143 -18.13 40.10 -11.55
N GLU G 144 -17.90 41.37 -11.28
CA GLU G 144 -17.89 42.38 -12.32
C GLU G 144 -16.56 42.37 -13.08
N HIS G 145 -15.47 42.00 -12.41
CA HIS G 145 -14.13 42.18 -12.93
C HIS G 145 -13.17 41.30 -12.16
N GLY G 146 -11.94 41.22 -12.67
CA GLY G 146 -10.90 40.45 -12.04
C GLY G 146 -9.84 40.03 -13.03
N VAL G 147 -9.52 38.75 -13.07
CA VAL G 147 -8.67 38.16 -14.10
C VAL G 147 -9.45 37.05 -14.76
N GLU G 148 -8.92 36.54 -15.87
CA GLU G 148 -9.57 35.48 -16.61
C GLU G 148 -8.85 34.15 -16.43
N GLN G 149 -9.66 33.09 -16.34
CA GLN G 149 -9.19 31.73 -16.14
C GLN G 149 -9.86 30.76 -17.11
N ALA G 150 -9.24 29.60 -17.31
CA ALA G 150 -9.72 28.62 -18.26
C ALA G 150 -10.83 27.82 -17.59
N CYS G 151 -12.04 27.98 -18.07
CA CYS G 151 -13.20 27.33 -17.51
C CYS G 151 -13.82 26.44 -18.58
N GLN G 152 -14.88 25.74 -18.20
CA GLN G 152 -15.64 24.91 -19.12
C GLN G 152 -17.11 25.24 -18.95
N VAL G 153 -17.74 25.74 -20.00
CA VAL G 153 -19.15 26.05 -19.96
C VAL G 153 -19.83 25.27 -21.07
N TYR G 154 -21.15 25.15 -20.97
CA TYR G 154 -21.89 24.53 -22.06
C TYR G 154 -21.96 25.49 -23.23
N ALA G 155 -21.74 24.96 -24.42
CA ALA G 155 -21.68 25.79 -25.62
C ALA G 155 -23.07 26.32 -25.97
N HIS G 156 -23.09 27.54 -26.51
CA HIS G 156 -24.34 28.19 -26.83
C HIS G 156 -24.90 27.89 -28.21
N ASP G 157 -24.22 27.04 -28.98
CA ASP G 157 -24.70 26.73 -30.32
C ASP G 157 -24.76 25.22 -30.50
N ALA G 158 -25.77 24.77 -31.24
CA ALA G 158 -25.86 23.39 -31.68
C ALA G 158 -24.78 23.21 -32.74
N GLN G 159 -24.10 22.06 -32.68
CA GLN G 159 -23.00 21.74 -33.58
C GLN G 159 -22.65 20.28 -33.39
N ASN G 160 -22.41 19.59 -34.51
CA ASN G 160 -22.25 18.14 -34.45
C ASN G 160 -20.89 17.79 -33.88
N ARG G 161 -20.88 17.39 -32.61
CA ARG G 161 -19.70 16.84 -31.97
C ARG G 161 -20.02 15.41 -31.59
N GLY G 162 -19.00 14.66 -31.22
CA GLY G 162 -19.15 13.22 -31.10
C GLY G 162 -19.93 12.73 -29.89
N ALA G 163 -21.23 13.01 -29.85
CA ALA G 163 -22.07 12.55 -28.76
C ALA G 163 -23.51 12.47 -29.24
N TYR G 164 -24.10 11.28 -29.17
CA TYR G 164 -25.38 11.01 -29.80
C TYR G 164 -26.39 10.46 -28.80
N VAL G 165 -27.66 10.82 -28.98
CA VAL G 165 -28.77 10.16 -28.31
C VAL G 165 -29.56 9.36 -29.32
N GLU G 166 -30.34 8.42 -28.81
CA GLU G 166 -30.81 7.27 -29.57
C GLU G 166 -32.32 7.38 -29.81
N MET G 167 -32.72 7.28 -31.08
CA MET G 167 -34.13 7.33 -31.47
C MET G 167 -34.70 5.92 -31.62
N HIS G 168 -36.01 5.82 -31.51
CA HIS G 168 -36.70 4.53 -31.59
C HIS G 168 -38.09 4.74 -32.15
N LEU G 169 -38.68 3.66 -32.66
CA LEU G 169 -40.09 3.64 -33.03
C LEU G 169 -40.96 3.85 -31.80
N PRO G 170 -41.89 4.80 -31.83
CA PRO G 170 -42.86 4.92 -30.74
C PRO G 170 -43.81 3.73 -30.73
N GLY G 171 -44.28 3.41 -29.52
CA GLY G 171 -45.25 2.36 -29.35
C GLY G 171 -46.65 2.83 -29.67
N SER G 172 -47.63 2.00 -29.32
CA SER G 172 -49.00 2.36 -29.59
C SER G 172 -49.55 3.03 -28.35
N GLU G 173 -50.09 4.23 -28.51
CA GLU G 173 -50.64 4.96 -27.39
C GLU G 173 -52.13 4.77 -27.39
N VAL G 174 -52.65 4.12 -26.36
CA VAL G 174 -54.09 3.89 -26.29
C VAL G 174 -54.78 5.22 -26.15
N ASP G 175 -55.80 5.46 -26.96
CA ASP G 175 -56.54 6.70 -26.89
C ASP G 175 -58.04 6.44 -26.71
N SER G 176 -58.57 6.89 -25.58
CA SER G 176 -59.98 6.75 -25.26
C SER G 176 -60.94 7.56 -26.12
N SER G 177 -60.53 8.77 -26.46
CA SER G 177 -61.40 9.70 -27.18
C SER G 177 -61.79 9.18 -28.55
N LEU G 178 -61.32 7.99 -28.92
CA LEU G 178 -61.69 7.37 -30.19
C LEU G 178 -62.92 6.48 -30.03
N VAL G 179 -62.88 5.57 -29.06
CA VAL G 179 -63.99 4.65 -28.82
C VAL G 179 -65.18 5.40 -28.24
N SER G 180 -66.36 5.17 -28.82
CA SER G 180 -67.60 5.76 -28.33
C SER G 180 -68.70 4.70 -28.41
N LEU G 181 -69.80 4.97 -27.71
CA LEU G 181 -70.95 4.07 -27.71
C LEU G 181 -72.02 4.54 -28.68
N SER G 182 -72.41 3.64 -29.58
CA SER G 182 -73.65 3.71 -30.33
C SER G 182 -74.78 3.15 -29.46
N GLY G 183 -75.89 2.81 -30.11
CA GLY G 183 -77.00 2.19 -29.42
C GLY G 183 -76.68 0.85 -28.80
N SER G 184 -76.07 -0.05 -29.58
CA SER G 184 -75.81 -1.40 -29.09
C SER G 184 -74.39 -1.89 -29.32
N SER G 185 -73.64 -1.30 -30.23
CA SER G 185 -72.29 -1.74 -30.55
C SER G 185 -71.28 -0.70 -30.05
N VAL G 186 -70.01 -1.01 -30.26
CA VAL G 186 -68.90 -0.16 -29.85
C VAL G 186 -68.33 0.50 -31.10
N THR G 187 -68.41 1.83 -31.15
CA THR G 187 -68.06 2.60 -32.33
C THR G 187 -66.64 3.16 -32.17
N VAL G 188 -65.76 2.79 -33.09
CA VAL G 188 -64.37 3.23 -33.08
C VAL G 188 -64.16 4.14 -34.28
N THR G 189 -63.72 5.38 -34.02
CA THR G 189 -63.54 6.39 -35.06
C THR G 189 -62.06 6.76 -35.09
N PRO G 190 -61.25 6.10 -35.91
CA PRO G 190 -59.84 6.47 -36.00
C PRO G 190 -59.68 7.86 -36.61
N PRO G 191 -58.61 8.59 -36.25
CA PRO G 191 -58.43 9.93 -36.80
C PRO G 191 -58.10 9.90 -38.28
N ASP G 192 -58.34 11.04 -38.93
CA ASP G 192 -58.26 11.12 -40.38
C ASP G 192 -56.84 11.00 -40.89
N GLY G 193 -56.65 10.15 -41.90
CA GLY G 193 -55.33 9.91 -42.44
C GLY G 193 -54.42 9.12 -41.51
N THR G 194 -55.00 8.39 -40.57
CA THR G 194 -54.23 7.69 -39.56
C THR G 194 -54.91 6.37 -39.25
N SER G 195 -54.15 5.28 -39.25
CA SER G 195 -54.70 3.99 -38.88
C SER G 195 -54.77 3.85 -37.36
N ALA G 196 -55.24 2.68 -36.94
CA ALA G 196 -55.40 2.36 -35.53
C ALA G 196 -55.43 0.84 -35.40
N LEU G 197 -55.70 0.36 -34.20
CA LEU G 197 -56.08 -1.03 -34.00
C LEU G 197 -56.86 -1.13 -32.71
N VAL G 198 -57.81 -2.06 -32.69
CA VAL G 198 -58.73 -2.25 -31.58
C VAL G 198 -58.55 -3.66 -31.06
N GLU G 199 -58.42 -3.81 -29.75
CA GLU G 199 -58.36 -5.12 -29.13
C GLU G 199 -59.43 -5.22 -28.04
N CYS G 200 -60.27 -6.24 -28.14
CA CYS G 200 -61.37 -6.43 -27.22
C CYS G 200 -61.31 -7.85 -26.68
N GLU G 201 -61.93 -8.06 -25.52
CA GLU G 201 -62.26 -9.40 -25.05
C GLU G 201 -63.69 -9.40 -24.54
N CYS G 202 -64.59 -8.86 -25.36
CA CYS G 202 -66.01 -8.90 -25.07
C CYS G 202 -66.65 -10.20 -25.50
N GLY G 203 -66.23 -10.72 -26.65
CA GLY G 203 -66.61 -12.05 -27.07
C GLY G 203 -65.47 -13.01 -26.84
N GLY G 204 -64.68 -13.28 -27.87
CA GLY G 204 -63.45 -14.02 -27.70
C GLY G 204 -62.22 -13.13 -27.81
N THR G 205 -61.11 -13.70 -28.25
CA THR G 205 -59.89 -12.94 -28.52
C THR G 205 -60.09 -12.21 -29.84
N LYS G 206 -59.56 -10.98 -29.92
CA LYS G 206 -59.93 -10.08 -31.01
C LYS G 206 -58.76 -9.16 -31.33
N ILE G 207 -58.58 -8.88 -32.62
CA ILE G 207 -57.59 -7.94 -33.13
C ILE G 207 -58.00 -7.47 -34.53
N SER G 208 -57.93 -6.16 -34.78
CA SER G 208 -58.35 -5.61 -36.07
C SER G 208 -57.68 -4.28 -36.29
N GLU G 209 -56.88 -4.17 -37.35
CA GLU G 209 -56.16 -2.93 -37.67
C GLU G 209 -56.99 -2.13 -38.66
N THR G 210 -57.86 -1.26 -38.16
CA THR G 210 -58.76 -0.50 -39.01
C THR G 210 -58.11 0.81 -39.47
N ILE G 211 -58.39 1.19 -40.71
CA ILE G 211 -57.79 2.36 -41.33
C ILE G 211 -58.90 3.31 -41.74
N ASN G 212 -59.14 4.33 -40.91
CA ASN G 212 -60.02 5.46 -41.20
C ASN G 212 -61.47 5.01 -41.40
N LYS G 213 -61.80 3.85 -40.85
CA LYS G 213 -63.11 3.23 -41.02
C LYS G 213 -63.81 3.22 -39.68
N THR G 214 -64.88 4.01 -39.58
CA THR G 214 -65.71 4.05 -38.40
C THR G 214 -66.43 2.70 -38.31
N LYS G 215 -65.88 1.80 -37.52
CA LYS G 215 -66.26 0.39 -37.57
C LYS G 215 -66.86 -0.03 -36.24
N GLN G 216 -68.09 -0.51 -36.27
CA GLN G 216 -68.69 -1.08 -35.07
C GLN G 216 -68.30 -2.55 -34.95
N PHE G 217 -68.49 -3.09 -33.76
CA PHE G 217 -68.08 -4.46 -33.45
C PHE G 217 -69.22 -5.18 -32.76
N SER G 218 -69.46 -6.43 -33.17
CA SER G 218 -70.50 -7.23 -32.53
C SER G 218 -69.97 -7.83 -31.24
N GLN G 219 -70.90 -8.37 -30.44
CA GLN G 219 -70.66 -9.08 -29.17
C GLN G 219 -70.15 -8.16 -28.05
N CYS G 220 -69.99 -6.86 -28.30
CA CYS G 220 -69.43 -5.93 -27.33
C CYS G 220 -70.51 -5.00 -26.84
N THR G 221 -70.75 -5.00 -25.52
CA THR G 221 -71.74 -4.12 -24.91
C THR G 221 -71.09 -2.88 -24.30
N LYS G 222 -70.13 -3.09 -23.42
CA LYS G 222 -69.45 -1.99 -22.74
C LYS G 222 -68.20 -1.58 -23.51
N LYS G 223 -67.93 -0.28 -23.53
CA LYS G 223 -66.72 0.23 -24.16
C LYS G 223 -65.47 0.01 -23.31
N GLU G 224 -65.65 -0.42 -22.06
CA GLU G 224 -64.56 -0.86 -21.21
C GLU G 224 -64.05 -2.24 -21.56
N GLN G 225 -64.69 -2.93 -22.49
CA GLN G 225 -64.20 -4.19 -23.01
C GLN G 225 -63.11 -3.99 -24.07
N CYS G 226 -63.04 -2.81 -24.66
CA CYS G 226 -62.23 -2.59 -25.86
C CYS G 226 -61.17 -1.53 -25.62
N ARG G 227 -59.97 -1.79 -26.15
CA ARG G 227 -58.84 -0.89 -26.09
C ARG G 227 -58.44 -0.51 -27.50
N ALA G 228 -58.50 0.77 -27.82
CA ALA G 228 -58.12 1.28 -29.13
C ALA G 228 -56.77 1.97 -29.01
N TYR G 229 -55.86 1.66 -29.94
CA TYR G 229 -54.53 2.23 -29.94
C TYR G 229 -54.39 3.24 -31.06
N ARG G 230 -53.19 3.82 -31.20
CA ARG G 230 -52.89 4.78 -32.25
C ARG G 230 -51.50 4.49 -32.79
N LEU G 231 -51.34 4.65 -34.10
CA LEU G 231 -50.17 4.15 -34.79
C LEU G 231 -49.50 5.25 -35.60
N GLN G 232 -48.17 5.30 -35.51
CA GLN G 232 -47.34 6.14 -36.36
C GLN G 232 -46.09 5.36 -36.75
N ASN G 233 -45.69 5.48 -38.02
CA ASN G 233 -44.43 4.95 -38.48
C ASN G 233 -43.43 6.02 -38.88
N ASP G 234 -43.87 7.25 -39.09
CA ASP G 234 -42.98 8.39 -39.16
C ASP G 234 -42.77 8.94 -37.75
N LYS G 235 -42.04 10.05 -37.64
CA LYS G 235 -41.98 10.88 -36.44
C LYS G 235 -41.50 10.15 -35.18
N TRP G 236 -40.21 9.84 -35.13
CA TRP G 236 -39.60 9.18 -33.98
C TRP G 236 -39.76 9.95 -32.67
N VAL G 237 -39.45 9.25 -31.57
CA VAL G 237 -39.32 9.84 -30.25
C VAL G 237 -37.96 9.46 -29.67
N TYR G 238 -37.64 10.00 -28.51
CA TYR G 238 -36.44 9.63 -27.77
C TYR G 238 -36.60 8.23 -27.19
N ASN G 239 -35.47 7.58 -26.90
CA ASN G 239 -35.46 6.31 -26.19
C ASN G 239 -35.84 6.53 -24.73
N SER G 240 -37.08 6.88 -24.44
CA SER G 240 -37.44 7.27 -23.10
C SER G 240 -37.89 6.06 -22.29
N ASP G 241 -37.72 6.15 -20.98
CA ASP G 241 -38.23 5.13 -20.09
C ASP G 241 -39.70 5.34 -19.75
N LYS G 242 -40.28 6.46 -20.16
CA LYS G 242 -41.64 6.82 -19.79
C LYS G 242 -42.63 6.58 -20.92
N LEU G 243 -42.26 5.76 -21.90
CA LEU G 243 -43.07 5.41 -23.05
C LEU G 243 -42.90 3.92 -23.28
N PRO G 244 -43.94 3.21 -23.70
CA PRO G 244 -43.79 1.77 -24.00
C PRO G 244 -43.06 1.55 -25.30
N LYS G 245 -42.31 0.45 -25.38
CA LYS G 245 -41.47 0.23 -26.55
C LYS G 245 -42.22 -0.51 -27.64
N ALA G 246 -41.69 -0.41 -28.86
CA ALA G 246 -42.33 -0.96 -30.04
C ALA G 246 -42.05 -2.45 -30.17
N ALA G 247 -42.38 -3.01 -31.32
CA ALA G 247 -42.28 -4.45 -31.56
C ALA G 247 -41.23 -4.72 -32.64
N GLY G 248 -40.07 -5.18 -32.21
CA GLY G 248 -39.04 -5.69 -33.10
C GLY G 248 -37.90 -4.72 -33.37
N ALA G 249 -36.85 -4.85 -32.56
CA ALA G 249 -35.50 -4.31 -32.70
C ALA G 249 -35.39 -2.79 -32.64
N THR G 250 -36.46 -2.07 -32.97
CA THR G 250 -36.82 -0.73 -32.51
C THR G 250 -35.84 0.39 -32.90
N LEU G 251 -34.62 0.05 -33.34
CA LEU G 251 -33.52 1.00 -33.40
C LEU G 251 -33.35 1.51 -34.82
N LYS G 252 -33.46 2.83 -34.97
CA LYS G 252 -33.51 3.43 -36.29
C LYS G 252 -32.73 4.73 -36.45
N GLY G 253 -31.72 4.98 -35.62
CA GLY G 253 -30.88 6.13 -35.86
C GLY G 253 -30.35 6.72 -34.57
N LYS G 254 -29.74 7.89 -34.70
CA LYS G 254 -29.21 8.60 -33.56
C LYS G 254 -29.06 10.07 -33.89
N LEU G 255 -29.14 10.91 -32.85
CA LEU G 255 -29.14 12.36 -33.00
C LEU G 255 -28.08 12.98 -32.11
N HIS G 256 -27.35 13.96 -32.63
CA HIS G 256 -26.31 14.60 -31.83
C HIS G 256 -26.94 15.52 -30.81
N VAL G 257 -26.31 15.58 -29.64
CA VAL G 257 -26.79 16.49 -28.60
C VAL G 257 -26.24 17.89 -28.88
N PRO G 258 -27.07 18.91 -28.82
CA PRO G 258 -26.56 20.28 -28.85
C PRO G 258 -26.01 20.65 -27.48
N PHE G 259 -25.41 21.84 -27.44
CA PHE G 259 -25.03 22.52 -26.21
C PHE G 259 -24.05 21.69 -25.37
N LEU G 260 -22.98 21.21 -26.01
CA LEU G 260 -22.02 20.42 -25.24
C LEU G 260 -21.08 21.31 -24.45
N LEU G 261 -20.23 20.67 -23.67
CA LEU G 261 -19.26 21.34 -22.83
C LEU G 261 -17.99 21.60 -23.64
N ALA G 262 -17.35 22.75 -23.36
CA ALA G 262 -16.25 23.20 -24.19
C ALA G 262 -15.42 24.19 -23.41
N ASP G 263 -14.19 24.40 -23.86
CA ASP G 263 -13.25 25.23 -23.13
C ASP G 263 -13.54 26.71 -23.36
N GLY G 264 -13.63 27.46 -22.28
CA GLY G 264 -13.95 28.88 -22.36
C GLY G 264 -12.98 29.78 -21.63
N LYS G 265 -13.43 30.99 -21.33
CA LYS G 265 -12.69 31.97 -20.57
C LYS G 265 -13.65 32.60 -19.57
N CYS G 266 -13.28 32.64 -18.31
CA CYS G 266 -14.20 33.07 -17.27
C CYS G 266 -13.51 34.07 -16.35
N THR G 267 -14.20 35.17 -16.07
CA THR G 267 -13.64 36.16 -15.17
C THR G 267 -13.89 35.71 -13.74
N VAL G 268 -12.81 35.61 -12.97
CA VAL G 268 -12.86 35.21 -11.58
C VAL G 268 -12.51 36.45 -10.75
N PRO G 269 -12.95 36.56 -9.50
CA PRO G 269 -12.60 37.75 -8.71
C PRO G 269 -11.14 37.74 -8.31
N LEU G 270 -10.72 38.86 -7.75
CA LEU G 270 -9.36 39.01 -7.28
C LEU G 270 -9.43 39.57 -5.88
N ALA G 271 -8.89 38.84 -4.91
CA ALA G 271 -9.05 39.18 -3.49
C ALA G 271 -8.33 40.47 -3.15
N PRO G 272 -8.72 41.13 -2.06
CA PRO G 272 -7.92 42.25 -1.56
C PRO G 272 -6.51 41.82 -1.20
N GLU G 273 -5.56 42.68 -1.56
CA GLU G 273 -4.16 42.34 -1.45
C GLU G 273 -3.76 42.28 0.02
N PRO G 274 -3.06 41.23 0.45
CA PRO G 274 -2.71 41.12 1.87
C PRO G 274 -1.65 42.13 2.26
N MET G 275 -1.57 42.36 3.56
CA MET G 275 -0.63 43.30 4.14
C MET G 275 0.40 42.50 4.93
N ILE G 276 1.66 42.60 4.51
CA ILE G 276 2.69 41.71 5.00
C ILE G 276 3.60 42.48 5.95
N THR G 277 3.94 41.86 7.07
CA THR G 277 4.79 42.45 8.08
C THR G 277 5.94 41.48 8.32
N PHE G 278 7.14 41.85 7.89
CA PHE G 278 8.27 40.95 7.95
C PHE G 278 8.94 41.05 9.32
N GLY G 279 9.38 39.92 9.83
CA GLY G 279 10.19 39.90 11.03
C GLY G 279 11.44 39.09 10.77
N PHE G 280 12.24 38.82 11.80
CA PHE G 280 13.39 37.95 11.68
C PHE G 280 12.94 36.53 11.43
N ARG G 281 13.17 36.04 10.20
CA ARG G 281 12.81 34.70 9.75
C ARG G 281 11.32 34.42 9.94
N SER G 282 10.49 35.40 9.66
CA SER G 282 9.06 35.26 9.87
C SER G 282 8.30 36.22 8.98
N VAL G 283 7.06 35.84 8.63
CA VAL G 283 6.19 36.64 7.78
C VAL G 283 4.79 36.62 8.38
N SER G 284 4.23 37.80 8.63
CA SER G 284 2.87 37.96 9.11
C SER G 284 1.99 38.42 7.96
N LEU G 285 0.71 38.04 8.01
CA LEU G 285 -0.20 38.24 6.88
C LEU G 285 -1.58 38.64 7.38
N LYS G 286 -1.87 39.94 7.37
CA LYS G 286 -3.23 40.40 7.68
C LYS G 286 -4.09 40.24 6.44
N LEU G 287 -5.16 39.47 6.58
CA LEU G 287 -5.98 39.05 5.45
C LEU G 287 -7.40 39.55 5.62
N HIS G 288 -7.97 40.07 4.54
CA HIS G 288 -9.31 40.66 4.57
C HIS G 288 -10.06 40.25 3.32
N PRO G 289 -10.63 39.06 3.29
CA PRO G 289 -11.30 38.59 2.09
C PRO G 289 -12.67 39.23 1.93
N LYS G 290 -13.17 39.18 0.71
CA LYS G 290 -14.50 39.65 0.39
C LYS G 290 -15.51 38.51 0.43
N ASN G 291 -15.20 37.41 -0.24
CA ASN G 291 -15.94 36.17 -0.27
C ASN G 291 -14.93 35.05 -0.02
N PRO G 292 -15.38 33.83 0.35
CA PRO G 292 -14.42 32.84 0.88
C PRO G 292 -13.34 32.40 -0.10
N THR G 293 -12.13 32.29 0.44
CA THR G 293 -10.89 32.33 -0.32
C THR G 293 -9.93 31.32 0.26
N TYR G 294 -9.21 30.61 -0.60
CA TYR G 294 -8.20 29.68 -0.15
C TYR G 294 -6.84 30.35 -0.03
N LEU G 295 -6.22 30.22 1.13
CA LEU G 295 -4.82 30.55 1.33
C LEU G 295 -4.02 29.26 1.32
N ILE G 296 -3.08 29.13 0.39
CA ILE G 296 -2.29 27.91 0.23
C ILE G 296 -0.83 28.28 0.33
N THR G 297 -0.12 27.70 1.30
CA THR G 297 1.32 27.92 1.44
C THR G 297 2.07 26.59 1.34
N ARG G 298 3.38 26.68 1.09
CA ARG G 298 4.29 25.55 1.13
C ARG G 298 5.72 26.08 1.17
N GLN G 299 6.61 25.34 1.82
CA GLN G 299 8.02 25.69 1.88
C GLN G 299 8.79 25.06 0.72
N LEU G 300 9.98 25.60 0.48
CA LEU G 300 10.77 25.24 -0.69
C LEU G 300 11.93 24.32 -0.32
N ALA G 301 11.68 23.39 0.60
CA ALA G 301 12.71 22.53 1.18
C ALA G 301 12.40 21.08 0.82
N ASP G 302 13.12 20.16 1.47
CA ASP G 302 12.87 18.74 1.26
C ASP G 302 11.52 18.31 1.83
N GLU G 303 11.05 18.97 2.89
CA GLU G 303 9.72 18.77 3.43
C GLU G 303 8.98 20.11 3.37
N PRO G 304 7.94 20.23 2.58
CA PRO G 304 7.32 21.55 2.41
C PRO G 304 6.39 21.95 3.55
N HIS G 305 5.73 20.99 4.19
CA HIS G 305 4.66 21.22 5.17
C HIS G 305 3.59 22.14 4.61
N TYR G 306 2.89 21.65 3.59
CA TYR G 306 1.94 22.49 2.88
C TYR G 306 0.73 22.76 3.75
N THR G 307 0.10 23.90 3.51
CA THR G 307 -1.02 24.34 4.32
C THR G 307 -2.15 24.75 3.39
N HIS G 308 -3.31 24.15 3.58
CA HIS G 308 -4.48 24.42 2.77
C HIS G 308 -5.59 24.90 3.69
N GLU G 309 -6.15 26.06 3.42
CA GLU G 309 -7.12 26.63 4.35
C GLU G 309 -8.04 27.59 3.63
N LEU G 310 -9.33 27.50 3.94
CA LEU G 310 -10.36 28.39 3.42
C LEU G 310 -10.64 29.48 4.44
N ILE G 311 -10.51 30.73 4.02
CA ILE G 311 -10.59 31.87 4.93
C ILE G 311 -11.73 32.77 4.49
N SER G 312 -12.73 32.94 5.37
CA SER G 312 -13.91 33.71 5.08
C SER G 312 -14.12 34.89 6.01
N GLU G 313 -13.41 34.96 7.12
CA GLU G 313 -13.37 36.08 8.03
C GLU G 313 -12.03 36.78 7.91
N PRO G 314 -11.88 37.98 8.46
CA PRO G 314 -10.55 38.57 8.54
C PRO G 314 -9.64 37.81 9.50
N ALA G 315 -8.37 37.63 9.10
CA ALA G 315 -7.50 36.72 9.82
C ALA G 315 -6.05 37.16 9.70
N VAL G 316 -5.25 36.73 10.67
CA VAL G 316 -3.81 37.00 10.72
C VAL G 316 -3.10 35.67 10.89
N ARG G 317 -2.28 35.30 9.91
CA ARG G 317 -1.59 34.02 9.89
C ARG G 317 -0.08 34.25 9.87
N ASN G 318 0.56 34.00 11.00
CA ASN G 318 2.00 34.09 11.10
C ASN G 318 2.64 32.82 10.55
N PHE G 319 3.89 32.95 10.09
CA PHE G 319 4.57 31.85 9.44
C PHE G 319 6.06 31.90 9.75
N THR G 320 6.76 30.84 9.38
CA THR G 320 8.20 30.71 9.59
C THR G 320 8.87 30.62 8.23
N VAL G 321 9.61 31.65 7.87
CA VAL G 321 10.35 31.72 6.62
C VAL G 321 11.82 31.45 6.94
N THR G 322 12.38 30.43 6.33
CA THR G 322 13.79 30.14 6.55
C THR G 322 14.61 30.64 5.36
N GLU G 323 15.89 30.30 5.34
CA GLU G 323 16.75 30.65 4.24
C GLU G 323 16.51 29.80 3.00
N LYS G 324 15.68 28.77 3.10
CA LYS G 324 15.38 27.89 2.00
C LYS G 324 14.11 28.25 1.24
N GLY G 325 13.29 29.16 1.74
CA GLY G 325 12.20 29.73 0.96
C GLY G 325 10.84 29.45 1.56
N TRP G 326 9.86 30.17 1.02
CA TRP G 326 8.45 30.08 1.42
C TRP G 326 7.62 30.74 0.33
N GLU G 327 6.35 30.35 0.25
CA GLU G 327 5.52 30.67 -0.92
C GLU G 327 4.05 30.59 -0.57
N PHE G 328 3.30 31.69 -0.66
CA PHE G 328 1.87 31.61 -0.46
C PHE G 328 1.10 31.95 -1.72
N VAL G 329 -0.04 31.29 -1.88
CA VAL G 329 -1.02 31.63 -2.91
C VAL G 329 -2.26 32.12 -2.20
N TRP G 330 -2.66 33.35 -2.48
CA TRP G 330 -3.84 33.93 -1.85
C TRP G 330 -4.87 34.22 -2.93
N GLY G 331 -5.78 33.28 -3.13
CA GLY G 331 -6.86 33.51 -4.06
C GLY G 331 -6.45 33.20 -5.47
N ASN G 332 -6.67 34.16 -6.36
CA ASN G 332 -6.34 34.05 -7.78
C ASN G 332 -5.12 34.88 -8.13
N HIS G 333 -4.34 35.26 -7.15
CA HIS G 333 -3.10 35.96 -7.34
C HIS G 333 -2.00 34.98 -7.76
N PRO G 334 -0.94 35.46 -8.38
CA PRO G 334 0.21 34.59 -8.65
C PRO G 334 0.95 34.25 -7.35
N PRO G 335 1.75 33.19 -7.35
CA PRO G 335 2.50 32.85 -6.13
C PRO G 335 3.63 33.82 -5.87
N LYS G 336 3.71 34.30 -4.63
CA LYS G 336 4.80 35.14 -4.16
C LYS G 336 5.77 34.26 -3.41
N ARG G 337 7.07 34.39 -3.71
CA ARG G 337 8.09 33.65 -2.98
C ARG G 337 8.92 34.61 -2.14
N PHE G 338 9.23 34.18 -0.92
CA PHE G 338 9.98 34.97 0.04
C PHE G 338 11.21 34.21 0.50
N TRP G 339 12.22 34.95 0.92
CA TRP G 339 13.52 34.38 1.25
C TRP G 339 14.08 35.16 2.42
N ALA G 340 14.58 34.47 3.43
CA ALA G 340 15.09 35.13 4.62
C ALA G 340 16.61 35.27 4.55
N GLN G 341 17.09 36.44 4.93
CA GLN G 341 18.52 36.70 5.01
C GLN G 341 18.93 36.98 6.45
N GLU G 342 20.23 37.08 6.67
CA GLU G 342 20.82 36.88 8.00
C GLU G 342 20.89 38.19 8.76
N THR G 343 19.81 38.56 9.44
CA THR G 343 19.79 39.72 10.32
C THR G 343 19.38 39.27 11.71
N ALA G 344 20.33 38.73 12.45
CA ALA G 344 20.03 38.26 13.79
C ALA G 344 20.12 39.41 14.77
N PRO G 345 19.35 39.38 15.86
CA PRO G 345 19.40 40.48 16.83
C PRO G 345 20.67 40.44 17.66
N GLY G 346 21.15 41.61 18.02
CA GLY G 346 22.32 41.75 18.86
C GLY G 346 23.48 42.37 18.09
N ASN G 347 24.67 42.22 18.66
CA ASN G 347 25.88 42.71 18.04
C ASN G 347 26.97 41.66 18.24
N PRO G 348 27.55 41.12 17.17
CA PRO G 348 28.60 40.10 17.32
C PRO G 348 29.99 40.69 17.52
N HIS G 349 30.09 41.97 17.85
CA HIS G 349 31.36 42.65 17.92
C HIS G 349 31.60 43.27 19.29
N GLY G 350 31.39 42.50 20.36
CA GLY G 350 31.69 42.98 21.68
C GLY G 350 30.59 42.70 22.69
N LEU G 351 30.88 42.94 23.99
CA LEU G 351 29.96 42.78 25.11
C LEU G 351 29.45 41.35 25.19
N PRO G 352 30.25 40.38 25.69
CA PRO G 352 30.01 38.95 25.46
C PRO G 352 28.67 38.36 25.93
N HIS G 353 27.81 39.15 26.58
CA HIS G 353 26.43 38.75 26.75
C HIS G 353 25.57 39.09 25.54
N GLU G 354 26.11 39.82 24.56
CA GLU G 354 25.39 40.13 23.33
C GLU G 354 25.74 39.15 22.21
N VAL G 355 26.99 38.68 22.16
CA VAL G 355 27.39 37.76 21.11
C VAL G 355 26.73 36.40 21.31
N ILE G 356 26.41 36.04 22.55
CA ILE G 356 25.74 34.78 22.80
C ILE G 356 24.28 34.88 22.38
N THR G 357 23.65 36.05 22.57
CA THR G 357 22.30 36.24 22.07
C THR G 357 22.26 36.25 20.54
N HIS G 358 23.29 36.83 19.91
CA HIS G 358 23.35 36.85 18.46
C HIS G 358 23.51 35.46 17.89
N TYR G 359 24.46 34.68 18.41
CA TYR G 359 24.65 33.33 17.91
C TYR G 359 23.67 32.32 18.51
N TYR G 360 22.78 32.74 19.41
CA TYR G 360 21.66 31.89 19.76
C TYR G 360 20.46 32.14 18.85
N HIS G 361 20.19 33.40 18.52
CA HIS G 361 19.19 33.65 17.49
C HIS G 361 19.69 33.34 16.09
N ARG G 362 20.98 33.09 15.92
CA ARG G 362 21.57 32.78 14.63
C ARG G 362 21.63 31.27 14.41
N TYR G 363 22.33 30.55 15.30
CA TYR G 363 22.43 29.09 15.27
C TYR G 363 22.05 28.55 16.64
N PRO G 364 20.78 28.17 16.84
CA PRO G 364 20.36 27.69 18.16
C PRO G 364 20.93 26.32 18.53
N MET G 365 21.02 25.40 17.58
CA MET G 365 21.47 24.05 17.88
C MET G 365 22.97 24.00 18.15
N SER G 366 23.76 24.82 17.45
CA SER G 366 25.20 24.75 17.58
C SER G 366 25.70 25.43 18.84
N THR G 367 25.05 26.53 19.24
CA THR G 367 25.56 27.39 20.30
C THR G 367 25.51 26.72 21.66
N ILE G 368 24.43 25.98 21.93
CA ILE G 368 24.27 25.33 23.22
C ILE G 368 25.29 24.21 23.40
N LEU G 369 25.50 23.41 22.34
CA LEU G 369 26.52 22.37 22.40
C LEU G 369 27.92 22.93 22.45
N GLY G 370 28.16 24.07 21.80
CA GLY G 370 29.47 24.69 21.87
C GLY G 370 29.80 25.22 23.25
N LEU G 371 28.84 25.90 23.87
CA LEU G 371 29.01 26.36 25.25
C LEU G 371 29.14 25.20 26.22
N SER G 372 28.42 24.10 25.96
CA SER G 372 28.51 22.91 26.80
C SER G 372 29.91 22.30 26.74
N ILE G 373 30.45 22.11 25.54
CA ILE G 373 31.75 21.47 25.46
C ILE G 373 32.87 22.42 25.89
N CYS G 374 32.70 23.74 25.73
CA CYS G 374 33.71 24.66 26.24
C CYS G 374 33.71 24.70 27.77
N ALA G 375 32.53 24.69 28.39
CA ALA G 375 32.45 24.64 29.85
C ALA G 375 32.99 23.31 30.38
N ALA G 376 32.75 22.21 29.64
CA ALA G 376 33.25 20.91 30.08
C ALA G 376 34.77 20.84 29.98
N ILE G 377 35.35 21.35 28.89
CA ILE G 377 36.81 21.36 28.74
C ILE G 377 37.46 22.26 29.78
N ALA G 378 36.86 23.42 30.06
CA ALA G 378 37.42 24.32 31.08
C ALA G 378 37.35 23.70 32.47
N THR G 379 36.23 23.05 32.80
CA THR G 379 36.06 22.42 34.11
C THR G 379 37.03 21.25 34.30
N VAL G 380 37.15 20.40 33.29
CA VAL G 380 38.04 19.24 33.40
C VAL G 380 39.50 19.68 33.46
N SER G 381 39.87 20.72 32.71
CA SER G 381 41.26 21.17 32.70
C SER G 381 41.63 21.83 34.03
N VAL G 382 40.76 22.68 34.58
CA VAL G 382 41.04 23.29 35.87
C VAL G 382 41.04 22.25 36.99
N ALA G 383 40.16 21.23 36.88
CA ALA G 383 40.12 20.16 37.88
C ALA G 383 41.40 19.33 37.88
N ALA G 384 41.87 18.93 36.70
CA ALA G 384 43.09 18.12 36.63
C ALA G 384 44.32 18.95 36.98
N SER G 385 44.31 20.25 36.67
CA SER G 385 45.43 21.10 37.06
C SER G 385 45.50 21.29 38.57
N THR G 386 44.35 21.45 39.22
CA THR G 386 44.34 21.54 40.68
C THR G 386 44.72 20.22 41.32
N TRP G 387 44.33 19.10 40.70
CA TRP G 387 44.73 17.78 41.16
C TRP G 387 46.25 17.61 41.12
N LEU G 388 46.86 17.99 39.99
CA LEU G 388 48.32 17.91 39.87
C LEU G 388 49.03 18.88 40.82
N PHE G 389 48.45 20.07 41.05
CA PHE G 389 49.07 21.02 41.97
C PHE G 389 49.03 20.51 43.40
N CYS G 390 47.91 19.90 43.82
CA CYS G 390 47.82 19.37 45.17
C CYS G 390 48.74 18.17 45.36
N ARG G 391 48.85 17.31 44.35
CA ARG G 391 49.77 16.18 44.47
C ARG G 391 51.22 16.62 44.44
N SER G 392 51.54 17.69 43.72
CA SER G 392 52.90 18.22 43.74
C SER G 392 53.22 18.88 45.08
N ARG G 393 52.23 19.53 45.69
CA ARG G 393 52.45 20.13 47.01
C ARG G 393 52.66 19.04 48.07
N VAL G 394 51.89 17.96 48.00
CA VAL G 394 52.08 16.84 48.92
C VAL G 394 53.44 16.18 48.69
N ALA G 395 53.84 16.04 47.42
CA ALA G 395 55.12 15.41 47.11
C ALA G 395 56.30 16.26 47.54
N CYS G 396 56.15 17.59 47.55
CA CYS G 396 57.24 18.43 48.03
C CYS G 396 57.25 18.57 49.55
N LEU G 397 56.10 18.47 50.21
CA LEU G 397 56.06 18.70 51.64
C LEU G 397 56.03 17.43 52.48
N THR G 398 55.94 16.25 51.87
CA THR G 398 55.88 15.03 52.68
C THR G 398 57.23 14.64 53.31
N PRO G 399 58.37 14.56 52.59
CA PRO G 399 59.58 14.09 53.27
C PRO G 399 60.18 15.11 54.23
N TYR G 400 59.84 16.39 54.10
CA TYR G 400 60.29 17.40 55.05
C TYR G 400 59.44 17.43 56.31
N ARG G 401 58.38 16.62 56.40
CA ARG G 401 57.52 16.59 57.58
C ARG G 401 57.59 15.26 58.31
N LEU G 402 58.24 14.25 57.74
CA LEU G 402 58.42 12.97 58.40
C LEU G 402 59.64 12.93 59.29
N THR G 403 60.35 14.03 59.43
CA THR G 403 61.45 14.12 60.39
C THR G 403 60.93 14.69 61.70
N PRO G 404 61.42 14.19 62.85
CA PRO G 404 60.88 14.64 64.14
C PRO G 404 61.20 16.09 64.49
N ASN G 405 62.19 16.71 63.85
CA ASN G 405 62.40 18.14 64.03
C ASN G 405 61.57 18.99 63.07
N ALA G 406 61.45 18.55 61.81
CA ALA G 406 60.53 19.09 60.81
C ALA G 406 60.76 20.57 60.55
N ARG G 407 61.93 20.89 60.01
CA ARG G 407 62.28 22.27 59.70
C ARG G 407 62.39 22.41 58.18
N ILE G 408 61.26 22.79 57.57
CA ILE G 408 61.18 23.14 56.15
C ILE G 408 62.07 24.36 55.90
N PRO G 409 62.80 24.43 54.79
CA PRO G 409 63.52 25.67 54.45
C PRO G 409 62.57 26.82 54.21
N PHE G 410 63.12 28.03 54.31
CA PHE G 410 62.32 29.25 54.37
C PHE G 410 61.64 29.54 53.03
N CYS G 411 62.39 29.39 51.92
CA CYS G 411 61.85 29.71 50.61
C CYS G 411 60.74 28.75 50.21
N LEU G 412 60.94 27.45 50.44
CA LEU G 412 59.91 26.48 50.13
C LEU G 412 58.70 26.58 51.06
N ALA G 413 58.89 27.02 52.30
CA ALA G 413 57.75 27.25 53.18
C ALA G 413 56.97 28.49 52.77
N VAL G 414 57.64 29.49 52.19
CA VAL G 414 56.91 30.63 51.63
C VAL G 414 56.17 30.22 50.37
N LEU G 415 56.81 29.44 49.49
CA LEU G 415 56.20 29.07 48.22
C LEU G 415 55.04 28.10 48.41
N CYS G 416 55.31 26.93 49.00
CA CYS G 416 54.30 25.89 49.07
C CYS G 416 53.35 26.03 50.26
N CYS G 417 53.26 27.23 50.84
CA CYS G 417 52.24 27.63 51.81
C CYS G 417 52.31 26.79 53.09
N ALA G 418 53.49 26.79 53.71
CA ALA G 418 53.68 26.16 55.00
C ALA G 418 53.75 27.23 56.10
N ARG G 419 53.56 26.80 57.34
CA ARG G 419 53.69 27.70 58.48
C ARG G 419 55.14 27.75 58.96
N THR H 4 -5.69 24.24 -46.39
CA THR H 4 -5.56 24.68 -47.77
C THR H 4 -4.22 25.37 -48.01
N THR H 5 -3.84 25.49 -49.28
CA THR H 5 -2.54 26.03 -49.66
C THR H 5 -2.70 26.93 -50.87
N MET H 6 -2.12 28.13 -50.79
CA MET H 6 -2.23 29.12 -51.86
C MET H 6 -0.86 29.37 -52.47
N CYS H 7 -0.78 29.29 -53.78
CA CYS H 7 0.47 29.46 -54.50
C CYS H 7 0.61 30.88 -55.03
N LEU H 8 1.79 31.18 -55.60
CA LEU H 8 2.16 32.54 -55.93
C LEU H 8 2.77 32.64 -57.32
N LEU H 9 2.33 33.66 -58.08
CA LEU H 9 3.05 34.17 -59.23
C LEU H 9 3.38 35.64 -59.08
N ALA H 10 2.57 36.38 -58.33
CA ALA H 10 2.65 37.80 -58.05
C ALA H 10 2.07 37.95 -56.65
N ASN H 11 1.56 39.14 -56.33
CA ASN H 11 0.70 39.21 -55.15
C ASN H 11 -0.74 38.76 -55.46
N VAL H 12 -0.88 37.58 -56.08
CA VAL H 12 -2.16 36.98 -56.42
C VAL H 12 -2.12 35.57 -55.86
N THR H 13 -2.70 35.38 -54.68
CA THR H 13 -2.69 34.07 -54.02
C THR H 13 -3.80 33.22 -54.63
N PHE H 14 -3.50 32.56 -55.72
CA PHE H 14 -4.42 31.68 -56.42
C PHE H 14 -4.39 30.29 -55.79
N PRO H 15 -5.48 29.52 -55.92
CA PRO H 15 -5.47 28.14 -55.41
C PRO H 15 -4.51 27.28 -56.23
N CYS H 16 -3.76 26.42 -55.53
CA CYS H 16 -2.69 25.66 -56.16
C CYS H 16 -3.21 24.58 -57.11
N ALA H 17 -4.46 24.15 -56.95
CA ALA H 17 -5.07 23.25 -57.92
C ALA H 17 -5.53 23.96 -59.18
N GLN H 18 -5.57 25.30 -59.17
CA GLN H 18 -6.08 26.08 -60.29
C GLN H 18 -5.03 27.11 -60.69
N PRO H 19 -4.11 26.75 -61.58
CA PRO H 19 -3.08 27.70 -62.03
C PRO H 19 -3.60 28.56 -63.17
N PRO H 20 -2.96 29.70 -63.44
CA PRO H 20 -3.41 30.53 -64.57
C PRO H 20 -2.79 30.14 -65.91
N ILE H 21 -1.70 29.36 -65.89
CA ILE H 21 -0.93 29.05 -67.09
C ILE H 21 -0.60 27.57 -67.15
N CYS H 22 -0.32 27.09 -68.37
CA CYS H 22 0.04 25.71 -68.63
C CYS H 22 1.21 25.68 -69.61
N TYR H 23 1.97 24.58 -69.57
CA TYR H 23 3.21 24.52 -70.34
C TYR H 23 2.96 24.39 -71.84
N ASP H 24 1.85 23.79 -72.24
CA ASP H 24 1.54 23.71 -73.66
C ASP H 24 1.08 25.04 -74.25
N ARG H 25 0.92 26.08 -73.43
CA ARG H 25 0.70 27.44 -73.89
C ARG H 25 1.96 28.29 -73.81
N LYS H 26 2.70 28.20 -72.69
CA LYS H 26 3.84 29.06 -72.43
C LYS H 26 5.08 28.23 -72.17
N PRO H 27 6.21 28.52 -72.82
CA PRO H 27 7.43 27.73 -72.60
C PRO H 27 8.15 28.01 -71.28
N ALA H 28 8.30 29.29 -70.91
CA ALA H 28 9.16 29.64 -69.79
C ALA H 28 8.43 30.35 -68.65
N GLU H 29 7.20 30.79 -68.85
CA GLU H 29 6.47 31.44 -67.76
C GLU H 29 6.01 30.41 -66.72
N THR H 30 5.70 29.19 -67.16
CA THR H 30 5.33 28.14 -66.22
C THR H 30 6.54 27.71 -65.40
N LEU H 31 7.71 27.68 -66.03
CA LEU H 31 8.93 27.31 -65.33
C LEU H 31 9.32 28.39 -64.33
N ALA H 32 9.04 29.66 -64.65
CA ALA H 32 9.29 30.74 -63.71
C ALA H 32 8.26 30.74 -62.58
N MET H 33 7.04 30.29 -62.84
CA MET H 33 6.06 30.16 -61.76
C MET H 33 6.43 29.02 -60.83
N LEU H 34 6.98 27.93 -61.37
CA LEU H 34 7.49 26.85 -60.54
C LEU H 34 8.79 27.23 -59.84
N SER H 35 9.51 28.23 -60.35
CA SER H 35 10.79 28.64 -59.78
C SER H 35 10.64 29.23 -58.39
N VAL H 36 9.67 30.12 -58.21
CA VAL H 36 9.54 30.85 -56.96
C VAL H 36 8.78 30.05 -55.91
N ASN H 37 8.10 28.98 -56.31
CA ASN H 37 7.21 28.23 -55.43
C ASN H 37 7.77 26.86 -55.06
N VAL H 38 9.10 26.74 -54.98
CA VAL H 38 9.72 25.45 -54.67
C VAL H 38 9.48 25.08 -53.21
N ASP H 39 9.65 26.03 -52.31
CA ASP H 39 9.39 25.83 -50.89
C ASP H 39 7.88 25.89 -50.68
N ASN H 40 7.22 24.77 -50.94
CA ASN H 40 5.77 24.72 -50.88
C ASN H 40 5.35 23.29 -50.62
N PRO H 41 4.54 23.04 -49.57
CA PRO H 41 4.03 21.67 -49.37
C PRO H 41 3.00 21.24 -50.40
N GLY H 42 2.35 22.18 -51.09
CA GLY H 42 1.43 21.83 -52.15
C GLY H 42 2.03 22.00 -53.52
N TYR H 43 3.36 21.83 -53.61
CA TYR H 43 4.06 22.00 -54.88
C TYR H 43 3.72 20.89 -55.87
N ASP H 44 3.42 19.68 -55.38
CA ASP H 44 3.01 18.62 -56.30
C ASP H 44 1.63 18.89 -56.88
N GLU H 45 0.74 19.49 -56.09
CA GLU H 45 -0.57 19.89 -56.59
C GLU H 45 -0.44 20.96 -57.65
N LEU H 46 0.35 22.01 -57.37
CA LEU H 46 0.66 23.05 -58.34
C LEU H 46 1.35 22.49 -59.58
N LEU H 47 2.16 21.45 -59.40
CA LEU H 47 2.90 20.80 -60.48
C LEU H 47 1.95 20.08 -61.44
N GLU H 48 1.20 19.11 -60.93
CA GLU H 48 0.26 18.34 -61.76
C GLU H 48 -0.94 19.15 -62.22
N ALA H 49 -1.20 20.31 -61.61
CA ALA H 49 -2.21 21.21 -62.17
C ALA H 49 -1.62 22.15 -63.20
N ALA H 50 -0.36 22.55 -63.04
CA ALA H 50 0.30 23.49 -63.92
C ALA H 50 0.72 22.86 -65.23
N VAL H 51 0.76 21.52 -65.33
CA VAL H 51 0.87 20.93 -66.65
C VAL H 51 -0.43 21.09 -67.43
N LYS H 52 -1.51 20.52 -66.91
CA LYS H 52 -2.69 20.25 -67.72
C LYS H 52 -3.70 21.40 -67.66
N CYS H 53 -4.38 21.59 -68.77
CA CYS H 53 -5.45 22.59 -68.87
C CYS H 53 -6.82 21.91 -68.83
N SER I 1 -73.79 15.96 -3.56
CA SER I 1 -73.45 15.70 -2.17
C SER I 1 -72.47 16.72 -1.63
N THR I 2 -71.82 17.45 -2.54
CA THR I 2 -70.83 18.42 -2.14
C THR I 2 -71.48 19.72 -1.66
N GLU I 3 -72.74 19.94 -2.04
CA GLU I 3 -73.39 21.21 -1.75
C GLU I 3 -73.95 21.25 -0.34
N GLU I 4 -74.39 20.10 0.17
CA GLU I 4 -74.84 20.04 1.57
C GLU I 4 -73.65 20.23 2.51
N LEU I 5 -72.47 19.77 2.11
CA LEU I 5 -71.23 20.11 2.81
C LEU I 5 -70.94 21.59 2.72
N PHE I 6 -71.18 22.19 1.56
CA PHE I 6 -70.69 23.53 1.28
C PHE I 6 -71.56 24.62 1.89
N ASN I 7 -72.84 24.33 2.14
CA ASN I 7 -73.85 25.38 2.24
C ASN I 7 -73.71 26.22 3.52
N GLU I 8 -72.85 25.78 4.44
CA GLU I 8 -72.77 26.43 5.74
C GLU I 8 -71.98 27.73 5.67
N TYR I 9 -71.16 27.90 4.64
CA TYR I 9 -70.44 29.15 4.51
C TYR I 9 -71.25 30.18 3.74
N LYS I 10 -72.48 29.83 3.36
CA LYS I 10 -73.41 30.84 2.85
C LYS I 10 -73.88 31.75 3.97
N LEU I 11 -73.75 31.30 5.21
CA LEU I 11 -74.23 32.01 6.38
C LEU I 11 -73.30 33.17 6.74
N THR I 12 -72.12 33.21 6.13
CA THR I 12 -71.00 34.04 6.55
C THR I 12 -70.67 35.09 5.52
N ARG I 13 -69.63 35.87 5.80
CA ARG I 13 -69.14 36.87 4.87
C ARG I 13 -67.64 36.98 5.02
N PRO I 14 -66.94 37.48 4.01
CA PRO I 14 -65.55 37.88 4.21
C PRO I 14 -65.47 39.19 4.96
N TYR I 15 -64.26 39.52 5.40
CA TYR I 15 -64.04 40.69 6.23
C TYR I 15 -62.66 41.25 5.96
N MET I 16 -62.45 42.49 6.37
CA MET I 16 -61.15 43.13 6.27
C MET I 16 -60.48 43.17 7.64
N ALA I 17 -59.26 42.64 7.70
CA ALA I 17 -58.49 42.58 8.92
C ALA I 17 -57.17 43.29 8.68
N ARG I 18 -56.27 43.20 9.65
CA ARG I 18 -55.02 43.95 9.65
C ARG I 18 -53.86 43.02 9.31
N CYS I 19 -53.12 43.37 8.27
CA CYS I 19 -51.89 42.67 7.91
C CYS I 19 -50.72 43.62 8.15
N ILE I 20 -49.67 43.12 8.80
CA ILE I 20 -48.59 44.02 9.19
C ILE I 20 -47.66 44.31 8.02
N ARG I 21 -47.57 43.41 7.05
CA ARG I 21 -46.78 43.62 5.84
C ARG I 21 -47.73 43.51 4.65
N CYS I 22 -48.26 44.63 4.23
CA CYS I 22 -49.04 44.75 3.00
C CYS I 22 -48.08 44.98 1.85
N ALA I 23 -48.62 45.43 0.72
CA ALA I 23 -47.77 45.67 -0.45
C ALA I 23 -46.84 46.85 -0.26
N VAL I 24 -47.20 47.81 0.60
CA VAL I 24 -46.32 48.95 0.87
C VAL I 24 -45.87 48.96 2.32
N GLY I 25 -46.82 49.01 3.24
CA GLY I 25 -46.49 49.03 4.65
C GLY I 25 -47.45 48.19 5.46
N SER I 26 -47.89 48.72 6.60
CA SER I 26 -48.96 48.10 7.36
C SER I 26 -50.28 48.71 6.87
N CYS I 27 -51.28 47.86 6.61
CA CYS I 27 -52.56 48.36 6.13
C CYS I 27 -53.66 47.44 6.66
N HIS I 28 -54.85 47.59 6.09
CA HIS I 28 -56.01 46.77 6.40
C HIS I 28 -56.30 45.92 5.17
N SER I 29 -56.20 44.62 5.34
CA SER I 29 -56.09 43.85 4.12
C SER I 29 -57.35 43.07 3.83
N PRO I 30 -57.74 42.93 2.55
CA PRO I 30 -58.86 42.04 2.23
C PRO I 30 -58.53 40.57 2.33
N ILE I 31 -57.25 40.21 2.42
CA ILE I 31 -56.81 38.82 2.38
C ILE I 31 -55.89 38.49 3.56
N ALA I 32 -56.13 39.12 4.71
CA ALA I 32 -55.31 38.88 5.89
C ALA I 32 -55.36 37.42 6.33
N ILE I 33 -54.29 36.97 6.97
CA ILE I 33 -54.04 35.55 7.18
C ILE I 33 -54.09 35.27 8.67
N GLU I 34 -54.89 34.26 9.05
CA GLU I 34 -55.05 33.95 10.46
C GLU I 34 -54.06 32.91 10.93
N ALA I 35 -53.96 31.78 10.22
CA ALA I 35 -53.02 30.74 10.63
C ALA I 35 -52.61 29.95 9.39
N VAL I 36 -51.47 29.29 9.49
CA VAL I 36 -50.96 28.39 8.46
C VAL I 36 -50.61 27.09 9.15
N LYS I 37 -51.44 26.07 8.98
CA LYS I 37 -51.26 24.79 9.64
C LYS I 37 -50.54 23.84 8.69
N SER I 38 -49.29 23.54 9.01
CA SER I 38 -48.47 22.60 8.23
C SER I 38 -47.96 21.56 9.19
N ASP I 39 -48.77 20.54 9.46
CA ASP I 39 -48.40 19.45 10.32
C ASP I 39 -48.45 18.11 9.60
N GLY I 40 -48.89 18.09 8.34
CA GLY I 40 -48.82 16.92 7.51
C GLY I 40 -47.52 16.85 6.76
N HIS I 41 -47.35 15.77 6.00
CA HIS I 41 -46.00 15.43 5.55
C HIS I 41 -45.55 16.18 4.30
N ASP I 42 -46.18 15.94 3.16
CA ASP I 42 -45.52 16.19 1.88
C ASP I 42 -45.66 17.62 1.38
N GLY I 43 -45.73 18.59 2.27
CA GLY I 43 -45.70 19.97 1.87
C GLY I 43 -47.05 20.63 1.72
N TYR I 44 -48.11 19.97 2.15
CA TYR I 44 -49.44 20.55 2.09
C TYR I 44 -49.68 21.39 3.33
N VAL I 45 -49.98 22.67 3.13
CA VAL I 45 -50.32 23.55 4.22
C VAL I 45 -51.82 23.83 4.15
N ARG I 46 -52.37 24.37 5.22
CA ARG I 46 -53.77 24.75 5.27
C ARG I 46 -53.88 26.16 5.80
N LEU I 47 -54.04 27.12 4.91
CA LEU I 47 -54.19 28.51 5.32
C LEU I 47 -55.59 28.74 5.85
N GLN I 48 -55.72 29.68 6.78
CA GLN I 48 -56.99 30.27 7.12
C GLN I 48 -56.86 31.77 6.90
N THR I 49 -57.65 32.31 5.98
CA THR I 49 -57.50 33.67 5.55
C THR I 49 -58.75 34.48 5.90
N SER I 50 -58.68 35.78 5.61
CA SER I 50 -59.79 36.71 5.74
C SER I 50 -60.63 36.80 4.49
N SER I 51 -60.67 35.74 3.70
CA SER I 51 -61.39 35.69 2.45
C SER I 51 -62.11 34.36 2.38
N GLN I 52 -62.98 34.21 1.38
CA GLN I 52 -63.71 32.97 1.24
C GLN I 52 -63.56 32.42 -0.16
N TYR I 53 -63.69 31.10 -0.26
CA TYR I 53 -63.36 30.37 -1.46
C TYR I 53 -64.52 29.44 -1.81
N GLY I 54 -64.96 29.52 -3.05
CA GLY I 54 -66.02 28.66 -3.52
C GLY I 54 -67.38 29.30 -3.64
N LEU I 55 -67.59 30.49 -3.08
CA LEU I 55 -68.88 31.16 -3.19
C LEU I 55 -68.77 32.23 -4.26
N LEU I 61 -72.99 28.89 -5.26
CA LEU I 61 -71.83 28.12 -5.69
C LEU I 61 -71.12 28.76 -6.87
N LYS I 62 -69.80 28.58 -6.91
CA LYS I 62 -68.96 28.91 -8.06
C LYS I 62 -67.62 28.19 -7.88
N GLY I 63 -67.05 27.71 -8.98
CA GLY I 63 -66.01 26.70 -8.95
C GLY I 63 -64.69 27.02 -8.28
N ARG I 64 -63.86 27.87 -8.89
CA ARG I 64 -62.53 28.18 -8.37
C ARG I 64 -62.44 29.69 -8.27
N THR I 65 -62.98 30.25 -7.20
CA THR I 65 -62.98 31.71 -7.04
C THR I 65 -62.72 32.07 -5.59
N MET I 66 -62.14 33.25 -5.42
CA MET I 66 -61.94 33.85 -4.10
C MET I 66 -63.01 34.91 -3.91
N ARG I 67 -63.54 35.02 -2.70
CA ARG I 67 -64.51 36.05 -2.36
C ARG I 67 -63.95 36.88 -1.21
N TYR I 68 -63.95 38.19 -1.36
CA TYR I 68 -63.29 39.05 -0.39
C TYR I 68 -64.05 40.34 -0.19
N ASP I 69 -63.99 40.85 1.03
CA ASP I 69 -64.56 42.14 1.37
C ASP I 69 -63.60 43.24 0.93
N MET I 70 -64.15 44.28 0.30
CA MET I 70 -63.36 45.42 -0.15
C MET I 70 -64.08 46.70 0.26
N HIS I 71 -63.78 47.17 1.47
CA HIS I 71 -64.35 48.38 2.09
C HIS I 71 -65.88 48.34 2.17
N GLY I 72 -66.45 47.15 2.32
CA GLY I 72 -67.89 47.02 2.42
C GLY I 72 -68.50 46.20 1.30
N THR I 73 -68.04 46.44 0.07
CA THR I 73 -68.64 45.83 -1.11
C THR I 73 -67.90 44.54 -1.43
N ILE I 74 -68.58 43.42 -1.24
CA ILE I 74 -67.97 42.10 -1.45
C ILE I 74 -67.77 41.86 -2.94
N LYS I 75 -66.52 41.53 -3.31
CA LYS I 75 -66.11 41.34 -4.69
C LYS I 75 -65.60 39.92 -4.88
N GLU I 76 -65.22 39.57 -6.11
CA GLU I 76 -64.65 38.25 -6.36
C GLU I 76 -63.71 38.27 -7.55
N ILE I 77 -62.76 37.33 -7.53
CA ILE I 77 -61.83 37.07 -8.64
C ILE I 77 -61.66 35.56 -8.78
N PRO I 78 -61.21 35.09 -9.95
CA PRO I 78 -60.86 33.68 -10.09
C PRO I 78 -59.63 33.32 -9.27
N LEU I 79 -59.48 32.02 -9.02
CA LEU I 79 -58.47 31.52 -8.11
C LEU I 79 -57.13 31.29 -8.80
N HIS I 80 -57.09 31.25 -10.12
CA HIS I 80 -55.81 31.24 -10.81
C HIS I 80 -55.18 32.61 -10.91
N GLN I 81 -55.85 33.66 -10.43
CA GLN I 81 -55.27 34.99 -10.34
C GLN I 81 -54.59 35.23 -9.01
N VAL I 82 -54.70 34.31 -8.06
CA VAL I 82 -54.11 34.45 -6.73
C VAL I 82 -52.87 33.57 -6.66
N SER I 83 -51.74 34.18 -6.35
CA SER I 83 -50.48 33.47 -6.20
C SER I 83 -50.03 33.56 -4.75
N LEU I 84 -49.25 32.57 -4.31
CA LEU I 84 -48.67 32.66 -2.99
C LEU I 84 -47.35 31.89 -2.98
N TYR I 85 -46.47 32.29 -2.07
CA TYR I 85 -45.13 31.73 -2.02
C TYR I 85 -44.57 31.83 -0.61
N THR I 86 -43.90 30.76 -0.17
CA THR I 86 -43.13 30.79 1.09
C THR I 86 -41.71 31.25 0.83
N SER I 87 -40.94 30.43 0.12
CA SER I 87 -39.66 30.81 -0.45
C SER I 87 -39.66 30.64 -1.96
N ARG I 88 -40.00 29.46 -2.42
CA ARG I 88 -40.34 29.16 -3.80
C ARG I 88 -41.82 29.47 -4.00
N PRO I 89 -42.29 29.53 -5.24
CA PRO I 89 -43.73 29.60 -5.46
C PRO I 89 -44.44 28.31 -5.08
N CYS I 90 -45.62 28.46 -4.48
CA CYS I 90 -46.46 27.36 -4.04
C CYS I 90 -47.42 26.95 -5.16
N HIS I 91 -48.40 26.10 -4.84
CA HIS I 91 -49.43 25.71 -5.79
C HIS I 91 -50.73 25.51 -5.05
N ILE I 92 -51.73 26.33 -5.37
CA ILE I 92 -53.04 26.20 -4.74
C ILE I 92 -53.74 24.97 -5.29
N VAL I 93 -54.30 24.15 -4.40
CA VAL I 93 -55.08 23.01 -4.83
C VAL I 93 -56.56 23.36 -4.86
N ASP I 94 -57.11 23.79 -3.73
CA ASP I 94 -58.55 23.98 -3.63
C ASP I 94 -58.84 24.94 -2.48
N GLY I 95 -60.06 25.46 -2.47
CA GLY I 95 -60.51 26.30 -1.39
C GLY I 95 -61.97 26.03 -1.06
N HIS I 96 -62.32 26.27 0.21
CA HIS I 96 -63.65 25.93 0.70
C HIS I 96 -63.92 26.80 1.94
N GLY I 97 -64.68 27.86 1.76
CA GLY I 97 -64.93 28.75 2.88
C GLY I 97 -63.71 29.56 3.23
N TYR I 98 -63.43 29.74 4.51
CA TYR I 98 -62.28 30.54 4.94
C TYR I 98 -60.94 29.86 4.74
N PHE I 99 -60.91 28.63 4.25
CA PHE I 99 -59.71 27.82 4.30
C PHE I 99 -59.20 27.55 2.90
N LEU I 100 -57.90 27.33 2.78
CA LEU I 100 -57.26 27.02 1.51
C LEU I 100 -56.27 25.89 1.71
N LEU I 101 -56.14 25.05 0.69
CA LEU I 101 -55.20 23.95 0.69
C LEU I 101 -54.16 24.21 -0.39
N ALA I 102 -52.95 24.55 0.01
CA ALA I 102 -51.86 24.85 -0.91
C ALA I 102 -50.89 23.68 -0.90
N ARG I 103 -49.77 23.86 -1.60
CA ARG I 103 -48.66 22.91 -1.56
C ARG I 103 -47.38 23.73 -1.60
N CYS I 104 -46.82 24.00 -0.45
CA CYS I 104 -45.73 24.92 -0.31
C CYS I 104 -44.45 24.20 0.14
N PRO I 105 -43.29 24.69 -0.29
CA PRO I 105 -42.04 24.25 0.33
C PRO I 105 -41.80 25.00 1.62
N ALA I 106 -40.78 24.58 2.34
CA ALA I 106 -40.47 25.16 3.64
C ALA I 106 -39.94 26.57 3.49
N GLY I 107 -40.15 27.37 4.53
CA GLY I 107 -39.71 28.75 4.54
C GLY I 107 -40.25 29.40 5.79
N ASP I 108 -39.64 30.53 6.13
CA ASP I 108 -39.91 31.16 7.41
C ASP I 108 -40.98 32.24 7.34
N SER I 109 -41.73 32.33 6.24
CA SER I 109 -42.85 33.23 6.13
C SER I 109 -43.78 32.70 5.06
N ILE I 110 -44.93 33.33 4.91
CA ILE I 110 -45.92 32.99 3.90
C ILE I 110 -46.55 34.27 3.40
N THR I 111 -46.57 34.44 2.08
CA THR I 111 -47.07 35.66 1.44
C THR I 111 -48.14 35.29 0.44
N MET I 112 -49.35 35.83 0.60
CA MET I 112 -50.43 35.67 -0.37
C MET I 112 -50.68 37.00 -1.06
N GLU I 113 -50.83 36.98 -2.38
CA GLU I 113 -51.08 38.20 -3.11
C GLU I 113 -51.90 37.92 -4.37
N PHE I 114 -52.83 38.82 -4.67
CA PHE I 114 -53.51 38.86 -5.95
C PHE I 114 -53.33 40.25 -6.54
N LYS I 115 -53.77 40.42 -7.78
CA LYS I 115 -53.58 41.69 -8.48
C LYS I 115 -54.89 42.10 -9.12
N LYS I 116 -55.34 43.32 -8.82
CA LYS I 116 -56.48 43.96 -9.46
C LYS I 116 -55.96 44.65 -10.73
N ASP I 117 -56.73 45.58 -11.33
CA ASP I 117 -56.40 46.14 -12.63
C ASP I 117 -55.11 46.95 -12.57
N SER I 118 -54.93 47.75 -11.53
CA SER I 118 -53.64 48.37 -11.28
C SER I 118 -53.26 48.40 -9.81
N VAL I 119 -54.07 47.83 -8.92
CA VAL I 119 -53.81 47.82 -7.49
C VAL I 119 -53.36 46.43 -7.09
N ARG I 120 -52.20 46.34 -6.45
CA ARG I 120 -51.66 45.08 -5.96
C ARG I 120 -51.91 44.97 -4.46
N HIS I 121 -52.45 43.83 -4.04
CA HIS I 121 -52.74 43.54 -2.64
C HIS I 121 -51.84 42.40 -2.17
N SER I 122 -51.40 42.45 -0.92
CA SER I 122 -50.53 41.39 -0.40
C SER I 122 -50.70 41.27 1.10
N CYS I 123 -50.33 40.11 1.63
CA CYS I 123 -50.19 39.96 3.08
C CYS I 123 -49.08 38.97 3.35
N SER I 124 -48.10 39.38 4.14
CA SER I 124 -47.01 38.53 4.59
C SER I 124 -47.07 38.42 6.09
N VAL I 125 -47.08 37.20 6.61
CA VAL I 125 -47.04 37.02 8.06
C VAL I 125 -45.83 36.17 8.43
N PRO I 126 -45.18 36.44 9.56
CA PRO I 126 -43.99 35.64 9.94
C PRO I 126 -44.33 34.32 10.60
N TYR I 127 -44.89 33.39 9.83
CA TYR I 127 -45.25 32.08 10.34
C TYR I 127 -44.38 31.05 9.65
N GLU I 128 -43.75 30.19 10.44
CA GLU I 128 -42.88 29.16 9.89
C GLU I 128 -43.69 28.10 9.17
N VAL I 129 -43.45 27.97 7.88
CA VAL I 129 -44.00 26.90 7.06
C VAL I 129 -42.92 25.84 6.94
N LYS I 130 -43.26 24.58 7.20
CA LYS I 130 -42.25 23.55 7.31
C LYS I 130 -42.62 22.34 6.47
N PHE I 131 -41.59 21.59 6.07
CA PHE I 131 -41.71 20.43 5.21
C PHE I 131 -41.33 19.21 6.05
N ASN I 132 -42.04 18.10 5.85
CA ASN I 132 -41.85 16.93 6.69
C ASN I 132 -41.69 15.69 5.83
N PRO I 133 -40.53 15.05 5.82
CA PRO I 133 -40.40 13.77 5.12
C PRO I 133 -41.12 12.66 5.86
N VAL I 134 -41.16 11.50 5.21
CA VAL I 134 -41.70 10.28 5.80
C VAL I 134 -40.57 9.26 5.82
N GLY I 135 -40.35 8.65 6.97
CA GLY I 135 -39.39 7.59 7.07
C GLY I 135 -37.99 8.07 7.36
N ARG I 136 -37.04 7.14 7.21
CA ARG I 136 -35.67 7.37 7.63
C ARG I 136 -34.78 7.89 6.51
N GLU I 137 -35.31 8.61 5.53
CA GLU I 137 -34.47 9.33 4.59
C GLU I 137 -35.03 10.73 4.46
N LEU I 138 -34.16 11.73 4.62
CA LEU I 138 -34.61 13.10 4.81
C LEU I 138 -34.51 13.85 3.49
N TYR I 139 -35.45 13.57 2.61
CA TYR I 139 -35.57 14.29 1.36
C TYR I 139 -36.12 15.70 1.58
N THR I 140 -35.88 16.55 0.59
CA THR I 140 -36.41 17.90 0.60
C THR I 140 -37.53 18.07 -0.42
N HIS I 141 -37.47 17.30 -1.48
CA HIS I 141 -38.51 17.17 -2.49
C HIS I 141 -38.85 15.70 -2.59
N PRO I 142 -40.12 15.33 -2.68
CA PRO I 142 -40.48 13.92 -2.69
C PRO I 142 -40.05 13.24 -3.99
N PRO I 143 -39.74 11.95 -3.94
CA PRO I 143 -39.00 11.33 -5.05
C PRO I 143 -39.92 10.95 -6.20
N GLU I 144 -39.30 10.31 -7.19
CA GLU I 144 -40.02 9.83 -8.36
C GLU I 144 -40.45 8.38 -8.21
N HIS I 145 -39.81 7.63 -7.31
CA HIS I 145 -40.14 6.24 -7.08
C HIS I 145 -39.57 5.81 -5.73
N GLY I 146 -40.01 4.65 -5.27
CA GLY I 146 -39.56 4.09 -4.01
C GLY I 146 -40.62 3.22 -3.38
N VAL I 147 -40.32 2.64 -2.23
CA VAL I 147 -41.27 1.79 -1.52
C VAL I 147 -42.43 2.60 -0.94
N GLU I 148 -43.64 2.07 -1.04
CA GLU I 148 -44.82 2.74 -0.50
C GLU I 148 -44.78 2.73 1.02
N GLN I 149 -45.16 3.85 1.63
CA GLN I 149 -45.17 3.96 3.09
C GLN I 149 -46.38 4.74 3.59
N ALA I 150 -46.79 4.46 4.83
CA ALA I 150 -47.92 5.14 5.43
C ALA I 150 -47.56 6.57 5.84
N CYS I 151 -48.49 7.49 5.64
CA CYS I 151 -48.29 8.88 5.99
C CYS I 151 -49.60 9.48 6.48
N GLN I 152 -49.56 10.79 6.74
CA GLN I 152 -50.67 11.53 7.36
C GLN I 152 -50.68 12.92 6.73
N VAL I 153 -51.48 13.11 5.69
CA VAL I 153 -51.52 14.35 4.94
C VAL I 153 -52.92 14.96 5.08
N TYR I 154 -53.00 16.24 4.71
CA TYR I 154 -54.28 16.92 4.66
C TYR I 154 -55.14 16.33 3.55
N ALA I 155 -56.41 16.09 3.86
CA ALA I 155 -57.33 15.53 2.89
C ALA I 155 -57.78 16.61 1.92
N HIS I 156 -57.83 16.27 0.65
CA HIS I 156 -58.27 17.21 -0.35
C HIS I 156 -59.73 17.63 -0.29
N ASP I 157 -60.61 16.71 0.11
CA ASP I 157 -62.03 17.00 0.07
C ASP I 157 -62.42 17.82 1.30
N ALA I 158 -63.58 18.46 1.21
CA ALA I 158 -64.08 19.33 2.26
C ALA I 158 -65.07 18.63 3.17
N GLN I 159 -64.88 17.34 3.43
CA GLN I 159 -65.88 16.54 4.13
C GLN I 159 -65.94 16.90 5.61
N ASN I 160 -67.17 17.01 6.12
CA ASN I 160 -67.41 17.28 7.53
C ASN I 160 -66.90 16.12 8.37
N ARG I 161 -65.97 16.41 9.25
CA ARG I 161 -65.48 15.45 10.23
C ARG I 161 -65.58 16.08 11.60
N GLY I 162 -64.99 15.46 12.62
CA GLY I 162 -65.17 15.94 13.96
C GLY I 162 -64.32 17.14 14.34
N ALA I 163 -64.48 18.26 13.64
CA ALA I 163 -63.70 19.45 13.93
C ALA I 163 -64.48 20.68 13.51
N TYR I 164 -64.70 21.59 14.47
CA TYR I 164 -65.54 22.76 14.24
C TYR I 164 -64.82 24.02 14.70
N VAL I 165 -65.18 25.15 14.09
CA VAL I 165 -64.71 26.45 14.54
C VAL I 165 -65.89 27.38 14.75
N GLU I 166 -65.70 28.31 15.67
CA GLU I 166 -66.76 29.12 16.23
C GLU I 166 -67.03 30.34 15.36
N MET I 167 -68.30 30.71 15.26
CA MET I 167 -68.73 31.84 14.44
C MET I 167 -69.59 32.77 15.29
N HIS I 168 -69.75 34.02 14.83
CA HIS I 168 -70.30 35.03 15.70
C HIS I 168 -71.05 36.11 14.92
N LEU I 169 -71.71 36.98 15.67
CA LEU I 169 -72.15 38.25 15.12
C LEU I 169 -70.95 39.08 14.69
N PRO I 170 -71.01 39.73 13.53
CA PRO I 170 -70.06 40.80 13.25
C PRO I 170 -70.31 41.99 14.14
N GLY I 171 -69.23 42.66 14.50
CA GLY I 171 -69.33 43.89 15.24
C GLY I 171 -69.59 45.07 14.34
N SER I 172 -69.90 46.21 14.97
CA SER I 172 -70.23 47.41 14.23
C SER I 172 -68.92 48.01 13.71
N GLU I 173 -68.74 47.98 12.40
CA GLU I 173 -67.53 48.55 11.79
C GLU I 173 -67.76 50.02 11.47
N VAL I 174 -66.96 50.89 12.06
CA VAL I 174 -67.11 52.32 11.83
C VAL I 174 -66.71 52.69 10.40
N ASP I 175 -67.55 53.47 9.74
CA ASP I 175 -67.24 53.91 8.37
C ASP I 175 -67.19 55.43 8.27
N SER I 176 -66.05 55.93 7.82
CA SER I 176 -65.83 57.37 7.63
C SER I 176 -66.69 57.97 6.52
N SER I 177 -66.88 57.19 5.46
CA SER I 177 -67.63 57.61 4.28
C SER I 177 -69.09 57.99 4.51
N LEU I 178 -69.77 57.27 5.40
CA LEU I 178 -71.17 57.56 5.64
C LEU I 178 -71.38 58.98 6.16
N VAL I 179 -70.50 59.42 7.06
CA VAL I 179 -70.59 60.77 7.61
C VAL I 179 -70.09 61.76 6.56
N SER I 180 -70.70 62.94 6.51
CA SER I 180 -70.27 63.95 5.54
C SER I 180 -70.80 65.30 5.99
N LEU I 181 -70.29 66.35 5.36
CA LEU I 181 -70.69 67.70 5.71
C LEU I 181 -71.98 68.08 5.01
N SER I 182 -72.80 68.87 5.70
CA SER I 182 -73.93 69.56 5.08
C SER I 182 -73.47 70.87 4.49
N GLY I 183 -74.41 71.76 4.19
CA GLY I 183 -74.03 73.14 3.93
C GLY I 183 -73.42 73.80 5.15
N SER I 184 -73.92 73.46 6.34
CA SER I 184 -73.38 74.01 7.58
C SER I 184 -73.28 73.02 8.73
N SER I 185 -73.66 71.75 8.54
CA SER I 185 -73.74 70.83 9.67
C SER I 185 -73.23 69.46 9.23
N VAL I 186 -73.56 68.44 10.04
CA VAL I 186 -73.07 67.09 9.88
C VAL I 186 -74.21 66.23 9.33
N THR I 187 -73.94 65.49 8.26
CA THR I 187 -74.94 64.69 7.57
C THR I 187 -74.45 63.26 7.41
N VAL I 188 -75.23 62.29 7.85
CA VAL I 188 -74.88 60.88 7.74
C VAL I 188 -75.90 60.19 6.85
N THR I 189 -75.42 59.61 5.75
CA THR I 189 -76.29 58.93 4.79
C THR I 189 -75.98 57.44 4.82
N PRO I 190 -76.79 56.62 5.48
CA PRO I 190 -76.54 55.18 5.50
C PRO I 190 -76.80 54.55 4.14
N PRO I 191 -76.24 53.38 3.86
CA PRO I 191 -76.58 52.68 2.62
C PRO I 191 -78.00 52.13 2.68
N ASP I 192 -78.64 52.06 1.53
CA ASP I 192 -80.05 51.73 1.46
C ASP I 192 -80.30 50.25 1.74
N GLY I 193 -81.37 49.98 2.47
CA GLY I 193 -81.63 48.63 2.93
C GLY I 193 -80.77 48.17 4.07
N THR I 194 -80.05 49.09 4.72
CA THR I 194 -79.14 48.74 5.80
C THR I 194 -79.21 49.83 6.85
N SER I 195 -79.33 49.42 8.11
CA SER I 195 -79.35 50.34 9.23
C SER I 195 -77.94 50.74 9.63
N ALA I 196 -77.79 51.99 10.04
CA ALA I 196 -76.55 52.48 10.64
C ALA I 196 -76.89 53.05 12.01
N LEU I 197 -75.89 53.63 12.67
CA LEU I 197 -76.13 54.44 13.85
C LEU I 197 -75.05 55.50 13.93
N VAL I 198 -75.37 56.60 14.59
CA VAL I 198 -74.51 57.77 14.70
C VAL I 198 -74.33 58.08 16.17
N GLU I 199 -73.09 58.30 16.59
CA GLU I 199 -72.79 58.76 17.94
C GLU I 199 -71.99 60.04 17.85
N CYS I 200 -72.50 61.10 18.46
CA CYS I 200 -71.86 62.41 18.42
C CYS I 200 -71.62 62.92 19.83
N GLU I 201 -70.60 63.75 19.96
CA GLU I 201 -70.38 64.52 21.18
C GLU I 201 -70.01 65.94 20.81
N CYS I 202 -70.80 66.54 19.91
CA CYS I 202 -70.56 67.90 19.48
C CYS I 202 -71.21 68.92 20.42
N GLY I 203 -72.42 68.63 20.87
CA GLY I 203 -73.06 69.41 21.92
C GLY I 203 -72.96 68.67 23.23
N GLY I 204 -74.04 67.98 23.61
CA GLY I 204 -73.98 67.07 24.72
C GLY I 204 -73.52 65.69 24.28
N THR I 205 -74.28 64.66 24.60
CA THR I 205 -73.96 63.29 24.21
C THR I 205 -75.10 62.79 23.32
N LYS I 206 -74.84 62.70 22.03
CA LYS I 206 -75.88 62.43 21.05
C LYS I 206 -75.68 61.05 20.45
N ILE I 207 -76.79 60.30 20.36
CA ILE I 207 -76.76 58.94 19.84
C ILE I 207 -78.12 58.64 19.22
N SER I 208 -78.11 58.06 18.01
CA SER I 208 -79.33 57.76 17.29
C SER I 208 -79.03 56.66 16.28
N GLU I 209 -80.01 55.80 16.04
CA GLU I 209 -79.90 54.74 15.03
C GLU I 209 -80.69 55.18 13.81
N THR I 210 -80.07 56.00 12.97
CA THR I 210 -80.73 56.40 11.75
C THR I 210 -80.82 55.23 10.77
N ILE I 211 -81.95 55.13 10.09
CA ILE I 211 -82.22 54.05 9.15
C ILE I 211 -82.64 54.67 7.83
N ASN I 212 -81.89 54.38 6.77
CA ASN I 212 -82.29 54.51 5.37
C ASN I 212 -82.50 55.96 4.94
N LYS I 213 -82.20 56.93 5.80
CA LYS I 213 -82.55 58.31 5.53
C LYS I 213 -81.33 59.21 5.66
N THR I 214 -81.21 60.15 4.73
CA THR I 214 -80.23 61.23 4.83
C THR I 214 -80.66 62.14 5.96
N LYS I 215 -80.06 61.97 7.13
CA LYS I 215 -80.45 62.71 8.31
C LYS I 215 -79.36 63.69 8.68
N GLN I 216 -79.73 64.95 8.88
CA GLN I 216 -78.79 65.95 9.35
C GLN I 216 -78.83 66.05 10.87
N PHE I 217 -77.88 66.81 11.41
CA PHE I 217 -77.64 66.81 12.85
C PHE I 217 -77.42 68.22 13.34
N SER I 218 -78.23 68.63 14.32
CA SER I 218 -78.12 69.96 14.89
C SER I 218 -76.93 70.04 15.83
N GLN I 219 -76.41 71.25 15.98
CA GLN I 219 -75.31 71.67 16.87
C GLN I 219 -73.96 71.04 16.53
N CYS I 220 -73.87 70.22 15.48
CA CYS I 220 -72.62 69.54 15.11
C CYS I 220 -72.05 70.23 13.89
N THR I 221 -70.93 70.94 14.08
CA THR I 221 -70.30 71.68 12.99
C THR I 221 -69.30 70.82 12.23
N LYS I 222 -68.31 70.27 12.94
CA LYS I 222 -67.27 69.46 12.32
C LYS I 222 -67.70 68.01 12.25
N LYS I 223 -67.30 67.34 11.16
CA LYS I 223 -67.58 65.92 10.99
C LYS I 223 -66.61 65.05 11.76
N GLU I 224 -65.64 65.64 12.46
CA GLU I 224 -64.81 64.89 13.39
C GLU I 224 -65.54 64.61 14.70
N GLN I 225 -66.61 65.36 14.97
CA GLN I 225 -67.35 65.26 16.22
C GLN I 225 -68.31 64.07 16.24
N CYS I 226 -68.42 63.32 15.16
CA CYS I 226 -69.38 62.23 15.07
C CYS I 226 -68.71 61.00 14.47
N ARG I 227 -69.28 59.84 14.76
CA ARG I 227 -68.79 58.57 14.24
C ARG I 227 -69.96 57.78 13.67
N ALA I 228 -69.83 57.35 12.43
CA ALA I 228 -70.87 56.59 11.75
C ALA I 228 -70.46 55.11 11.71
N TYR I 229 -71.33 54.24 12.20
CA TYR I 229 -71.07 52.82 12.21
C TYR I 229 -71.93 52.14 11.15
N ARG I 230 -71.84 50.81 11.09
CA ARG I 230 -72.64 50.02 10.18
C ARG I 230 -73.15 48.80 10.93
N LEU I 231 -74.33 48.32 10.54
CA LEU I 231 -75.00 47.24 11.24
C LEU I 231 -75.42 46.15 10.27
N GLN I 232 -75.21 44.90 10.67
CA GLN I 232 -75.67 43.74 9.90
C GLN I 232 -76.14 42.69 10.89
N ASN I 233 -77.42 42.33 10.81
CA ASN I 233 -77.97 41.31 11.69
C ASN I 233 -77.72 39.90 11.15
N ASP I 234 -77.64 39.74 9.84
CA ASP I 234 -77.28 38.47 9.24
C ASP I 234 -75.77 38.37 9.10
N LYS I 235 -75.31 37.39 8.32
CA LYS I 235 -73.92 37.29 7.85
C LYS I 235 -72.87 37.21 8.95
N TRP I 236 -72.72 36.02 9.51
CA TRP I 236 -71.65 35.67 10.46
C TRP I 236 -70.27 36.09 9.96
N VAL I 237 -69.37 36.30 10.91
CA VAL I 237 -67.95 36.37 10.63
C VAL I 237 -67.26 35.32 11.49
N TYR I 238 -66.00 35.08 11.20
CA TYR I 238 -65.21 34.21 12.05
C TYR I 238 -64.89 34.93 13.35
N ASN I 239 -64.65 34.15 14.41
CA ASN I 239 -64.21 34.70 15.68
C ASN I 239 -62.77 35.18 15.56
N SER I 240 -62.54 36.30 14.90
CA SER I 240 -61.20 36.80 14.75
C SER I 240 -60.76 37.54 16.01
N ASP I 241 -59.49 37.91 16.04
CA ASP I 241 -59.00 38.89 16.99
C ASP I 241 -58.70 40.23 16.34
N LYS I 242 -58.85 40.34 15.04
CA LYS I 242 -58.72 41.61 14.35
C LYS I 242 -60.05 42.31 14.14
N LEU I 243 -61.11 41.84 14.79
CA LEU I 243 -62.44 42.42 14.64
C LEU I 243 -63.01 42.71 16.01
N PRO I 244 -63.70 43.83 16.18
CA PRO I 244 -64.37 44.08 17.47
C PRO I 244 -65.61 43.22 17.59
N LYS I 245 -65.94 42.86 18.83
CA LYS I 245 -67.06 41.96 19.06
C LYS I 245 -68.34 42.74 19.31
N ALA I 246 -69.46 42.03 19.22
CA ALA I 246 -70.77 42.64 19.33
C ALA I 246 -71.15 42.77 20.81
N ALA I 247 -72.41 43.10 21.08
CA ALA I 247 -72.90 43.33 22.44
C ALA I 247 -73.96 42.29 22.79
N GLY I 248 -73.63 41.39 23.71
CA GLY I 248 -74.56 40.45 24.29
C GLY I 248 -74.49 39.03 23.76
N ALA I 249 -73.74 38.20 24.47
CA ALA I 249 -73.65 36.73 24.40
C ALA I 249 -73.05 36.17 23.10
N THR I 250 -73.01 36.98 22.04
CA THR I 250 -72.05 36.98 20.95
C THR I 250 -72.04 35.71 20.07
N LEU I 251 -72.67 34.63 20.49
CA LEU I 251 -72.47 33.34 19.86
C LEU I 251 -73.66 32.98 18.99
N LYS I 252 -73.39 32.51 17.78
CA LYS I 252 -74.46 32.15 16.87
C LYS I 252 -74.33 30.76 16.25
N GLY I 253 -73.16 30.14 16.28
CA GLY I 253 -73.05 28.79 15.79
C GLY I 253 -71.60 28.38 15.62
N LYS I 254 -71.42 27.20 15.04
CA LYS I 254 -70.09 26.71 14.71
C LYS I 254 -70.13 25.96 13.39
N LEU I 255 -69.11 26.17 12.57
CA LEU I 255 -69.00 25.57 11.26
C LEU I 255 -67.82 24.61 11.24
N HIS I 256 -67.86 23.65 10.33
CA HIS I 256 -66.80 22.67 10.27
C HIS I 256 -65.63 23.21 9.45
N VAL I 257 -64.45 22.65 9.72
CA VAL I 257 -63.30 23.01 8.90
C VAL I 257 -63.17 21.96 7.80
N PRO I 258 -62.77 22.38 6.61
CA PRO I 258 -62.43 21.42 5.56
C PRO I 258 -60.97 21.03 5.70
N PHE I 259 -60.58 20.01 4.94
CA PHE I 259 -59.19 19.60 4.72
C PHE I 259 -58.50 19.19 6.02
N LEU I 260 -59.04 18.19 6.69
CA LEU I 260 -58.39 17.74 7.91
C LEU I 260 -57.30 16.73 7.61
N LEU I 261 -56.58 16.36 8.65
CA LEU I 261 -55.41 15.52 8.55
C LEU I 261 -55.85 14.07 8.60
N ALA I 262 -55.90 13.40 7.46
CA ALA I 262 -56.29 12.01 7.35
C ALA I 262 -55.06 11.14 7.16
N ASP I 263 -55.29 9.85 6.92
CA ASP I 263 -54.23 8.88 6.76
C ASP I 263 -54.15 8.44 5.31
N GLY I 264 -53.02 8.68 4.66
CA GLY I 264 -52.86 8.27 3.28
C GLY I 264 -51.70 7.33 3.04
N LYS I 265 -51.25 7.29 1.79
CA LYS I 265 -50.04 6.59 1.39
C LYS I 265 -49.11 7.59 0.73
N CYS I 266 -47.83 7.52 1.06
CA CYS I 266 -46.83 8.40 0.49
C CYS I 266 -45.65 7.59 -0.04
N THR I 267 -45.08 8.04 -1.15
CA THR I 267 -43.93 7.35 -1.75
C THR I 267 -42.67 7.90 -1.09
N VAL I 268 -41.84 7.00 -0.58
CA VAL I 268 -40.62 7.41 0.12
C VAL I 268 -39.43 6.93 -0.71
N PRO I 269 -38.27 7.56 -0.66
CA PRO I 269 -37.16 7.12 -1.49
C PRO I 269 -36.55 5.81 -1.01
N LEU I 270 -35.48 5.37 -1.67
CA LEU I 270 -34.87 4.10 -1.31
C LEU I 270 -33.37 4.22 -1.54
N ALA I 271 -32.60 4.06 -0.46
CA ALA I 271 -31.18 4.27 -0.48
C ALA I 271 -30.47 3.17 -1.27
N PRO I 272 -29.23 3.42 -1.73
CA PRO I 272 -28.49 2.37 -2.44
C PRO I 272 -28.16 1.20 -1.54
N GLU I 273 -27.94 0.06 -2.16
CA GLU I 273 -27.63 -1.15 -1.42
C GLU I 273 -26.25 -1.02 -0.79
N PRO I 274 -26.13 -1.26 0.52
CA PRO I 274 -24.81 -1.26 1.14
C PRO I 274 -23.98 -2.43 0.67
N MET I 275 -22.67 -2.25 0.69
CA MET I 275 -21.73 -3.25 0.22
C MET I 275 -21.11 -3.92 1.43
N ILE I 276 -21.62 -5.10 1.74
CA ILE I 276 -21.33 -5.80 2.98
C ILE I 276 -20.12 -6.70 2.76
N THR I 277 -19.08 -6.50 3.55
CA THR I 277 -17.89 -7.34 3.53
C THR I 277 -17.81 -8.10 4.83
N PHE I 278 -17.65 -9.42 4.75
CA PHE I 278 -17.68 -10.24 5.94
C PHE I 278 -16.28 -10.57 6.42
N GLY I 279 -16.14 -10.73 7.74
CA GLY I 279 -14.92 -11.14 8.37
C GLY I 279 -15.26 -11.98 9.57
N PHE I 280 -14.24 -12.48 10.25
CA PHE I 280 -14.44 -13.29 11.44
C PHE I 280 -15.01 -12.42 12.56
N ARG I 281 -16.30 -12.64 12.84
CA ARG I 281 -17.08 -11.93 13.86
C ARG I 281 -17.10 -10.42 13.59
N SER I 282 -17.30 -10.06 12.33
CA SER I 282 -17.27 -8.66 11.93
C SER I 282 -18.05 -8.49 10.63
N VAL I 283 -18.72 -7.36 10.50
CA VAL I 283 -19.41 -6.95 9.28
C VAL I 283 -19.01 -5.52 8.97
N SER I 284 -18.44 -5.30 7.79
CA SER I 284 -18.14 -3.96 7.30
C SER I 284 -19.23 -3.51 6.35
N LEU I 285 -19.43 -2.21 6.24
CA LEU I 285 -20.53 -1.64 5.46
C LEU I 285 -20.06 -0.40 4.73
N LYS I 286 -19.98 -0.46 3.40
CA LYS I 286 -19.78 0.73 2.60
C LYS I 286 -21.13 1.31 2.25
N LEU I 287 -21.30 2.59 2.52
CA LEU I 287 -22.60 3.25 2.52
C LEU I 287 -22.49 4.53 1.69
N HIS I 288 -23.07 4.52 0.50
CA HIS I 288 -23.09 5.71 -0.35
C HIS I 288 -24.49 6.26 -0.40
N PRO I 289 -24.84 7.27 0.38
CA PRO I 289 -26.21 7.76 0.38
C PRO I 289 -26.47 8.85 -0.66
N LYS I 290 -27.69 8.86 -1.17
CA LYS I 290 -28.10 9.91 -2.10
C LYS I 290 -28.49 11.17 -1.35
N ASN I 291 -29.29 11.01 -0.30
CA ASN I 291 -29.68 12.07 0.61
C ASN I 291 -29.64 11.48 2.01
N PRO I 292 -29.50 12.32 3.06
CA PRO I 292 -29.20 11.81 4.41
C PRO I 292 -30.17 10.76 4.96
N THR I 293 -29.60 9.77 5.65
CA THR I 293 -30.20 8.47 5.86
C THR I 293 -29.79 7.94 7.22
N TYR I 294 -30.73 7.47 8.02
CA TYR I 294 -30.39 6.90 9.31
C TYR I 294 -29.96 5.46 9.20
N LEU I 295 -28.83 5.13 9.82
CA LEU I 295 -28.37 3.77 10.02
C LEU I 295 -28.61 3.41 11.48
N ILE I 296 -29.47 2.43 11.71
CA ILE I 296 -29.89 2.06 13.05
C ILE I 296 -29.50 0.61 13.26
N THR I 297 -28.52 0.36 14.12
CA THR I 297 -28.06 -0.98 14.40
C THR I 297 -28.34 -1.31 15.86
N ARG I 298 -28.42 -2.61 16.17
CA ARG I 298 -28.59 -3.10 17.54
C ARG I 298 -28.27 -4.58 17.57
N GLN I 299 -27.68 -5.02 18.68
CA GLN I 299 -27.36 -6.43 18.88
C GLN I 299 -28.55 -7.17 19.47
N LEU I 300 -28.64 -8.46 19.14
CA LEU I 300 -29.80 -9.26 19.51
C LEU I 300 -29.62 -9.97 20.84
N ALA I 301 -28.92 -9.35 21.77
CA ALA I 301 -28.57 -9.93 23.06
C ALA I 301 -29.24 -9.11 24.15
N ASP I 302 -28.88 -9.40 25.40
CA ASP I 302 -29.45 -8.71 26.54
C ASP I 302 -29.00 -7.25 26.59
N GLU I 303 -27.80 -6.95 26.10
CA GLU I 303 -27.36 -5.58 25.91
C GLU I 303 -27.40 -5.26 24.42
N PRO I 304 -28.36 -4.48 23.95
CA PRO I 304 -28.47 -4.27 22.51
C PRO I 304 -27.39 -3.35 21.95
N HIS I 305 -26.95 -2.35 22.72
CA HIS I 305 -25.93 -1.37 22.32
C HIS I 305 -26.30 -0.70 21.00
N TYR I 306 -27.43 0.00 20.99
CA TYR I 306 -27.92 0.46 19.71
C TYR I 306 -27.15 1.69 19.25
N THR I 307 -27.28 1.99 17.96
CA THR I 307 -26.51 3.05 17.32
C THR I 307 -27.39 3.76 16.30
N HIS I 308 -27.90 4.92 16.67
CA HIS I 308 -28.73 5.74 15.81
C HIS I 308 -27.85 6.85 15.24
N GLU I 309 -27.51 6.75 13.97
CA GLU I 309 -26.59 7.68 13.33
C GLU I 309 -27.18 8.19 12.03
N LEU I 310 -26.96 9.47 11.72
CA LEU I 310 -27.36 10.09 10.46
C LEU I 310 -26.14 10.22 9.55
N ILE I 311 -26.10 9.43 8.50
CA ILE I 311 -24.98 9.41 7.55
C ILE I 311 -25.41 10.17 6.31
N SER I 312 -24.62 11.18 5.92
CA SER I 312 -24.93 12.03 4.78
C SER I 312 -23.92 11.92 3.66
N GLU I 313 -22.75 11.36 3.92
CA GLU I 313 -21.63 11.29 3.00
C GLU I 313 -21.26 9.84 2.82
N PRO I 314 -20.43 9.50 1.84
CA PRO I 314 -19.90 8.13 1.79
C PRO I 314 -19.04 7.80 3.01
N ALA I 315 -19.35 6.68 3.65
CA ALA I 315 -18.75 6.34 4.94
C ALA I 315 -18.68 4.82 5.09
N VAL I 316 -17.59 4.36 5.68
CA VAL I 316 -17.39 2.94 5.97
C VAL I 316 -17.65 2.73 7.45
N ARG I 317 -18.48 1.75 7.78
CA ARG I 317 -18.83 1.44 9.15
C ARG I 317 -18.50 -0.01 9.43
N ASN I 318 -17.54 -0.25 10.33
CA ASN I 318 -17.13 -1.59 10.70
C ASN I 318 -17.82 -1.96 12.00
N PHE I 319 -18.43 -3.14 12.03
CA PHE I 319 -19.20 -3.60 13.18
C PHE I 319 -18.68 -4.94 13.67
N THR I 320 -19.27 -5.44 14.74
CA THR I 320 -18.86 -6.69 15.37
C THR I 320 -20.09 -7.54 15.60
N VAL I 321 -20.13 -8.72 14.99
CA VAL I 321 -21.29 -9.59 14.99
C VAL I 321 -20.90 -10.88 15.69
N THR I 322 -21.44 -11.10 16.87
CA THR I 322 -21.16 -12.32 17.62
C THR I 322 -22.12 -13.42 17.19
N GLU I 323 -22.17 -14.50 17.97
CA GLU I 323 -23.12 -15.56 17.71
C GLU I 323 -24.49 -15.28 18.33
N LYS I 324 -24.64 -14.17 19.04
CA LYS I 324 -25.91 -13.81 19.63
C LYS I 324 -26.78 -12.99 18.69
N GLY I 325 -26.26 -12.54 17.56
CA GLY I 325 -27.03 -11.86 16.54
C GLY I 325 -26.62 -10.41 16.37
N TRP I 326 -27.10 -9.84 15.28
CA TRP I 326 -26.93 -8.43 14.96
C TRP I 326 -28.02 -8.05 13.98
N GLU I 327 -28.30 -6.75 13.89
CA GLU I 327 -29.40 -6.26 13.07
C GLU I 327 -29.13 -4.81 12.70
N PHE I 328 -29.30 -4.47 11.42
CA PHE I 328 -29.22 -3.07 11.02
C PHE I 328 -30.40 -2.74 10.12
N VAL I 329 -30.75 -1.45 10.09
CA VAL I 329 -31.75 -0.90 9.19
C VAL I 329 -31.12 0.25 8.45
N TRP I 330 -31.12 0.19 7.13
CA TRP I 330 -30.51 1.24 6.32
C TRP I 330 -31.63 1.99 5.60
N GLY I 331 -32.13 3.04 6.24
CA GLY I 331 -33.16 3.85 5.63
C GLY I 331 -34.49 3.14 5.63
N ASN I 332 -35.13 3.10 4.47
CA ASN I 332 -36.46 2.54 4.35
C ASN I 332 -36.43 1.08 3.94
N HIS I 333 -35.27 0.45 4.01
CA HIS I 333 -35.11 -0.99 3.79
C HIS I 333 -35.62 -1.76 5.00
N PRO I 334 -35.98 -3.05 4.82
CA PRO I 334 -36.36 -3.87 5.96
C PRO I 334 -35.16 -4.19 6.82
N PRO I 335 -35.37 -4.54 8.09
CA PRO I 335 -34.24 -4.90 8.97
C PRO I 335 -33.56 -6.18 8.56
N LYS I 336 -32.27 -6.08 8.21
CA LYS I 336 -31.46 -7.25 7.92
C LYS I 336 -30.87 -7.77 9.21
N ARG I 337 -30.80 -9.09 9.34
CA ARG I 337 -30.18 -9.72 10.49
C ARG I 337 -29.02 -10.61 10.07
N PHE I 338 -28.13 -10.86 11.02
CA PHE I 338 -26.88 -11.58 10.75
C PHE I 338 -26.41 -12.30 12.00
N TRP I 339 -25.93 -13.53 11.81
CA TRP I 339 -25.31 -14.33 12.86
C TRP I 339 -23.95 -14.82 12.38
N ALA I 340 -23.05 -15.05 13.32
CA ALA I 340 -21.70 -15.49 13.02
C ALA I 340 -21.52 -16.97 13.33
N GLN I 341 -20.71 -17.65 12.53
CA GLN I 341 -20.37 -19.04 12.77
C GLN I 341 -18.86 -19.21 12.81
N GLU I 342 -18.43 -20.30 13.43
CA GLU I 342 -17.07 -20.46 13.93
C GLU I 342 -16.10 -20.75 12.79
N THR I 343 -15.47 -19.70 12.24
CA THR I 343 -14.38 -19.85 11.26
C THR I 343 -13.21 -18.97 11.70
N ALA I 344 -12.38 -19.48 12.62
CA ALA I 344 -11.29 -18.72 13.24
C ALA I 344 -10.00 -18.89 12.44
N PRO I 345 -9.10 -17.91 12.48
CA PRO I 345 -7.84 -18.04 11.73
C PRO I 345 -6.86 -18.97 12.42
N GLY I 346 -6.13 -19.74 11.62
CA GLY I 346 -5.15 -20.65 12.17
C GLY I 346 -5.44 -22.08 11.80
N ASN I 347 -4.91 -23.02 12.56
CA ASN I 347 -5.20 -24.42 12.31
C ASN I 347 -5.24 -25.17 13.63
N PRO I 348 -6.34 -25.85 13.95
CA PRO I 348 -6.40 -26.66 15.16
C PRO I 348 -5.77 -28.05 15.04
N HIS I 349 -5.14 -28.37 13.92
CA HIS I 349 -4.70 -29.74 13.69
C HIS I 349 -3.20 -29.82 13.40
N GLY I 350 -2.39 -29.17 14.23
CA GLY I 350 -0.95 -29.34 14.13
C GLY I 350 -0.21 -28.05 14.34
N LEU I 351 1.14 -28.14 14.49
CA LEU I 351 2.08 -27.02 14.51
C LEU I 351 1.76 -26.06 15.63
N PRO I 352 2.16 -26.36 16.90
CA PRO I 352 1.58 -25.73 18.09
C PRO I 352 1.59 -24.21 18.20
N HIS I 353 2.26 -23.52 17.28
CA HIS I 353 2.07 -22.08 17.11
C HIS I 353 0.82 -21.76 16.30
N GLU I 354 0.11 -22.76 15.79
CA GLU I 354 -1.14 -22.54 15.07
C GLU I 354 -2.37 -22.85 15.90
N VAL I 355 -2.30 -23.85 16.78
CA VAL I 355 -3.44 -24.14 17.65
C VAL I 355 -3.64 -23.02 18.66
N ILE I 356 -2.55 -22.37 19.10
CA ILE I 356 -2.69 -21.27 20.05
C ILE I 356 -3.31 -20.06 19.39
N THR I 357 -2.97 -19.81 18.12
CA THR I 357 -3.61 -18.72 17.39
C THR I 357 -5.07 -19.00 17.10
N HIS I 358 -5.39 -20.25 16.77
CA HIS I 358 -6.78 -20.62 16.52
C HIS I 358 -7.63 -20.48 17.76
N TYR I 359 -7.17 -21.01 18.89
CA TYR I 359 -7.93 -20.88 20.12
C TYR I 359 -7.75 -19.53 20.80
N TYR I 360 -6.88 -18.67 20.31
CA TYR I 360 -6.81 -17.30 20.80
C TYR I 360 -7.79 -16.40 20.07
N HIS I 361 -7.95 -16.59 18.76
CA HIS I 361 -9.04 -15.92 18.08
C HIS I 361 -10.39 -16.54 18.42
N ARG I 362 -10.39 -17.80 18.85
CA ARG I 362 -11.64 -18.51 19.14
C ARG I 362 -12.17 -18.15 20.53
N TYR I 363 -11.40 -18.47 21.57
CA TYR I 363 -11.77 -18.16 22.96
C TYR I 363 -10.60 -17.45 23.62
N PRO I 364 -10.59 -16.12 23.61
CA PRO I 364 -9.40 -15.38 24.08
C PRO I 364 -9.22 -15.43 25.59
N MET I 365 -10.33 -15.45 26.33
CA MET I 365 -10.24 -15.40 27.79
C MET I 365 -9.79 -16.74 28.36
N SER I 366 -10.13 -17.85 27.71
CA SER I 366 -9.76 -19.16 28.24
C SER I 366 -8.35 -19.56 27.86
N THR I 367 -7.85 -19.08 26.72
CA THR I 367 -6.55 -19.52 26.22
C THR I 367 -5.40 -19.02 27.09
N ILE I 368 -5.45 -17.74 27.48
CA ILE I 368 -4.38 -17.16 28.28
C ILE I 368 -4.34 -17.78 29.68
N LEU I 369 -5.52 -18.00 30.28
CA LEU I 369 -5.57 -18.64 31.59
C LEU I 369 -5.11 -20.09 31.54
N GLY I 370 -5.51 -20.82 30.49
CA GLY I 370 -5.08 -22.19 30.34
C GLY I 370 -3.58 -22.33 30.15
N LEU I 371 -3.01 -21.49 29.27
CA LEU I 371 -1.57 -21.53 29.05
C LEU I 371 -0.79 -21.08 30.28
N SER I 372 -1.34 -20.12 31.04
CA SER I 372 -0.64 -19.65 32.23
C SER I 372 -0.64 -20.70 33.33
N ILE I 373 -1.77 -21.38 33.54
CA ILE I 373 -1.77 -22.39 34.59
C ILE I 373 -1.00 -23.64 34.16
N CYS I 374 -0.97 -23.94 32.86
CA CYS I 374 -0.12 -25.05 32.39
C CYS I 374 1.36 -24.73 32.56
N ALA I 375 1.75 -23.49 32.28
CA ALA I 375 3.15 -23.09 32.47
C ALA I 375 3.52 -23.07 33.95
N ALA I 376 2.59 -22.64 34.81
CA ALA I 376 2.87 -22.61 36.25
C ALA I 376 2.99 -24.02 36.83
N ILE I 377 2.09 -24.93 36.44
CA ILE I 377 2.17 -26.30 36.92
C ILE I 377 3.42 -27.00 36.38
N ALA I 378 3.80 -26.69 35.13
CA ALA I 378 5.02 -27.28 34.56
C ALA I 378 6.27 -26.78 35.28
N THR I 379 6.33 -25.47 35.57
CA THR I 379 7.49 -24.91 36.27
C THR I 379 7.59 -25.44 37.69
N VAL I 380 6.46 -25.49 38.41
CA VAL I 380 6.44 -26.00 39.78
C VAL I 380 6.83 -27.47 39.82
N SER I 381 6.37 -28.25 38.83
CA SER I 381 6.68 -29.68 38.82
C SER I 381 8.15 -29.94 38.50
N VAL I 382 8.71 -29.22 37.53
CA VAL I 382 10.13 -29.40 37.20
C VAL I 382 11.02 -28.95 38.35
N ALA I 383 10.67 -27.83 39.01
CA ALA I 383 11.48 -27.34 40.12
C ALA I 383 11.40 -28.26 41.33
N ALA I 384 10.20 -28.76 41.66
CA ALA I 384 10.07 -29.66 42.80
C ALA I 384 10.71 -31.01 42.54
N SER I 385 10.65 -31.51 41.30
CA SER I 385 11.32 -32.77 40.99
C SER I 385 12.83 -32.61 41.02
N THR I 386 13.35 -31.47 40.56
CA THR I 386 14.80 -31.24 40.63
C THR I 386 15.26 -31.07 42.06
N TRP I 387 14.44 -30.45 42.91
CA TRP I 387 14.76 -30.32 44.32
C TRP I 387 14.79 -31.68 45.01
N LEU I 388 13.80 -32.54 44.73
CA LEU I 388 13.81 -33.88 45.32
C LEU I 388 14.94 -34.75 44.77
N PHE I 389 15.33 -34.55 43.51
CA PHE I 389 16.47 -35.28 42.96
C PHE I 389 17.77 -34.85 43.62
N CYS I 390 17.94 -33.55 43.87
CA CYS I 390 19.15 -33.08 44.54
C CYS I 390 19.19 -33.55 45.99
N ARG I 391 18.02 -33.57 46.67
CA ARG I 391 17.95 -34.12 48.02
C ARG I 391 18.33 -35.59 48.06
N SER I 392 17.87 -36.37 47.09
CA SER I 392 18.19 -37.80 47.08
C SER I 392 19.65 -38.03 46.70
N ARG I 393 20.23 -37.20 45.83
CA ARG I 393 21.64 -37.36 45.47
C ARG I 393 22.54 -37.02 46.66
N VAL I 394 22.20 -35.97 47.40
CA VAL I 394 22.95 -35.65 48.61
C VAL I 394 22.79 -36.75 49.65
N ALA I 395 21.57 -37.28 49.81
CA ALA I 395 21.33 -38.32 50.80
C ALA I 395 21.97 -39.65 50.44
N CYS I 396 22.28 -39.89 49.16
CA CYS I 396 23.07 -41.06 48.83
C CYS I 396 24.56 -40.82 48.96
N LEU I 397 25.07 -39.70 48.47
CA LEU I 397 26.51 -39.51 48.44
C LEU I 397 27.09 -39.02 49.76
N THR I 398 26.25 -38.61 50.71
CA THR I 398 26.77 -38.07 51.96
C THR I 398 27.45 -39.09 52.87
N PRO I 399 26.94 -40.32 53.12
CA PRO I 399 27.70 -41.24 53.99
C PRO I 399 29.00 -41.77 53.40
N TYR I 400 29.31 -41.49 52.14
CA TYR I 400 30.58 -41.90 51.56
C TYR I 400 31.58 -40.76 51.45
N ARG I 401 31.12 -39.51 51.47
CA ARG I 401 32.02 -38.37 51.44
C ARG I 401 32.52 -38.00 52.83
N LEU I 402 31.84 -38.45 53.88
CA LEU I 402 32.25 -38.15 55.25
C LEU I 402 33.34 -39.05 55.77
N THR I 403 33.62 -40.17 55.11
CA THR I 403 34.67 -41.05 55.60
C THR I 403 36.04 -40.44 55.32
N PRO I 404 37.05 -40.75 56.15
CA PRO I 404 38.38 -40.14 55.95
C PRO I 404 39.11 -40.60 54.70
N ASN I 405 38.72 -41.71 54.09
CA ASN I 405 39.32 -42.12 52.82
C ASN I 405 38.53 -41.67 51.59
N ALA I 406 37.21 -41.55 51.74
CA ALA I 406 36.27 -41.18 50.68
C ALA I 406 36.40 -42.11 49.47
N ARG I 407 36.24 -43.39 49.74
CA ARG I 407 36.31 -44.42 48.71
C ARG I 407 34.88 -44.70 48.24
N ILE I 408 34.47 -43.98 47.21
CA ILE I 408 33.13 -44.12 46.64
C ILE I 408 33.06 -45.44 45.89
N PRO I 409 32.03 -46.28 46.11
CA PRO I 409 31.88 -47.48 45.30
C PRO I 409 31.52 -47.12 43.87
N PHE I 410 31.89 -48.01 42.94
CA PHE I 410 31.93 -47.65 41.53
C PHE I 410 30.54 -47.48 40.93
N CYS I 411 29.59 -48.32 41.34
CA CYS I 411 28.25 -48.27 40.77
C CYS I 411 27.51 -46.98 41.15
N LEU I 412 27.65 -46.56 42.42
CA LEU I 412 27.06 -45.28 42.82
C LEU I 412 27.79 -44.10 42.22
N ALA I 413 29.07 -44.25 41.88
CA ALA I 413 29.77 -43.18 41.18
C ALA I 413 29.35 -43.08 39.72
N VAL I 414 28.94 -44.19 39.12
CA VAL I 414 28.38 -44.16 37.77
C VAL I 414 26.97 -43.57 37.79
N LEU I 415 26.15 -43.96 38.77
CA LEU I 415 24.76 -43.50 38.81
C LEU I 415 24.67 -42.03 39.19
N CYS I 416 25.14 -41.66 40.38
CA CYS I 416 24.90 -40.32 40.91
C CYS I 416 26.01 -39.33 40.55
N CYS I 417 26.84 -39.65 39.55
CA CYS I 417 27.82 -38.74 38.94
C CYS I 417 28.85 -38.24 39.96
N ALA I 418 29.50 -39.19 40.63
CA ALA I 418 30.48 -38.87 41.65
C ALA I 418 31.88 -38.80 41.04
N ARG I 419 32.89 -38.72 41.89
CA ARG I 419 34.27 -38.56 41.45
C ARG I 419 34.84 -39.87 40.90
N SER J 1 -2.86 6.10 -66.56
CA SER J 1 -2.46 7.47 -66.22
C SER J 1 -0.96 7.65 -66.31
N THR J 2 -0.36 7.18 -67.41
CA THR J 2 1.07 7.37 -67.62
C THR J 2 1.41 8.77 -68.12
N GLU J 3 0.48 9.43 -68.81
CA GLU J 3 0.74 10.75 -69.36
C GLU J 3 0.86 11.80 -68.27
N GLU J 4 0.15 11.62 -67.15
CA GLU J 4 0.32 12.44 -65.97
C GLU J 4 1.69 12.26 -65.33
N LEU J 5 2.30 11.09 -65.48
CA LEU J 5 3.64 10.83 -64.97
C LEU J 5 4.71 11.45 -65.86
N PHE J 6 4.58 11.26 -67.18
CA PHE J 6 5.58 11.74 -68.13
C PHE J 6 5.60 13.24 -68.31
N ASN J 7 4.67 13.98 -67.74
CA ASN J 7 4.46 15.35 -68.18
C ASN J 7 5.47 16.33 -67.57
N GLU J 8 6.25 15.88 -66.61
CA GLU J 8 7.20 16.75 -65.95
C GLU J 8 8.60 16.67 -66.54
N TYR J 9 8.93 15.57 -67.20
CA TYR J 9 10.16 15.53 -67.98
C TYR J 9 9.96 16.12 -69.36
N LYS J 10 8.73 16.56 -69.68
CA LYS J 10 8.51 17.39 -70.87
C LYS J 10 9.12 18.77 -70.70
N LEU J 11 9.33 19.21 -69.46
CA LEU J 11 9.90 20.51 -69.20
C LEU J 11 11.41 20.51 -69.40
N THR J 12 12.01 19.34 -69.60
CA THR J 12 13.44 19.17 -69.59
C THR J 12 13.96 18.72 -70.95
N ARG J 13 15.26 18.87 -71.15
CA ARG J 13 15.94 18.45 -72.35
C ARG J 13 17.11 17.56 -71.97
N PRO J 14 17.55 16.68 -72.86
CA PRO J 14 18.82 15.99 -72.64
C PRO J 14 19.99 16.92 -72.92
N TYR J 15 21.14 16.55 -72.38
CA TYR J 15 22.32 17.39 -72.50
C TYR J 15 23.54 16.50 -72.78
N MET J 16 24.67 17.15 -72.99
CA MET J 16 25.94 16.44 -73.13
C MET J 16 26.80 16.72 -71.91
N ALA J 17 27.55 15.71 -71.50
CA ALA J 17 28.44 15.84 -70.36
C ALA J 17 29.75 15.17 -70.67
N ARG J 18 30.71 15.35 -69.78
CA ARG J 18 32.04 14.79 -69.96
C ARG J 18 32.08 13.35 -69.46
N CYS J 19 32.39 12.42 -70.36
CA CYS J 19 32.64 11.04 -69.99
C CYS J 19 34.15 10.78 -70.09
N ILE J 20 34.69 10.06 -69.12
CA ILE J 20 36.14 9.90 -69.04
C ILE J 20 36.65 8.82 -69.98
N ARG J 21 35.85 7.80 -70.25
CA ARG J 21 36.21 6.76 -71.20
C ARG J 21 35.16 6.75 -72.29
N CYS J 22 35.56 7.09 -73.49
CA CYS J 22 34.68 7.09 -74.65
C CYS J 22 35.19 5.99 -75.57
N ALA J 23 34.75 5.96 -76.82
CA ALA J 23 35.21 4.93 -77.74
C ALA J 23 36.70 5.01 -78.00
N VAL J 24 37.30 6.20 -77.98
CA VAL J 24 38.74 6.31 -78.18
C VAL J 24 39.40 6.88 -76.93
N GLY J 25 39.00 8.07 -76.52
CA GLY J 25 39.65 8.69 -75.39
C GLY J 25 38.68 9.36 -74.44
N SER J 26 39.01 10.56 -73.99
CA SER J 26 38.10 11.36 -73.18
C SER J 26 37.36 12.31 -74.09
N CYS J 27 36.03 12.26 -74.04
CA CYS J 27 35.20 13.06 -74.95
C CYS J 27 34.09 13.74 -74.17
N HIS J 28 33.17 14.35 -74.90
CA HIS J 28 31.92 14.89 -74.37
C HIS J 28 30.81 14.01 -74.90
N SER J 29 30.08 13.39 -74.02
CA SER J 29 29.23 12.33 -74.50
C SER J 29 27.75 12.66 -74.33
N PRO J 30 26.90 12.25 -75.26
CA PRO J 30 25.45 12.41 -75.06
C PRO J 30 24.84 11.38 -74.13
N ILE J 31 25.58 10.33 -73.75
CA ILE J 31 25.05 9.26 -72.92
C ILE J 31 25.85 9.14 -71.64
N ALA J 32 26.35 10.27 -71.14
CA ALA J 32 27.16 10.27 -69.94
C ALA J 32 26.35 9.84 -68.73
N ILE J 33 27.07 9.36 -67.71
CA ILE J 33 26.46 8.65 -66.59
C ILE J 33 26.76 9.41 -65.32
N GLU J 34 25.70 9.76 -64.59
CA GLU J 34 25.82 10.59 -63.39
C GLU J 34 26.01 9.75 -62.14
N ALA J 35 25.20 8.70 -62.00
CA ALA J 35 25.30 7.83 -60.84
C ALA J 35 24.72 6.47 -61.19
N VAL J 36 25.22 5.45 -60.53
CA VAL J 36 24.67 4.10 -60.57
C VAL J 36 24.32 3.73 -59.15
N LYS J 37 23.08 3.31 -58.93
CA LYS J 37 22.65 2.82 -57.63
C LYS J 37 22.35 1.34 -57.73
N SER J 38 22.96 0.54 -56.86
CA SER J 38 22.73 -0.89 -56.83
C SER J 38 22.56 -1.30 -55.37
N ASP J 39 21.34 -1.17 -54.86
CA ASP J 39 21.02 -1.57 -53.50
C ASP J 39 19.76 -2.41 -53.43
N GLY J 40 19.04 -2.57 -54.54
CA GLY J 40 18.06 -3.61 -54.62
C GLY J 40 18.72 -4.97 -54.65
N HIS J 41 17.93 -6.00 -54.36
CA HIS J 41 18.56 -7.30 -54.14
C HIS J 41 18.94 -8.04 -55.42
N ASP J 42 17.97 -8.45 -56.22
CA ASP J 42 18.21 -9.53 -57.18
C ASP J 42 18.77 -9.05 -58.51
N GLY J 43 19.54 -7.97 -58.51
CA GLY J 43 20.32 -7.60 -59.67
C GLY J 43 19.82 -6.39 -60.42
N TYR J 44 18.90 -5.62 -59.86
CA TYR J 44 18.34 -4.48 -60.56
C TYR J 44 19.07 -3.22 -60.12
N VAL J 45 19.61 -2.49 -61.08
CA VAL J 45 20.28 -1.23 -60.80
C VAL J 45 19.45 -0.11 -61.43
N ARG J 46 19.80 1.12 -61.08
CA ARG J 46 19.09 2.29 -61.57
C ARG J 46 20.09 3.35 -61.96
N LEU J 47 20.28 3.54 -63.25
CA LEU J 47 21.25 4.51 -63.76
C LEU J 47 20.58 5.86 -63.93
N GLN J 48 21.24 6.92 -63.47
CA GLN J 48 20.88 8.27 -63.85
C GLN J 48 21.85 8.72 -64.93
N THR J 49 21.36 8.87 -66.14
CA THR J 49 22.19 9.19 -67.28
C THR J 49 21.96 10.64 -67.70
N SER J 50 22.69 11.04 -68.73
CA SER J 50 22.55 12.35 -69.35
C SER J 50 21.69 12.31 -70.59
N SER J 51 20.83 11.30 -70.71
CA SER J 51 19.89 11.18 -71.79
C SER J 51 18.49 11.10 -71.19
N GLN J 52 17.47 11.03 -72.03
CA GLN J 52 16.12 10.92 -71.53
C GLN J 52 15.38 9.81 -72.24
N TYR J 53 14.40 9.24 -71.54
CA TYR J 53 13.78 7.98 -71.93
C TYR J 53 12.26 8.14 -71.88
N GLY J 54 11.59 7.45 -72.78
CA GLY J 54 10.14 7.46 -72.81
C GLY J 54 9.52 8.67 -73.49
N LEU J 55 10.33 9.54 -74.09
CA LEU J 55 9.84 10.70 -74.80
C LEU J 55 10.45 10.70 -76.19
N ASP J 56 9.78 11.38 -77.14
CA ASP J 56 10.31 11.44 -78.49
C ASP J 56 11.16 12.70 -78.65
N SER J 57 11.58 12.97 -79.89
CA SER J 57 12.47 14.11 -80.15
C SER J 57 11.76 15.45 -80.01
N LYS J 62 6.83 8.65 -77.05
CA LYS J 62 7.02 7.41 -77.78
C LYS J 62 7.51 6.37 -76.78
N GLY J 63 7.14 5.12 -77.03
CA GLY J 63 7.22 4.06 -76.04
C GLY J 63 8.59 3.68 -75.52
N ARG J 64 9.44 3.11 -76.37
CA ARG J 64 10.74 2.59 -75.95
C ARG J 64 11.80 3.38 -76.70
N THR J 65 12.16 4.55 -76.19
CA THR J 65 13.12 5.40 -76.87
C THR J 65 14.12 5.99 -75.90
N MET J 66 15.33 6.23 -76.40
CA MET J 66 16.30 7.08 -75.75
C MET J 66 16.35 8.39 -76.52
N ARG J 67 16.26 9.50 -75.80
CA ARG J 67 16.38 10.83 -76.36
C ARG J 67 17.69 11.42 -75.90
N TYR J 68 18.52 11.86 -76.82
CA TYR J 68 19.81 12.41 -76.43
C TYR J 68 20.04 13.76 -77.11
N ASP J 69 21.18 14.35 -76.82
CA ASP J 69 21.54 15.68 -77.31
C ASP J 69 22.79 15.55 -78.16
N MET J 70 22.67 15.82 -79.45
CA MET J 70 23.81 15.70 -80.35
C MET J 70 24.21 17.09 -80.85
N HIS J 71 25.08 17.76 -80.08
CA HIS J 71 25.65 19.07 -80.40
C HIS J 71 24.57 20.14 -80.56
N GLY J 72 23.52 20.06 -79.74
CA GLY J 72 22.45 21.01 -79.75
C GLY J 72 21.16 20.48 -80.34
N THR J 73 21.24 19.69 -81.40
CA THR J 73 20.06 19.14 -82.05
C THR J 73 19.68 17.83 -81.38
N ILE J 74 18.47 17.76 -80.86
CA ILE J 74 18.00 16.61 -80.10
C ILE J 74 17.61 15.50 -81.07
N LYS J 75 18.21 14.33 -80.89
CA LYS J 75 17.97 13.17 -81.74
C LYS J 75 17.35 12.05 -80.92
N GLU J 76 17.05 10.93 -81.59
CA GLU J 76 16.43 9.81 -80.90
C GLU J 76 16.72 8.51 -81.63
N ILE J 77 16.70 7.42 -80.88
CA ILE J 77 16.83 6.05 -81.40
C ILE J 77 15.89 5.15 -80.60
N PRO J 78 15.58 3.96 -81.12
CA PRO J 78 14.86 2.99 -80.29
C PRO J 78 15.71 2.47 -79.16
N LEU J 79 15.03 1.89 -78.16
CA LEU J 79 15.72 1.46 -76.95
C LEU J 79 16.53 0.19 -77.19
N HIS J 80 16.10 -0.64 -78.13
CA HIS J 80 16.80 -1.90 -78.38
C HIS J 80 18.09 -1.72 -79.17
N GLN J 81 18.48 -0.49 -79.51
CA GLN J 81 19.82 -0.24 -80.01
C GLN J 81 20.82 0.03 -78.91
N VAL J 82 20.34 0.44 -77.73
CA VAL J 82 21.21 0.75 -76.60
C VAL J 82 21.44 -0.50 -75.78
N SER J 83 22.70 -0.81 -75.50
CA SER J 83 23.07 -1.96 -74.69
C SER J 83 24.07 -1.54 -73.64
N LEU J 84 24.01 -2.13 -72.46
CA LEU J 84 25.01 -1.86 -71.44
C LEU J 84 25.40 -3.15 -70.74
N TYR J 85 26.57 -3.13 -70.10
CA TYR J 85 27.19 -4.33 -69.57
C TYR J 85 28.16 -3.96 -68.45
N THR J 86 28.20 -4.81 -67.42
CA THR J 86 29.14 -4.61 -66.33
C THR J 86 30.35 -5.51 -66.46
N SER J 87 30.10 -6.82 -66.36
CA SER J 87 31.01 -7.88 -66.74
C SER J 87 30.43 -8.71 -67.86
N ARG J 88 29.22 -9.18 -67.68
CA ARG J 88 28.31 -9.77 -68.62
C ARG J 88 27.39 -8.69 -69.17
N PRO J 89 26.68 -8.94 -70.26
CA PRO J 89 25.66 -7.98 -70.69
C PRO J 89 24.52 -7.85 -69.70
N CYS J 90 24.09 -6.61 -69.49
CA CYS J 90 22.89 -6.28 -68.72
C CYS J 90 21.68 -6.25 -69.64
N HIS J 91 20.50 -6.21 -69.03
CA HIS J 91 19.25 -6.22 -69.77
C HIS J 91 18.41 -5.02 -69.36
N ILE J 92 18.21 -4.09 -70.29
CA ILE J 92 17.44 -2.88 -70.01
C ILE J 92 15.96 -3.24 -69.91
N VAL J 93 15.32 -2.77 -68.85
CA VAL J 93 13.92 -3.09 -68.60
C VAL J 93 13.03 -1.95 -69.07
N ASP J 94 13.18 -0.77 -68.47
CA ASP J 94 12.35 0.36 -68.84
C ASP J 94 13.14 1.64 -68.62
N GLY J 95 12.55 2.76 -69.02
CA GLY J 95 13.16 4.07 -68.78
C GLY J 95 12.09 5.12 -68.58
N HIS J 96 12.44 6.16 -67.82
CA HIS J 96 11.51 7.24 -67.52
C HIS J 96 12.32 8.47 -67.12
N GLY J 97 12.32 9.48 -67.96
CA GLY J 97 13.06 10.69 -67.63
C GLY J 97 14.55 10.46 -67.78
N TYR J 98 15.36 10.99 -66.87
CA TYR J 98 16.80 10.79 -66.92
C TYR J 98 17.23 9.43 -66.39
N PHE J 99 16.31 8.52 -66.09
CA PHE J 99 16.62 7.34 -65.30
C PHE J 99 16.34 6.08 -66.10
N LEU J 100 17.19 5.08 -65.91
CA LEU J 100 17.09 3.80 -66.59
C LEU J 100 17.18 2.70 -65.56
N LEU J 101 16.48 1.60 -65.82
CA LEU J 101 16.43 0.46 -64.93
C LEU J 101 16.91 -0.77 -65.69
N ALA J 102 17.95 -1.42 -65.17
CA ALA J 102 18.53 -2.57 -65.85
C ALA J 102 18.70 -3.71 -64.87
N ARG J 103 18.77 -4.92 -65.40
CA ARG J 103 19.03 -6.12 -64.62
C ARG J 103 20.48 -6.51 -64.86
N CYS J 104 21.36 -6.18 -63.93
CA CYS J 104 22.79 -6.28 -64.16
C CYS J 104 23.46 -7.31 -63.28
N PRO J 105 24.55 -7.92 -63.75
CA PRO J 105 25.40 -8.73 -62.87
C PRO J 105 26.40 -7.84 -62.15
N ALA J 106 27.13 -8.45 -61.23
CA ALA J 106 28.08 -7.71 -60.42
C ALA J 106 29.31 -7.36 -61.23
N GLY J 107 29.81 -6.16 -61.02
CA GLY J 107 31.00 -5.73 -61.73
C GLY J 107 31.47 -4.38 -61.25
N ASP J 108 32.73 -4.09 -61.55
CA ASP J 108 33.38 -2.87 -61.09
C ASP J 108 33.30 -1.72 -62.09
N SER J 109 32.44 -1.83 -63.11
CA SER J 109 32.28 -0.75 -64.06
C SER J 109 30.92 -0.88 -64.74
N ILE J 110 30.49 0.22 -65.35
CA ILE J 110 29.31 0.30 -66.21
C ILE J 110 29.75 0.90 -67.54
N THR J 111 29.30 0.30 -68.64
CA THR J 111 29.58 0.82 -69.98
C THR J 111 28.31 0.78 -70.80
N MET J 112 27.80 1.94 -71.19
CA MET J 112 26.64 2.07 -72.04
C MET J 112 27.08 2.49 -73.43
N GLU J 113 26.50 1.89 -74.46
CA GLU J 113 26.89 2.19 -75.82
C GLU J 113 25.68 2.04 -76.74
N PHE J 114 25.62 2.89 -77.76
CA PHE J 114 24.69 2.72 -78.86
C PHE J 114 25.44 2.96 -80.16
N LYS J 115 24.87 2.47 -81.25
CA LYS J 115 25.53 2.52 -82.55
C LYS J 115 24.65 3.30 -83.52
N LYS J 116 25.19 4.40 -84.03
CA LYS J 116 24.64 5.18 -85.12
C LYS J 116 25.25 4.58 -86.41
N ASP J 117 25.22 5.32 -87.54
CA ASP J 117 25.61 4.79 -88.84
C ASP J 117 27.06 4.29 -88.86
N SER J 118 28.02 5.20 -88.73
CA SER J 118 29.42 4.80 -88.65
C SER J 118 30.11 5.39 -87.43
N VAL J 119 29.36 5.98 -86.52
CA VAL J 119 29.89 6.52 -85.28
C VAL J 119 29.40 5.63 -84.16
N ARG J 120 30.33 5.13 -83.35
CA ARG J 120 30.00 4.37 -82.16
C ARG J 120 30.21 5.25 -80.94
N HIS J 121 29.17 5.34 -80.11
CA HIS J 121 29.20 6.13 -78.89
C HIS J 121 29.32 5.18 -77.71
N SER J 122 30.11 5.56 -76.72
CA SER J 122 30.26 4.76 -75.51
C SER J 122 30.58 5.67 -74.34
N CYS J 123 30.35 5.15 -73.13
CA CYS J 123 30.70 5.86 -71.91
C CYS J 123 30.90 4.84 -70.81
N SER J 124 32.15 4.64 -70.42
CA SER J 124 32.51 3.75 -69.31
C SER J 124 32.77 4.59 -68.08
N VAL J 125 32.19 4.20 -66.95
CA VAL J 125 32.44 4.90 -65.69
C VAL J 125 32.95 3.91 -64.65
N PRO J 126 33.88 4.32 -63.80
CA PRO J 126 34.36 3.47 -62.72
C PRO J 126 33.43 3.44 -61.51
N TYR J 127 32.22 2.90 -61.72
CA TYR J 127 31.20 2.85 -60.70
C TYR J 127 30.92 1.41 -60.37
N GLU J 128 31.10 1.04 -59.10
CA GLU J 128 30.95 -0.34 -58.69
C GLU J 128 29.49 -0.75 -58.67
N VAL J 129 29.21 -1.92 -59.22
CA VAL J 129 27.87 -2.49 -59.26
C VAL J 129 27.94 -3.83 -58.53
N LYS J 130 27.15 -3.98 -57.49
CA LYS J 130 27.18 -5.19 -56.69
C LYS J 130 25.89 -5.98 -56.85
N PHE J 131 25.96 -7.26 -56.47
CA PHE J 131 24.81 -8.15 -56.48
C PHE J 131 24.52 -8.55 -55.04
N ASN J 132 23.28 -8.35 -54.60
CA ASN J 132 22.92 -8.57 -53.21
C ASN J 132 21.99 -9.76 -53.06
N PRO J 133 22.44 -10.88 -52.51
CA PRO J 133 21.54 -12.01 -52.29
C PRO J 133 20.56 -11.72 -51.16
N VAL J 134 19.50 -12.54 -51.13
CA VAL J 134 18.53 -12.53 -50.05
C VAL J 134 18.71 -13.82 -49.27
N GLY J 135 18.66 -13.73 -47.95
CA GLY J 135 18.67 -14.91 -47.14
C GLY J 135 20.06 -15.34 -46.74
N ARG J 136 20.11 -16.53 -46.15
CA ARG J 136 21.34 -17.06 -45.60
C ARG J 136 22.06 -18.01 -46.55
N GLU J 137 21.73 -17.98 -47.84
CA GLU J 137 22.40 -18.80 -48.84
C GLU J 137 22.85 -17.88 -49.95
N LEU J 138 24.15 -17.83 -50.20
CA LEU J 138 24.76 -16.77 -51.01
C LEU J 138 24.92 -17.26 -52.44
N TYR J 139 23.89 -17.04 -53.24
CA TYR J 139 23.92 -17.35 -54.66
C TYR J 139 24.53 -16.18 -55.44
N THR J 140 24.54 -16.31 -56.77
CA THR J 140 25.14 -15.31 -57.66
C THR J 140 24.18 -15.06 -58.81
N HIS J 141 23.33 -16.05 -59.06
CA HIS J 141 22.27 -15.95 -60.04
C HIS J 141 21.02 -16.39 -59.31
N PRO J 142 19.90 -15.68 -59.45
CA PRO J 142 18.70 -16.02 -58.69
C PRO J 142 18.13 -17.36 -59.12
N PRO J 143 17.65 -18.15 -58.18
CA PRO J 143 17.36 -19.57 -58.46
C PRO J 143 16.12 -19.80 -59.29
N GLU J 144 15.75 -21.07 -59.43
CA GLU J 144 14.55 -21.46 -60.15
C GLU J 144 13.40 -21.80 -59.23
N HIS J 145 13.69 -22.34 -58.05
CA HIS J 145 12.66 -22.74 -57.12
C HIS J 145 13.21 -22.65 -55.70
N GLY J 146 12.31 -22.50 -54.74
CA GLY J 146 12.69 -22.42 -53.35
C GLY J 146 11.53 -21.93 -52.49
N VAL J 147 11.78 -20.96 -51.63
CA VAL J 147 10.75 -20.31 -50.83
C VAL J 147 10.84 -18.82 -51.07
N GLU J 148 9.93 -18.07 -50.45
CA GLU J 148 9.86 -16.64 -50.70
C GLU J 148 10.04 -15.67 -49.54
N GLN J 149 11.25 -15.14 -49.41
CA GLN J 149 11.52 -14.11 -48.41
C GLN J 149 11.03 -12.78 -48.94
N ALA J 150 10.76 -11.87 -48.01
CA ALA J 150 10.53 -10.49 -48.38
C ALA J 150 11.84 -9.83 -48.75
N CYS J 151 11.77 -8.88 -49.67
CA CYS J 151 12.97 -8.21 -50.13
C CYS J 151 12.66 -6.75 -50.46
N GLN J 152 13.63 -6.08 -51.05
CA GLN J 152 13.53 -4.67 -51.41
C GLN J 152 14.22 -4.48 -52.76
N VAL J 153 13.45 -4.41 -53.83
CA VAL J 153 13.98 -4.23 -55.18
C VAL J 153 13.44 -2.92 -55.74
N TYR J 154 14.13 -2.40 -56.76
CA TYR J 154 13.67 -1.17 -57.40
C TYR J 154 12.42 -1.46 -58.20
N ALA J 155 11.36 -0.71 -57.93
CA ALA J 155 10.06 -0.95 -58.54
C ALA J 155 10.10 -0.62 -60.03
N HIS J 156 9.29 -1.33 -60.80
CA HIS J 156 9.40 -1.23 -62.24
C HIS J 156 8.51 -0.16 -62.86
N ASP J 157 7.58 0.43 -62.11
CA ASP J 157 6.77 1.49 -62.67
C ASP J 157 7.32 2.84 -62.24
N ALA J 158 6.84 3.90 -62.88
CA ALA J 158 7.34 5.24 -62.70
C ALA J 158 6.48 6.08 -61.76
N GLN J 159 5.86 5.44 -60.77
CA GLN J 159 4.88 6.09 -59.90
C GLN J 159 5.51 7.21 -59.08
N ASN J 160 4.81 8.33 -59.00
CA ASN J 160 5.25 9.49 -58.23
C ASN J 160 5.26 9.16 -56.75
N ARG J 161 6.44 9.18 -56.15
CA ARG J 161 6.60 8.95 -54.72
C ARG J 161 7.36 10.12 -54.12
N GLY J 162 7.62 10.07 -52.83
CA GLY J 162 8.22 11.20 -52.16
C GLY J 162 9.73 11.25 -52.21
N ALA J 163 10.29 11.37 -53.41
CA ALA J 163 11.73 11.55 -53.57
C ALA J 163 11.96 12.35 -54.82
N TYR J 164 12.82 13.37 -54.73
CA TYR J 164 12.94 14.36 -55.78
C TYR J 164 14.39 14.63 -56.14
N VAL J 165 14.59 15.13 -57.36
CA VAL J 165 15.84 15.76 -57.77
C VAL J 165 15.51 17.17 -58.26
N GLU J 166 16.55 17.97 -58.40
CA GLU J 166 16.44 19.42 -58.45
C GLU J 166 16.85 19.93 -59.82
N MET J 167 15.97 20.68 -60.47
CA MET J 167 16.18 21.16 -61.83
C MET J 167 16.46 22.66 -61.84
N HIS J 168 17.10 23.13 -62.91
CA HIS J 168 17.71 24.44 -62.93
C HIS J 168 17.73 25.03 -64.34
N LEU J 169 18.08 26.31 -64.42
CA LEU J 169 18.38 26.95 -65.68
C LEU J 169 19.60 26.33 -66.34
N PRO J 170 19.53 25.93 -67.60
CA PRO J 170 20.77 25.65 -68.34
C PRO J 170 21.56 26.93 -68.55
N GLY J 171 22.87 26.83 -68.36
CA GLY J 171 23.75 27.97 -68.54
C GLY J 171 24.11 28.19 -70.00
N SER J 172 25.12 29.04 -70.19
CA SER J 172 25.51 29.48 -71.52
C SER J 172 26.40 28.42 -72.15
N GLU J 173 25.79 27.54 -72.94
CA GLU J 173 26.53 26.54 -73.68
C GLU J 173 27.23 27.21 -74.85
N VAL J 174 28.55 27.35 -74.76
CA VAL J 174 29.31 28.08 -75.77
C VAL J 174 29.37 27.24 -77.04
N ASP J 175 29.48 27.92 -78.17
CA ASP J 175 29.56 27.28 -79.46
C ASP J 175 30.63 27.98 -80.28
N SER J 176 31.10 27.28 -81.31
CA SER J 176 32.04 27.86 -82.25
C SER J 176 31.69 27.52 -83.69
N SER J 177 30.65 26.73 -83.92
CA SER J 177 30.10 26.59 -85.25
C SER J 177 29.27 27.80 -85.65
N LEU J 178 28.93 28.65 -84.68
CA LEU J 178 28.27 29.91 -84.99
C LEU J 178 29.24 30.90 -85.60
N VAL J 179 30.34 31.18 -84.90
CA VAL J 179 31.27 32.21 -85.32
C VAL J 179 32.05 31.75 -86.56
N SER J 180 32.18 32.65 -87.52
CA SER J 180 32.91 32.37 -88.74
C SER J 180 33.55 33.67 -89.22
N LEU J 181 34.44 33.57 -90.19
CA LEU J 181 35.10 34.73 -90.75
C LEU J 181 34.35 35.24 -91.96
N SER J 182 34.35 36.57 -92.11
CA SER J 182 34.08 37.20 -93.40
C SER J 182 35.38 37.23 -94.18
N GLY J 183 35.40 37.96 -95.31
CA GLY J 183 36.66 38.15 -96.01
C GLY J 183 37.64 39.03 -95.27
N SER J 184 37.14 39.88 -94.36
CA SER J 184 38.01 40.76 -93.59
C SER J 184 37.61 40.91 -92.13
N SER J 185 36.52 40.31 -91.67
CA SER J 185 36.02 40.56 -90.33
C SER J 185 35.51 39.24 -89.73
N VAL J 186 34.78 39.36 -88.63
CA VAL J 186 34.28 38.23 -87.86
C VAL J 186 32.77 38.24 -87.92
N THR J 187 32.18 37.09 -88.23
CA THR J 187 30.76 36.96 -88.53
C THR J 187 30.11 35.95 -87.60
N VAL J 188 29.07 36.37 -86.90
CA VAL J 188 28.33 35.51 -85.98
C VAL J 188 26.93 35.29 -86.55
N THR J 189 26.56 34.01 -86.71
CA THR J 189 25.26 33.61 -87.26
C THR J 189 24.50 32.81 -86.22
N PRO J 190 23.68 33.45 -85.38
CA PRO J 190 22.87 32.69 -84.44
C PRO J 190 21.77 31.91 -85.16
N PRO J 191 21.34 30.79 -84.60
CA PRO J 191 20.30 30.00 -85.27
C PRO J 191 18.93 30.61 -85.09
N ASP J 192 18.00 30.16 -85.93
CA ASP J 192 16.67 30.75 -85.98
C ASP J 192 15.84 30.37 -84.77
N GLY J 193 15.15 31.38 -84.21
CA GLY J 193 14.41 31.18 -82.99
C GLY J 193 15.29 30.97 -81.77
N THR J 194 16.51 31.47 -81.80
CA THR J 194 17.46 31.28 -80.70
C THR J 194 18.40 32.47 -80.67
N SER J 195 18.52 33.10 -79.50
CA SER J 195 19.38 34.25 -79.34
C SER J 195 20.74 33.86 -78.81
N ALA J 196 21.79 34.35 -79.46
CA ALA J 196 23.16 34.17 -79.00
C ALA J 196 23.63 35.45 -78.33
N LEU J 197 24.80 35.38 -77.69
CA LEU J 197 25.47 36.57 -77.22
C LEU J 197 26.96 36.40 -77.44
N VAL J 198 27.64 37.51 -77.72
CA VAL J 198 29.01 37.50 -78.20
C VAL J 198 29.87 38.35 -77.28
N GLU J 199 30.99 37.80 -76.84
CA GLU J 199 31.99 38.53 -76.08
C GLU J 199 33.30 38.49 -76.86
N CYS J 200 33.88 39.66 -77.12
CA CYS J 200 35.13 39.77 -77.85
C CYS J 200 36.13 40.59 -77.06
N GLU J 201 37.37 40.60 -77.51
CA GLU J 201 38.43 41.37 -76.87
C GLU J 201 39.33 41.98 -77.94
N CYS J 202 38.72 42.57 -78.97
CA CYS J 202 39.52 43.10 -80.06
C CYS J 202 39.58 44.62 -80.09
N GLY J 203 38.65 45.30 -79.43
CA GLY J 203 38.76 46.74 -79.25
C GLY J 203 39.24 47.04 -77.85
N GLY J 204 38.30 47.36 -76.97
CA GLY J 204 38.58 47.37 -75.55
C GLY J 204 37.94 46.17 -74.88
N THR J 205 36.80 46.37 -74.24
CA THR J 205 35.96 45.29 -73.75
C THR J 205 34.64 45.38 -74.48
N LYS J 206 34.33 44.37 -75.29
CA LYS J 206 33.17 44.38 -76.17
C LYS J 206 32.25 43.23 -75.78
N ILE J 207 30.94 43.47 -75.88
CA ILE J 207 29.91 42.51 -75.48
C ILE J 207 28.59 42.90 -76.17
N SER J 208 27.83 41.90 -76.61
CA SER J 208 26.56 42.17 -77.29
C SER J 208 25.65 40.95 -77.15
N GLU J 209 24.34 41.19 -77.11
CA GLU J 209 23.36 40.11 -77.28
C GLU J 209 22.64 40.34 -78.60
N THR J 210 22.75 39.37 -79.50
CA THR J 210 22.15 39.50 -80.83
C THR J 210 21.05 38.46 -81.02
N ILE J 211 20.11 38.77 -81.91
CA ILE J 211 18.93 37.96 -82.16
C ILE J 211 18.73 37.86 -83.66
N ASN J 212 18.79 36.63 -84.19
CA ASN J 212 18.25 36.24 -85.49
C ASN J 212 18.94 36.97 -86.64
N LYS J 213 20.15 37.46 -86.44
CA LYS J 213 20.81 38.30 -87.44
C LYS J 213 22.24 37.87 -87.62
N THR J 214 22.64 37.68 -88.88
CA THR J 214 24.04 37.51 -89.24
C THR J 214 24.73 38.84 -88.99
N LYS J 215 25.36 38.98 -87.84
CA LYS J 215 25.83 40.26 -87.34
C LYS J 215 27.35 40.29 -87.31
N GLN J 216 27.94 41.02 -88.23
CA GLN J 216 29.39 41.17 -88.28
C GLN J 216 29.85 42.20 -87.27
N PHE J 217 31.16 42.21 -87.03
CA PHE J 217 31.75 43.19 -86.12
C PHE J 217 33.07 43.65 -86.71
N SER J 218 33.27 44.96 -86.77
CA SER J 218 34.56 45.48 -87.20
C SER J 218 35.56 45.39 -86.06
N GLN J 219 36.82 45.65 -86.39
CA GLN J 219 38.01 45.70 -85.53
C GLN J 219 38.41 44.34 -84.97
N CYS J 220 37.66 43.28 -85.22
CA CYS J 220 38.05 41.92 -84.86
C CYS J 220 38.55 41.23 -86.12
N THR J 221 39.82 40.81 -86.10
CA THR J 221 40.41 40.15 -87.26
C THR J 221 40.29 38.64 -87.15
N LYS J 222 40.86 38.06 -86.10
CA LYS J 222 40.84 36.61 -85.91
C LYS J 222 39.65 36.20 -85.05
N LYS J 223 39.05 35.07 -85.40
CA LYS J 223 37.89 34.56 -84.66
C LYS J 223 38.29 33.74 -83.44
N GLU J 224 39.57 33.74 -83.09
CA GLU J 224 40.00 33.19 -81.82
C GLU J 224 39.66 34.11 -80.65
N GLN J 225 39.35 35.38 -80.93
CA GLN J 225 39.13 36.38 -79.89
C GLN J 225 37.66 36.56 -79.57
N CYS J 226 36.77 35.74 -80.10
CA CYS J 226 35.34 35.94 -79.90
C CYS J 226 34.67 34.61 -79.59
N ARG J 227 33.89 34.59 -78.51
CA ARG J 227 33.20 33.39 -78.05
C ARG J 227 31.70 33.62 -78.18
N ALA J 228 31.03 32.78 -78.96
CA ALA J 228 29.61 32.91 -79.23
C ALA J 228 28.85 31.90 -78.39
N TYR J 229 28.18 32.38 -77.35
CA TYR J 229 27.43 31.52 -76.45
C TYR J 229 26.05 31.22 -77.05
N ARG J 230 25.26 30.39 -76.36
CA ARG J 230 23.92 30.04 -76.82
C ARG J 230 22.98 30.06 -75.63
N LEU J 231 21.72 30.42 -75.90
CA LEU J 231 20.77 30.70 -74.82
C LEU J 231 19.47 29.96 -75.08
N GLN J 232 18.94 29.32 -74.02
CA GLN J 232 17.63 28.69 -74.04
C GLN J 232 16.97 28.95 -72.68
N ASN J 233 16.01 29.88 -72.66
CA ASN J 233 15.34 30.23 -71.42
C ASN J 233 14.43 29.12 -70.92
N ASP J 234 13.77 28.41 -71.81
CA ASP J 234 12.95 27.26 -71.45
C ASP J 234 13.84 26.03 -71.27
N LYS J 235 13.20 24.85 -71.18
CA LYS J 235 13.86 23.55 -71.26
C LYS J 235 14.92 23.33 -70.19
N TRP J 236 14.47 23.05 -68.96
CA TRP J 236 15.31 22.69 -67.81
C TRP J 236 16.39 21.65 -68.08
N VAL J 237 17.45 21.68 -67.29
CA VAL J 237 18.41 20.58 -67.22
C VAL J 237 18.50 20.14 -65.75
N TYR J 238 19.24 19.07 -65.52
CA TYR J 238 19.55 18.63 -64.17
C TYR J 238 20.65 19.51 -63.57
N ASN J 239 20.66 19.59 -62.25
CA ASN J 239 21.75 20.23 -61.52
C ASN J 239 23.01 19.39 -61.60
N SER J 240 23.65 19.33 -62.76
CA SER J 240 24.84 18.50 -62.92
C SER J 240 26.09 19.29 -62.59
N ASP J 241 27.12 18.57 -62.16
CA ASP J 241 28.42 19.22 -62.04
C ASP J 241 29.18 19.25 -63.35
N LYS J 242 28.70 18.57 -64.38
CA LYS J 242 29.39 18.58 -65.66
C LYS J 242 28.91 19.70 -66.58
N LEU J 243 27.96 20.52 -66.12
CA LEU J 243 27.42 21.66 -66.82
C LEU J 243 27.79 22.92 -66.05
N PRO J 244 27.98 24.04 -66.73
CA PRO J 244 28.08 25.32 -66.02
C PRO J 244 26.69 25.87 -65.74
N LYS J 245 26.62 26.82 -64.82
CA LYS J 245 25.34 27.33 -64.36
C LYS J 245 25.11 28.77 -64.82
N ALA J 246 23.88 29.22 -64.62
CA ALA J 246 23.44 30.55 -65.01
C ALA J 246 23.78 31.56 -63.92
N ALA J 247 23.23 32.77 -64.03
CA ALA J 247 23.55 33.86 -63.12
C ALA J 247 22.29 34.31 -62.40
N GLY J 248 22.19 33.96 -61.13
CA GLY J 248 21.16 34.47 -60.24
C GLY J 248 20.09 33.48 -59.84
N ALA J 249 20.29 32.86 -58.68
CA ALA J 249 19.36 32.04 -57.89
C ALA J 249 18.99 30.70 -58.53
N THR J 250 19.20 30.55 -59.83
CA THR J 250 19.46 29.32 -60.57
C THR J 250 18.32 28.31 -60.57
N LEU J 251 17.33 28.45 -59.71
CA LEU J 251 16.43 27.36 -59.37
C LEU J 251 15.11 27.53 -60.12
N LYS J 252 14.60 26.42 -60.66
CA LYS J 252 13.36 26.48 -61.40
C LYS J 252 12.33 25.42 -61.01
N GLY J 253 12.70 24.41 -60.24
CA GLY J 253 11.72 23.46 -59.79
C GLY J 253 12.39 22.17 -59.33
N LYS J 254 11.56 21.15 -59.15
CA LYS J 254 12.04 19.82 -58.80
C LYS J 254 11.12 18.77 -59.41
N LEU J 255 11.71 17.63 -59.77
CA LEU J 255 10.98 16.55 -60.41
C LEU J 255 11.10 15.29 -59.56
N HIS J 256 10.14 14.40 -59.70
CA HIS J 256 10.21 13.15 -58.97
C HIS J 256 11.10 12.18 -59.72
N VAL J 257 11.61 11.20 -58.98
CA VAL J 257 12.47 10.17 -59.54
C VAL J 257 11.67 8.88 -59.71
N PRO J 258 11.76 8.20 -60.84
CA PRO J 258 11.05 6.94 -61.00
C PRO J 258 11.87 5.80 -60.43
N PHE J 259 11.21 4.65 -60.32
CA PHE J 259 11.79 3.36 -59.94
C PHE J 259 12.47 3.46 -58.57
N LEU J 260 11.67 3.69 -57.55
CA LEU J 260 12.23 3.73 -56.21
C LEU J 260 12.25 2.34 -55.58
N LEU J 261 13.01 2.23 -54.50
CA LEU J 261 13.19 0.96 -53.82
C LEU J 261 11.95 0.67 -52.99
N ALA J 262 11.18 -0.33 -53.38
CA ALA J 262 9.96 -0.69 -52.68
C ALA J 262 10.11 -2.08 -52.08
N ASP J 263 9.24 -2.40 -51.13
CA ASP J 263 9.21 -3.72 -50.55
C ASP J 263 8.59 -4.70 -51.53
N GLY J 264 9.13 -5.91 -51.58
CA GLY J 264 8.59 -6.91 -52.47
C GLY J 264 8.69 -8.33 -51.95
N LYS J 265 8.64 -9.29 -52.85
CA LYS J 265 8.84 -10.71 -52.55
C LYS J 265 9.90 -11.26 -53.49
N CYS J 266 10.83 -12.02 -52.95
CA CYS J 266 11.91 -12.60 -53.72
C CYS J 266 12.01 -14.08 -53.41
N THR J 267 12.34 -14.86 -54.44
CA THR J 267 12.50 -16.31 -54.30
C THR J 267 13.95 -16.59 -53.94
N VAL J 268 14.15 -17.40 -52.91
CA VAL J 268 15.50 -17.73 -52.43
C VAL J 268 15.67 -19.24 -52.49
N PRO J 269 16.88 -19.77 -52.62
CA PRO J 269 17.03 -21.23 -52.71
C PRO J 269 16.80 -21.88 -51.36
N LEU J 270 16.86 -23.20 -51.39
CA LEU J 270 16.63 -24.01 -50.19
C LEU J 270 17.68 -25.10 -50.18
N ALA J 271 18.54 -25.08 -49.15
CA ALA J 271 19.70 -25.95 -49.14
C ALA J 271 19.29 -27.40 -48.97
N PRO J 272 20.10 -28.35 -49.46
CA PRO J 272 19.82 -29.76 -49.22
C PRO J 272 19.75 -30.09 -47.74
N GLU J 273 18.86 -31.00 -47.41
CA GLU J 273 18.49 -31.25 -46.04
C GLU J 273 19.66 -31.88 -45.29
N PRO J 274 20.00 -31.40 -44.10
CA PRO J 274 21.14 -31.97 -43.40
C PRO J 274 20.83 -33.34 -42.86
N MET J 275 21.85 -34.19 -42.81
CA MET J 275 21.72 -35.54 -42.30
C MET J 275 22.20 -35.57 -40.87
N ILE J 276 21.28 -35.84 -39.95
CA ILE J 276 21.49 -35.60 -38.53
C ILE J 276 21.69 -36.94 -37.83
N THR J 277 22.82 -37.11 -37.17
CA THR J 277 23.14 -38.31 -36.41
C THR J 277 23.08 -37.99 -34.92
N PHE J 278 22.29 -38.75 -34.18
CA PHE J 278 22.03 -38.45 -32.78
C PHE J 278 22.84 -39.36 -31.87
N GLY J 279 23.23 -38.82 -30.73
CA GLY J 279 23.95 -39.59 -29.73
C GLY J 279 23.60 -39.07 -28.36
N PHE J 280 24.21 -39.69 -27.35
CA PHE J 280 23.98 -39.26 -25.97
C PHE J 280 24.50 -37.86 -25.73
N ARG J 281 23.56 -36.91 -25.61
CA ARG J 281 23.82 -35.50 -25.38
C ARG J 281 24.72 -34.90 -26.45
N SER J 282 24.48 -35.27 -27.70
CA SER J 282 25.31 -34.81 -28.81
C SER J 282 24.54 -35.01 -30.10
N VAL J 283 24.82 -34.16 -31.07
CA VAL J 283 24.18 -34.19 -32.38
C VAL J 283 25.25 -33.94 -33.43
N SER J 284 25.36 -34.83 -34.41
CA SER J 284 26.27 -34.67 -35.52
C SER J 284 25.50 -34.20 -36.75
N LEU J 285 26.15 -33.37 -37.56
CA LEU J 285 25.50 -32.76 -38.71
C LEU J 285 26.34 -32.98 -39.96
N LYS J 286 25.85 -33.79 -40.90
CA LYS J 286 26.47 -33.89 -42.21
C LYS J 286 25.84 -32.88 -43.15
N LEU J 287 26.67 -32.11 -43.84
CA LEU J 287 26.25 -30.94 -44.59
C LEU J 287 26.85 -30.99 -45.97
N HIS J 288 26.01 -30.90 -47.00
CA HIS J 288 26.47 -30.84 -48.39
C HIS J 288 25.87 -29.60 -49.03
N PRO J 289 26.52 -28.44 -48.89
CA PRO J 289 25.97 -27.23 -49.48
C PRO J 289 26.12 -27.23 -51.00
N LYS J 290 25.08 -26.81 -51.69
CA LYS J 290 25.17 -26.64 -53.13
C LYS J 290 25.89 -25.35 -53.49
N ASN J 291 25.61 -24.28 -52.77
CA ASN J 291 26.27 -22.98 -52.84
C ASN J 291 26.32 -22.45 -51.41
N PRO J 292 27.25 -21.53 -51.08
CA PRO J 292 27.62 -21.31 -49.66
C PRO J 292 26.49 -20.88 -48.76
N THR J 293 26.42 -21.51 -47.60
CA THR J 293 25.23 -21.55 -46.76
C THR J 293 25.63 -21.29 -45.31
N TYR J 294 25.01 -20.29 -44.69
CA TYR J 294 25.29 -20.00 -43.29
C TYR J 294 24.64 -21.03 -42.38
N LEU J 295 25.45 -21.65 -41.53
CA LEU J 295 24.97 -22.43 -40.40
C LEU J 295 25.07 -21.58 -39.14
N ILE J 296 23.96 -21.46 -38.42
CA ILE J 296 23.88 -20.63 -37.22
C ILE J 296 23.29 -21.48 -36.12
N THR J 297 24.07 -21.75 -35.07
CA THR J 297 23.60 -22.52 -33.94
C THR J 297 23.65 -21.68 -32.68
N ARG J 298 22.81 -22.02 -31.71
CA ARG J 298 22.81 -21.39 -30.40
C ARG J 298 22.13 -22.32 -29.41
N GLN J 299 22.49 -22.18 -28.14
CA GLN J 299 21.92 -22.99 -27.07
C GLN J 299 20.91 -22.20 -26.26
N LEU J 300 19.98 -22.93 -25.65
CA LEU J 300 18.78 -22.32 -25.07
C LEU J 300 18.93 -22.05 -23.59
N ALA J 301 20.14 -21.71 -23.15
CA ALA J 301 20.46 -21.47 -21.76
C ALA J 301 20.91 -20.03 -21.56
N ASP J 302 21.41 -19.74 -20.35
CA ASP J 302 21.84 -18.39 -20.00
C ASP J 302 23.11 -17.98 -20.71
N GLU J 303 23.93 -18.94 -21.12
CA GLU J 303 25.02 -18.65 -22.05
C GLU J 303 24.68 -19.32 -23.37
N PRO J 304 24.40 -18.55 -24.42
CA PRO J 304 23.96 -19.18 -25.67
C PRO J 304 25.07 -19.89 -26.41
N HIS J 305 26.30 -19.36 -26.36
CA HIS J 305 27.47 -19.88 -27.07
C HIS J 305 27.18 -20.02 -28.56
N TYR J 306 26.75 -18.92 -29.17
CA TYR J 306 26.28 -18.98 -30.54
C TYR J 306 27.45 -19.16 -31.49
N THR J 307 27.24 -19.95 -32.54
CA THR J 307 28.25 -20.23 -33.53
C THR J 307 27.71 -19.78 -34.88
N HIS J 308 28.52 -19.06 -35.63
CA HIS J 308 28.11 -18.50 -36.91
C HIS J 308 29.17 -18.80 -37.94
N GLU J 309 28.79 -19.46 -39.04
CA GLU J 309 29.79 -20.00 -39.94
C GLU J 309 29.25 -20.12 -41.36
N LEU J 310 29.98 -19.54 -42.31
CA LEU J 310 29.70 -19.73 -43.72
C LEU J 310 30.34 -21.02 -44.20
N ILE J 311 29.53 -21.96 -44.66
CA ILE J 311 30.01 -23.28 -45.05
C ILE J 311 29.80 -23.44 -46.55
N SER J 312 30.86 -23.76 -47.27
CA SER J 312 30.80 -23.87 -48.72
C SER J 312 31.41 -25.16 -49.25
N GLU J 313 31.69 -26.13 -48.39
CA GLU J 313 32.28 -27.40 -48.74
C GLU J 313 31.54 -28.47 -47.96
N PRO J 314 31.60 -29.74 -48.41
CA PRO J 314 30.98 -30.82 -47.62
C PRO J 314 31.67 -30.99 -46.27
N ALA J 315 30.89 -30.84 -45.21
CA ALA J 315 31.48 -30.67 -43.89
C ALA J 315 30.62 -31.37 -42.84
N VAL J 316 31.28 -31.81 -41.78
CA VAL J 316 30.64 -32.50 -40.67
C VAL J 316 30.89 -31.69 -39.42
N ARG J 317 29.80 -31.29 -38.74
CA ARG J 317 29.88 -30.43 -37.57
C ARG J 317 29.21 -31.15 -36.40
N ASN J 318 29.94 -31.28 -35.30
CA ASN J 318 29.44 -31.97 -34.11
C ASN J 318 29.15 -30.96 -33.00
N PHE J 319 28.08 -31.20 -32.26
CA PHE J 319 27.64 -30.27 -31.23
C PHE J 319 27.20 -31.04 -30.00
N THR J 320 27.22 -30.36 -28.85
CA THR J 320 26.79 -30.93 -27.59
C THR J 320 25.44 -30.34 -27.21
N VAL J 321 24.45 -31.20 -27.07
CA VAL J 321 23.08 -30.81 -26.77
C VAL J 321 22.78 -31.25 -25.36
N THR J 322 22.34 -30.34 -24.51
CA THR J 322 22.05 -30.70 -23.13
C THR J 322 20.54 -30.77 -22.93
N GLU J 323 20.11 -30.96 -21.69
CA GLU J 323 18.69 -30.97 -21.37
C GLU J 323 18.06 -29.59 -21.46
N LYS J 324 18.85 -28.53 -21.52
CA LYS J 324 18.33 -27.18 -21.60
C LYS J 324 17.99 -26.74 -23.02
N GLY J 325 18.41 -27.48 -24.03
CA GLY J 325 17.98 -27.24 -25.40
C GLY J 325 19.15 -26.97 -26.32
N TRP J 326 18.83 -26.92 -27.61
CA TRP J 326 19.77 -26.60 -28.68
C TRP J 326 18.98 -26.28 -29.94
N GLU J 327 19.51 -25.39 -30.78
CA GLU J 327 18.81 -24.91 -31.96
C GLU J 327 19.80 -24.56 -33.07
N PHE J 328 19.52 -24.99 -34.31
CA PHE J 328 20.31 -24.56 -35.45
C PHE J 328 19.41 -24.10 -36.60
N VAL J 329 19.97 -23.25 -37.47
CA VAL J 329 19.30 -22.79 -38.70
C VAL J 329 20.25 -23.02 -39.86
N TRP J 330 19.78 -23.74 -40.89
CA TRP J 330 20.60 -24.13 -42.03
C TRP J 330 20.11 -23.40 -43.28
N GLY J 331 20.67 -22.23 -43.52
CA GLY J 331 20.29 -21.47 -44.68
C GLY J 331 18.92 -20.84 -44.55
N ASN J 332 18.03 -21.16 -45.47
CA ASN J 332 16.68 -20.62 -45.49
C ASN J 332 15.68 -21.57 -44.88
N HIS J 333 16.15 -22.63 -44.24
CA HIS J 333 15.29 -23.55 -43.52
C HIS J 333 14.81 -22.93 -42.22
N PRO J 334 13.70 -23.40 -41.68
CA PRO J 334 13.23 -22.92 -40.38
C PRO J 334 14.13 -23.41 -39.25
N PRO J 335 14.06 -22.78 -38.08
CA PRO J 335 14.85 -23.26 -36.94
C PRO J 335 14.40 -24.61 -36.43
N LYS J 336 15.36 -25.47 -36.14
CA LYS J 336 15.12 -26.78 -35.54
C LYS J 336 15.63 -26.77 -34.13
N ARG J 337 14.74 -26.89 -33.16
CA ARG J 337 15.15 -27.04 -31.78
C ARG J 337 15.24 -28.50 -31.40
N PHE J 338 16.28 -28.85 -30.66
CA PHE J 338 16.49 -30.21 -30.16
C PHE J 338 16.71 -30.18 -28.66
N TRP J 339 16.44 -31.30 -28.02
CA TRP J 339 16.42 -31.43 -26.58
C TRP J 339 16.99 -32.78 -26.21
N ALA J 340 17.97 -32.81 -25.33
CA ALA J 340 18.56 -34.08 -24.93
C ALA J 340 17.78 -34.68 -23.77
N GLN J 341 17.69 -36.01 -23.75
CA GLN J 341 17.06 -36.69 -22.63
C GLN J 341 17.96 -37.78 -22.11
N GLU J 342 17.68 -38.24 -20.90
CA GLU J 342 18.67 -38.92 -20.07
C GLU J 342 18.73 -40.39 -20.41
N THR J 343 19.51 -40.73 -21.43
CA THR J 343 19.75 -42.11 -21.84
C THR J 343 21.26 -42.34 -21.79
N ALA J 344 21.77 -42.61 -20.61
CA ALA J 344 23.22 -42.70 -20.53
C ALA J 344 23.68 -44.13 -20.79
N PRO J 345 24.89 -44.31 -21.33
CA PRO J 345 25.42 -45.67 -21.52
C PRO J 345 25.76 -46.32 -20.20
N GLY J 346 25.36 -47.57 -20.04
CA GLY J 346 25.59 -48.33 -18.85
C GLY J 346 24.32 -48.90 -18.30
N ASN J 347 24.47 -49.66 -17.22
CA ASN J 347 23.33 -50.27 -16.54
C ASN J 347 23.37 -49.82 -15.09
N PRO J 348 22.35 -49.10 -14.61
CA PRO J 348 22.30 -48.73 -13.19
C PRO J 348 21.79 -49.82 -12.26
N HIS J 349 21.68 -51.06 -12.74
CA HIS J 349 21.12 -52.14 -11.95
C HIS J 349 22.06 -53.33 -11.82
N GLY J 350 23.32 -53.09 -11.46
CA GLY J 350 24.18 -54.21 -11.11
C GLY J 350 25.56 -54.10 -11.69
N LEU J 351 26.48 -54.98 -11.23
CA LEU J 351 27.87 -55.09 -11.67
C LEU J 351 28.59 -53.76 -11.45
N PRO J 352 28.98 -53.45 -10.20
CA PRO J 352 29.20 -52.05 -9.79
C PRO J 352 30.25 -51.25 -10.55
N HIS J 353 30.99 -51.83 -11.49
CA HIS J 353 31.74 -50.99 -12.42
C HIS J 353 30.85 -50.48 -13.55
N GLU J 354 29.65 -51.04 -13.73
CA GLU J 354 28.71 -50.52 -14.72
C GLU J 354 27.88 -49.36 -14.21
N VAL J 355 27.57 -49.34 -12.91
CA VAL J 355 26.81 -48.21 -12.37
C VAL J 355 27.68 -46.98 -12.29
N ILE J 356 29.00 -47.15 -12.14
CA ILE J 356 29.87 -45.99 -12.02
C ILE J 356 30.08 -45.33 -13.37
N THR J 357 30.18 -46.12 -14.45
CA THR J 357 30.22 -45.52 -15.79
C THR J 357 28.89 -44.85 -16.13
N HIS J 358 27.78 -45.42 -15.66
CA HIS J 358 26.47 -44.83 -15.92
C HIS J 358 26.32 -43.49 -15.23
N TYR J 359 26.66 -43.42 -13.94
CA TYR J 359 26.60 -42.15 -13.24
C TYR J 359 27.79 -41.24 -13.53
N TYR J 360 28.79 -41.70 -14.26
CA TYR J 360 29.83 -40.81 -14.71
C TYR J 360 29.47 -40.13 -16.01
N HIS J 361 28.86 -40.88 -16.95
CA HIS J 361 28.33 -40.23 -18.14
C HIS J 361 27.06 -39.45 -17.83
N ARG J 362 26.36 -39.79 -16.74
CA ARG J 362 25.13 -39.13 -16.36
C ARG J 362 25.43 -37.84 -15.59
N TYR J 363 26.03 -37.96 -14.41
CA TYR J 363 26.37 -36.83 -13.54
C TYR J 363 27.87 -36.81 -13.31
N PRO J 364 28.64 -36.13 -14.17
CA PRO J 364 30.11 -36.26 -14.10
C PRO J 364 30.74 -35.60 -12.89
N MET J 365 30.29 -34.40 -12.52
CA MET J 365 30.93 -33.67 -11.44
C MET J 365 30.60 -34.29 -10.08
N SER J 366 29.35 -34.72 -9.89
CA SER J 366 28.93 -35.24 -8.59
C SER J 366 29.53 -36.60 -8.28
N THR J 367 29.83 -37.39 -9.31
CA THR J 367 30.31 -38.76 -9.10
C THR J 367 31.71 -38.78 -8.49
N ILE J 368 32.60 -37.90 -8.96
CA ILE J 368 33.96 -37.89 -8.46
C ILE J 368 34.01 -37.36 -7.02
N LEU J 369 33.16 -36.37 -6.71
CA LEU J 369 33.06 -35.89 -5.34
C LEU J 369 32.47 -36.94 -4.40
N GLY J 370 31.46 -37.69 -4.88
CA GLY J 370 30.87 -38.73 -4.05
C GLY J 370 31.83 -39.87 -3.79
N LEU J 371 32.55 -40.30 -4.82
CA LEU J 371 33.54 -41.37 -4.63
C LEU J 371 34.71 -40.90 -3.78
N SER J 372 35.11 -39.63 -3.89
CA SER J 372 36.17 -39.09 -3.06
C SER J 372 35.77 -39.07 -1.60
N ILE J 373 34.55 -38.60 -1.29
CA ILE J 373 34.18 -38.52 0.11
C ILE J 373 33.87 -39.90 0.69
N CYS J 374 33.37 -40.83 -0.14
CA CYS J 374 33.11 -42.17 0.38
C CYS J 374 34.41 -42.95 0.60
N ALA J 375 35.39 -42.76 -0.28
CA ALA J 375 36.71 -43.36 -0.08
C ALA J 375 37.41 -42.76 1.13
N ALA J 376 37.26 -41.45 1.33
CA ALA J 376 37.89 -40.80 2.48
C ALA J 376 37.28 -41.27 3.79
N ILE J 377 35.94 -41.37 3.86
CA ILE J 377 35.29 -41.82 5.08
C ILE J 377 35.59 -43.30 5.34
N ALA J 378 35.65 -44.12 4.29
CA ALA J 378 35.98 -45.53 4.48
C ALA J 378 37.43 -45.71 4.96
N THR J 379 38.36 -44.91 4.41
CA THR J 379 39.75 -45.00 4.82
C THR J 379 39.95 -44.53 6.25
N VAL J 380 39.31 -43.42 6.63
CA VAL J 380 39.40 -42.92 8.00
C VAL J 380 38.77 -43.89 8.98
N SER J 381 37.67 -44.54 8.58
CA SER J 381 37.00 -45.47 9.50
C SER J 381 37.80 -46.75 9.70
N VAL J 382 38.33 -47.33 8.62
CA VAL J 382 39.16 -48.54 8.76
C VAL J 382 40.43 -48.24 9.53
N ALA J 383 41.05 -47.07 9.27
CA ALA J 383 42.27 -46.70 9.97
C ALA J 383 42.03 -46.46 11.46
N ALA J 384 40.95 -45.75 11.81
CA ALA J 384 40.68 -45.48 13.21
C ALA J 384 40.22 -46.72 13.95
N SER J 385 39.54 -47.64 13.28
CA SER J 385 39.15 -48.88 13.93
C SER J 385 40.35 -49.78 14.20
N THR J 386 41.28 -49.86 13.23
CA THR J 386 42.52 -50.60 13.45
C THR J 386 43.35 -49.96 14.56
N TRP J 387 43.34 -48.63 14.62
CA TRP J 387 44.05 -47.90 15.68
C TRP J 387 43.47 -48.22 17.05
N LEU J 388 42.14 -48.16 17.18
CA LEU J 388 41.51 -48.44 18.47
C LEU J 388 41.67 -49.91 18.87
N PHE J 389 41.60 -50.83 17.91
CA PHE J 389 41.76 -52.24 18.25
C PHE J 389 43.19 -52.56 18.68
N CYS J 390 44.19 -51.94 18.02
CA CYS J 390 45.57 -52.19 18.44
C CYS J 390 45.87 -51.55 19.78
N ARG J 391 45.30 -50.37 20.06
CA ARG J 391 45.47 -49.78 21.38
C ARG J 391 44.79 -50.60 22.47
N SER J 392 43.64 -51.19 22.18
CA SER J 392 42.98 -52.02 23.17
C SER J 392 43.69 -53.35 23.38
N ARG J 393 44.28 -53.91 22.33
CA ARG J 393 45.09 -55.11 22.48
C ARG J 393 46.34 -54.83 23.32
N VAL J 394 46.97 -53.68 23.11
CA VAL J 394 48.13 -53.28 23.92
C VAL J 394 47.71 -53.07 25.37
N ALA J 395 46.58 -52.41 25.60
CA ALA J 395 46.11 -52.16 26.96
C ALA J 395 45.68 -53.45 27.67
N CYS J 396 45.25 -54.46 26.92
CA CYS J 396 45.00 -55.76 27.54
C CYS J 396 46.28 -56.50 27.87
N LEU J 397 47.20 -56.60 26.91
CA LEU J 397 48.32 -57.51 27.08
C LEU J 397 49.46 -56.92 27.89
N THR J 398 49.54 -55.60 28.04
CA THR J 398 50.62 -54.99 28.81
C THR J 398 50.63 -55.34 30.30
N PRO J 399 49.50 -55.38 31.04
CA PRO J 399 49.59 -55.84 32.45
C PRO J 399 49.94 -57.32 32.62
N TYR J 400 49.94 -58.11 31.56
CA TYR J 400 50.41 -59.49 31.65
C TYR J 400 51.75 -59.70 30.98
N ARG J 401 52.36 -58.66 30.43
CA ARG J 401 53.71 -58.74 29.89
C ARG J 401 54.74 -58.03 30.74
N LEU J 402 54.32 -57.37 31.82
CA LEU J 402 55.28 -56.82 32.77
C LEU J 402 55.50 -57.71 33.97
N THR J 403 54.72 -58.75 34.13
CA THR J 403 55.02 -59.74 35.15
C THR J 403 56.22 -60.57 34.70
N PRO J 404 57.16 -60.86 35.61
CA PRO J 404 58.40 -61.54 35.20
C PRO J 404 58.22 -63.00 34.88
N ASN J 405 57.06 -63.60 35.18
CA ASN J 405 56.77 -64.97 34.76
C ASN J 405 55.96 -65.05 33.48
N ALA J 406 55.09 -64.07 33.25
CA ALA J 406 54.34 -63.88 32.00
C ALA J 406 53.45 -65.08 31.66
N ARG J 407 52.57 -65.44 32.60
CA ARG J 407 51.62 -66.52 32.37
C ARG J 407 50.29 -65.91 31.95
N ILE J 408 50.22 -65.57 30.66
CA ILE J 408 49.00 -65.01 30.07
C ILE J 408 47.95 -66.10 29.98
N PRO J 409 46.72 -65.87 30.45
CA PRO J 409 45.71 -66.93 30.46
C PRO J 409 45.25 -67.30 29.05
N PHE J 410 44.52 -68.41 28.98
CA PHE J 410 44.25 -69.06 27.70
C PHE J 410 43.21 -68.34 26.87
N CYS J 411 42.18 -67.80 27.52
CA CYS J 411 41.11 -67.11 26.80
C CYS J 411 41.61 -65.82 26.16
N LEU J 412 42.42 -65.05 26.88
CA LEU J 412 43.04 -63.87 26.27
C LEU J 412 44.12 -64.24 25.29
N ALA J 413 44.66 -65.46 25.36
CA ALA J 413 45.62 -65.90 24.35
C ALA J 413 44.92 -66.19 23.03
N VAL J 414 43.72 -66.76 23.09
CA VAL J 414 42.97 -67.02 21.87
C VAL J 414 42.37 -65.73 21.32
N LEU J 415 41.83 -64.87 22.19
CA LEU J 415 41.21 -63.64 21.74
C LEU J 415 42.23 -62.63 21.22
N CYS J 416 43.16 -62.21 22.07
CA CYS J 416 44.08 -61.14 21.70
C CYS J 416 45.27 -61.61 20.88
N CYS J 417 45.29 -62.89 20.47
CA CYS J 417 46.32 -63.50 19.61
C CYS J 417 47.71 -63.38 20.26
N ALA J 418 47.86 -64.02 21.41
CA ALA J 418 49.09 -63.97 22.17
C ALA J 418 50.00 -65.13 21.77
N ARG J 419 51.06 -65.34 22.56
CA ARG J 419 52.08 -66.35 22.29
C ARG J 419 51.55 -67.78 22.38
N GLY K 113 73.12 -11.58 74.30
CA GLY K 113 72.96 -11.68 75.73
C GLY K 113 72.49 -10.38 76.37
N LYS K 114 73.45 -9.48 76.62
CA LYS K 114 73.12 -8.21 77.25
C LYS K 114 72.54 -7.20 76.27
N ARG K 115 72.68 -7.44 74.96
CA ARG K 115 72.16 -6.51 73.96
C ARG K 115 70.63 -6.53 73.96
N GLN K 116 70.03 -7.72 74.07
CA GLN K 116 68.57 -7.82 74.17
C GLN K 116 68.06 -7.20 75.46
N ARG K 117 68.85 -7.30 76.55
CA ARG K 117 68.46 -6.65 77.81
C ARG K 117 68.53 -5.13 77.68
N MET K 118 69.52 -4.61 76.95
CA MET K 118 69.58 -3.16 76.73
C MET K 118 68.44 -2.69 75.83
N VAL K 119 68.05 -3.50 74.85
CA VAL K 119 66.90 -3.17 74.01
C VAL K 119 65.61 -3.17 74.84
N MET K 120 65.45 -4.15 75.73
CA MET K 120 64.27 -4.19 76.60
C MET K 120 64.28 -3.05 77.63
N LYS K 121 65.45 -2.59 78.05
CA LYS K 121 65.49 -1.46 78.98
C LYS K 121 65.25 -0.13 78.28
N LEU K 122 65.69 0.02 77.03
CA LEU K 122 65.47 1.28 76.32
C LEU K 122 64.06 1.36 75.74
N GLU K 123 63.54 0.24 75.21
CA GLU K 123 62.23 0.21 74.59
C GLU K 123 61.13 -0.28 75.54
N SER K 124 61.25 -0.05 76.84
CA SER K 124 60.27 -0.54 77.80
C SER K 124 59.01 0.32 77.78
N ASP K 125 59.14 1.61 78.09
CA ASP K 125 57.98 2.49 78.23
C ASP K 125 57.60 3.16 76.92
N LYS K 126 58.56 3.39 76.01
CA LYS K 126 58.30 4.15 74.80
C LYS K 126 57.71 3.33 73.67
N THR K 127 57.75 2.00 73.74
CA THR K 127 57.23 1.13 72.70
C THR K 127 55.87 0.59 73.13
N PHE K 128 54.85 0.83 72.32
CA PHE K 128 53.51 0.36 72.58
C PHE K 128 53.06 -0.58 71.46
N PRO K 129 52.59 -1.78 71.79
CA PRO K 129 52.12 -2.70 70.75
C PRO K 129 50.76 -2.31 70.19
N ILE K 130 50.44 -2.92 69.05
CA ILE K 130 49.15 -2.73 68.39
C ILE K 130 48.36 -4.02 68.53
N MET K 131 47.17 -3.92 69.11
CA MET K 131 46.34 -5.08 69.39
C MET K 131 45.25 -5.20 68.32
N LEU K 132 44.96 -6.45 67.93
CA LEU K 132 43.89 -6.74 66.98
C LEU K 132 43.26 -8.07 67.42
N GLU K 133 42.20 -7.96 68.22
CA GLU K 133 41.48 -9.10 68.84
C GLU K 133 42.43 -9.99 69.65
N GLY K 134 43.36 -9.36 70.36
CA GLY K 134 44.32 -10.06 71.19
C GLY K 134 45.62 -10.41 70.51
N LYS K 135 45.78 -10.12 69.23
CA LYS K 135 46.98 -10.45 68.48
C LYS K 135 47.89 -9.23 68.34
N ILE K 136 49.18 -9.43 68.59
CA ILE K 136 50.17 -8.37 68.45
C ILE K 136 50.73 -8.43 67.04
N ASN K 137 50.42 -7.43 66.23
CA ASN K 137 50.82 -7.40 64.83
C ASN K 137 51.81 -6.30 64.49
N GLY K 138 51.99 -5.31 65.35
CA GLY K 138 52.91 -4.23 65.05
C GLY K 138 53.26 -3.43 66.28
N TYR K 139 54.20 -2.50 66.10
CA TYR K 139 54.69 -1.65 67.16
C TYR K 139 54.86 -0.23 66.63
N ALA K 140 54.30 0.73 67.36
CA ALA K 140 54.48 2.13 67.00
C ALA K 140 55.79 2.66 67.57
N CYS K 141 56.11 3.91 67.20
CA CYS K 141 57.36 4.52 67.67
C CYS K 141 57.08 5.96 68.07
N VAL K 142 57.55 6.35 69.24
CA VAL K 142 57.38 7.70 69.77
C VAL K 142 58.75 8.36 69.78
N VAL K 143 59.00 9.22 68.80
CA VAL K 143 60.30 9.87 68.66
C VAL K 143 60.11 11.27 68.10
N GLY K 144 60.81 12.24 68.69
CA GLY K 144 60.78 13.61 68.22
C GLY K 144 59.46 14.32 68.39
N GLY K 145 58.62 13.85 69.31
CA GLY K 145 57.25 14.34 69.40
C GLY K 145 56.34 13.81 68.32
N LYS K 146 56.72 12.73 67.65
CA LYS K 146 55.95 12.15 66.55
C LYS K 146 55.68 10.68 66.81
N LEU K 147 54.52 10.21 66.37
CA LEU K 147 54.07 8.84 66.55
C LEU K 147 54.04 8.15 65.19
N PHE K 148 55.09 7.38 64.90
CA PHE K 148 55.15 6.62 63.66
C PHE K 148 54.44 5.29 63.80
N ARG K 149 53.63 4.95 62.78
CA ARG K 149 52.77 3.78 62.77
C ARG K 149 52.45 3.42 61.31
N PRO K 150 52.64 2.17 60.90
CA PRO K 150 52.50 1.83 59.48
C PRO K 150 51.04 1.68 59.04
N MET K 151 50.88 1.47 57.75
CA MET K 151 49.56 1.34 57.13
C MET K 151 48.99 -0.06 57.27
N HIS K 152 49.78 -1.07 56.91
CA HIS K 152 49.30 -2.44 56.83
C HIS K 152 48.99 -3.04 58.20
N VAL K 153 49.64 -2.56 59.26
CA VAL K 153 49.30 -2.96 60.61
C VAL K 153 48.05 -2.21 61.03
N GLU K 154 46.94 -2.92 61.19
CA GLU K 154 45.67 -2.33 61.56
C GLU K 154 45.23 -2.86 62.92
N GLY K 155 44.81 -1.95 63.77
CA GLY K 155 44.39 -2.31 65.11
C GLY K 155 44.29 -1.10 66.01
N LYS K 156 44.07 -1.38 67.29
CA LYS K 156 43.91 -0.34 68.30
C LYS K 156 45.21 -0.15 69.06
N ILE K 157 45.50 1.10 69.40
CA ILE K 157 46.70 1.44 70.18
C ILE K 157 46.47 1.04 71.63
N ASP K 158 47.45 0.34 72.21
CA ASP K 158 47.33 -0.12 73.60
C ASP K 158 47.38 1.05 74.58
N ASN K 159 48.10 2.11 74.23
CA ASN K 159 48.13 3.30 75.07
C ASN K 159 46.82 4.08 74.90
N ASP K 160 46.34 4.64 76.00
CA ASP K 160 45.08 5.37 75.99
C ASP K 160 45.24 6.79 75.47
N VAL K 161 46.42 7.38 75.67
CA VAL K 161 46.64 8.75 75.21
C VAL K 161 46.87 8.79 73.70
N LEU K 162 47.67 7.85 73.18
CA LEU K 162 48.02 7.87 71.76
C LEU K 162 46.88 7.39 70.87
N ALA K 163 45.91 6.67 71.43
CA ALA K 163 44.81 6.16 70.62
C ALA K 163 43.77 7.22 70.30
N ALA K 164 43.59 8.22 71.17
CA ALA K 164 42.58 9.25 70.97
C ALA K 164 43.18 10.48 70.30
N LEU K 165 43.76 10.25 69.12
CA LEU K 165 44.35 11.32 68.31
C LEU K 165 43.95 11.11 66.86
N LYS K 166 44.49 11.96 65.98
CA LYS K 166 44.26 11.85 64.55
C LYS K 166 45.61 11.84 63.85
N THR K 167 45.87 10.78 63.08
CA THR K 167 47.16 10.57 62.44
C THR K 167 47.08 10.96 60.97
N LYS K 168 47.91 11.92 60.57
CA LYS K 168 48.05 12.25 59.16
C LYS K 168 48.76 11.12 58.44
N LYS K 169 48.35 10.86 57.20
CA LYS K 169 48.77 9.68 56.45
C LYS K 169 49.76 10.04 55.36
N ALA K 170 50.60 9.07 55.01
CA ALA K 170 51.50 9.17 53.86
C ALA K 170 51.64 7.77 53.30
N SER K 171 50.88 7.48 52.23
CA SER K 171 50.84 6.13 51.68
C SER K 171 52.07 5.80 50.85
N LYS K 172 52.72 6.82 50.27
CA LYS K 172 53.92 6.57 49.49
C LYS K 172 55.11 6.22 50.39
N TYR K 173 55.25 6.94 51.51
CA TYR K 173 56.30 6.64 52.47
C TYR K 173 55.87 5.63 53.52
N ASP K 174 54.61 5.16 53.45
CA ASP K 174 54.07 4.09 54.29
C ASP K 174 54.14 4.44 55.77
N LEU K 175 53.69 5.67 56.12
CA LEU K 175 53.81 6.15 57.48
C LEU K 175 52.60 6.99 57.88
N GLU K 176 52.05 6.70 59.05
CA GLU K 176 51.13 7.60 59.72
C GLU K 176 51.86 8.31 60.86
N TYR K 177 51.65 9.63 60.95
CA TYR K 177 52.36 10.43 61.94
C TYR K 177 51.35 11.32 62.66
N ALA K 178 51.70 11.69 63.89
CA ALA K 178 50.84 12.51 64.73
C ALA K 178 51.71 13.40 65.60
N ASP K 179 51.05 14.20 66.44
CA ASP K 179 51.73 15.14 67.31
C ASP K 179 51.62 14.68 68.76
N VAL K 180 52.74 14.28 69.34
CA VAL K 180 52.78 13.93 70.76
C VAL K 180 52.71 15.21 71.59
N PRO K 181 51.89 15.27 72.65
CA PRO K 181 51.81 16.49 73.47
C PRO K 181 53.10 16.77 74.22
N GLN K 182 53.17 17.99 74.75
CA GLN K 182 54.41 18.53 75.33
C GLN K 182 54.80 17.83 76.62
N ASN K 183 53.85 17.24 77.34
CA ASN K 183 54.13 16.53 78.59
C ASN K 183 54.74 15.14 78.38
N MET K 184 55.03 14.75 77.13
CA MET K 184 55.60 13.45 76.85
C MET K 184 56.77 13.53 75.88
N ARG K 185 57.11 14.74 75.40
CA ARG K 185 58.18 14.92 74.42
C ARG K 185 59.56 14.64 74.98
N ALA K 186 59.74 14.76 76.30
CA ALA K 186 61.04 14.44 76.90
C ALA K 186 61.26 12.94 77.01
N ASP K 187 60.19 12.16 77.15
CA ASP K 187 60.28 10.70 77.22
C ASP K 187 60.06 10.06 75.85
N THR K 188 60.90 10.42 74.89
CA THR K 188 60.85 9.87 73.54
C THR K 188 62.19 9.21 73.22
N PHE K 189 62.28 8.63 72.03
CA PHE K 189 63.55 8.12 71.54
C PHE K 189 64.42 9.27 71.01
N LYS K 190 65.69 8.97 70.81
CA LYS K 190 66.60 9.90 70.17
C LYS K 190 66.77 9.54 68.69
N TYR K 191 67.20 10.50 67.90
CA TYR K 191 67.33 10.28 66.47
C TYR K 191 68.51 11.09 65.94
N THR K 192 69.17 10.53 64.93
CA THR K 192 70.33 11.16 64.31
C THR K 192 70.43 10.71 62.86
N HIS K 193 71.31 11.40 62.12
CA HIS K 193 71.54 11.09 60.72
C HIS K 193 72.96 10.61 60.45
N GLU K 194 73.90 10.87 61.35
CA GLU K 194 75.28 10.44 61.18
C GLU K 194 75.42 8.95 61.48
N LYS K 195 75.57 8.13 60.45
CA LYS K 195 75.72 6.69 60.62
C LYS K 195 76.87 6.14 59.79
N PRO K 196 77.81 5.40 60.40
CA PRO K 196 78.81 4.68 59.60
C PRO K 196 78.35 3.27 59.26
N GLN K 197 79.15 2.55 58.48
CA GLN K 197 78.82 1.17 58.17
C GLN K 197 79.30 0.26 59.30
N GLY K 198 78.75 -0.96 59.33
CA GLY K 198 79.15 -1.92 60.34
C GLY K 198 78.01 -2.63 61.04
N TYR K 199 77.99 -2.58 62.38
CA TYR K 199 77.03 -3.32 63.17
C TYR K 199 76.12 -2.35 63.92
N TYR K 200 74.88 -2.78 64.16
CA TYR K 200 73.93 -2.04 64.99
C TYR K 200 73.10 -3.03 65.79
N SER K 201 72.45 -2.51 66.82
CA SER K 201 71.65 -3.31 67.75
C SER K 201 70.21 -3.39 67.25
N TRP K 202 69.63 -4.58 67.34
CA TRP K 202 68.25 -4.83 66.98
C TRP K 202 67.65 -5.72 68.07
N HIS K 203 66.32 -5.81 68.10
CA HIS K 203 65.62 -6.49 69.18
C HIS K 203 65.95 -7.97 69.24
N HIS K 204 66.07 -8.62 68.09
CA HIS K 204 66.64 -9.96 68.02
C HIS K 204 68.12 -9.96 67.68
N GLY K 205 68.91 -9.18 68.42
CA GLY K 205 70.35 -9.28 68.32
C GLY K 205 71.06 -8.17 67.56
N ALA K 206 71.70 -8.52 66.45
CA ALA K 206 72.49 -7.58 65.67
C ALA K 206 71.94 -7.43 64.26
N VAL K 207 72.32 -6.33 63.62
CA VAL K 207 71.93 -6.05 62.23
C VAL K 207 73.12 -5.39 61.55
N GLN K 208 73.39 -5.78 60.31
CA GLN K 208 74.53 -5.25 59.58
C GLN K 208 74.11 -4.14 58.64
N TYR K 209 74.89 -3.07 58.62
CA TYR K 209 74.66 -1.91 57.74
C TYR K 209 75.82 -1.88 56.76
N GLU K 210 75.57 -2.38 55.54
CA GLU K 210 76.58 -2.47 54.50
C GLU K 210 76.03 -1.89 53.21
N ASN K 211 76.80 -0.99 52.60
CA ASN K 211 76.48 -0.30 51.33
C ASN K 211 75.14 0.43 51.40
N GLY K 212 74.82 1.00 52.55
CA GLY K 212 73.53 1.63 52.75
C GLY K 212 72.37 0.68 52.82
N ARG K 213 72.60 -0.57 53.22
CA ARG K 213 71.55 -1.59 53.26
C ARG K 213 71.61 -2.32 54.60
N PHE K 214 70.44 -2.52 55.19
CA PHE K 214 70.32 -3.26 56.44
C PHE K 214 70.05 -4.73 56.14
N THR K 215 70.88 -5.60 56.71
CA THR K 215 70.79 -7.04 56.52
C THR K 215 70.72 -7.74 57.87
N VAL K 216 69.86 -8.75 57.94
CA VAL K 216 69.62 -9.54 59.14
C VAL K 216 69.90 -11.01 58.80
N PRO K 217 70.64 -11.75 59.62
CA PRO K 217 70.80 -13.19 59.37
C PRO K 217 69.49 -13.93 59.56
N LYS K 218 69.39 -15.09 58.92
CA LYS K 218 68.12 -15.82 58.84
C LYS K 218 67.82 -16.52 60.17
N GLY K 219 66.69 -17.20 60.20
CA GLY K 219 66.18 -17.83 61.41
C GLY K 219 65.11 -17.03 62.11
N VAL K 220 65.23 -15.70 62.07
CA VAL K 220 64.27 -14.80 62.70
C VAL K 220 63.54 -14.04 61.59
N GLY K 221 62.33 -13.57 61.88
CA GLY K 221 61.53 -12.85 60.91
C GLY K 221 60.23 -13.54 60.57
N ALA K 222 59.12 -12.96 61.03
CA ALA K 222 57.79 -13.51 60.80
C ALA K 222 56.83 -12.34 60.62
N LYS K 223 55.53 -12.62 60.73
CA LYS K 223 54.49 -11.59 60.66
C LYS K 223 54.18 -11.12 62.07
N GLY K 224 54.47 -9.83 62.34
CA GLY K 224 54.16 -9.25 63.63
C GLY K 224 55.21 -8.32 64.17
N ASP K 225 56.46 -8.52 63.78
CA ASP K 225 57.57 -7.69 64.25
C ASP K 225 57.86 -6.51 63.32
N SER K 226 56.82 -5.73 63.02
CA SER K 226 56.93 -4.57 62.15
C SER K 226 56.83 -3.30 62.99
N GLY K 227 57.77 -2.38 62.77
CA GLY K 227 57.81 -1.13 63.49
C GLY K 227 58.87 -1.04 64.56
N ARG K 228 59.69 -2.08 64.73
CA ARG K 228 60.74 -2.05 65.73
C ARG K 228 61.88 -1.15 65.27
N PRO K 229 62.25 -0.13 66.02
CA PRO K 229 63.34 0.75 65.61
C PRO K 229 64.71 0.11 65.79
N ILE K 230 65.64 0.54 64.95
CA ILE K 230 67.02 0.06 65.00
C ILE K 230 67.85 1.04 65.80
N LEU K 231 68.54 0.53 66.82
CA LEU K 231 69.34 1.33 67.73
C LEU K 231 70.83 1.17 67.42
N ASP K 232 71.63 2.03 68.03
CA ASP K 232 73.07 2.03 67.88
C ASP K 232 73.73 1.79 69.24
N ASN K 233 75.06 1.94 69.28
CA ASN K 233 75.81 1.73 70.52
C ASN K 233 75.64 2.87 71.52
N GLN K 234 75.08 4.01 71.11
CA GLN K 234 74.84 5.14 71.99
C GLN K 234 73.40 5.18 72.50
N GLY K 235 72.44 4.77 71.68
CA GLY K 235 71.05 4.82 72.06
C GLY K 235 70.17 5.70 71.18
N ARG K 236 70.49 5.83 69.90
CA ARG K 236 69.74 6.65 68.97
C ARG K 236 69.14 5.78 67.87
N VAL K 237 67.92 6.12 67.46
CA VAL K 237 67.21 5.40 66.43
C VAL K 237 67.76 5.83 65.06
N VAL K 238 68.21 4.86 64.27
CA VAL K 238 68.74 5.15 62.95
C VAL K 238 67.82 4.68 61.82
N ALA K 239 66.92 3.73 62.08
CA ALA K 239 66.00 3.25 61.06
C ALA K 239 64.78 2.63 61.75
N ILE K 240 63.73 2.43 60.97
CA ILE K 240 62.48 1.82 61.46
C ILE K 240 62.17 0.64 60.56
N VAL K 241 62.09 -0.56 61.14
CA VAL K 241 61.88 -1.77 60.36
C VAL K 241 60.42 -1.84 59.89
N LEU K 242 60.24 -1.90 58.58
CA LEU K 242 58.91 -2.02 57.97
C LEU K 242 58.69 -3.32 57.25
N GLY K 243 59.66 -3.79 56.46
CA GLY K 243 59.50 -5.07 55.78
C GLY K 243 60.80 -5.82 55.59
N GLY K 244 60.73 -7.01 55.03
CA GLY K 244 61.94 -7.80 54.82
C GLY K 244 61.78 -8.73 53.63
N VAL K 245 62.92 -9.02 53.01
CA VAL K 245 62.97 -9.92 51.85
C VAL K 245 64.11 -10.92 52.06
N ASN K 246 63.84 -12.17 51.74
CA ASN K 246 64.80 -13.26 51.94
C ASN K 246 65.78 -13.27 50.77
N GLU K 247 67.06 -13.06 51.08
CA GLU K 247 68.11 -13.03 50.07
C GLU K 247 69.17 -14.07 50.41
N GLY K 248 69.05 -15.25 49.82
CA GLY K 248 70.04 -16.29 50.00
C GLY K 248 70.06 -16.80 51.43
N SER K 249 71.13 -16.44 52.13
CA SER K 249 71.24 -16.79 53.55
C SER K 249 70.92 -15.59 54.44
N ARG K 250 71.09 -14.38 53.93
CA ARG K 250 71.02 -13.18 54.75
C ARG K 250 69.97 -12.22 54.20
N THR K 251 68.89 -12.05 54.96
CA THR K 251 67.75 -11.26 54.51
C THR K 251 68.08 -9.77 54.52
N ALA K 252 67.37 -9.02 53.67
CA ALA K 252 67.50 -7.58 53.60
C ALA K 252 66.23 -6.91 54.13
N LEU K 253 66.38 -5.69 54.62
CA LEU K 253 65.26 -4.95 55.21
C LEU K 253 64.80 -3.83 54.29
N SER K 254 63.50 -3.58 54.31
CA SER K 254 62.88 -2.43 53.65
C SER K 254 62.46 -1.47 54.75
N VAL K 255 63.22 -0.38 54.90
CA VAL K 255 63.11 0.51 56.05
C VAL K 255 62.95 1.96 55.60
N VAL K 256 62.91 2.87 56.56
CA VAL K 256 63.00 4.31 56.32
C VAL K 256 64.13 4.87 57.18
N MET K 257 64.73 5.95 56.71
CA MET K 257 65.78 6.64 57.45
C MET K 257 65.79 8.11 57.04
N TRP K 258 66.70 8.87 57.63
CA TRP K 258 66.84 10.29 57.36
C TRP K 258 68.21 10.55 56.73
N ASN K 259 68.50 11.83 56.50
CA ASN K 259 69.77 12.25 55.91
C ASN K 259 70.19 13.58 56.52
N GLU K 260 71.25 14.16 55.96
CA GLU K 260 71.75 15.44 56.47
C GLU K 260 70.86 16.60 56.05
N LYS K 261 70.23 16.51 54.87
CA LYS K 261 69.37 17.58 54.40
C LYS K 261 68.05 17.61 55.17
N GLY K 262 67.50 16.45 55.50
CA GLY K 262 66.24 16.37 56.23
C GLY K 262 65.11 15.77 55.43
N VAL K 263 65.45 14.86 54.52
CA VAL K 263 64.48 14.19 53.66
C VAL K 263 64.37 12.75 54.09
N THR K 264 63.14 12.30 54.39
CA THR K 264 62.89 10.93 54.81
C THR K 264 62.99 10.02 53.59
N VAL K 265 64.02 9.19 53.56
CA VAL K 265 64.28 8.29 52.44
C VAL K 265 63.76 6.90 52.82
N LYS K 266 62.93 6.33 51.96
CA LYS K 266 62.41 4.98 52.14
C LYS K 266 63.17 4.03 51.23
N TYR K 267 63.90 3.09 51.83
CA TYR K 267 64.66 2.09 51.09
C TYR K 267 63.88 0.79 51.02
N THR K 268 63.68 0.30 49.79
CA THR K 268 62.87 -0.89 49.55
C THR K 268 63.53 -1.78 48.50
N PRO K 269 64.01 -2.96 48.88
CA PRO K 269 64.55 -3.91 47.89
C PRO K 269 63.43 -4.55 47.06
N GLU K 270 63.86 -5.45 46.17
CA GLU K 270 62.94 -6.06 45.23
C GLU K 270 62.17 -7.22 45.87
N ASN K 271 60.86 -7.24 45.61
CA ASN K 271 59.94 -8.33 45.98
C ASN K 271 59.89 -8.56 47.50
N CYS K 272 59.70 -7.49 48.25
CA CYS K 272 59.63 -7.59 49.69
C CYS K 272 58.25 -8.08 50.14
N GLU K 273 58.20 -8.69 51.32
CA GLU K 273 56.96 -9.12 51.95
C GLU K 273 56.73 -8.28 53.19
N GLN K 274 55.55 -7.68 53.30
CA GLN K 274 55.24 -6.84 54.43
C GLN K 274 55.00 -7.68 55.68
N TRP K 275 55.53 -7.22 56.81
CA TRP K 275 55.42 -7.94 58.06
C TRP K 275 54.39 -7.30 58.99
N THR L 4 -83.24 10.10 20.49
CA THR L 4 -84.04 11.25 20.10
C THR L 4 -83.62 12.50 20.87
N THR L 5 -83.51 13.62 20.14
CA THR L 5 -83.11 14.89 20.73
C THR L 5 -83.98 15.98 20.11
N MET L 6 -84.56 16.82 20.96
CA MET L 6 -85.40 17.93 20.53
C MET L 6 -84.66 19.25 20.72
N CYS L 7 -84.63 20.06 19.68
CA CYS L 7 -83.97 21.35 19.71
C CYS L 7 -84.94 22.43 20.17
N LEU L 8 -84.44 23.66 20.31
CA LEU L 8 -85.23 24.77 20.81
C LEU L 8 -85.05 26.01 19.94
N LEU L 9 -86.15 26.73 19.73
CA LEU L 9 -86.17 28.07 19.17
C LEU L 9 -86.84 29.06 20.10
N ALA L 10 -87.86 28.61 20.82
CA ALA L 10 -88.65 29.32 21.82
C ALA L 10 -89.02 28.20 22.76
N ASN L 11 -90.13 28.30 23.50
CA ASN L 11 -90.66 27.15 24.23
C ASN L 11 -91.33 26.13 23.29
N VAL L 12 -90.53 25.61 22.35
CA VAL L 12 -90.93 24.73 21.26
C VAL L 12 -89.88 23.65 21.11
N THR L 13 -90.24 22.41 21.45
CA THR L 13 -89.33 21.28 21.27
C THR L 13 -89.62 20.63 19.92
N PHE L 14 -89.17 21.28 18.86
CA PHE L 14 -89.39 20.85 17.50
C PHE L 14 -88.40 19.75 17.13
N PRO L 15 -88.74 18.90 16.16
CA PRO L 15 -87.77 17.92 15.66
C PRO L 15 -86.61 18.61 14.95
N CYS L 16 -85.39 18.23 15.34
CA CYS L 16 -84.19 18.92 14.88
C CYS L 16 -83.94 18.69 13.39
N ALA L 17 -84.39 17.56 12.86
CA ALA L 17 -84.23 17.28 11.43
C ALA L 17 -85.21 18.05 10.56
N GLN L 18 -86.26 18.65 11.14
CA GLN L 18 -87.25 19.43 10.40
C GLN L 18 -87.50 20.74 11.14
N PRO L 19 -86.64 21.75 10.95
CA PRO L 19 -86.87 23.03 11.60
C PRO L 19 -87.96 23.81 10.88
N PRO L 20 -88.62 24.75 11.56
CA PRO L 20 -89.68 25.52 10.90
C PRO L 20 -89.19 26.61 9.96
N ILE L 21 -87.90 26.92 9.96
CA ILE L 21 -87.35 28.03 9.18
C ILE L 21 -86.07 27.59 8.48
N CYS L 22 -85.79 28.22 7.34
CA CYS L 22 -84.61 27.97 6.53
C CYS L 22 -83.94 29.30 6.19
N TYR L 23 -82.64 29.23 5.90
CA TYR L 23 -81.84 30.45 5.79
C TYR L 23 -82.18 31.26 4.54
N ASP L 24 -82.58 30.59 3.47
CA ASP L 24 -82.91 31.27 2.22
C ASP L 24 -84.17 32.12 2.33
N ARG L 25 -85.04 31.83 3.30
CA ARG L 25 -86.25 32.60 3.52
C ARG L 25 -86.17 33.50 4.75
N LYS L 26 -85.43 33.09 5.77
CA LYS L 26 -85.22 33.92 6.97
C LYS L 26 -83.73 34.10 7.23
N PRO L 27 -83.16 35.28 6.98
CA PRO L 27 -81.72 35.45 7.13
C PRO L 27 -81.21 35.51 8.56
N ALA L 28 -81.89 36.26 9.44
CA ALA L 28 -81.42 36.42 10.80
C ALA L 28 -82.07 35.48 11.80
N GLU L 29 -83.28 34.99 11.50
CA GLU L 29 -84.01 34.17 12.47
C GLU L 29 -83.42 32.77 12.57
N THR L 30 -82.87 32.24 11.48
CA THR L 30 -82.23 30.93 11.53
C THR L 30 -80.87 30.99 12.21
N LEU L 31 -80.16 32.11 12.07
CA LEU L 31 -78.91 32.26 12.79
C LEU L 31 -79.15 32.37 14.29
N ALA L 32 -80.19 33.10 14.69
CA ALA L 32 -80.60 33.14 16.08
C ALA L 32 -81.22 31.83 16.55
N MET L 33 -81.68 30.98 15.62
CA MET L 33 -82.10 29.64 15.98
C MET L 33 -80.91 28.76 16.31
N LEU L 34 -79.86 28.83 15.49
CA LEU L 34 -78.63 28.08 15.75
C LEU L 34 -77.82 28.67 16.90
N SER L 35 -78.11 29.91 17.32
CA SER L 35 -77.40 30.54 18.42
C SER L 35 -77.60 29.81 19.75
N VAL L 36 -78.77 29.22 19.96
CA VAL L 36 -79.10 28.67 21.27
C VAL L 36 -78.74 27.18 21.38
N ASN L 37 -78.70 26.46 20.25
CA ASN L 37 -78.45 25.02 20.26
C ASN L 37 -76.99 24.70 19.98
N VAL L 38 -76.07 25.52 20.48
CA VAL L 38 -74.65 25.28 20.23
C VAL L 38 -74.15 24.13 21.09
N ASP L 39 -74.35 24.20 22.40
CA ASP L 39 -74.06 23.07 23.28
C ASP L 39 -75.11 21.99 23.10
N ASN L 40 -74.86 21.05 22.20
CA ASN L 40 -75.87 20.11 21.73
C ASN L 40 -75.19 18.94 21.04
N PRO L 41 -75.54 17.70 21.38
CA PRO L 41 -75.11 16.58 20.54
C PRO L 41 -75.77 16.55 19.17
N GLY L 42 -76.93 17.18 19.02
CA GLY L 42 -77.64 17.18 17.76
C GLY L 42 -77.56 18.48 16.99
N TYR L 43 -76.38 19.08 16.94
CA TYR L 43 -76.22 20.35 16.25
C TYR L 43 -75.93 20.17 14.77
N ASP L 44 -75.28 19.07 14.38
CA ASP L 44 -74.98 18.83 12.96
C ASP L 44 -76.25 18.58 12.17
N GLU L 45 -77.21 17.85 12.75
CA GLU L 45 -78.48 17.59 12.08
C GLU L 45 -79.27 18.86 11.88
N LEU L 46 -79.34 19.69 12.93
CA LEU L 46 -80.03 20.98 12.85
C LEU L 46 -79.32 21.93 11.89
N LEU L 47 -78.00 21.84 11.80
CA LEU L 47 -77.20 22.61 10.85
C LEU L 47 -77.57 22.28 9.40
N GLU L 48 -77.45 20.99 9.06
CA GLU L 48 -77.71 20.53 7.70
C GLU L 48 -79.17 20.70 7.31
N ALA L 49 -80.09 20.58 8.27
CA ALA L 49 -81.49 20.82 8.00
C ALA L 49 -81.86 22.30 8.08
N ALA L 50 -80.98 23.13 8.63
CA ALA L 50 -81.28 24.53 8.84
C ALA L 50 -80.88 25.41 7.66
N VAL L 51 -79.81 25.06 6.94
CA VAL L 51 -79.54 25.82 5.71
C VAL L 51 -80.48 25.38 4.58
N LYS L 52 -80.43 24.10 4.22
CA LYS L 52 -81.32 23.58 3.18
C LYS L 52 -82.73 23.38 3.72
N CYS L 53 -83.63 23.01 2.81
CA CYS L 53 -85.01 22.72 3.19
C CYS L 53 -85.31 21.24 2.97
#